data_5VYA
#
_entry.id   5VYA
#
_cell.length_a   1
_cell.length_b   1
_cell.length_c   1
_cell.angle_alpha   90
_cell.angle_beta   90
_cell.angle_gamma   90
#
_symmetry.space_group_name_H-M   'P 1'
#
loop_
_entity.id
_entity.type
_entity.pdbx_description
1 polymer 'Heat shock protein 104'
2 polymer Alpha-S1-casein
3 non-polymer 'PHOSPHOTHIOPHOSPHORIC ACID-ADENYLATE ESTER'
#
loop_
_entity_poly.entity_id
_entity_poly.type
_entity_poly.pdbx_seq_one_letter_code
_entity_poly.pdbx_strand_id
1 'polypeptide(L)'
;MNDQTQFTERALTILTLAQKLASDHQHPQLQPIHILAAFIETPEDGSVPYLQNLIEKGRYDYDLFKKVVNRNLVRIPQQQ
PAPAEITPSYALGKVLQDAAKIQKQQKDSFIAQDHILFALFNDSSIQQIFKEAQVDIEAIKQQALELRGNTRIDSRGADT
NTPLEYLSKYAIDMTEQARQGKLDPVIGREEEIRSTIRVLARRIKSNPCLIGEPGIGKTAIIEGVAQRIIDDDVPTILQG
AKLFSLDLAALTAGAKYKGDFEERFKGVLKEIEESKTLIVLFIDEIHMLMGNGKDDAANILKPALSRGQLKVIGATTNNE
YRSIVEKDGAFERRFQKIEVAEPSVRQTVAILRGLQPKYEIHHGVRILDSALVTAAQLAKRYLPYRRLPDSALDLVDISC
AGVAVARDSKPEELDSKERQLQLIQVEIKALERDEDADSTTKDRLKLARQKEASLQEELEPLRQRYNEEKHGHEELTQAK
KKLDELENKALDAERRYDTATAADLRYFAIPDIKKQIEKLEDQVAEEERRAGANSMIQNVVDSDTISETAARLTGIPVKK
LSESENEKLIHMERDLSSEVVGQMDAIKAVSNAVRLSRSGLANPRQPASFLFLGLSGSGKTELAKKVAGFLFNDEDMMIR
VDCSELSEKYAVSKLLGTTAGYVGYDEGGFLTNQLQYKPYSVLLFDEVEKAHPDVLTVMLQMLDDGRITSGQGKTIDCSN
CIVIMTSNLGAEFINSQQGSKIQESTKNLVMGAVRQHFRPEFLNRISSIVIFNKLSRKAIHKIVDIRLKEIEERFEQNDK
HYKLNLTQEAKDFLAKYGYSDDMGARPLNRLIQNEILNKLALRILKNEIKDKETVNVVLKKGKSRDENVPEEAEECLEVL
PNHEATIGADTLGDDDNEDSMEIDDDLD
;
A,B,C,D,E,F
2 'polypeptide(L)'
;(UNK)(UNK)(UNK)(UNK)(UNK)(UNK)(UNK)(UNK)(UNK)(UNK)(UNK)(UNK)(UNK)(UNK)(UNK)(UNK)
(UNK)(UNK)(UNK)(UNK)(UNK)(UNK)(UNK)(UNK)(UNK)(UNK)(UNK)(UNK)
;
P
#
loop_
_chem_comp.id
_chem_comp.type
_chem_comp.name
_chem_comp.formula
AGS non-polymer 'PHOSPHOTHIOPHOSPHORIC ACID-ADENYLATE ESTER' 'C10 H16 N5 O12 P3 S'
#
# COMPACT_ATOMS: atom_id res chain seq x y z
N GLU A 165 -33.11 -15.95 15.13
CA GLU A 165 -31.93 -16.39 15.86
C GLU A 165 -30.74 -16.41 14.92
N TYR A 166 -30.26 -15.23 14.55
CA TYR A 166 -29.16 -15.14 13.61
C TYR A 166 -27.96 -15.88 14.09
N LEU A 167 -27.70 -15.79 15.38
CA LEU A 167 -26.57 -16.45 15.95
C LEU A 167 -26.50 -17.92 15.54
N SER A 168 -27.65 -18.60 15.46
CA SER A 168 -27.64 -20.02 15.17
C SER A 168 -27.29 -20.32 13.72
N LYS A 169 -27.29 -19.29 12.86
CA LYS A 169 -26.96 -19.50 11.46
C LYS A 169 -25.47 -19.31 11.23
N TYR A 170 -24.76 -18.78 12.24
CA TYR A 170 -23.36 -18.46 12.04
C TYR A 170 -22.44 -19.12 13.06
N ALA A 171 -22.90 -19.24 14.29
CA ALA A 171 -22.05 -19.72 15.35
C ALA A 171 -22.26 -21.16 15.73
N ILE A 172 -21.24 -21.73 16.35
CA ILE A 172 -21.29 -23.06 16.91
C ILE A 172 -21.56 -23.03 18.40
N ASP A 173 -22.57 -23.77 18.80
CA ASP A 173 -22.94 -23.75 20.19
C ASP A 173 -22.02 -24.66 20.99
N MET A 174 -20.98 -24.05 21.55
CA MET A 174 -19.95 -24.78 22.26
C MET A 174 -20.54 -25.41 23.48
N THR A 175 -21.51 -24.72 24.05
CA THR A 175 -22.22 -25.24 25.21
C THR A 175 -22.95 -26.51 24.87
N GLU A 176 -23.63 -26.53 23.72
CA GLU A 176 -24.34 -27.74 23.38
C GLU A 176 -23.37 -28.86 23.11
N GLN A 177 -22.26 -28.56 22.45
CA GLN A 177 -21.35 -29.64 22.23
C GLN A 177 -20.90 -30.17 23.59
N ALA A 178 -20.53 -29.27 24.51
CA ALA A 178 -20.09 -29.71 25.83
C ALA A 178 -21.16 -30.51 26.54
N ARG A 179 -22.41 -30.11 26.39
CA ARG A 179 -23.53 -30.81 27.00
C ARG A 179 -23.56 -32.26 26.52
N GLN A 180 -23.21 -32.46 25.24
CA GLN A 180 -23.13 -33.75 24.58
C GLN A 180 -21.75 -34.36 24.66
N GLY A 181 -20.86 -33.76 25.43
CA GLY A 181 -19.48 -34.19 25.48
C GLY A 181 -18.83 -33.91 24.13
N LYS A 182 -18.23 -34.91 23.51
CA LYS A 182 -17.59 -34.71 22.22
C LYS A 182 -16.50 -33.63 22.27
N LEU A 183 -15.89 -33.48 23.45
CA LEU A 183 -14.80 -32.54 23.67
C LEU A 183 -13.60 -33.21 24.29
N ASP A 184 -12.45 -32.68 24.01
CA ASP A 184 -11.24 -33.13 24.63
C ASP A 184 -11.28 -32.71 26.10
N PRO A 185 -10.57 -33.39 26.99
CA PRO A 185 -10.39 -32.97 28.34
C PRO A 185 -9.51 -31.76 28.29
N VAL A 186 -9.63 -30.87 29.26
CA VAL A 186 -8.76 -29.73 29.29
C VAL A 186 -7.83 -29.82 30.49
N ILE A 187 -6.52 -29.75 30.19
CA ILE A 187 -5.51 -30.03 31.19
C ILE A 187 -4.58 -28.88 31.52
N GLY A 188 -4.57 -28.50 32.80
CA GLY A 188 -3.66 -27.48 33.32
C GLY A 188 -4.09 -26.03 33.09
N ARG A 189 -5.16 -25.84 32.35
CA ARG A 189 -5.60 -24.51 31.99
C ARG A 189 -6.57 -23.91 32.97
N GLU A 190 -6.71 -24.57 34.12
CA GLU A 190 -7.67 -24.08 35.08
C GLU A 190 -7.46 -22.61 35.40
N GLU A 191 -6.23 -22.14 35.55
CA GLU A 191 -6.06 -20.74 35.87
C GLU A 191 -6.41 -19.81 34.72
N GLU A 192 -6.15 -20.21 33.49
CA GLU A 192 -6.51 -19.34 32.37
C GLU A 192 -8.03 -19.24 32.37
N ILE A 193 -8.66 -20.35 32.70
CA ILE A 193 -10.10 -20.42 32.77
C ILE A 193 -10.58 -19.56 33.92
N ARG A 194 -9.94 -19.65 35.08
CA ARG A 194 -10.38 -18.84 36.21
C ARG A 194 -10.29 -17.38 35.87
N SER A 195 -9.23 -16.98 35.19
CA SER A 195 -9.07 -15.60 34.81
C SER A 195 -10.13 -15.19 33.81
N THR A 196 -10.42 -16.08 32.87
CA THR A 196 -11.41 -15.79 31.87
C THR A 196 -12.72 -15.55 32.56
N ILE A 197 -13.07 -16.43 33.46
CA ILE A 197 -14.28 -16.33 34.19
C ILE A 197 -14.33 -15.09 35.04
N ARG A 198 -13.25 -14.81 35.73
CA ARG A 198 -13.21 -13.64 36.58
C ARG A 198 -13.51 -12.39 35.79
N VAL A 199 -12.93 -12.28 34.60
CA VAL A 199 -13.22 -11.13 33.80
C VAL A 199 -14.68 -11.13 33.38
N LEU A 200 -15.19 -12.28 32.96
CA LEU A 200 -16.59 -12.36 32.54
C LEU A 200 -17.52 -11.97 33.68
N ALA A 201 -17.12 -12.26 34.90
CA ALA A 201 -17.89 -11.97 36.09
C ALA A 201 -17.87 -10.48 36.47
N ARG A 202 -17.12 -9.65 35.72
CA ARG A 202 -17.04 -8.21 35.98
C ARG A 202 -18.34 -7.47 35.75
N ARG A 203 -18.46 -6.32 36.39
CA ARG A 203 -19.61 -5.48 36.18
C ARG A 203 -19.66 -4.89 34.79
N ILE A 204 -18.54 -4.34 34.27
CA ILE A 204 -18.68 -3.73 32.95
C ILE A 204 -17.82 -4.34 31.84
N LYS A 205 -16.52 -4.06 31.89
CA LYS A 205 -15.59 -4.57 30.88
C LYS A 205 -15.31 -6.06 31.02
N SER A 206 -16.32 -6.87 30.71
CA SER A 206 -16.25 -8.30 30.78
C SER A 206 -15.88 -8.92 29.44
N ASN A 207 -14.71 -8.55 28.96
CA ASN A 207 -14.27 -8.98 27.66
C ASN A 207 -12.83 -9.51 27.63
N PRO A 208 -12.53 -10.67 28.18
CA PRO A 208 -11.19 -11.21 28.24
C PRO A 208 -10.70 -11.69 26.90
N CYS A 209 -9.38 -11.74 26.73
CA CYS A 209 -8.80 -12.32 25.52
C CYS A 209 -7.74 -13.38 25.76
N LEU A 210 -7.76 -14.43 24.97
CA LEU A 210 -6.77 -15.49 25.07
C LEU A 210 -5.64 -15.18 24.11
N ILE A 211 -4.53 -14.69 24.66
CA ILE A 211 -3.47 -14.20 23.79
C ILE A 211 -2.10 -14.82 23.95
N GLY A 212 -1.48 -15.13 22.80
CA GLY A 212 -0.12 -15.69 22.79
C GLY A 212 0.45 -15.97 21.39
N GLU A 213 0.73 -17.23 21.11
CA GLU A 213 1.19 -17.73 19.82
C GLU A 213 0.24 -18.85 19.43
N PRO A 214 0.12 -19.28 18.19
CA PRO A 214 -0.72 -20.38 17.77
C PRO A 214 -0.32 -21.66 18.49
N GLY A 215 -1.26 -22.57 18.70
CA GLY A 215 -0.91 -23.88 19.26
C GLY A 215 -0.59 -23.91 20.76
N ILE A 216 -1.17 -22.98 21.53
CA ILE A 216 -0.91 -22.89 22.96
C ILE A 216 -2.16 -23.12 23.84
N GLY A 217 -3.21 -23.71 23.28
CA GLY A 217 -4.44 -24.01 24.02
C GLY A 217 -5.52 -22.90 24.02
N LYS A 218 -5.41 -21.90 23.18
CA LYS A 218 -6.40 -20.83 23.23
C LYS A 218 -7.82 -21.35 23.00
N THR A 219 -8.02 -22.28 22.08
CA THR A 219 -9.37 -22.78 21.95
C THR A 219 -9.66 -23.89 22.97
N ALA A 220 -8.60 -24.48 23.55
CA ALA A 220 -8.77 -25.52 24.56
C ALA A 220 -9.44 -24.92 25.76
N ILE A 221 -9.06 -23.69 26.04
CA ILE A 221 -9.59 -22.94 27.15
C ILE A 221 -11.07 -22.78 26.99
N ILE A 222 -11.51 -22.54 25.77
CA ILE A 222 -12.92 -22.39 25.54
C ILE A 222 -13.64 -23.69 25.69
N GLU A 223 -13.09 -24.78 25.19
CA GLU A 223 -13.79 -26.03 25.40
C GLU A 223 -13.87 -26.28 26.91
N GLY A 224 -12.81 -25.91 27.61
CA GLY A 224 -12.72 -26.06 29.05
C GLY A 224 -13.79 -25.27 29.75
N VAL A 225 -13.90 -23.98 29.44
CA VAL A 225 -14.89 -23.20 30.14
C VAL A 225 -16.26 -23.68 29.72
N ALA A 226 -16.43 -24.14 28.47
CA ALA A 226 -17.73 -24.64 28.09
C ALA A 226 -18.12 -25.79 29.00
N GLN A 227 -17.16 -26.65 29.31
CA GLN A 227 -17.45 -27.76 30.19
C GLN A 227 -17.70 -27.27 31.62
N ARG A 228 -16.94 -26.29 32.09
CA ARG A 228 -17.16 -25.78 33.44
C ARG A 228 -18.56 -25.18 33.53
N ILE A 229 -19.00 -24.56 32.44
CA ILE A 229 -20.32 -23.98 32.38
C ILE A 229 -21.37 -25.07 32.46
N ILE A 230 -21.19 -26.15 31.71
CA ILE A 230 -22.16 -27.23 31.76
C ILE A 230 -22.32 -27.78 33.15
N ASP A 231 -21.21 -27.88 33.87
CA ASP A 231 -21.26 -28.44 35.21
C ASP A 231 -21.42 -27.42 36.34
N ASP A 232 -21.80 -26.18 36.02
CA ASP A 232 -21.99 -25.15 37.05
C ASP A 232 -20.79 -24.96 37.98
N ASP A 233 -19.60 -25.00 37.41
CA ASP A 233 -18.35 -24.79 38.13
C ASP A 233 -17.87 -23.36 37.87
N VAL A 234 -18.84 -22.50 37.65
CA VAL A 234 -18.65 -21.11 37.33
C VAL A 234 -19.45 -20.26 38.32
N PRO A 235 -19.16 -18.95 38.48
CA PRO A 235 -19.83 -17.96 39.30
C PRO A 235 -21.26 -17.80 38.97
N THR A 236 -22.02 -17.32 39.93
CA THR A 236 -23.46 -17.09 39.77
C THR A 236 -23.82 -16.53 38.41
N ILE A 237 -23.08 -15.53 37.98
CA ILE A 237 -23.32 -14.84 36.74
C ILE A 237 -23.32 -15.78 35.55
N LEU A 238 -22.45 -16.76 35.56
CA LEU A 238 -22.31 -17.68 34.44
C LEU A 238 -23.18 -18.94 34.60
N GLN A 239 -23.89 -19.08 35.71
CA GLN A 239 -24.62 -20.31 35.97
C GLN A 239 -25.92 -20.37 35.21
N GLY A 240 -25.79 -20.83 33.98
CA GLY A 240 -26.90 -20.90 33.03
C GLY A 240 -26.55 -20.14 31.77
N ALA A 241 -25.33 -19.66 31.71
CA ALA A 241 -24.85 -18.96 30.54
C ALA A 241 -24.58 -19.96 29.45
N LYS A 242 -24.51 -19.48 28.22
CA LYS A 242 -24.15 -20.33 27.09
C LYS A 242 -23.08 -19.66 26.25
N LEU A 243 -22.32 -20.44 25.50
CA LEU A 243 -21.24 -19.87 24.67
C LEU A 243 -21.20 -20.34 23.22
N PHE A 244 -21.05 -19.32 22.35
CA PHE A 244 -21.02 -19.49 20.89
C PHE A 244 -19.78 -19.00 20.12
N SER A 245 -19.20 -19.90 19.33
CA SER A 245 -18.04 -19.62 18.47
C SER A 245 -18.54 -19.03 17.16
N LEU A 246 -18.25 -17.74 16.91
CA LEU A 246 -18.87 -17.06 15.75
C LEU A 246 -17.96 -16.84 14.53
N ASP A 247 -17.41 -15.64 14.37
CA ASP A 247 -16.58 -15.28 13.21
C ASP A 247 -17.17 -15.77 11.87
N LEU A 248 -16.32 -16.38 11.06
CA LEU A 248 -16.68 -17.06 9.83
C LEU A 248 -17.54 -16.21 8.90
N ALA A 249 -18.66 -16.81 8.48
CA ALA A 249 -19.61 -16.24 7.55
C ALA A 249 -20.24 -14.97 8.07
N ALA A 250 -20.14 -14.71 9.36
CA ALA A 250 -20.76 -13.49 9.86
C ALA A 250 -20.25 -12.27 9.08
N LEU A 251 -19.00 -12.32 8.59
CA LEU A 251 -18.45 -11.20 7.84
C LEU A 251 -18.45 -11.41 6.32
N THR A 252 -18.88 -12.58 5.84
CA THR A 252 -18.77 -12.86 4.40
C THR A 252 -20.04 -13.32 3.75
N ALA A 253 -21.04 -13.69 4.53
CA ALA A 253 -22.31 -14.12 3.96
C ALA A 253 -22.86 -12.99 3.09
N GLY A 254 -22.67 -11.77 3.55
CA GLY A 254 -23.11 -10.57 2.83
C GLY A 254 -22.13 -10.19 1.74
N ALA A 255 -21.94 -11.11 0.79
CA ALA A 255 -21.01 -10.98 -0.32
C ALA A 255 -21.48 -9.94 -1.32
N LYS A 256 -22.73 -9.54 -1.21
CA LYS A 256 -23.31 -8.53 -2.08
C LYS A 256 -24.25 -7.67 -1.27
N TYR A 257 -24.38 -6.42 -1.72
CA TYR A 257 -25.29 -5.42 -1.17
C TYR A 257 -24.82 -4.78 0.11
N LYS A 258 -24.62 -3.49 0.01
CA LYS A 258 -24.09 -2.72 1.08
C LYS A 258 -24.88 -2.82 2.36
N GLY A 259 -24.16 -3.03 3.44
CA GLY A 259 -24.71 -3.12 4.75
C GLY A 259 -25.24 -4.51 5.08
N ASP A 260 -25.12 -5.46 4.18
CA ASP A 260 -25.68 -6.75 4.52
C ASP A 260 -24.94 -7.43 5.68
N PHE A 261 -23.60 -7.59 5.63
CA PHE A 261 -23.02 -8.29 6.77
C PHE A 261 -23.17 -7.46 8.04
N GLU A 262 -23.26 -6.15 7.88
CA GLU A 262 -23.32 -5.27 9.01
C GLU A 262 -24.60 -5.54 9.75
N GLU A 263 -25.67 -5.77 8.99
CA GLU A 263 -26.96 -6.12 9.54
C GLU A 263 -26.88 -7.41 10.31
N ARG A 264 -26.11 -8.36 9.80
CA ARG A 264 -26.04 -9.61 10.51
C ARG A 264 -25.34 -9.44 11.81
N PHE A 265 -24.24 -8.71 11.80
CA PHE A 265 -23.48 -8.54 13.01
C PHE A 265 -24.40 -7.92 14.06
N LYS A 266 -25.11 -6.87 13.66
CA LYS A 266 -26.02 -6.19 14.57
C LYS A 266 -27.10 -7.12 15.04
N GLY A 267 -27.70 -7.87 14.13
CA GLY A 267 -28.78 -8.76 14.50
C GLY A 267 -28.29 -9.78 15.51
N VAL A 268 -27.07 -10.26 15.32
CA VAL A 268 -26.54 -11.19 16.26
C VAL A 268 -26.39 -10.54 17.60
N LEU A 269 -25.84 -9.33 17.65
CA LEU A 269 -25.69 -8.75 18.96
C LEU A 269 -27.04 -8.53 19.59
N LYS A 270 -28.03 -8.16 18.80
CA LYS A 270 -29.36 -7.94 19.36
C LYS A 270 -29.87 -9.24 19.97
N GLU A 271 -29.73 -10.33 19.24
CA GLU A 271 -30.17 -11.64 19.72
C GLU A 271 -29.52 -11.98 21.04
N ILE A 272 -28.24 -11.67 21.15
CA ILE A 272 -27.47 -11.93 22.35
C ILE A 272 -27.85 -11.01 23.49
N GLU A 273 -28.00 -9.73 23.20
CA GLU A 273 -28.33 -8.74 24.21
C GLU A 273 -29.64 -8.98 24.90
N GLU A 274 -30.66 -9.37 24.16
CA GLU A 274 -31.97 -9.46 24.77
C GLU A 274 -32.43 -10.80 25.35
N SER A 275 -32.81 -10.75 26.63
CA SER A 275 -33.50 -11.81 27.39
C SER A 275 -32.90 -13.20 27.59
N LYS A 276 -32.43 -13.81 26.51
CA LYS A 276 -32.10 -15.22 26.51
C LYS A 276 -30.85 -15.60 27.27
N THR A 277 -30.99 -15.62 28.61
CA THR A 277 -29.93 -15.87 29.58
C THR A 277 -28.67 -15.10 29.19
N LEU A 278 -27.57 -15.43 29.82
CA LEU A 278 -26.32 -14.77 29.49
C LEU A 278 -25.60 -15.53 28.39
N ILE A 279 -25.48 -14.89 27.26
CA ILE A 279 -24.84 -15.51 26.14
C ILE A 279 -23.50 -14.86 25.93
N VAL A 280 -22.49 -15.69 25.80
CA VAL A 280 -21.15 -15.23 25.64
C VAL A 280 -20.63 -15.64 24.29
N LEU A 281 -20.04 -14.70 23.58
CA LEU A 281 -19.45 -15.06 22.32
C LEU A 281 -18.02 -15.42 22.45
N PHE A 282 -17.58 -16.24 21.55
CA PHE A 282 -16.19 -16.51 21.42
C PHE A 282 -15.74 -16.17 20.05
N ILE A 283 -14.79 -15.28 20.01
CA ILE A 283 -14.22 -14.84 18.79
C ILE A 283 -12.90 -15.53 18.71
N ASP A 284 -12.72 -16.32 17.68
CA ASP A 284 -11.54 -17.13 17.56
C ASP A 284 -10.43 -16.28 17.00
N GLU A 285 -10.81 -15.38 16.11
CA GLU A 285 -9.84 -14.55 15.44
C GLU A 285 -10.25 -13.09 15.39
N ILE A 286 -10.07 -12.36 16.49
CA ILE A 286 -10.53 -10.97 16.55
C ILE A 286 -9.87 -10.07 15.51
N HIS A 287 -8.65 -10.39 15.18
CA HIS A 287 -7.93 -9.66 14.16
C HIS A 287 -8.62 -9.73 12.82
N MET A 288 -9.46 -10.72 12.58
CA MET A 288 -10.16 -10.80 11.32
C MET A 288 -11.21 -9.72 11.19
N LEU A 289 -11.66 -9.20 12.33
CA LEU A 289 -12.67 -8.17 12.26
C LEU A 289 -11.91 -6.87 12.05
N MET A 290 -10.73 -6.82 12.69
CA MET A 290 -9.79 -5.70 12.72
C MET A 290 -10.33 -4.28 12.92
N GLY A 291 -11.13 -3.81 11.99
CA GLY A 291 -11.63 -2.45 11.98
C GLY A 291 -10.98 -1.78 10.79
N ASN A 292 -11.35 -2.24 9.61
CA ASN A 292 -10.61 -1.88 8.40
C ASN A 292 -10.90 -0.48 7.94
N GLY A 293 -10.30 0.47 8.65
CA GLY A 293 -10.51 1.89 8.42
C GLY A 293 -11.68 2.34 9.28
N LYS A 294 -12.03 1.53 10.26
CA LYS A 294 -13.16 1.81 11.12
C LYS A 294 -14.32 2.14 10.18
N ASP A 295 -15.03 3.23 10.37
CA ASP A 295 -16.07 3.61 9.41
C ASP A 295 -16.98 2.40 9.06
N ASP A 296 -17.52 1.72 10.09
CA ASP A 296 -18.38 0.52 9.99
C ASP A 296 -17.70 -0.77 9.47
N ALA A 297 -16.38 -0.77 9.36
CA ALA A 297 -15.62 -1.92 8.90
C ALA A 297 -15.45 -3.06 9.92
N ALA A 298 -16.56 -3.68 10.26
CA ALA A 298 -16.68 -4.85 11.12
C ALA A 298 -16.31 -4.67 12.59
N ASN A 299 -15.03 -4.65 12.92
CA ASN A 299 -14.71 -4.64 14.36
C ASN A 299 -15.30 -3.44 15.05
N ILE A 300 -15.34 -2.35 14.31
CA ILE A 300 -15.89 -1.09 14.70
C ILE A 300 -17.38 -1.11 15.01
N LEU A 301 -18.07 -2.18 14.65
CA LEU A 301 -19.49 -2.29 14.91
C LEU A 301 -19.73 -2.69 16.37
N LYS A 302 -18.73 -3.25 17.01
CA LYS A 302 -18.86 -3.71 18.39
C LYS A 302 -18.86 -2.63 19.48
N PRO A 303 -17.81 -1.79 19.59
CA PRO A 303 -17.49 -0.92 20.71
C PRO A 303 -18.64 -0.19 21.35
N ALA A 304 -19.61 0.20 20.56
CA ALA A 304 -20.73 0.94 21.10
C ALA A 304 -21.38 0.18 22.23
N LEU A 305 -21.40 -1.13 22.10
CA LEU A 305 -22.07 -1.95 23.06
C LEU A 305 -21.16 -2.80 23.92
N SER A 306 -19.85 -2.54 23.98
CA SER A 306 -18.97 -3.46 24.74
C SER A 306 -19.23 -3.41 26.26
N ARG A 307 -20.00 -2.42 26.69
CA ARG A 307 -20.39 -2.26 28.09
C ARG A 307 -21.70 -3.00 28.37
N GLY A 308 -22.50 -3.19 27.32
CA GLY A 308 -23.87 -3.69 27.41
C GLY A 308 -23.94 -5.19 27.45
N GLN A 309 -23.33 -5.77 28.47
CA GLN A 309 -23.24 -7.21 28.52
C GLN A 309 -22.64 -7.66 27.20
N LEU A 310 -23.30 -8.53 26.42
CA LEU A 310 -22.68 -8.99 25.17
C LEU A 310 -21.26 -9.46 25.44
N LYS A 311 -21.11 -10.21 26.51
CA LYS A 311 -19.82 -10.64 26.96
C LYS A 311 -19.16 -11.42 25.89
N VAL A 312 -17.87 -11.25 25.78
CA VAL A 312 -17.17 -11.95 24.74
C VAL A 312 -15.78 -12.29 25.11
N ILE A 313 -15.37 -13.47 24.78
CA ILE A 313 -14.02 -13.86 25.03
C ILE A 313 -13.35 -13.79 23.67
N GLY A 314 -12.24 -13.09 23.55
CA GLY A 314 -11.57 -13.02 22.27
C GLY A 314 -10.35 -13.91 22.26
N ALA A 315 -9.64 -13.90 21.14
CA ALA A 315 -8.42 -14.68 20.99
C ALA A 315 -7.63 -14.13 19.81
N THR A 316 -6.30 -14.10 19.99
CA THR A 316 -5.36 -13.57 18.99
C THR A 316 -3.89 -13.86 19.33
N THR A 317 -2.99 -13.91 18.35
CA THR A 317 -1.59 -14.04 18.77
C THR A 317 -1.16 -12.66 19.17
N ASN A 318 0.01 -12.54 19.76
CA ASN A 318 0.58 -11.25 20.09
C ASN A 318 0.86 -10.39 18.87
N ASN A 319 1.11 -10.98 17.71
CA ASN A 319 1.43 -10.14 16.59
C ASN A 319 0.15 -9.58 16.06
N GLU A 320 -0.85 -10.43 16.09
CA GLU A 320 -2.13 -10.03 15.61
C GLU A 320 -2.71 -9.02 16.57
N TYR A 321 -2.55 -9.28 17.86
CA TYR A 321 -3.07 -8.40 18.87
C TYR A 321 -2.50 -7.05 18.74
N ARG A 322 -1.19 -6.99 18.68
CA ARG A 322 -0.50 -5.74 18.61
C ARG A 322 -0.92 -5.00 17.36
N SER A 323 -1.08 -5.71 16.24
CA SER A 323 -1.50 -5.06 15.03
C SER A 323 -2.87 -4.42 15.19
N ILE A 324 -3.79 -5.12 15.86
CA ILE A 324 -5.14 -4.60 16.04
C ILE A 324 -5.19 -3.43 16.94
N VAL A 325 -4.60 -3.54 18.10
CA VAL A 325 -4.79 -2.46 19.02
C VAL A 325 -3.98 -1.26 18.61
N GLU A 326 -2.84 -1.45 17.97
CA GLU A 326 -2.06 -0.32 17.53
C GLU A 326 -2.86 0.47 16.52
N LYS A 327 -3.47 -0.23 15.56
CA LYS A 327 -4.27 0.43 14.55
C LYS A 327 -5.61 0.93 15.09
N ASP A 328 -6.19 0.24 16.08
CA ASP A 328 -7.48 0.64 16.61
C ASP A 328 -7.47 1.62 17.78
N GLY A 329 -6.75 1.30 18.85
CA GLY A 329 -6.66 2.12 20.05
C GLY A 329 -7.78 1.96 21.09
N ALA A 330 -8.93 1.41 20.72
CA ALA A 330 -10.05 1.28 21.65
C ALA A 330 -10.13 -0.10 22.22
N PHE A 331 -9.82 -1.11 21.43
CA PHE A 331 -9.95 -2.46 21.95
C PHE A 331 -9.07 -2.70 23.17
N GLU A 332 -7.87 -2.17 23.16
CA GLU A 332 -7.00 -2.31 24.32
C GLU A 332 -7.49 -1.51 25.54
N ARG A 333 -8.63 -0.84 25.38
CA ARG A 333 -9.21 -0.08 26.47
C ARG A 333 -10.56 -0.70 26.80
N ARG A 334 -10.86 -1.79 26.12
CA ARG A 334 -12.13 -2.51 26.27
C ARG A 334 -11.98 -3.98 26.67
N PHE A 335 -10.85 -4.58 26.29
CA PHE A 335 -10.59 -6.00 26.51
C PHE A 335 -9.51 -6.33 27.54
N GLN A 336 -9.66 -7.47 28.22
CA GLN A 336 -8.72 -7.90 29.25
C GLN A 336 -7.79 -9.02 28.83
N LYS A 337 -6.62 -8.67 28.42
CA LYS A 337 -5.68 -9.69 27.99
C LYS A 337 -5.36 -10.70 29.08
N ILE A 338 -5.40 -11.97 28.72
CA ILE A 338 -4.99 -13.08 29.55
C ILE A 338 -3.86 -13.77 28.86
N GLU A 339 -2.72 -13.86 29.53
CA GLU A 339 -1.61 -14.49 28.86
C GLU A 339 -1.87 -15.97 28.78
N VAL A 340 -1.72 -16.53 27.61
CA VAL A 340 -1.84 -17.96 27.45
C VAL A 340 -0.48 -18.35 26.95
N ALA A 341 0.10 -19.40 27.48
CA ALA A 341 1.44 -19.75 27.05
C ALA A 341 1.62 -21.23 26.97
N GLU A 342 2.66 -21.63 26.27
CA GLU A 342 2.93 -23.04 26.20
C GLU A 342 3.23 -23.51 27.63
N PRO A 343 2.91 -24.76 27.97
CA PRO A 343 3.12 -25.46 29.21
C PRO A 343 4.57 -25.82 29.43
N SER A 344 4.91 -26.18 30.65
CA SER A 344 6.24 -26.71 30.88
C SER A 344 6.29 -28.05 30.20
N VAL A 345 7.46 -28.65 30.12
CA VAL A 345 7.53 -29.97 29.50
C VAL A 345 6.68 -30.98 30.25
N ARG A 346 6.72 -30.96 31.58
CA ARG A 346 5.89 -31.91 32.31
C ARG A 346 4.41 -31.60 32.10
N GLN A 347 4.05 -30.33 32.10
CA GLN A 347 2.65 -30.02 31.89
C GLN A 347 2.25 -30.48 30.50
N THR A 348 3.16 -30.35 29.54
CA THR A 348 2.89 -30.78 28.19
C THR A 348 2.54 -32.24 28.23
N VAL A 349 3.31 -33.03 28.98
CA VAL A 349 3.04 -34.44 29.05
C VAL A 349 1.66 -34.68 29.57
N ALA A 350 1.28 -33.95 30.61
CA ALA A 350 -0.05 -34.13 31.13
C ALA A 350 -1.08 -33.86 30.05
N ILE A 351 -0.84 -32.86 29.20
CA ILE A 351 -1.76 -32.58 28.13
C ILE A 351 -1.83 -33.71 27.15
N LEU A 352 -0.64 -34.21 26.78
CA LEU A 352 -0.57 -35.23 25.78
C LEU A 352 -1.32 -36.43 26.31
N ARG A 353 -1.11 -36.69 27.60
CA ARG A 353 -1.76 -37.77 28.31
C ARG A 353 -3.25 -37.60 28.22
N GLY A 354 -3.73 -36.39 28.47
CA GLY A 354 -5.16 -36.16 28.41
C GLY A 354 -5.72 -36.46 27.02
N LEU A 355 -4.96 -36.15 25.97
CA LEU A 355 -5.43 -36.42 24.63
C LEU A 355 -5.01 -37.81 24.15
N GLN A 356 -4.15 -38.46 24.91
CA GLN A 356 -3.68 -39.80 24.58
C GLN A 356 -4.81 -40.73 24.11
N PRO A 357 -5.94 -40.93 24.85
CA PRO A 357 -7.00 -41.84 24.44
C PRO A 357 -7.68 -41.39 23.15
N LYS A 358 -7.59 -40.11 22.82
CA LYS A 358 -8.21 -39.64 21.60
C LYS A 358 -7.47 -40.19 20.43
N TYR A 359 -6.16 -40.07 20.50
CA TYR A 359 -5.33 -40.52 19.41
C TYR A 359 -5.31 -42.02 19.37
N GLU A 360 -5.31 -42.66 20.54
CA GLU A 360 -5.25 -44.10 20.56
C GLU A 360 -6.49 -44.68 19.90
N ILE A 361 -7.66 -44.09 20.17
CA ILE A 361 -8.90 -44.54 19.57
C ILE A 361 -8.97 -44.32 18.07
N HIS A 362 -8.57 -43.14 17.60
CA HIS A 362 -8.70 -42.87 16.18
C HIS A 362 -7.71 -43.65 15.35
N HIS A 363 -6.54 -43.92 15.90
CA HIS A 363 -5.53 -44.65 15.16
C HIS A 363 -5.54 -46.17 15.49
N GLY A 364 -6.19 -46.54 16.60
CA GLY A 364 -6.34 -47.94 17.04
C GLY A 364 -5.05 -48.50 17.63
N VAL A 365 -4.23 -47.64 18.17
CA VAL A 365 -2.91 -48.00 18.67
C VAL A 365 -2.75 -47.54 20.08
N ARG A 366 -1.75 -48.03 20.80
CA ARG A 366 -1.48 -47.50 22.13
C ARG A 366 -0.37 -46.46 22.06
N ILE A 367 -0.29 -45.59 23.04
CA ILE A 367 0.82 -44.66 23.14
C ILE A 367 1.52 -44.94 24.46
N LEU A 368 2.81 -45.23 24.43
CA LEU A 368 3.44 -45.50 25.72
C LEU A 368 3.47 -44.21 26.52
N ASP A 369 3.32 -44.29 27.84
CA ASP A 369 3.40 -43.04 28.61
C ASP A 369 4.75 -42.36 28.38
N SER A 370 5.80 -43.16 28.23
CA SER A 370 7.14 -42.66 27.98
C SER A 370 7.26 -42.00 26.59
N ALA A 371 6.32 -42.28 25.70
CA ALA A 371 6.31 -41.69 24.39
C ALA A 371 5.75 -40.30 24.50
N LEU A 372 4.83 -40.14 25.45
CA LEU A 372 4.24 -38.84 25.64
C LEU A 372 5.35 -37.94 26.17
N VAL A 373 6.13 -38.50 27.11
CA VAL A 373 7.23 -37.76 27.71
C VAL A 373 8.26 -37.42 26.69
N THR A 374 8.62 -38.39 25.88
CA THR A 374 9.61 -38.15 24.87
C THR A 374 9.12 -37.08 23.93
N ALA A 375 7.87 -37.15 23.48
CA ALA A 375 7.38 -36.13 22.58
C ALA A 375 7.47 -34.75 23.23
N ALA A 376 7.13 -34.65 24.52
CA ALA A 376 7.16 -33.36 25.19
C ALA A 376 8.58 -32.81 25.29
N GLN A 377 9.51 -33.67 25.71
CA GLN A 377 10.89 -33.24 25.88
C GLN A 377 11.51 -32.94 24.53
N LEU A 378 11.20 -33.80 23.58
CA LEU A 378 11.75 -33.70 22.27
C LEU A 378 11.29 -32.42 21.68
N ALA A 379 10.00 -32.16 21.71
CA ALA A 379 9.52 -30.93 21.11
C ALA A 379 10.26 -29.74 21.67
N LYS A 380 10.46 -29.71 22.99
CA LYS A 380 11.15 -28.59 23.61
C LYS A 380 12.59 -28.46 23.10
N ARG A 381 13.22 -29.60 22.83
CA ARG A 381 14.61 -29.63 22.38
C ARG A 381 14.75 -29.95 20.87
N TYR A 382 13.65 -29.86 20.12
CA TYR A 382 13.63 -30.22 18.70
C TYR A 382 12.98 -29.19 17.77
N LEU A 383 11.78 -28.70 18.11
CA LEU A 383 11.06 -27.81 17.18
C LEU A 383 10.82 -26.41 17.73
N PRO A 384 11.79 -25.49 17.59
CA PRO A 384 11.78 -24.15 18.17
C PRO A 384 10.71 -23.25 17.57
N TYR A 385 10.18 -23.67 16.43
CA TYR A 385 9.18 -22.89 15.75
C TYR A 385 7.78 -23.40 15.94
N ARG A 386 7.59 -24.28 16.91
CA ARG A 386 6.24 -24.78 17.13
C ARG A 386 6.04 -24.89 18.63
N ARG A 387 4.94 -24.34 19.13
CA ARG A 387 4.71 -24.30 20.56
C ARG A 387 4.38 -25.67 21.10
N LEU A 388 4.74 -25.93 22.36
CA LEU A 388 4.65 -27.30 22.86
C LEU A 388 3.36 -28.07 22.70
N PRO A 389 2.16 -27.56 22.95
CA PRO A 389 0.95 -28.33 22.79
C PRO A 389 0.91 -28.88 21.38
N ASP A 390 0.90 -28.00 20.37
CA ASP A 390 0.92 -28.57 19.02
C ASP A 390 2.17 -29.35 18.69
N SER A 391 3.31 -28.89 19.13
CA SER A 391 4.53 -29.52 18.71
C SER A 391 4.59 -30.94 19.23
N ALA A 392 4.40 -31.09 20.51
CA ALA A 392 4.46 -32.41 21.09
C ALA A 392 3.29 -33.25 20.59
N LEU A 393 2.10 -32.64 20.44
CA LEU A 393 0.95 -33.41 19.95
C LEU A 393 1.17 -33.87 18.54
N ASP A 394 1.83 -33.06 17.71
CA ASP A 394 2.11 -33.49 16.36
C ASP A 394 3.12 -34.62 16.41
N LEU A 395 4.09 -34.54 17.30
CA LEU A 395 5.01 -35.65 17.37
C LEU A 395 4.23 -36.91 17.75
N VAL A 396 3.25 -36.76 18.66
CA VAL A 396 2.41 -37.90 19.03
C VAL A 396 1.50 -38.36 17.90
N ASP A 397 0.82 -37.45 17.21
CA ASP A 397 -0.12 -37.82 16.17
C ASP A 397 0.58 -38.36 14.95
N ILE A 398 1.67 -37.74 14.57
CA ILE A 398 2.43 -38.16 13.42
C ILE A 398 2.92 -39.56 13.71
N SER A 399 3.45 -39.75 14.93
CA SER A 399 3.91 -41.06 15.34
C SER A 399 2.76 -42.05 15.34
N CYS A 400 1.58 -41.64 15.85
CA CYS A 400 0.46 -42.55 15.89
C CYS A 400 0.06 -42.98 14.50
N ALA A 401 0.10 -42.05 13.56
CA ALA A 401 -0.25 -42.41 12.19
C ALA A 401 0.73 -43.45 11.68
N GLY A 402 2.02 -43.27 11.97
CA GLY A 402 3.03 -44.23 11.55
C GLY A 402 2.76 -45.60 12.17
N VAL A 403 2.36 -45.60 13.44
CA VAL A 403 2.09 -46.83 14.14
C VAL A 403 0.86 -47.48 13.55
N ALA A 404 -0.17 -46.68 13.25
CA ALA A 404 -1.39 -47.18 12.68
C ALA A 404 -1.08 -47.88 11.37
N VAL A 405 -0.14 -47.33 10.59
CA VAL A 405 0.23 -48.00 9.37
C VAL A 405 0.85 -49.34 9.72
N ALA A 406 1.74 -49.37 10.71
CA ALA A 406 2.33 -50.65 11.12
C ALA A 406 1.25 -51.61 11.62
N ARG A 407 0.27 -51.09 12.34
CA ARG A 407 -0.81 -51.91 12.86
C ARG A 407 -1.58 -52.53 11.70
N ASP A 408 -1.91 -51.70 10.71
CA ASP A 408 -2.64 -52.13 9.53
C ASP A 408 -1.82 -53.10 8.67
N SER A 409 -0.50 -52.88 8.61
CA SER A 409 0.41 -53.71 7.84
C SER A 409 0.51 -55.12 8.43
N LYS A 410 0.57 -55.18 9.77
CA LYS A 410 0.68 -56.39 10.58
C LYS A 410 2.08 -57.00 10.49
N GLN A 538 -0.16 -52.65 18.16
CA GLN A 538 1.04 -51.83 18.10
C GLN A 538 0.91 -50.58 18.97
N ASN A 539 2.01 -49.88 19.13
CA ASN A 539 1.97 -48.67 19.93
C ASN A 539 3.02 -47.66 19.53
N VAL A 540 2.92 -46.46 20.08
CA VAL A 540 3.95 -45.47 19.83
C VAL A 540 5.11 -45.76 20.73
N VAL A 541 6.23 -46.08 20.11
CA VAL A 541 7.40 -46.43 20.84
C VAL A 541 8.19 -45.19 21.11
N ASP A 542 8.35 -44.94 22.39
CA ASP A 542 9.07 -43.80 22.88
C ASP A 542 10.38 -43.57 22.16
N SER A 543 11.16 -44.63 22.06
CA SER A 543 12.45 -44.57 21.45
C SER A 543 12.36 -44.58 19.93
N ASP A 544 11.83 -45.65 19.35
CA ASP A 544 11.94 -45.80 17.91
C ASP A 544 10.87 -45.12 17.06
N THR A 545 9.63 -45.02 17.54
CA THR A 545 8.63 -44.43 16.68
C THR A 545 8.91 -42.96 16.63
N ILE A 546 9.08 -42.38 17.81
CA ILE A 546 9.31 -40.96 17.87
C ILE A 546 10.67 -40.58 17.27
N SER A 547 11.74 -41.33 17.58
CA SER A 547 13.02 -40.94 17.00
C SER A 547 13.02 -41.04 15.49
N GLU A 548 12.45 -42.10 14.91
CA GLU A 548 12.49 -42.17 13.46
C GLU A 548 11.58 -41.10 12.87
N THR A 549 10.47 -40.82 13.52
CA THR A 549 9.61 -39.80 13.01
C THR A 549 10.36 -38.48 13.00
N ALA A 550 11.02 -38.16 14.10
CA ALA A 550 11.77 -36.92 14.20
C ALA A 550 12.93 -36.86 13.19
N ALA A 551 13.61 -37.99 13.01
CA ALA A 551 14.71 -38.05 12.08
C ALA A 551 14.20 -37.75 10.68
N ARG A 552 13.04 -38.29 10.35
CA ARG A 552 12.40 -38.07 9.07
C ARG A 552 12.00 -36.61 8.87
N LEU A 553 11.34 -36.05 9.88
CA LEU A 553 10.81 -34.70 9.83
C LEU A 553 11.86 -33.60 9.71
N THR A 554 12.98 -33.76 10.40
CA THR A 554 14.02 -32.76 10.41
C THR A 554 15.39 -33.28 10.09
N GLY A 555 15.72 -34.39 10.74
CA GLY A 555 17.09 -34.87 10.78
C GLY A 555 17.61 -34.57 12.17
N ILE A 556 18.91 -34.28 12.27
CA ILE A 556 19.67 -34.10 13.50
C ILE A 556 20.07 -35.49 13.99
N PRO A 557 21.23 -36.01 13.60
CA PRO A 557 21.71 -37.37 13.90
C PRO A 557 21.53 -37.80 15.35
N VAL A 558 21.65 -36.85 16.25
CA VAL A 558 21.54 -37.05 17.69
C VAL A 558 20.18 -37.58 18.08
N LYS A 559 19.14 -37.16 17.37
CA LYS A 559 17.78 -37.53 17.70
C LYS A 559 17.47 -38.93 17.17
N LYS A 560 18.36 -39.49 16.35
CA LYS A 560 18.15 -40.82 15.78
C LYS A 560 18.95 -41.83 16.60
N LEU A 561 20.20 -41.46 16.90
CA LEU A 561 21.15 -42.27 17.66
C LEU A 561 21.12 -43.78 17.34
N SER A 562 21.93 -44.19 16.36
CA SER A 562 21.98 -45.62 16.00
C SER A 562 22.44 -46.51 17.13
N GLU A 563 21.82 -47.67 17.21
CA GLU A 563 22.13 -48.71 18.16
C GLU A 563 23.44 -49.49 17.87
N SER A 564 24.05 -49.29 16.70
CA SER A 564 25.24 -50.09 16.35
C SER A 564 26.53 -49.57 16.98
N GLU A 565 26.54 -49.57 18.31
CA GLU A 565 27.62 -49.03 19.16
C GLU A 565 28.98 -49.67 18.98
N ASN A 566 29.02 -50.90 18.51
CA ASN A 566 30.30 -51.57 18.36
C ASN A 566 31.16 -50.84 17.34
N GLU A 567 30.51 -50.19 16.37
CA GLU A 567 31.21 -49.50 15.32
C GLU A 567 30.87 -48.01 15.30
N LYS A 568 29.63 -47.66 15.63
CA LYS A 568 29.30 -46.25 15.50
C LYS A 568 30.09 -45.50 16.50
N LEU A 569 30.60 -44.38 16.08
CA LEU A 569 31.42 -43.52 16.91
C LEU A 569 32.79 -44.13 17.26
N ILE A 570 33.09 -45.28 16.65
CA ILE A 570 34.36 -45.98 16.76
C ILE A 570 35.05 -45.96 15.42
N HIS A 571 34.37 -46.55 14.41
CA HIS A 571 34.91 -46.70 13.07
C HIS A 571 35.22 -45.40 12.43
N MET A 572 34.52 -44.35 12.84
CA MET A 572 34.72 -43.06 12.26
C MET A 572 36.16 -42.62 12.39
N GLU A 573 36.87 -43.08 13.42
CA GLU A 573 38.21 -42.58 13.52
C GLU A 573 39.08 -43.22 12.45
N ARG A 574 38.77 -44.47 12.08
CA ARG A 574 39.54 -45.20 11.08
C ARG A 574 39.23 -44.64 9.70
N ASP A 575 37.96 -44.32 9.49
CA ASP A 575 37.55 -43.79 8.21
C ASP A 575 38.23 -42.47 8.00
N LEU A 576 38.20 -41.66 9.05
CA LEU A 576 38.82 -40.39 8.98
C LEU A 576 40.31 -40.55 8.86
N SER A 577 40.91 -41.52 9.55
CA SER A 577 42.36 -41.73 9.48
C SER A 577 42.81 -41.92 8.04
N SER A 578 42.03 -42.66 7.26
CA SER A 578 42.41 -42.84 5.87
C SER A 578 42.47 -41.49 5.16
N GLU A 579 41.51 -40.61 5.44
CA GLU A 579 41.46 -39.28 4.81
C GLU A 579 42.54 -38.35 5.39
N VAL A 580 42.74 -38.55 6.68
CA VAL A 580 43.60 -37.81 7.58
C VAL A 580 44.77 -38.62 8.00
N VAL A 581 45.82 -38.56 7.24
CA VAL A 581 46.92 -39.40 7.57
C VAL A 581 47.80 -38.75 8.63
N GLY A 582 48.13 -39.49 9.68
CA GLY A 582 48.99 -38.97 10.75
C GLY A 582 48.26 -38.14 11.81
N GLN A 583 47.45 -37.20 11.37
CA GLN A 583 46.75 -36.27 12.27
C GLN A 583 45.54 -36.85 13.01
N MET A 584 45.82 -37.86 13.83
CA MET A 584 44.80 -38.53 14.62
C MET A 584 44.28 -37.60 15.69
N ASP A 585 45.10 -36.64 16.06
CA ASP A 585 44.78 -35.69 17.08
C ASP A 585 43.50 -34.93 16.72
N ALA A 586 43.34 -34.59 15.44
CA ALA A 586 42.16 -33.86 15.02
C ALA A 586 40.99 -34.76 15.01
N ILE A 587 41.22 -35.98 14.56
CA ILE A 587 40.14 -36.92 14.52
C ILE A 587 39.58 -37.19 15.88
N LYS A 588 40.46 -37.38 16.84
CA LYS A 588 39.98 -37.67 18.15
C LYS A 588 39.27 -36.46 18.71
N ALA A 589 39.78 -35.25 18.45
CA ALA A 589 39.11 -34.07 18.98
C ALA A 589 37.67 -34.00 18.48
N VAL A 590 37.50 -34.29 17.20
CA VAL A 590 36.17 -34.23 16.65
C VAL A 590 35.33 -35.35 17.16
N SER A 591 35.87 -36.53 17.14
CA SER A 591 35.15 -37.70 17.51
C SER A 591 34.64 -37.56 18.93
N ASN A 592 35.45 -36.96 19.79
CA ASN A 592 35.04 -36.76 21.17
C ASN A 592 33.76 -35.95 21.23
N ALA A 593 33.71 -34.83 20.50
CA ALA A 593 32.50 -34.02 20.52
C ALA A 593 31.32 -34.77 19.95
N VAL A 594 31.57 -35.54 18.93
CA VAL A 594 30.49 -36.26 18.32
C VAL A 594 29.93 -37.24 19.33
N ARG A 595 30.81 -37.94 20.02
CA ARG A 595 30.43 -38.87 21.06
C ARG A 595 29.66 -38.19 22.18
N LEU A 596 30.01 -36.96 22.55
CA LEU A 596 29.25 -36.27 23.58
C LEU A 596 27.82 -35.96 23.13
N SER A 597 27.65 -35.58 21.86
CA SER A 597 26.30 -35.25 21.41
C SER A 597 25.42 -36.48 21.40
N ARG A 598 26.00 -37.61 21.08
CA ARG A 598 25.21 -38.81 21.06
C ARG A 598 24.98 -39.23 22.49
N SER A 599 23.81 -39.75 22.77
CA SER A 599 23.43 -40.19 24.10
C SER A 599 23.25 -39.03 25.09
N GLY A 600 23.36 -37.77 24.62
CA GLY A 600 23.03 -36.61 25.44
C GLY A 600 24.03 -36.13 26.49
N LEU A 601 25.35 -36.29 26.31
CA LEU A 601 26.20 -35.75 27.37
C LEU A 601 26.43 -34.27 27.09
N ALA A 602 26.44 -33.93 25.81
CA ALA A 602 26.64 -32.55 25.42
C ALA A 602 25.54 -31.67 25.99
N ASN A 603 25.90 -30.46 26.35
CA ASN A 603 24.98 -29.46 26.87
C ASN A 603 24.04 -28.95 25.78
N PRO A 604 22.71 -29.07 25.93
CA PRO A 604 21.69 -28.65 24.97
C PRO A 604 21.87 -27.25 24.37
N ARG A 605 22.58 -26.35 25.05
CA ARG A 605 22.74 -24.99 24.56
C ARG A 605 24.14 -24.69 24.06
N GLN A 606 24.97 -25.72 23.93
CA GLN A 606 26.35 -25.51 23.53
C GLN A 606 26.76 -26.29 22.31
N PRO A 607 26.52 -25.81 21.10
CA PRO A 607 26.87 -26.53 19.91
C PRO A 607 28.33 -26.86 20.05
N ALA A 608 28.72 -28.08 19.71
CA ALA A 608 30.13 -28.40 19.83
C ALA A 608 30.86 -27.61 18.80
N SER A 609 32.05 -27.17 19.12
CA SER A 609 32.77 -26.42 18.12
C SER A 609 34.27 -26.45 18.24
N PHE A 610 34.89 -26.40 17.07
CA PHE A 610 36.31 -26.46 17.00
C PHE A 610 36.93 -25.34 16.23
N LEU A 611 38.15 -25.05 16.62
CA LEU A 611 38.98 -24.15 15.85
C LEU A 611 40.11 -24.98 15.33
N PHE A 612 40.23 -25.03 14.02
CA PHE A 612 41.24 -25.82 13.37
C PHE A 612 42.41 -24.94 12.94
N LEU A 613 43.46 -25.01 13.74
CA LEU A 613 44.66 -24.23 13.60
C LEU A 613 45.72 -25.08 12.98
N GLY A 614 46.58 -24.54 12.17
CA GLY A 614 47.68 -25.41 11.83
C GLY A 614 48.48 -25.02 10.64
N LEU A 615 49.21 -26.02 10.18
CA LEU A 615 50.08 -25.88 9.04
C LEU A 615 49.24 -25.70 7.80
N SER A 616 49.56 -24.68 7.01
CA SER A 616 48.76 -24.44 5.84
C SER A 616 48.79 -25.68 4.99
N GLY A 617 47.66 -26.03 4.42
CA GLY A 617 47.61 -27.20 3.57
C GLY A 617 47.46 -28.49 4.36
N SER A 618 47.23 -28.38 5.66
CA SER A 618 47.08 -29.56 6.48
C SER A 618 45.93 -30.47 6.11
N GLY A 619 44.96 -29.98 5.38
CA GLY A 619 43.83 -30.81 5.03
C GLY A 619 42.64 -30.67 5.98
N LYS A 620 42.76 -29.80 6.95
CA LYS A 620 41.67 -29.57 7.89
C LYS A 620 40.29 -29.22 7.26
N THR A 621 40.23 -28.62 6.06
CA THR A 621 38.91 -28.35 5.49
C THR A 621 38.24 -29.63 5.10
N GLU A 622 39.00 -30.48 4.44
CA GLU A 622 38.44 -31.75 4.04
C GLU A 622 38.02 -32.48 5.29
N LEU A 623 38.78 -32.36 6.39
CA LEU A 623 38.37 -33.01 7.61
C LEU A 623 36.96 -32.60 7.97
N ALA A 624 36.67 -31.31 7.95
CA ALA A 624 35.31 -30.90 8.31
C ALA A 624 34.28 -31.63 7.43
N LYS A 625 34.60 -31.82 6.15
CA LYS A 625 33.66 -32.51 5.27
C LYS A 625 33.59 -34.00 5.57
N LYS A 626 34.70 -34.58 5.95
CA LYS A 626 34.73 -36.01 6.18
C LYS A 626 34.01 -36.33 7.46
N VAL A 627 34.04 -35.40 8.38
CA VAL A 627 33.29 -35.53 9.60
C VAL A 627 31.83 -35.49 9.22
N ALA A 628 31.43 -34.52 8.38
CA ALA A 628 30.05 -34.47 7.91
C ALA A 628 29.70 -35.79 7.21
N GLY A 629 30.68 -36.36 6.53
CA GLY A 629 30.50 -37.63 5.89
C GLY A 629 29.97 -38.57 6.95
N PHE A 630 30.76 -38.84 7.98
CA PHE A 630 30.31 -39.74 9.04
C PHE A 630 28.99 -39.35 9.71
N LEU A 631 28.87 -38.08 10.09
CA LEU A 631 27.75 -37.60 10.87
C LEU A 631 26.41 -37.75 10.21
N PHE A 632 26.39 -37.49 8.92
CA PHE A 632 25.15 -37.48 8.19
C PHE A 632 25.10 -38.49 7.08
N ASN A 633 26.23 -39.16 6.84
CA ASN A 633 26.40 -39.98 5.64
C ASN A 633 26.25 -39.02 4.49
N ASP A 634 26.82 -37.81 4.67
CA ASP A 634 26.75 -36.75 3.68
C ASP A 634 27.81 -35.67 3.84
N GLU A 635 28.87 -35.79 3.04
CA GLU A 635 30.04 -34.90 3.10
C GLU A 635 29.71 -33.47 2.67
N ASP A 636 28.58 -33.29 1.98
CA ASP A 636 28.18 -31.99 1.49
C ASP A 636 27.02 -31.39 2.29
N MET A 637 26.74 -31.95 3.49
CA MET A 637 25.69 -31.45 4.37
C MET A 637 25.90 -30.02 4.86
N MET A 638 27.16 -29.63 5.00
CA MET A 638 27.57 -28.37 5.61
C MET A 638 27.15 -27.08 4.91
N ILE A 639 27.20 -26.04 5.69
CA ILE A 639 26.98 -24.65 5.29
C ILE A 639 28.31 -23.95 5.49
N ARG A 640 28.81 -23.23 4.49
CA ARG A 640 30.09 -22.60 4.75
C ARG A 640 30.13 -21.16 4.30
N VAL A 641 31.02 -20.41 4.94
CA VAL A 641 31.24 -19.02 4.63
C VAL A 641 32.69 -18.69 4.30
N ASP A 642 32.88 -17.97 3.19
CA ASP A 642 34.21 -17.51 2.83
C ASP A 642 34.51 -16.26 3.64
N CYS A 643 35.37 -16.37 4.62
CA CYS A 643 35.53 -15.25 5.52
C CYS A 643 36.35 -14.12 4.97
N SER A 644 36.96 -14.30 3.80
CA SER A 644 37.77 -13.21 3.26
C SER A 644 36.83 -12.13 2.70
N GLU A 645 35.54 -12.46 2.61
CA GLU A 645 34.53 -11.56 2.10
C GLU A 645 33.95 -10.68 3.21
N LEU A 646 34.39 -10.88 4.44
CA LEU A 646 33.78 -10.16 5.52
C LEU A 646 34.51 -8.87 5.87
N SER A 647 33.71 -7.85 6.17
CA SER A 647 34.07 -6.48 6.55
C SER A 647 33.14 -5.90 7.59
N GLU A 648 33.65 -5.02 8.44
CA GLU A 648 32.81 -4.36 9.44
C GLU A 648 31.64 -3.61 8.83
N LYS A 649 31.77 -3.22 7.57
CA LYS A 649 30.70 -2.45 6.99
C LYS A 649 29.44 -3.25 6.73
N TYR A 650 29.59 -4.56 6.45
CA TYR A 650 28.44 -5.38 6.07
C TYR A 650 28.39 -6.81 6.67
N ALA A 651 29.51 -7.34 7.13
CA ALA A 651 29.66 -8.77 7.41
C ALA A 651 28.62 -9.37 8.29
N VAL A 652 28.19 -8.66 9.30
CA VAL A 652 27.22 -9.26 10.17
C VAL A 652 25.95 -9.52 9.41
N SER A 653 25.57 -8.58 8.52
CA SER A 653 24.35 -8.75 7.77
C SER A 653 24.58 -9.73 6.63
N LYS A 654 25.81 -9.85 6.16
CA LYS A 654 26.02 -10.82 5.11
C LYS A 654 25.76 -12.20 5.70
N LEU A 655 26.12 -12.37 6.97
CA LEU A 655 25.96 -13.62 7.67
C LEU A 655 24.52 -13.85 8.17
N LEU A 656 23.94 -12.89 8.89
CA LEU A 656 22.60 -13.10 9.47
C LEU A 656 21.45 -12.37 8.77
N GLY A 657 21.73 -11.62 7.72
CA GLY A 657 20.70 -10.88 7.02
C GLY A 657 20.62 -9.45 7.54
N THR A 658 20.05 -8.58 6.71
CA THR A 658 19.87 -7.18 7.04
C THR A 658 18.73 -7.06 8.01
N THR A 659 18.54 -5.89 8.57
CA THR A 659 17.46 -5.71 9.51
C THR A 659 16.33 -4.86 8.95
N ALA A 660 15.40 -4.52 9.81
CA ALA A 660 14.20 -3.83 9.39
C ALA A 660 14.54 -2.54 8.69
N GLY A 661 13.79 -2.25 7.63
CA GLY A 661 13.94 -1.03 6.88
C GLY A 661 15.10 -0.97 5.91
N TYR A 662 15.89 -2.03 5.80
CA TYR A 662 17.02 -1.94 4.91
C TYR A 662 16.91 -2.83 3.69
N VAL A 663 17.55 -2.44 2.62
CA VAL A 663 17.38 -3.15 1.37
C VAL A 663 17.89 -4.55 1.40
N GLY A 664 17.05 -5.45 0.97
CA GLY A 664 17.37 -6.85 0.90
C GLY A 664 16.77 -7.58 2.07
N TYR A 665 15.91 -8.55 1.82
CA TYR A 665 15.35 -9.28 2.95
C TYR A 665 15.78 -10.74 2.97
N ASP A 666 16.92 -10.99 2.36
CA ASP A 666 17.53 -12.31 2.33
C ASP A 666 17.87 -12.63 3.77
N GLU A 667 16.81 -12.80 4.55
CA GLU A 667 16.92 -12.99 5.95
C GLU A 667 17.78 -14.17 6.22
N GLY A 668 18.75 -13.99 7.09
CA GLY A 668 19.62 -15.05 7.43
C GLY A 668 20.91 -15.06 6.66
N GLY A 669 21.00 -14.21 5.63
CA GLY A 669 22.20 -14.05 4.86
C GLY A 669 22.77 -15.37 4.42
N PHE A 670 24.04 -15.54 4.70
CA PHE A 670 24.77 -16.76 4.40
C PHE A 670 24.41 -17.91 5.32
N LEU A 671 23.98 -17.59 6.55
CA LEU A 671 23.81 -18.62 7.56
C LEU A 671 22.42 -19.03 8.01
N THR A 672 21.59 -18.12 8.52
CA THR A 672 20.39 -18.71 9.13
C THR A 672 19.43 -19.02 8.03
N ASN A 673 19.73 -18.44 6.89
CA ASN A 673 19.02 -18.66 5.66
C ASN A 673 18.99 -20.14 5.36
N GLN A 674 20.05 -20.84 5.79
CA GLN A 674 20.26 -22.25 5.56
C GLN A 674 19.95 -23.08 6.83
N LEU A 675 20.16 -22.51 8.04
CA LEU A 675 19.91 -23.24 9.29
C LEU A 675 18.46 -23.59 9.45
N GLN A 676 17.56 -22.76 8.92
CA GLN A 676 16.13 -23.04 8.98
C GLN A 676 15.74 -24.33 8.23
N TYR A 677 16.63 -24.83 7.36
CA TYR A 677 16.35 -26.04 6.62
C TYR A 677 17.14 -27.19 7.22
N LYS A 678 18.38 -26.90 7.64
CA LYS A 678 19.24 -27.92 8.21
C LYS A 678 19.87 -27.47 9.53
N PRO A 679 19.11 -27.40 10.63
CA PRO A 679 19.53 -26.92 11.95
C PRO A 679 20.80 -27.55 12.51
N TYR A 680 21.08 -28.75 12.04
CA TYR A 680 22.19 -29.58 12.48
C TYR A 680 23.36 -29.67 11.56
N SER A 681 23.31 -28.98 10.47
CA SER A 681 24.40 -29.11 9.54
C SER A 681 25.69 -28.60 10.15
N VAL A 682 26.80 -29.09 9.65
CA VAL A 682 28.08 -28.59 10.07
C VAL A 682 28.30 -27.21 9.53
N LEU A 683 28.77 -26.31 10.38
CA LEU A 683 29.03 -24.97 9.88
C LEU A 683 30.53 -24.84 9.69
N LEU A 684 30.94 -24.21 8.59
CA LEU A 684 32.35 -24.03 8.30
C LEU A 684 32.75 -22.59 7.94
N PHE A 685 33.74 -22.08 8.65
CA PHE A 685 34.24 -20.73 8.38
C PHE A 685 35.65 -20.77 7.80
N ASP A 686 35.69 -20.55 6.49
CA ASP A 686 36.91 -20.69 5.71
C ASP A 686 37.81 -19.54 6.03
N GLU A 687 39.02 -19.80 6.52
CA GLU A 687 39.96 -18.74 6.85
C GLU A 687 39.29 -17.78 7.83
N VAL A 688 38.76 -18.29 8.93
CA VAL A 688 38.02 -17.43 9.86
C VAL A 688 38.95 -16.37 10.39
N GLU A 689 40.24 -16.67 10.38
CA GLU A 689 41.26 -15.74 10.82
C GLU A 689 41.20 -14.41 10.03
N LYS A 690 40.62 -14.44 8.83
CA LYS A 690 40.48 -13.25 7.99
C LYS A 690 39.13 -12.57 8.20
N ALA A 691 38.25 -13.19 8.97
CA ALA A 691 36.95 -12.63 9.21
C ALA A 691 37.12 -11.34 9.92
N HIS A 692 36.32 -10.35 9.63
CA HIS A 692 36.45 -9.15 10.41
C HIS A 692 36.15 -9.50 11.88
N PRO A 693 36.86 -8.95 12.87
CA PRO A 693 36.60 -9.15 14.28
C PRO A 693 35.14 -8.93 14.74
N ASP A 694 34.37 -8.06 14.09
CA ASP A 694 33.00 -7.93 14.60
C ASP A 694 32.17 -9.15 14.26
N VAL A 695 32.29 -9.64 13.04
CA VAL A 695 31.51 -10.81 12.71
C VAL A 695 32.09 -12.00 13.44
N LEU A 696 33.42 -12.01 13.62
CA LEU A 696 34.05 -13.07 14.41
C LEU A 696 33.39 -13.12 15.76
N THR A 697 33.14 -11.96 16.35
CA THR A 697 32.49 -11.90 17.63
C THR A 697 31.06 -12.45 17.54
N VAL A 698 30.34 -12.14 16.49
CA VAL A 698 28.99 -12.67 16.35
C VAL A 698 29.00 -14.20 16.39
N MET A 699 30.04 -14.79 15.81
CA MET A 699 30.19 -16.23 15.77
C MET A 699 30.28 -16.86 17.18
N LEU A 700 30.42 -16.06 18.23
CA LEU A 700 30.44 -16.58 19.58
C LEU A 700 29.15 -17.31 19.88
N GLN A 701 28.07 -16.92 19.19
CA GLN A 701 26.76 -17.52 19.36
C GLN A 701 26.78 -18.98 18.94
N MET A 702 27.59 -19.30 17.96
CA MET A 702 27.68 -20.67 17.53
C MET A 702 28.41 -21.47 18.58
N LEU A 703 29.39 -20.82 19.22
CA LEU A 703 30.21 -21.53 20.19
C LEU A 703 29.48 -21.82 21.52
N ASP A 704 28.64 -20.90 21.98
CA ASP A 704 27.90 -21.13 23.23
C ASP A 704 26.66 -20.27 23.31
N ASP A 705 25.79 -20.57 24.27
CA ASP A 705 24.54 -19.84 24.44
C ASP A 705 23.88 -19.73 23.09
N GLY A 706 23.68 -20.88 22.41
CA GLY A 706 23.24 -21.03 21.00
C GLY A 706 22.03 -20.27 20.43
N ARG A 707 21.69 -19.10 20.95
CA ARG A 707 20.55 -18.36 20.43
C ARG A 707 20.91 -17.52 19.25
N ILE A 708 21.25 -18.18 18.17
CA ILE A 708 21.57 -17.46 16.97
C ILE A 708 20.31 -16.83 16.50
N THR A 709 20.37 -15.54 16.11
CA THR A 709 19.19 -14.83 15.68
C THR A 709 19.32 -14.40 14.23
N SER A 710 18.29 -13.78 13.70
CA SER A 710 18.33 -13.29 12.34
C SER A 710 18.14 -11.79 12.35
N GLY A 711 18.64 -11.11 11.32
CA GLY A 711 18.58 -9.66 11.19
C GLY A 711 17.19 -9.05 11.37
N GLN A 712 16.15 -9.81 11.08
CA GLN A 712 14.78 -9.34 11.20
C GLN A 712 14.21 -9.52 12.62
N GLY A 713 15.08 -9.85 13.59
CA GLY A 713 14.68 -9.99 15.01
C GLY A 713 14.06 -11.34 15.31
N LYS A 714 14.51 -12.36 14.60
CA LYS A 714 13.95 -13.70 14.77
C LYS A 714 14.98 -14.61 15.43
N THR A 715 14.56 -15.72 16.03
CA THR A 715 15.51 -16.63 16.68
C THR A 715 15.61 -17.98 15.97
N ILE A 716 16.84 -18.47 15.83
CA ILE A 716 17.14 -19.75 15.20
C ILE A 716 17.32 -20.86 16.22
N ASP A 717 18.22 -20.64 17.19
CA ASP A 717 18.50 -21.62 18.24
C ASP A 717 19.24 -22.88 17.73
N CYS A 718 20.56 -22.92 17.92
CA CYS A 718 21.33 -24.11 17.54
C CYS A 718 21.78 -24.90 18.75
N SER A 719 21.81 -26.21 18.60
CA SER A 719 22.23 -27.13 19.66
C SER A 719 23.04 -28.26 19.04
N ASN A 720 22.37 -29.23 18.48
CA ASN A 720 23.03 -30.37 17.86
C ASN A 720 23.50 -30.00 16.47
N CYS A 721 24.54 -29.18 16.46
CA CYS A 721 25.17 -28.56 15.29
C CYS A 721 26.67 -28.39 15.49
N ILE A 722 27.49 -29.16 14.80
CA ILE A 722 28.93 -29.02 15.03
C ILE A 722 29.51 -27.89 14.18
N VAL A 723 30.24 -27.00 14.82
CA VAL A 723 30.79 -25.84 14.13
C VAL A 723 32.31 -25.79 14.07
N ILE A 724 32.84 -25.57 12.87
CA ILE A 724 34.27 -25.46 12.63
C ILE A 724 34.77 -24.15 12.03
N MET A 725 35.78 -23.57 12.66
CA MET A 725 36.39 -22.38 12.13
C MET A 725 37.83 -22.69 11.79
N THR A 726 38.37 -22.09 10.73
CA THR A 726 39.77 -22.36 10.35
C THR A 726 40.77 -21.18 10.35
N SER A 727 42.04 -21.52 10.68
CA SER A 727 43.21 -20.60 10.73
C SER A 727 44.58 -21.26 10.47
N ASN A 728 45.51 -20.49 9.92
CA ASN A 728 46.87 -20.93 9.58
C ASN A 728 47.92 -20.46 10.60
N LEU A 729 47.47 -19.96 11.72
CA LEU A 729 48.41 -19.43 12.71
C LEU A 729 49.40 -20.45 13.26
N GLY A 730 48.97 -21.69 13.40
CA GLY A 730 49.83 -22.71 13.97
C GLY A 730 50.98 -23.08 13.04
N ALA A 731 50.92 -22.66 11.79
CA ALA A 731 51.96 -22.99 10.82
C ALA A 731 53.34 -22.56 11.28
N GLU A 732 53.42 -21.45 11.98
CA GLU A 732 54.74 -20.93 12.38
C GLU A 732 55.44 -21.79 13.41
N PHE A 733 54.68 -22.61 14.12
CA PHE A 733 55.24 -23.38 15.21
C PHE A 733 55.41 -24.80 14.74
N ILE A 734 54.52 -25.21 13.86
CA ILE A 734 54.60 -26.52 13.28
C ILE A 734 55.87 -26.60 12.46
N ASN A 735 56.16 -25.50 11.76
CA ASN A 735 57.36 -25.35 10.95
C ASN A 735 58.65 -25.30 11.79
N SER A 736 58.56 -25.45 13.13
CA SER A 736 59.74 -25.60 13.97
C SER A 736 60.35 -26.97 13.70
N GLN A 737 59.51 -27.86 13.17
CA GLN A 737 59.84 -29.24 12.85
C GLN A 737 60.38 -30.01 14.06
N GLN A 738 59.98 -29.64 15.28
CA GLN A 738 60.48 -30.37 16.45
C GLN A 738 59.62 -31.60 16.68
N GLY A 739 59.75 -32.54 15.75
CA GLY A 739 58.90 -33.72 15.65
C GLY A 739 57.79 -33.30 14.71
N SER A 740 57.19 -34.21 13.95
CA SER A 740 56.15 -33.69 13.06
C SER A 740 54.92 -33.27 13.86
N LYS A 741 54.76 -33.94 15.00
CA LYS A 741 53.67 -33.70 15.94
C LYS A 741 53.99 -32.45 16.74
N ILE A 742 53.07 -31.49 16.83
CA ILE A 742 53.40 -30.31 17.61
C ILE A 742 53.55 -30.73 19.05
N GLN A 743 54.54 -30.17 19.71
CA GLN A 743 54.86 -30.51 21.08
C GLN A 743 54.38 -29.53 22.11
N GLU A 744 54.53 -29.95 23.35
CA GLU A 744 54.19 -29.12 24.48
C GLU A 744 55.03 -27.88 24.34
N SER A 745 54.56 -26.78 24.92
CA SER A 745 55.21 -25.47 24.81
C SER A 745 55.01 -24.88 23.41
N THR A 746 55.39 -25.58 22.36
CA THR A 746 55.22 -25.00 21.04
C THR A 746 53.73 -24.82 20.75
N LYS A 747 52.89 -25.70 21.30
CA LYS A 747 51.47 -25.53 21.11
C LYS A 747 50.95 -24.29 21.84
N ASN A 748 51.70 -23.81 22.83
CA ASN A 748 51.28 -22.63 23.57
C ASN A 748 51.69 -21.41 22.76
N LEU A 749 52.77 -21.58 21.99
CA LEU A 749 53.22 -20.49 21.13
C LEU A 749 52.15 -20.30 20.08
N VAL A 750 51.53 -21.43 19.68
CA VAL A 750 50.42 -21.40 18.74
C VAL A 750 49.28 -20.66 19.40
N MET A 751 48.95 -21.01 20.64
CA MET A 751 47.87 -20.30 21.34
C MET A 751 48.17 -18.82 21.37
N GLY A 752 49.44 -18.48 21.55
CA GLY A 752 49.87 -17.09 21.54
C GLY A 752 49.46 -16.45 20.23
N ALA A 753 49.87 -17.05 19.11
CA ALA A 753 49.52 -16.52 17.79
C ALA A 753 48.02 -16.40 17.66
N VAL A 754 47.30 -17.34 18.24
CA VAL A 754 45.87 -17.30 18.18
C VAL A 754 45.34 -16.11 18.99
N ARG A 755 45.84 -15.87 20.20
CA ARG A 755 45.40 -14.71 21.00
C ARG A 755 45.68 -13.38 20.31
N GLN A 756 46.68 -13.34 19.45
CA GLN A 756 47.02 -12.13 18.71
C GLN A 756 45.97 -11.81 17.62
N HIS A 757 45.17 -12.81 17.23
CA HIS A 757 44.19 -12.65 16.17
C HIS A 757 42.74 -12.89 16.60
N PHE A 758 42.56 -13.68 17.63
CA PHE A 758 41.26 -14.06 18.14
C PHE A 758 41.12 -13.56 19.55
N ARG A 759 39.97 -12.99 19.89
CA ARG A 759 39.80 -12.52 21.24
C ARG A 759 39.68 -13.73 22.16
N PRO A 760 40.15 -13.67 23.42
CA PRO A 760 40.07 -14.73 24.39
C PRO A 760 38.63 -15.15 24.65
N GLU A 761 37.73 -14.22 24.39
CA GLU A 761 36.29 -14.34 24.54
C GLU A 761 35.73 -15.41 23.62
N PHE A 762 36.45 -15.63 22.52
CA PHE A 762 36.14 -16.59 21.49
C PHE A 762 36.84 -17.85 21.85
N LEU A 763 38.12 -17.71 22.10
CA LEU A 763 38.97 -18.86 22.27
C LEU A 763 38.61 -19.74 23.45
N ASN A 764 38.23 -19.12 24.55
CA ASN A 764 37.97 -19.89 25.74
C ASN A 764 36.64 -20.57 25.74
N ARG A 765 35.88 -20.43 24.65
CA ARG A 765 34.56 -21.03 24.55
C ARG A 765 34.49 -22.08 23.44
N ILE A 766 35.64 -22.48 22.92
CA ILE A 766 35.70 -23.47 21.86
C ILE A 766 35.78 -24.86 22.52
N SER A 767 35.03 -25.87 22.01
CA SER A 767 35.05 -27.19 22.64
C SER A 767 36.48 -27.68 22.68
N SER A 768 37.16 -27.45 21.57
CA SER A 768 38.57 -27.76 21.49
C SER A 768 39.24 -26.97 20.39
N ILE A 769 40.43 -26.53 20.68
CA ILE A 769 41.24 -25.90 19.66
C ILE A 769 42.18 -27.00 19.23
N VAL A 770 42.17 -27.29 17.96
CA VAL A 770 42.89 -28.40 17.39
C VAL A 770 44.03 -27.92 16.54
N ILE A 771 45.20 -28.51 16.73
CA ILE A 771 46.33 -28.11 15.93
C ILE A 771 46.64 -29.22 14.91
N PHE A 772 46.73 -28.81 13.65
CA PHE A 772 47.03 -29.69 12.53
C PHE A 772 48.51 -29.70 12.21
N ASN A 773 49.12 -30.85 12.49
CA ASN A 773 50.54 -31.13 12.50
C ASN A 773 51.20 -31.26 11.14
N LYS A 774 52.52 -31.28 11.16
CA LYS A 774 53.34 -31.52 9.98
C LYS A 774 53.05 -32.93 9.56
N LEU A 775 52.96 -33.18 8.26
CA LEU A 775 52.67 -34.52 7.81
C LEU A 775 54.02 -35.24 7.61
N SER A 776 55.00 -34.45 7.19
CA SER A 776 56.35 -34.92 6.92
C SER A 776 56.34 -36.06 5.91
N ARG A 777 57.51 -36.64 5.67
CA ARG A 777 57.64 -37.66 4.64
C ARG A 777 56.86 -38.93 4.92
N LYS A 778 56.79 -39.38 6.16
CA LYS A 778 56.09 -40.61 6.39
C LYS A 778 54.60 -40.46 6.11
N ALA A 779 53.98 -39.36 6.55
CA ALA A 779 52.57 -39.26 6.29
C ALA A 779 52.35 -39.06 4.84
N ILE A 780 53.17 -38.26 4.17
CA ILE A 780 52.87 -37.99 2.78
C ILE A 780 53.11 -39.19 1.90
N HIS A 781 54.02 -40.09 2.29
CA HIS A 781 54.13 -41.27 1.49
C HIS A 781 52.81 -42.03 1.60
N LYS A 782 52.26 -42.08 2.81
CA LYS A 782 51.00 -42.75 3.02
C LYS A 782 49.86 -42.00 2.33
N ILE A 783 49.89 -40.66 2.39
CA ILE A 783 48.85 -39.83 1.77
C ILE A 783 48.82 -40.06 0.31
N VAL A 784 49.97 -40.08 -0.33
CA VAL A 784 50.01 -40.32 -1.75
C VAL A 784 49.49 -41.71 -2.11
N ASP A 785 49.94 -42.74 -1.39
CA ASP A 785 49.44 -44.08 -1.72
C ASP A 785 47.92 -44.11 -1.55
N ILE A 786 47.46 -43.48 -0.47
CA ILE A 786 46.06 -43.41 -0.16
C ILE A 786 45.30 -42.57 -1.16
N ARG A 787 45.81 -41.41 -1.52
CA ARG A 787 45.10 -40.56 -2.46
C ARG A 787 44.94 -41.27 -3.77
N LEU A 788 45.96 -41.95 -4.24
CA LEU A 788 45.77 -42.64 -5.48
C LEU A 788 44.71 -43.72 -5.34
N LYS A 789 44.70 -44.43 -4.20
CA LYS A 789 43.69 -45.45 -3.94
C LYS A 789 42.29 -44.85 -3.90
N GLU A 790 42.13 -43.76 -3.15
CA GLU A 790 40.83 -43.18 -2.96
C GLU A 790 40.35 -42.60 -4.27
N ILE A 791 41.27 -42.06 -5.06
CA ILE A 791 40.88 -41.59 -6.36
C ILE A 791 40.44 -42.77 -7.20
N GLU A 792 41.19 -43.87 -7.19
CA GLU A 792 40.77 -45.02 -8.00
C GLU A 792 39.34 -45.40 -7.70
N GLU A 793 39.00 -45.46 -6.42
CA GLU A 793 37.66 -45.85 -6.04
C GLU A 793 36.58 -44.87 -6.52
N ARG A 794 36.97 -43.61 -6.74
CA ARG A 794 36.06 -42.58 -7.20
C ARG A 794 36.42 -42.05 -8.60
N PHE A 795 37.33 -42.72 -9.31
CA PHE A 795 37.78 -42.22 -10.60
C PHE A 795 36.84 -42.66 -11.69
N GLU A 796 35.67 -42.04 -11.71
CA GLU A 796 34.60 -42.46 -12.62
C GLU A 796 34.23 -43.92 -12.31
N GLN A 797 34.54 -44.85 -13.21
CA GLN A 797 34.20 -46.26 -12.97
C GLN A 797 35.43 -47.14 -12.91
N ASN A 798 35.34 -48.26 -12.22
CA ASN A 798 36.46 -49.19 -12.14
C ASN A 798 36.56 -50.07 -13.37
N ASP A 799 36.82 -49.43 -14.50
CA ASP A 799 36.98 -50.09 -15.79
C ASP A 799 38.44 -50.34 -16.13
N LYS A 800 39.31 -49.47 -15.65
CA LYS A 800 40.71 -49.52 -16.06
C LYS A 800 41.61 -50.12 -14.98
N HIS A 801 41.28 -49.84 -13.72
CA HIS A 801 42.03 -50.33 -12.56
C HIS A 801 43.48 -49.86 -12.54
N TYR A 802 44.03 -49.71 -11.36
CA TYR A 802 45.42 -49.30 -11.23
C TYR A 802 46.32 -50.34 -10.55
N LYS A 803 47.59 -50.30 -10.89
CA LYS A 803 48.62 -51.07 -10.21
C LYS A 803 49.16 -50.21 -9.08
N LEU A 804 49.37 -48.93 -9.41
CA LEU A 804 49.90 -47.91 -8.51
C LEU A 804 51.27 -48.19 -7.94
N ASN A 805 52.10 -48.96 -8.63
CA ASN A 805 53.44 -49.18 -8.11
C ASN A 805 54.29 -47.97 -8.36
N LEU A 806 54.15 -46.99 -7.48
CA LEU A 806 54.82 -45.71 -7.56
C LEU A 806 56.33 -45.85 -7.54
N THR A 807 56.80 -46.80 -6.72
CA THR A 807 58.21 -47.00 -6.48
C THR A 807 58.72 -45.72 -5.85
N GLN A 808 59.97 -45.71 -5.40
CA GLN A 808 60.47 -44.46 -4.82
C GLN A 808 60.35 -43.29 -5.80
N GLU A 809 60.48 -43.54 -7.11
CA GLU A 809 60.44 -42.44 -8.07
C GLU A 809 59.20 -41.57 -7.97
N ALA A 810 58.02 -42.17 -8.04
CA ALA A 810 56.82 -41.36 -8.03
C ALA A 810 56.44 -40.98 -6.62
N LYS A 811 56.83 -41.79 -5.63
CA LYS A 811 56.50 -41.41 -4.26
C LYS A 811 57.25 -40.12 -3.97
N ASP A 812 58.53 -40.04 -4.40
CA ASP A 812 59.29 -38.83 -4.21
C ASP A 812 58.82 -37.71 -5.08
N PHE A 813 58.42 -37.97 -6.32
CA PHE A 813 57.98 -36.85 -7.11
C PHE A 813 56.86 -36.15 -6.39
N LEU A 814 55.86 -36.91 -6.00
CA LEU A 814 54.72 -36.32 -5.35
C LEU A 814 55.12 -35.70 -3.99
N ALA A 815 56.02 -36.37 -3.27
CA ALA A 815 56.49 -35.91 -1.98
C ALA A 815 57.61 -34.84 -2.05
N LYS A 816 58.20 -34.63 -3.23
CA LYS A 816 59.33 -33.71 -3.40
C LYS A 816 58.94 -32.44 -4.11
N TYR A 817 58.16 -32.57 -5.17
CA TYR A 817 57.76 -31.41 -5.95
C TYR A 817 56.35 -31.00 -5.57
N GLY A 818 55.81 -31.70 -4.57
CA GLY A 818 54.48 -31.47 -4.06
C GLY A 818 54.49 -30.92 -2.64
N TYR A 819 54.45 -31.83 -1.68
CA TYR A 819 54.37 -31.44 -0.26
C TYR A 819 55.44 -30.52 0.28
N SER A 820 55.27 -29.24 0.07
CA SER A 820 55.96 -28.24 0.86
C SER A 820 55.26 -28.15 2.18
N ASP A 821 55.99 -27.87 3.25
CA ASP A 821 55.31 -27.67 4.52
C ASP A 821 54.23 -26.58 4.43
N ASP A 822 54.41 -25.58 3.56
CA ASP A 822 53.43 -24.48 3.51
C ASP A 822 52.35 -24.66 2.44
N MET A 823 52.34 -25.81 1.78
CA MET A 823 51.31 -26.09 0.80
C MET A 823 50.61 -27.32 1.28
N GLY A 824 51.33 -28.02 2.14
CA GLY A 824 50.88 -29.23 2.79
C GLY A 824 50.46 -30.28 1.80
N ALA A 825 49.29 -30.85 2.02
CA ALA A 825 48.79 -31.90 1.16
C ALA A 825 48.11 -31.35 -0.08
N ARG A 826 47.84 -30.04 -0.11
CA ARG A 826 47.15 -29.48 -1.26
C ARG A 826 47.81 -29.93 -2.58
N PRO A 827 49.16 -29.87 -2.72
CA PRO A 827 49.87 -30.27 -3.90
C PRO A 827 49.98 -31.76 -4.09
N LEU A 828 49.69 -32.55 -3.07
CA LEU A 828 49.84 -33.98 -3.27
C LEU A 828 48.65 -34.35 -4.12
N ASN A 829 47.52 -33.74 -3.82
CA ASN A 829 46.35 -34.05 -4.63
C ASN A 829 46.51 -33.39 -5.98
N ARG A 830 47.00 -32.15 -6.00
CA ARG A 830 47.13 -31.46 -7.29
C ARG A 830 48.12 -32.16 -8.19
N LEU A 831 49.24 -32.68 -7.70
CA LEU A 831 50.14 -33.37 -8.62
C LEU A 831 49.52 -34.69 -9.06
N ILE A 832 48.83 -35.35 -8.15
CA ILE A 832 48.17 -36.57 -8.54
C ILE A 832 47.18 -36.29 -9.64
N GLN A 833 46.42 -35.21 -9.53
CA GLN A 833 45.47 -34.93 -10.57
C GLN A 833 46.08 -34.31 -11.82
N ASN A 834 46.93 -33.31 -11.66
CA ASN A 834 47.53 -32.58 -12.77
C ASN A 834 48.45 -33.40 -13.62
N GLU A 835 49.18 -34.34 -13.01
CA GLU A 835 50.13 -35.12 -13.77
C GLU A 835 49.67 -36.56 -13.94
N ILE A 836 49.24 -37.22 -12.86
CA ILE A 836 48.89 -38.64 -13.02
C ILE A 836 47.52 -38.89 -13.59
N LEU A 837 46.48 -38.35 -12.96
CA LEU A 837 45.15 -38.65 -13.41
C LEU A 837 44.94 -38.04 -14.77
N ASN A 838 45.43 -36.81 -14.97
CA ASN A 838 45.33 -36.13 -16.25
C ASN A 838 46.05 -36.86 -17.37
N LYS A 839 47.32 -37.23 -17.20
CA LYS A 839 47.97 -37.85 -18.35
C LYS A 839 47.34 -39.20 -18.65
N LEU A 840 47.00 -39.96 -17.61
CA LEU A 840 46.39 -41.24 -17.87
C LEU A 840 45.00 -41.04 -18.46
N ALA A 841 44.27 -40.00 -18.03
CA ALA A 841 42.94 -39.72 -18.56
C ALA A 841 43.04 -39.43 -20.04
N LEU A 842 44.07 -38.71 -20.44
CA LEU A 842 44.23 -38.39 -21.84
C LEU A 842 44.46 -39.69 -22.61
N ARG A 843 45.25 -40.60 -22.03
CA ARG A 843 45.48 -41.88 -22.68
C ARG A 843 44.19 -42.70 -22.71
N ILE A 844 43.35 -42.58 -21.68
CA ILE A 844 42.06 -43.26 -21.68
C ILE A 844 41.19 -42.74 -22.81
N LEU A 845 41.16 -41.43 -23.01
CA LEU A 845 40.35 -40.82 -24.07
C LEU A 845 40.80 -41.29 -25.46
N LYS A 846 42.09 -41.60 -25.61
CA LYS A 846 42.63 -42.12 -26.85
C LYS A 846 42.45 -43.65 -26.97
N ASN A 847 41.91 -44.26 -25.90
CA ASN A 847 41.73 -45.70 -25.72
C ASN A 847 43.04 -46.47 -25.74
N GLU A 848 44.06 -45.88 -25.10
CA GLU A 848 45.38 -46.50 -24.98
C GLU A 848 45.53 -47.23 -23.66
N ILE A 849 44.48 -47.19 -22.87
CA ILE A 849 44.44 -47.84 -21.58
C ILE A 849 43.25 -48.75 -21.43
N LYS A 850 43.54 -50.00 -21.07
CA LYS A 850 42.56 -51.02 -20.80
C LYS A 850 42.70 -51.63 -19.40
N ASP A 851 43.94 -51.74 -18.88
CA ASP A 851 44.08 -52.44 -17.59
C ASP A 851 45.38 -52.16 -16.77
N LYS A 852 45.21 -51.96 -15.46
CA LYS A 852 46.27 -51.82 -14.41
C LYS A 852 47.28 -50.70 -14.60
N GLU A 853 46.80 -49.48 -14.57
CA GLU A 853 47.63 -48.30 -14.82
C GLU A 853 48.80 -48.13 -13.83
N THR A 854 49.97 -47.69 -14.32
CA THR A 854 51.12 -47.55 -13.42
C THR A 854 51.59 -46.12 -13.33
N VAL A 855 52.47 -45.87 -12.37
CA VAL A 855 53.00 -44.54 -12.12
C VAL A 855 54.55 -44.58 -12.01
N ASN A 856 55.27 -43.65 -12.65
CA ASN A 856 56.75 -43.56 -12.64
C ASN A 856 57.24 -42.16 -13.08
N VAL A 857 58.58 -41.90 -13.12
CA VAL A 857 59.01 -40.53 -13.54
C VAL A 857 60.09 -40.48 -14.63
N VAL A 858 60.27 -39.29 -15.21
CA VAL A 858 61.39 -39.02 -16.10
C VAL A 858 62.62 -38.65 -15.25
N LEU A 859 63.75 -39.29 -15.48
CA LEU A 859 64.91 -38.94 -14.68
C LEU A 859 66.17 -39.60 -15.27
N GLU A 874 63.04 -30.42 -12.35
CA GLU A 874 61.63 -30.65 -12.05
C GLU A 874 61.05 -31.48 -13.16
N GLU A 875 61.92 -31.75 -14.14
CA GLU A 875 61.60 -32.42 -15.40
C GLU A 875 60.92 -33.78 -15.26
N CYS A 876 60.89 -34.32 -14.05
CA CYS A 876 60.27 -35.59 -13.80
C CYS A 876 58.87 -35.65 -14.33
N LEU A 877 58.05 -34.67 -13.95
CA LEU A 877 56.67 -34.55 -14.41
C LEU A 877 55.89 -35.87 -14.56
N GLU A 878 56.20 -36.88 -13.73
CA GLU A 878 55.59 -38.20 -13.93
C GLU A 878 55.85 -38.70 -15.37
N VAL A 879 54.91 -38.44 -16.27
CA VAL A 879 54.91 -38.85 -17.68
C VAL A 879 54.74 -40.35 -17.79
N LEU A 880 53.50 -40.77 -17.85
CA LEU A 880 53.22 -42.18 -17.70
C LEU A 880 52.99 -42.86 -19.05
N PRO A 881 53.35 -44.15 -19.18
CA PRO A 881 53.19 -45.04 -20.33
C PRO A 881 51.76 -45.44 -20.53
N ASN A 882 51.46 -46.07 -21.66
CA ASN A 882 50.11 -46.57 -21.89
C ASN A 882 49.94 -47.93 -21.26
N HIS A 883 48.70 -48.42 -21.27
CA HIS A 883 48.38 -49.70 -20.66
C HIS A 883 47.25 -50.36 -21.43
N GLU A 884 47.45 -50.49 -22.73
CA GLU A 884 46.44 -51.02 -23.63
C GLU A 884 46.41 -52.55 -23.58
N GLU B 165 -41.92 6.23 16.03
CA GLU B 165 -40.89 7.24 15.79
C GLU B 165 -39.57 6.57 15.48
N TYR B 166 -38.77 7.17 14.61
CA TYR B 166 -37.50 6.53 14.28
C TYR B 166 -36.59 6.54 15.46
N LEU B 167 -36.75 7.52 16.33
CA LEU B 167 -35.93 7.61 17.52
C LEU B 167 -36.14 6.41 18.43
N SER B 168 -37.28 5.75 18.34
CA SER B 168 -37.50 4.60 19.19
C SER B 168 -36.86 3.34 18.60
N LYS B 169 -36.36 3.43 17.35
CA LYS B 169 -35.83 2.28 16.66
C LYS B 169 -34.33 2.36 16.40
N TYR B 170 -33.85 3.55 16.10
CA TYR B 170 -32.47 3.75 15.72
C TYR B 170 -31.72 4.61 16.71
N ALA B 171 -32.24 4.69 17.92
CA ALA B 171 -31.61 5.52 18.93
C ALA B 171 -31.96 5.04 20.31
N ILE B 172 -31.19 5.48 21.29
CA ILE B 172 -31.51 5.16 22.68
C ILE B 172 -31.78 6.40 23.48
N ASP B 173 -32.91 6.42 24.17
CA ASP B 173 -33.21 7.62 24.93
C ASP B 173 -32.36 7.66 26.17
N MET B 174 -31.23 8.36 26.06
CA MET B 174 -30.24 8.38 27.13
C MET B 174 -30.78 9.08 28.32
N THR B 175 -31.65 10.06 28.04
CA THR B 175 -32.30 10.76 29.12
C THR B 175 -33.11 9.77 29.90
N GLU B 176 -33.83 8.88 29.23
CA GLU B 176 -34.62 7.95 29.99
C GLU B 176 -33.73 7.01 30.78
N GLN B 177 -32.62 6.57 30.21
CA GLN B 177 -31.80 5.67 31.01
C GLN B 177 -31.32 6.39 32.26
N ALA B 178 -30.99 7.69 32.12
CA ALA B 178 -30.59 8.47 33.27
C ALA B 178 -31.76 8.61 34.24
N ARG B 179 -32.96 8.82 33.71
CA ARG B 179 -34.19 8.97 34.49
C ARG B 179 -34.45 7.73 35.33
N GLN B 180 -34.10 6.58 34.78
CA GLN B 180 -34.29 5.34 35.47
C GLN B 180 -33.15 4.97 36.40
N GLY B 181 -32.13 5.80 36.48
CA GLY B 181 -31.01 5.52 37.37
C GLY B 181 -30.09 4.41 36.86
N LYS B 182 -30.12 4.15 35.56
CA LYS B 182 -29.36 3.05 35.00
C LYS B 182 -27.93 3.40 34.62
N LEU B 183 -27.59 4.67 34.70
CA LEU B 183 -26.26 5.13 34.30
C LEU B 183 -25.39 5.50 35.49
N ASP B 184 -24.12 5.25 35.37
CA ASP B 184 -23.16 5.63 36.39
C ASP B 184 -23.06 7.14 36.47
N PRO B 185 -22.82 7.72 37.63
CA PRO B 185 -22.67 9.14 37.81
C PRO B 185 -21.36 9.66 37.28
N VAL B 186 -21.37 10.93 36.90
CA VAL B 186 -20.14 11.56 36.58
C VAL B 186 -19.64 12.33 37.76
N ILE B 187 -18.44 12.02 38.12
CA ILE B 187 -17.85 12.58 39.27
C ILE B 187 -16.99 13.74 38.85
N GLY B 188 -17.38 14.92 39.25
CA GLY B 188 -16.66 16.09 38.81
C GLY B 188 -16.77 16.31 37.30
N ARG B 189 -15.63 16.51 36.64
CA ARG B 189 -15.53 16.78 35.20
C ARG B 189 -16.37 18.00 34.90
N GLU B 190 -16.39 18.93 35.83
CA GLU B 190 -17.20 20.10 35.66
C GLU B 190 -16.73 20.95 34.51
N GLU B 191 -15.43 21.06 34.30
CA GLU B 191 -14.98 21.88 33.20
C GLU B 191 -15.45 21.30 31.88
N GLU B 192 -15.41 19.98 31.75
CA GLU B 192 -15.84 19.39 30.51
C GLU B 192 -17.35 19.52 30.36
N ILE B 193 -18.10 19.30 31.42
CA ILE B 193 -19.54 19.40 31.31
C ILE B 193 -19.92 20.81 30.94
N ARG B 194 -19.34 21.80 31.62
CA ARG B 194 -19.65 23.19 31.33
C ARG B 194 -19.33 23.54 29.90
N SER B 195 -18.26 22.99 29.39
CA SER B 195 -17.91 23.31 28.03
C SER B 195 -18.97 22.77 27.10
N THR B 196 -19.47 21.55 27.35
CA THR B 196 -20.47 21.02 26.43
C THR B 196 -21.75 21.81 26.57
N ILE B 197 -22.05 22.29 27.76
CA ILE B 197 -23.25 23.05 27.90
C ILE B 197 -23.15 24.34 27.16
N ARG B 198 -22.03 25.04 27.29
CA ARG B 198 -21.94 26.29 26.58
C ARG B 198 -22.07 26.06 25.11
N VAL B 199 -21.47 25.01 24.59
CA VAL B 199 -21.59 24.81 23.17
C VAL B 199 -23.03 24.51 22.78
N LEU B 200 -23.70 23.66 23.54
CA LEU B 200 -25.08 23.35 23.23
C LEU B 200 -25.94 24.60 23.28
N ALA B 201 -25.59 25.53 24.14
CA ALA B 201 -26.33 26.76 24.30
C ALA B 201 -26.05 27.80 23.18
N ARG B 202 -25.19 27.48 22.22
CA ARG B 202 -24.87 28.40 21.12
C ARG B 202 -26.03 28.67 20.18
N ARG B 203 -25.99 29.83 19.52
CA ARG B 203 -26.99 30.17 18.52
C ARG B 203 -26.86 29.27 17.31
N ILE B 204 -25.63 29.10 16.82
CA ILE B 204 -25.44 28.28 15.62
C ILE B 204 -24.38 27.23 15.82
N LYS B 205 -24.46 26.16 15.06
CA LYS B 205 -23.44 25.12 15.13
C LYS B 205 -23.20 24.65 16.54
N SER B 206 -24.26 24.44 17.27
CA SER B 206 -24.19 24.04 18.66
C SER B 206 -23.91 22.58 18.84
N ASN B 207 -22.77 22.16 18.34
CA ASN B 207 -22.43 20.75 18.29
C ASN B 207 -21.08 20.41 18.92
N PRO B 208 -20.98 20.20 20.22
CA PRO B 208 -19.73 19.92 20.87
C PRO B 208 -19.30 18.54 20.50
N CYS B 209 -18.02 18.29 20.58
CA CYS B 209 -17.53 16.95 20.38
C CYS B 209 -16.42 16.62 21.33
N LEU B 210 -16.53 15.51 22.00
CA LEU B 210 -15.48 15.24 22.96
C LEU B 210 -14.34 14.48 22.35
N ILE B 211 -13.16 15.06 22.42
CA ILE B 211 -11.99 14.46 21.84
C ILE B 211 -10.99 14.10 22.91
N GLY B 212 -10.44 12.90 22.84
CA GLY B 212 -9.44 12.52 23.83
C GLY B 212 -9.07 11.07 23.68
N GLU B 213 -8.22 10.55 24.55
CA GLU B 213 -7.86 9.14 24.43
C GLU B 213 -9.05 8.29 24.79
N PRO B 214 -9.13 7.06 24.33
CA PRO B 214 -10.16 6.15 24.72
C PRO B 214 -9.90 5.77 26.14
N GLY B 215 -10.97 5.58 26.89
CA GLY B 215 -10.82 5.18 28.27
C GLY B 215 -10.65 6.36 29.25
N ILE B 216 -11.04 7.56 28.87
CA ILE B 216 -10.88 8.68 29.78
C ILE B 216 -12.20 9.24 30.29
N GLY B 217 -13.31 8.63 29.90
CA GLY B 217 -14.60 9.08 30.39
C GLY B 217 -15.36 9.95 29.43
N LYS B 218 -15.01 9.99 28.16
CA LYS B 218 -15.77 10.85 27.28
C LYS B 218 -17.23 10.48 27.27
N THR B 219 -17.54 9.23 26.96
CA THR B 219 -18.94 8.86 26.92
C THR B 219 -19.54 9.13 28.28
N ALA B 220 -18.81 8.77 29.32
CA ALA B 220 -19.36 8.99 30.65
C ALA B 220 -19.73 10.46 30.83
N ILE B 221 -18.92 11.39 30.33
CA ILE B 221 -19.25 12.80 30.48
C ILE B 221 -20.56 13.14 29.83
N ILE B 222 -20.81 12.58 28.68
CA ILE B 222 -22.08 12.88 28.07
C ILE B 222 -23.21 12.28 28.86
N GLU B 223 -23.03 11.08 29.37
CA GLU B 223 -24.08 10.53 30.20
C GLU B 223 -24.23 11.46 31.41
N GLY B 224 -23.13 12.05 31.84
CA GLY B 224 -23.11 13.01 32.92
C GLY B 224 -24.03 14.16 32.59
N VAL B 225 -23.84 14.80 31.44
CA VAL B 225 -24.73 15.91 31.17
C VAL B 225 -26.16 15.42 31.10
N ALA B 226 -26.39 14.18 30.65
CA ALA B 226 -27.77 13.73 30.63
C ALA B 226 -28.32 13.81 32.02
N GLN B 227 -27.53 13.44 33.01
CA GLN B 227 -28.02 13.48 34.37
C GLN B 227 -28.25 14.93 34.81
N ARG B 228 -27.42 15.85 34.35
CA ARG B 228 -27.63 17.24 34.74
C ARG B 228 -28.97 17.69 34.17
N ILE B 229 -29.30 17.21 32.99
CA ILE B 229 -30.57 17.53 32.38
C ILE B 229 -31.69 16.91 33.19
N ILE B 230 -31.56 15.65 33.59
CA ILE B 230 -32.57 14.99 34.40
C ILE B 230 -32.98 15.77 35.62
N ASP B 231 -32.00 16.36 36.27
CA ASP B 231 -32.20 17.12 37.48
C ASP B 231 -32.26 18.64 37.29
N ASP B 232 -32.39 19.11 36.05
CA ASP B 232 -32.47 20.53 35.71
C ASP B 232 -31.33 21.40 36.25
N ASP B 233 -30.10 20.92 36.15
CA ASP B 233 -28.90 21.66 36.58
C ASP B 233 -28.19 22.27 35.38
N VAL B 234 -28.99 22.55 34.38
CA VAL B 234 -28.59 23.06 33.09
C VAL B 234 -29.41 24.31 32.73
N PRO B 235 -29.01 25.08 31.71
CA PRO B 235 -29.72 26.20 31.14
C PRO B 235 -31.08 25.78 30.70
N THR B 236 -31.98 26.72 30.57
CA THR B 236 -33.35 26.41 30.19
C THR B 236 -33.45 25.76 28.82
N ILE B 237 -32.47 26.06 27.98
CA ILE B 237 -32.41 25.46 26.66
C ILE B 237 -32.30 23.96 26.86
N LEU B 238 -31.46 23.57 27.81
CA LEU B 238 -31.23 22.18 28.07
C LEU B 238 -32.26 21.58 29.02
N GLN B 239 -32.91 22.39 29.84
CA GLN B 239 -33.86 21.82 30.80
C GLN B 239 -34.97 21.10 30.08
N GLY B 240 -35.37 21.63 28.94
CA GLY B 240 -36.44 20.97 28.20
C GLY B 240 -35.92 19.84 27.28
N ALA B 241 -34.64 19.50 27.38
CA ALA B 241 -34.06 18.56 26.45
C ALA B 241 -34.31 17.09 26.69
N LYS B 242 -34.35 16.36 25.59
CA LYS B 242 -34.30 14.91 25.59
C LYS B 242 -33.11 14.47 24.74
N LEU B 243 -32.24 13.65 25.33
CA LEU B 243 -31.04 13.18 24.69
C LEU B 243 -31.12 11.75 24.21
N PHE B 244 -30.87 11.58 22.93
CA PHE B 244 -30.87 10.27 22.32
C PHE B 244 -29.51 9.90 21.82
N SER B 245 -29.09 8.65 21.94
CA SER B 245 -27.84 8.30 21.29
C SER B 245 -28.21 7.82 19.92
N LEU B 246 -27.33 7.90 18.95
CA LEU B 246 -27.63 7.39 17.62
C LEU B 246 -27.10 5.98 17.45
N ASP B 247 -27.94 5.06 17.10
CA ASP B 247 -27.49 3.70 16.90
C ASP B 247 -26.80 3.62 15.54
N LEU B 248 -25.79 2.77 15.42
CA LEU B 248 -25.16 2.56 14.13
C LEU B 248 -26.12 1.93 13.15
N ALA B 249 -27.16 1.28 13.68
CA ALA B 249 -28.23 0.61 12.95
C ALA B 249 -28.87 1.52 11.94
N ALA B 250 -28.79 2.85 12.15
CA ALA B 250 -29.39 3.72 11.17
C ALA B 250 -28.84 3.33 9.81
N LEU B 251 -27.55 2.97 9.76
CA LEU B 251 -26.88 2.56 8.54
C LEU B 251 -26.70 1.05 8.50
N THR B 252 -26.33 0.47 9.63
CA THR B 252 -25.95 -0.93 9.65
C THR B 252 -27.14 -1.86 9.50
N ALA B 253 -28.36 -1.33 9.58
CA ALA B 253 -29.54 -2.14 9.33
C ALA B 253 -29.60 -2.55 7.85
N GLY B 254 -28.74 -1.98 6.99
CA GLY B 254 -28.67 -2.39 5.59
C GLY B 254 -29.04 -1.29 4.61
N ALA B 255 -28.47 -1.37 3.40
CA ALA B 255 -28.72 -0.41 2.34
C ALA B 255 -29.21 -1.12 1.07
N LYS B 256 -29.84 -2.26 1.26
CA LYS B 256 -30.45 -2.94 0.16
C LYS B 256 -31.51 -1.95 -0.19
N TYR B 257 -31.94 -1.84 -1.42
CA TYR B 257 -32.90 -0.82 -1.75
C TYR B 257 -32.13 0.49 -1.61
N LYS B 258 -31.36 0.79 -2.63
CA LYS B 258 -30.44 1.90 -2.55
C LYS B 258 -31.09 3.15 -2.01
N GLY B 259 -30.41 3.76 -1.07
CA GLY B 259 -30.92 4.97 -0.45
C GLY B 259 -31.77 4.64 0.78
N ASP B 260 -31.96 3.38 1.09
CA ASP B 260 -32.78 3.05 2.25
C ASP B 260 -32.20 3.66 3.50
N PHE B 261 -30.93 3.45 3.80
CA PHE B 261 -30.52 4.04 5.06
C PHE B 261 -30.46 5.54 4.96
N GLU B 262 -30.32 6.07 3.75
CA GLU B 262 -30.18 7.50 3.66
C GLU B 262 -31.49 8.09 4.09
N GLU B 263 -32.57 7.43 3.69
CA GLU B 263 -33.90 7.85 4.05
C GLU B 263 -34.15 7.61 5.52
N ARG B 264 -33.70 6.48 6.07
CA ARG B 264 -33.95 6.27 7.47
C ARG B 264 -33.30 7.36 8.29
N PHE B 265 -32.09 7.72 7.90
CA PHE B 265 -31.35 8.70 8.62
C PHE B 265 -31.97 10.06 8.39
N LYS B 266 -32.34 10.37 7.17
CA LYS B 266 -32.96 11.66 6.94
C LYS B 266 -34.20 11.75 7.80
N GLY B 267 -34.94 10.65 7.86
CA GLY B 267 -36.16 10.50 8.62
C GLY B 267 -35.94 10.81 10.08
N VAL B 268 -34.98 10.16 10.72
CA VAL B 268 -34.86 10.43 12.13
C VAL B 268 -34.43 11.85 12.36
N LEU B 269 -33.64 12.40 11.47
CA LEU B 269 -33.22 13.75 11.71
C LEU B 269 -34.40 14.68 11.59
N LYS B 270 -35.30 14.37 10.67
CA LYS B 270 -36.48 15.18 10.51
C LYS B 270 -37.23 15.20 11.81
N GLU B 271 -37.43 14.02 12.40
CA GLU B 271 -38.18 13.91 13.64
C GLU B 271 -37.48 14.66 14.77
N ILE B 272 -36.15 14.64 14.78
CA ILE B 272 -35.40 15.36 15.79
C ILE B 272 -35.60 16.86 15.68
N GLU B 273 -35.55 17.41 14.48
CA GLU B 273 -35.76 18.86 14.34
C GLU B 273 -37.22 19.23 14.54
N GLU B 274 -38.10 18.40 14.03
CA GLU B 274 -39.53 18.65 14.06
C GLU B 274 -40.17 18.82 15.43
N SER B 275 -40.15 20.06 15.94
CA SER B 275 -41.05 20.53 17.02
C SER B 275 -40.95 19.98 18.44
N LYS B 276 -40.75 18.68 18.57
CA LYS B 276 -40.88 18.01 19.85
C LYS B 276 -39.77 18.33 20.83
N THR B 277 -39.91 19.51 21.46
CA THR B 277 -38.99 20.14 22.40
C THR B 277 -37.57 20.03 21.87
N LEU B 278 -36.61 20.35 22.71
CA LEU B 278 -35.25 20.26 22.27
C LEU B 278 -34.73 18.84 22.30
N ILE B 279 -34.37 18.36 21.14
CA ILE B 279 -33.86 17.04 21.04
C ILE B 279 -32.40 17.13 20.76
N VAL B 280 -31.63 16.43 21.54
CA VAL B 280 -30.19 16.46 21.36
C VAL B 280 -29.79 15.09 20.96
N LEU B 281 -28.96 15.00 19.94
CA LEU B 281 -28.54 13.70 19.47
C LEU B 281 -27.08 13.45 19.79
N PHE B 282 -26.79 12.37 20.46
CA PHE B 282 -25.43 11.96 20.77
C PHE B 282 -25.00 10.91 19.82
N ILE B 283 -23.93 11.14 19.13
CA ILE B 283 -23.48 10.14 18.21
C ILE B 283 -22.18 9.63 18.68
N ASP B 284 -22.18 8.44 19.23
CA ASP B 284 -20.96 7.93 19.75
C ASP B 284 -20.14 7.55 18.57
N GLU B 285 -18.86 7.35 18.79
CA GLU B 285 -17.99 6.95 17.71
C GLU B 285 -18.24 7.83 16.49
N ILE B 286 -18.19 9.15 16.68
CA ILE B 286 -18.56 10.07 15.60
C ILE B 286 -17.85 9.88 14.27
N HIS B 287 -16.66 9.30 14.28
CA HIS B 287 -15.93 9.02 13.05
C HIS B 287 -16.65 7.97 12.20
N MET B 288 -17.65 7.34 12.77
CA MET B 288 -18.47 6.36 12.13
C MET B 288 -19.08 6.95 10.87
N LEU B 289 -19.35 8.25 10.89
CA LEU B 289 -19.95 8.90 9.75
C LEU B 289 -18.96 9.53 8.77
N MET B 290 -17.68 9.11 8.76
CA MET B 290 -16.74 9.67 7.77
C MET B 290 -17.23 9.37 6.37
N GLY B 291 -17.59 8.11 6.11
CA GLY B 291 -18.17 7.70 4.85
C GLY B 291 -17.16 7.32 3.78
N ASN B 292 -17.43 6.27 3.03
CA ASN B 292 -16.49 5.87 2.01
C ASN B 292 -16.59 6.81 0.84
N GLY B 293 -15.78 7.84 0.88
CA GLY B 293 -15.83 8.90 -0.12
C GLY B 293 -17.00 9.77 0.22
N LYS B 294 -17.24 9.90 1.52
CA LYS B 294 -18.39 10.61 2.07
C LYS B 294 -19.53 9.73 1.62
N ASP B 295 -20.48 10.20 0.82
CA ASP B 295 -21.59 9.39 0.26
C ASP B 295 -22.40 8.51 1.23
N ASP B 296 -21.79 7.57 1.93
CA ASP B 296 -22.45 6.81 3.01
C ASP B 296 -22.64 7.76 4.18
N ALA B 297 -21.72 8.69 4.31
CA ALA B 297 -21.89 9.72 5.33
C ALA B 297 -23.15 10.45 4.97
N ALA B 298 -23.27 10.56 3.65
CA ALA B 298 -24.31 11.20 2.87
C ALA B 298 -24.45 12.65 3.21
N ASN B 299 -23.54 13.15 4.03
CA ASN B 299 -23.56 14.49 4.49
C ASN B 299 -24.95 14.87 4.96
N ILE B 300 -25.71 13.93 5.46
CA ILE B 300 -27.07 14.26 5.82
C ILE B 300 -27.11 15.24 6.96
N LEU B 301 -26.24 15.06 7.90
CA LEU B 301 -26.17 16.00 9.01
C LEU B 301 -25.52 17.30 8.58
N LYS B 302 -24.83 17.32 7.46
CA LYS B 302 -24.03 18.48 7.17
C LYS B 302 -24.82 19.78 7.06
N PRO B 303 -25.77 19.95 6.14
CA PRO B 303 -26.45 21.20 6.05
C PRO B 303 -27.33 21.40 7.27
N ALA B 304 -27.74 20.33 7.90
CA ALA B 304 -28.61 20.52 9.03
C ALA B 304 -27.88 21.18 10.17
N LEU B 305 -26.67 20.71 10.41
CA LEU B 305 -25.90 21.26 11.49
C LEU B 305 -25.51 22.70 11.17
N SER B 306 -25.36 23.01 9.88
CA SER B 306 -24.97 24.35 9.48
C SER B 306 -26.07 25.38 9.75
N ARG B 307 -27.27 24.93 10.10
CA ARG B 307 -28.36 25.86 10.36
C ARG B 307 -28.64 25.96 11.85
N GLY B 308 -27.82 25.29 12.65
CA GLY B 308 -27.97 25.32 14.08
C GLY B 308 -29.05 24.38 14.55
N GLN B 309 -29.42 23.42 13.72
CA GLN B 309 -30.47 22.51 14.08
C GLN B 309 -29.86 21.19 14.47
N LEU B 310 -30.64 20.29 15.06
CA LEU B 310 -30.13 18.99 15.44
C LEU B 310 -28.95 19.10 16.35
N LYS B 311 -29.06 19.71 17.50
CA LYS B 311 -27.84 19.79 18.29
C LYS B 311 -27.22 18.40 18.38
N VAL B 312 -25.96 18.26 17.98
CA VAL B 312 -25.28 16.97 18.02
C VAL B 312 -24.07 16.96 18.88
N ILE B 313 -24.01 15.97 19.72
CA ILE B 313 -22.86 15.79 20.56
C ILE B 313 -22.04 14.65 20.01
N GLY B 314 -20.79 14.91 19.68
CA GLY B 314 -19.98 13.81 19.16
C GLY B 314 -18.99 13.34 20.21
N ALA B 315 -18.26 12.30 19.88
CA ALA B 315 -17.19 11.80 20.73
C ALA B 315 -16.31 10.82 19.97
N THR B 316 -14.99 11.00 20.04
CA THR B 316 -14.08 10.04 19.41
C THR B 316 -12.63 10.20 19.90
N THR B 317 -11.77 9.31 19.42
CA THR B 317 -10.35 9.26 19.78
C THR B 317 -9.50 10.28 19.11
N ASN B 318 -8.57 10.85 19.84
CA ASN B 318 -7.61 11.75 19.25
C ASN B 318 -7.25 11.40 17.79
N ASN B 319 -6.66 10.23 17.52
CA ASN B 319 -6.32 9.94 16.13
C ASN B 319 -7.53 9.63 15.23
N GLU B 320 -8.66 9.22 15.81
CA GLU B 320 -9.80 8.98 14.94
C GLU B 320 -10.21 10.31 14.41
N TYR B 321 -10.20 11.28 15.29
CA TYR B 321 -10.58 12.61 14.96
C TYR B 321 -9.70 13.05 13.85
N ARG B 322 -8.41 12.86 14.01
CA ARG B 322 -7.46 13.21 12.97
C ARG B 322 -7.88 12.60 11.63
N SER B 323 -8.22 11.31 11.61
CA SER B 323 -8.63 10.71 10.35
C SER B 323 -9.96 11.27 9.83
N ILE B 324 -10.75 11.94 10.68
CA ILE B 324 -11.99 12.53 10.22
C ILE B 324 -11.74 13.89 9.66
N VAL B 325 -11.23 14.74 10.51
CA VAL B 325 -11.22 16.12 10.12
C VAL B 325 -10.22 16.38 9.04
N GLU B 326 -9.14 15.62 9.01
CA GLU B 326 -8.14 15.91 8.03
C GLU B 326 -8.46 15.24 6.70
N LYS B 327 -9.59 14.53 6.65
CA LYS B 327 -10.05 13.89 5.46
C LYS B 327 -11.42 14.42 5.15
N ASP B 328 -11.78 15.54 5.80
CA ASP B 328 -13.10 16.10 5.61
C ASP B 328 -13.17 17.61 5.59
N GLY B 329 -12.60 18.29 6.57
CA GLY B 329 -12.73 19.73 6.61
C GLY B 329 -14.07 20.17 7.21
N ALA B 330 -15.16 19.75 6.60
CA ALA B 330 -16.47 20.11 7.08
C ALA B 330 -16.67 19.66 8.53
N PHE B 331 -16.14 18.53 8.93
CA PHE B 331 -16.32 18.12 10.32
C PHE B 331 -15.82 19.20 11.25
N GLU B 332 -14.63 19.72 10.97
CA GLU B 332 -14.02 20.72 11.81
C GLU B 332 -14.90 21.94 11.84
N ARG B 333 -15.60 22.19 10.75
CA ARG B 333 -16.48 23.35 10.72
C ARG B 333 -17.76 23.06 11.51
N ARG B 334 -18.26 21.84 11.39
CA ARG B 334 -19.51 21.49 12.05
C ARG B 334 -19.43 21.28 13.57
N PHE B 335 -18.30 20.84 14.08
CA PHE B 335 -18.22 20.59 15.52
C PHE B 335 -17.20 21.38 16.29
N GLN B 336 -17.52 21.63 17.54
CA GLN B 336 -16.57 22.29 18.42
C GLN B 336 -15.90 21.28 19.29
N LYS B 337 -14.65 20.97 18.98
CA LYS B 337 -14.02 19.97 19.80
C LYS B 337 -13.80 20.51 21.19
N ILE B 338 -13.93 19.65 22.15
CA ILE B 338 -13.62 19.93 23.52
C ILE B 338 -12.68 18.86 24.00
N GLU B 339 -11.51 19.21 24.47
CA GLU B 339 -10.65 18.15 24.92
C GLU B 339 -11.13 17.64 26.23
N VAL B 340 -11.13 16.34 26.39
CA VAL B 340 -11.43 15.76 27.67
C VAL B 340 -10.15 15.35 28.34
N ALA B 341 -9.92 15.84 29.53
CA ALA B 341 -8.67 15.54 30.21
C ALA B 341 -8.67 14.17 30.79
N GLU B 342 -7.48 13.62 31.00
CA GLU B 342 -7.40 12.42 31.78
C GLU B 342 -7.30 12.88 33.22
N PRO B 343 -8.13 12.43 34.15
CA PRO B 343 -8.10 12.81 35.54
C PRO B 343 -6.79 12.46 36.20
N SER B 344 -6.40 13.25 37.19
CA SER B 344 -5.20 12.99 37.96
C SER B 344 -5.41 11.80 38.83
N VAL B 345 -4.38 11.32 39.48
CA VAL B 345 -4.58 10.19 40.36
C VAL B 345 -5.56 10.56 41.46
N ARG B 346 -5.38 11.73 42.03
CA ARG B 346 -6.28 12.15 43.09
C ARG B 346 -7.72 12.18 42.60
N GLN B 347 -7.92 12.72 41.41
CA GLN B 347 -9.26 12.76 40.86
C GLN B 347 -9.77 11.36 40.60
N THR B 348 -8.88 10.50 40.15
CA THR B 348 -9.24 9.15 39.83
C THR B 348 -9.80 8.50 41.05
N VAL B 349 -9.16 8.71 42.20
CA VAL B 349 -9.69 8.10 43.40
C VAL B 349 -11.06 8.64 43.68
N ALA B 350 -11.24 9.95 43.53
CA ALA B 350 -12.56 10.48 43.78
C ALA B 350 -13.58 9.83 42.86
N ILE B 351 -13.19 9.58 41.61
CA ILE B 351 -14.09 8.94 40.68
C ILE B 351 -14.40 7.55 41.15
N LEU B 352 -13.39 6.81 41.55
CA LEU B 352 -13.65 5.45 41.93
C LEU B 352 -14.59 5.44 43.09
N ARG B 353 -14.38 6.35 44.03
CA ARG B 353 -15.18 6.43 45.23
C ARG B 353 -16.62 6.68 44.86
N GLY B 354 -16.83 7.60 43.93
CA GLY B 354 -18.17 7.91 43.47
C GLY B 354 -18.85 6.70 42.85
N LEU B 355 -18.08 5.85 42.21
CA LEU B 355 -18.62 4.68 41.55
C LEU B 355 -18.66 3.48 42.47
N GLN B 356 -17.91 3.54 43.54
CA GLN B 356 -17.81 2.44 44.47
C GLN B 356 -19.11 1.73 44.79
N PRO B 357 -20.21 2.40 45.16
CA PRO B 357 -21.43 1.72 45.50
C PRO B 357 -22.02 0.97 44.33
N LYS B 358 -21.68 1.33 43.10
CA LYS B 358 -22.27 0.60 42.00
C LYS B 358 -21.63 -0.77 41.95
N TYR B 359 -20.36 -0.79 42.28
CA TYR B 359 -19.62 -2.05 42.24
C TYR B 359 -19.96 -2.87 43.43
N GLU B 360 -20.10 -2.21 44.58
CA GLU B 360 -20.40 -2.97 45.77
C GLU B 360 -21.72 -3.67 45.60
N ILE B 361 -22.71 -2.97 45.03
CA ILE B 361 -24.01 -3.55 44.81
C ILE B 361 -23.99 -4.66 43.81
N HIS B 362 -23.32 -4.43 42.69
CA HIS B 362 -23.28 -5.44 41.65
C HIS B 362 -22.64 -6.71 42.13
N HIS B 363 -21.46 -6.59 42.71
CA HIS B 363 -20.70 -7.74 43.15
C HIS B 363 -21.10 -8.31 44.51
N GLY B 364 -21.75 -7.52 45.35
CA GLY B 364 -22.10 -8.03 46.66
C GLY B 364 -20.89 -8.04 47.57
N VAL B 365 -20.06 -7.01 47.44
CA VAL B 365 -18.83 -6.92 48.21
C VAL B 365 -18.71 -5.57 48.87
N ARG B 366 -17.83 -5.46 49.86
CA ARG B 366 -17.53 -4.14 50.41
C ARG B 366 -16.20 -3.67 49.90
N ILE B 367 -16.09 -2.40 49.55
CA ILE B 367 -14.81 -1.86 49.10
C ILE B 367 -14.28 -0.85 50.10
N LEU B 368 -13.06 -1.01 50.54
CA LEU B 368 -12.51 -0.07 51.49
C LEU B 368 -11.85 1.10 50.80
N ASP B 369 -11.76 2.25 51.46
CA ASP B 369 -11.14 3.38 50.77
C ASP B 369 -9.71 3.12 50.36
N SER B 370 -8.97 2.32 51.13
CA SER B 370 -7.59 2.11 50.74
C SER B 370 -7.55 1.36 49.42
N ALA B 371 -8.61 0.61 49.12
CA ALA B 371 -8.67 -0.14 47.90
C ALA B 371 -8.78 0.81 46.76
N LEU B 372 -9.57 1.84 46.96
CA LEU B 372 -9.79 2.77 45.88
C LEU B 372 -8.48 3.45 45.57
N VAL B 373 -7.79 3.81 46.63
CA VAL B 373 -6.54 4.49 46.47
C VAL B 373 -5.55 3.59 45.81
N THR B 374 -5.50 2.36 46.27
CA THR B 374 -4.59 1.41 45.72
C THR B 374 -4.81 1.26 44.24
N ALA B 375 -6.05 1.12 43.80
CA ALA B 375 -6.24 0.95 42.39
C ALA B 375 -5.74 2.15 41.62
N ALA B 376 -6.02 3.35 42.09
CA ALA B 376 -5.55 4.52 41.33
C ALA B 376 -4.03 4.58 41.29
N GLN B 377 -3.39 4.24 42.40
CA GLN B 377 -1.94 4.32 42.43
C GLN B 377 -1.31 3.28 41.54
N LEU B 378 -1.81 2.06 41.63
CA LEU B 378 -1.22 1.00 40.87
C LEU B 378 -1.47 1.21 39.43
N ALA B 379 -2.64 1.71 39.10
CA ALA B 379 -2.95 1.90 37.72
C ALA B 379 -2.01 2.88 37.06
N LYS B 380 -1.75 4.02 37.68
CA LYS B 380 -0.87 4.95 37.03
C LYS B 380 0.50 4.36 36.79
N ARG B 381 0.99 3.62 37.77
CA ARG B 381 2.33 3.08 37.67
C ARG B 381 2.46 1.81 36.85
N TYR B 382 1.49 0.92 36.90
CA TYR B 382 1.63 -0.37 36.26
C TYR B 382 0.76 -0.66 35.05
N LEU B 383 -0.11 0.26 34.68
CA LEU B 383 -0.93 0.03 33.49
C LEU B 383 -0.80 1.19 32.52
N PRO B 384 0.40 1.47 32.01
CA PRO B 384 0.71 2.64 31.22
C PRO B 384 0.00 2.70 29.90
N TYR B 385 -0.59 1.59 29.48
CA TYR B 385 -1.26 1.56 28.20
C TYR B 385 -2.74 1.75 28.31
N ARG B 386 -3.20 2.08 29.49
CA ARG B 386 -4.60 2.32 29.66
C ARG B 386 -4.82 3.49 30.60
N ARG B 387 -5.67 4.40 30.18
CA ARG B 387 -5.88 5.64 30.91
C ARG B 387 -6.53 5.40 32.26
N LEU B 388 -6.25 6.28 33.22
CA LEU B 388 -6.68 6.07 34.60
C LEU B 388 -8.14 5.77 34.85
N PRO B 389 -9.13 6.48 34.31
CA PRO B 389 -10.51 6.13 34.52
C PRO B 389 -10.79 4.67 34.26
N ASP B 390 -10.10 4.03 33.33
CA ASP B 390 -10.37 2.62 33.14
C ASP B 390 -9.47 1.79 33.94
N SER B 391 -8.21 2.13 33.94
CA SER B 391 -7.27 1.25 34.58
C SER B 391 -7.59 1.11 36.04
N ALA B 392 -7.91 2.20 36.69
CA ALA B 392 -8.23 2.09 38.08
C ALA B 392 -9.51 1.26 38.26
N LEU B 393 -10.50 1.48 37.41
CA LEU B 393 -11.71 0.68 37.56
C LEU B 393 -11.50 -0.75 37.25
N ASP B 394 -10.63 -1.06 36.33
CA ASP B 394 -10.39 -2.43 35.99
C ASP B 394 -9.84 -3.12 37.20
N LEU B 395 -8.94 -2.47 37.91
CA LEU B 395 -8.42 -3.10 39.08
C LEU B 395 -9.50 -3.27 40.14
N VAL B 396 -10.37 -2.29 40.32
CA VAL B 396 -11.40 -2.46 41.32
C VAL B 396 -12.40 -3.52 40.93
N ASP B 397 -12.89 -3.43 39.72
CA ASP B 397 -13.93 -4.29 39.20
C ASP B 397 -13.42 -5.71 39.20
N ILE B 398 -12.24 -5.93 38.64
CA ILE B 398 -11.71 -7.28 38.60
C ILE B 398 -11.47 -7.80 40.01
N SER B 399 -10.93 -6.98 40.90
CA SER B 399 -10.72 -7.46 42.25
C SER B 399 -12.04 -7.89 42.87
N CYS B 400 -13.08 -7.09 42.65
CA CYS B 400 -14.37 -7.41 43.19
C CYS B 400 -14.88 -8.71 42.58
N ALA B 401 -14.66 -8.86 41.27
CA ALA B 401 -15.07 -10.08 40.61
C ALA B 401 -14.33 -11.23 41.26
N GLY B 402 -13.07 -11.01 41.60
CA GLY B 402 -12.28 -12.05 42.22
C GLY B 402 -12.95 -12.51 43.51
N VAL B 403 -13.52 -11.60 44.24
CA VAL B 403 -14.21 -11.98 45.46
C VAL B 403 -15.42 -12.83 45.09
N ALA B 404 -16.17 -12.37 44.11
CA ALA B 404 -17.37 -13.11 43.70
C ALA B 404 -17.02 -14.51 43.24
N VAL B 405 -15.94 -14.63 42.50
CA VAL B 405 -15.51 -15.90 42.00
C VAL B 405 -15.10 -16.78 43.14
N ALA B 406 -14.30 -16.23 44.04
CA ALA B 406 -13.81 -17.01 45.13
C ALA B 406 -14.95 -17.58 45.93
N ARG B 407 -15.97 -16.78 46.18
CA ARG B 407 -17.06 -17.29 46.97
C ARG B 407 -17.78 -18.41 46.25
N ASP B 408 -18.07 -18.22 45.00
CA ASP B 408 -18.80 -19.21 44.26
C ASP B 408 -17.99 -20.46 43.94
N SER B 409 -16.65 -20.34 43.95
CA SER B 409 -15.77 -21.45 43.61
C SER B 409 -15.69 -22.53 44.69
N LYS B 410 -16.25 -22.27 45.88
CA LYS B 410 -16.16 -23.24 46.97
C LYS B 410 -17.50 -23.88 47.31
N GLN B 538 -14.92 -11.70 54.93
CA GLN B 538 -14.62 -12.33 53.65
C GLN B 538 -14.67 -11.37 52.49
N ASN B 539 -15.86 -10.95 52.11
CA ASN B 539 -16.07 -10.18 50.91
C ASN B 539 -15.76 -8.71 51.06
N VAL B 540 -14.54 -8.43 51.46
CA VAL B 540 -14.11 -7.07 51.63
C VAL B 540 -12.87 -6.87 50.81
N VAL B 541 -12.96 -5.93 49.89
CA VAL B 541 -11.88 -5.63 48.99
C VAL B 541 -10.95 -4.60 49.59
N ASP B 542 -9.68 -4.93 49.64
CA ASP B 542 -8.70 -4.01 50.19
C ASP B 542 -7.47 -3.89 49.30
N SER B 543 -6.42 -3.28 49.85
CA SER B 543 -5.21 -3.03 49.10
C SER B 543 -4.53 -4.32 48.65
N ASP B 544 -4.52 -5.34 49.49
CA ASP B 544 -3.85 -6.57 49.09
C ASP B 544 -4.66 -7.27 48.04
N THR B 545 -5.98 -7.21 48.17
CA THR B 545 -6.87 -7.85 47.23
C THR B 545 -6.49 -7.36 45.86
N ILE B 546 -6.41 -6.04 45.77
CA ILE B 546 -6.08 -5.40 44.53
C ILE B 546 -4.68 -5.65 44.11
N SER B 547 -3.74 -5.56 45.04
CA SER B 547 -2.38 -5.75 44.62
C SER B 547 -2.20 -7.11 44.01
N GLU B 548 -2.77 -8.15 44.61
CA GLU B 548 -2.62 -9.47 44.03
C GLU B 548 -3.26 -9.49 42.67
N THR B 549 -4.44 -8.91 42.56
CA THR B 549 -5.14 -8.90 41.31
C THR B 549 -4.29 -8.21 40.26
N ALA B 550 -3.72 -7.08 40.63
CA ALA B 550 -2.92 -6.35 39.69
C ALA B 550 -1.78 -7.21 39.25
N ALA B 551 -1.17 -7.94 40.17
CA ALA B 551 -0.04 -8.75 39.77
C ALA B 551 -0.48 -9.76 38.74
N ARG B 552 -1.66 -10.31 38.90
CA ARG B 552 -2.14 -11.30 37.93
C ARG B 552 -2.35 -10.70 36.55
N LEU B 553 -2.72 -9.43 36.52
CA LEU B 553 -3.01 -8.73 35.28
C LEU B 553 -1.81 -8.04 34.65
N THR B 554 -0.88 -7.59 35.47
CA THR B 554 0.26 -6.80 35.03
C THR B 554 1.54 -7.59 35.03
N GLY B 555 1.56 -8.67 35.82
CA GLY B 555 2.72 -9.51 35.98
C GLY B 555 3.75 -8.92 36.95
N ILE B 556 3.41 -7.84 37.63
CA ILE B 556 4.41 -7.27 38.51
C ILE B 556 4.44 -8.00 39.83
N PRO B 557 5.53 -8.77 40.11
CA PRO B 557 5.65 -9.68 41.23
C PRO B 557 5.66 -8.98 42.56
N VAL B 558 5.99 -7.72 42.53
CA VAL B 558 6.07 -6.93 43.73
C VAL B 558 4.74 -6.92 44.41
N LYS B 559 3.71 -6.82 43.61
CA LYS B 559 2.41 -6.63 44.15
C LYS B 559 1.75 -7.92 44.63
N LYS B 560 2.48 -9.02 44.57
CA LYS B 560 1.91 -10.21 45.15
C LYS B 560 1.90 -10.05 46.68
N LEU B 561 2.85 -9.23 47.20
CA LEU B 561 2.99 -8.99 48.63
C LEU B 561 3.08 -10.26 49.45
N SER B 562 3.74 -11.29 48.92
CA SER B 562 3.82 -12.56 49.61
C SER B 562 4.88 -12.52 50.69
N GLU B 563 4.59 -11.84 51.77
CA GLU B 563 5.59 -11.60 52.81
C GLU B 563 6.16 -12.88 53.43
N SER B 564 5.42 -13.98 53.42
CA SER B 564 5.97 -15.22 53.95
C SER B 564 7.17 -15.71 53.12
N GLU B 565 7.31 -15.18 51.91
CA GLU B 565 8.39 -15.49 50.98
C GLU B 565 9.55 -14.54 51.18
N ASN B 566 9.44 -13.65 52.17
CA ASN B 566 10.52 -12.72 52.38
C ASN B 566 11.78 -13.48 52.70
N GLU B 567 11.67 -14.69 53.23
CA GLU B 567 12.88 -15.45 53.46
C GLU B 567 13.74 -15.48 52.21
N LYS B 568 13.12 -15.68 51.04
CA LYS B 568 13.92 -15.77 49.84
C LYS B 568 14.49 -14.43 49.49
N LEU B 569 13.69 -13.40 49.62
CA LEU B 569 14.12 -12.07 49.23
C LEU B 569 15.23 -11.55 50.13
N ILE B 570 15.13 -11.89 51.40
CA ILE B 570 16.10 -11.54 52.40
C ILE B 570 17.36 -12.34 52.17
N HIS B 571 17.19 -13.63 51.95
CA HIS B 571 18.33 -14.48 51.74
C HIS B 571 18.65 -14.75 50.30
N MET B 572 18.14 -13.96 49.38
CA MET B 572 18.49 -14.25 48.00
C MET B 572 19.99 -14.19 47.76
N GLU B 573 20.72 -13.50 48.61
CA GLU B 573 22.14 -13.46 48.42
C GLU B 573 22.73 -14.84 48.62
N ARG B 574 22.19 -15.62 49.57
CA ARG B 574 22.81 -16.91 49.79
C ARG B 574 22.34 -17.81 48.68
N ASP B 575 21.14 -17.55 48.19
CA ASP B 575 20.59 -18.40 47.19
C ASP B 575 21.39 -18.24 45.92
N LEU B 576 21.70 -17.00 45.57
CA LEU B 576 22.50 -16.79 44.40
C LEU B 576 23.90 -17.37 44.62
N SER B 577 24.42 -17.27 45.84
CA SER B 577 25.76 -17.79 46.08
C SER B 577 25.82 -19.32 46.02
N SER B 578 24.66 -20.00 45.98
CA SER B 578 24.68 -21.44 45.93
C SER B 578 24.80 -21.92 44.49
N GLU B 579 24.57 -21.00 43.55
CA GLU B 579 24.65 -21.28 42.13
C GLU B 579 25.93 -20.72 41.57
N VAL B 580 26.30 -19.52 42.02
CA VAL B 580 27.53 -18.95 41.57
C VAL B 580 28.41 -18.74 42.76
N VAL B 581 29.69 -18.85 42.57
CA VAL B 581 30.62 -18.74 43.67
C VAL B 581 31.26 -17.38 43.79
N GLY B 582 31.25 -16.88 45.01
CA GLY B 582 31.86 -15.61 45.26
C GLY B 582 31.15 -14.56 44.46
N GLN B 583 31.89 -13.59 43.99
CA GLN B 583 31.33 -12.48 43.25
C GLN B 583 30.20 -11.87 44.09
N MET B 584 30.47 -11.78 45.39
CA MET B 584 29.45 -11.32 46.30
C MET B 584 29.04 -9.91 46.05
N ASP B 585 29.92 -9.08 45.53
CA ASP B 585 29.48 -7.73 45.32
C ASP B 585 28.42 -7.69 44.24
N ALA B 586 28.51 -8.58 43.25
CA ALA B 586 27.54 -8.56 42.19
C ALA B 586 26.24 -9.09 42.75
N ILE B 587 26.36 -10.11 43.56
CA ILE B 587 25.17 -10.66 44.16
C ILE B 587 24.46 -9.65 45.01
N LYS B 588 25.20 -8.94 45.83
CA LYS B 588 24.61 -7.95 46.70
C LYS B 588 24.01 -6.84 45.89
N ALA B 589 24.70 -6.42 44.83
CA ALA B 589 24.20 -5.33 44.02
C ALA B 589 22.84 -5.69 43.44
N VAL B 590 22.73 -6.91 42.93
CA VAL B 590 21.48 -7.34 42.37
C VAL B 590 20.44 -7.52 43.43
N SER B 591 20.84 -8.10 44.53
CA SER B 591 19.89 -8.36 45.56
C SER B 591 19.23 -7.09 45.95
N ASN B 592 19.98 -6.01 46.04
CA ASN B 592 19.34 -4.79 46.39
C ASN B 592 18.38 -4.33 45.31
N ALA B 593 18.68 -4.57 44.03
CA ALA B 593 17.68 -4.16 43.04
C ALA B 593 16.37 -4.86 43.29
N VAL B 594 16.46 -6.11 43.61
CA VAL B 594 15.27 -6.87 43.81
C VAL B 594 14.54 -6.43 45.05
N ARG B 595 15.26 -6.28 46.14
CA ARG B 595 14.67 -5.90 47.40
C ARG B 595 14.03 -4.53 47.31
N LEU B 596 14.66 -3.62 46.61
CA LEU B 596 14.09 -2.29 46.47
C LEU B 596 12.79 -2.37 45.72
N SER B 597 12.75 -3.20 44.70
CA SER B 597 11.53 -3.29 43.95
C SER B 597 10.45 -3.88 44.82
N ARG B 598 10.78 -4.92 45.58
CA ARG B 598 9.79 -5.58 46.41
C ARG B 598 9.26 -4.67 47.49
N SER B 599 10.12 -3.83 48.03
CA SER B 599 9.73 -2.91 49.06
C SER B 599 8.89 -1.76 48.54
N GLY B 600 8.88 -1.58 47.22
CA GLY B 600 8.21 -0.46 46.59
C GLY B 600 9.05 0.83 46.65
N LEU B 601 10.23 0.77 47.26
CA LEU B 601 11.08 1.94 47.41
C LEU B 601 11.80 2.28 46.13
N ALA B 602 11.99 1.29 45.27
CA ALA B 602 12.69 1.54 44.02
C ALA B 602 12.06 2.71 43.31
N ASN B 603 12.88 3.53 42.69
CA ASN B 603 12.39 4.67 41.98
C ASN B 603 11.46 4.24 40.88
N PRO B 604 10.19 4.66 40.86
CA PRO B 604 9.18 4.22 39.93
C PRO B 604 9.51 4.43 38.48
N ARG B 605 10.52 5.24 38.21
CA ARG B 605 10.93 5.51 36.85
C ARG B 605 12.30 4.99 36.50
N GLN B 606 13.02 4.38 37.42
CA GLN B 606 14.38 4.00 37.08
C GLN B 606 14.62 2.50 37.14
N PRO B 607 14.62 1.79 36.01
CA PRO B 607 14.82 0.37 35.96
C PRO B 607 16.11 0.10 36.66
N ALA B 608 16.22 -1.04 37.29
CA ALA B 608 17.49 -1.27 37.95
C ALA B 608 18.52 -1.35 36.86
N SER B 609 19.72 -0.87 37.10
CA SER B 609 20.71 -0.99 36.05
C SER B 609 22.09 -1.36 36.52
N PHE B 610 22.67 -2.33 35.83
CA PHE B 610 24.00 -2.73 36.19
C PHE B 610 24.93 -2.83 35.05
N LEU B 611 26.19 -2.58 35.34
CA LEU B 611 27.23 -2.82 34.37
C LEU B 611 28.23 -3.75 35.00
N PHE B 612 28.30 -4.96 34.48
CA PHE B 612 29.16 -5.98 35.03
C PHE B 612 30.47 -6.05 34.30
N LEU B 613 31.55 -5.82 35.01
CA LEU B 613 32.87 -5.78 34.44
C LEU B 613 33.79 -6.90 34.92
N GLY B 614 34.63 -7.41 34.03
CA GLY B 614 35.61 -8.42 34.51
C GLY B 614 36.05 -9.43 33.45
N LEU B 615 36.73 -10.48 33.89
CA LEU B 615 37.24 -11.50 33.00
C LEU B 615 36.18 -12.35 32.37
N SER B 616 36.44 -12.84 31.18
CA SER B 616 35.53 -13.82 30.66
C SER B 616 35.66 -15.02 31.59
N GLY B 617 34.56 -15.69 31.88
CA GLY B 617 34.57 -16.84 32.77
C GLY B 617 34.45 -16.44 34.24
N SER B 618 34.20 -15.16 34.47
CA SER B 618 34.01 -14.58 35.80
C SER B 618 32.64 -14.82 36.39
N GLY B 619 31.69 -15.20 35.56
CA GLY B 619 30.32 -15.38 36.00
C GLY B 619 29.42 -14.20 35.68
N LYS B 620 29.90 -13.19 34.94
CA LYS B 620 28.98 -12.09 34.62
C LYS B 620 27.66 -12.57 34.00
N THR B 621 27.72 -13.33 32.91
CA THR B 621 26.47 -13.74 32.32
C THR B 621 25.76 -14.72 33.19
N GLU B 622 26.51 -15.65 33.75
CA GLU B 622 25.91 -16.67 34.58
C GLU B 622 25.07 -16.03 35.66
N LEU B 623 25.57 -14.98 36.28
CA LEU B 623 24.79 -14.34 37.30
C LEU B 623 23.50 -13.86 36.71
N ALA B 624 23.55 -13.16 35.59
CA ALA B 624 22.30 -12.65 35.04
C ALA B 624 21.31 -13.78 34.84
N LYS B 625 21.79 -14.95 34.40
CA LYS B 625 20.88 -16.05 34.19
C LYS B 625 20.27 -16.48 35.51
N LYS B 626 21.07 -16.48 36.55
CA LYS B 626 20.58 -16.95 37.83
C LYS B 626 19.64 -15.93 38.42
N VAL B 627 19.81 -14.67 38.07
CA VAL B 627 18.87 -13.68 38.55
C VAL B 627 17.52 -13.95 37.92
N ALA B 628 17.51 -14.18 36.61
CA ALA B 628 16.27 -14.49 35.93
C ALA B 628 15.69 -15.78 36.52
N GLY B 629 16.60 -16.68 36.84
CA GLY B 629 16.25 -17.91 37.46
C GLY B 629 15.49 -17.60 38.73
N PHE B 630 16.14 -16.96 39.67
CA PHE B 630 15.58 -16.61 40.96
C PHE B 630 14.26 -15.89 40.87
N LEU B 631 14.21 -14.85 40.07
CA LEU B 631 13.00 -14.05 40.04
C LEU B 631 11.80 -14.76 39.46
N PHE B 632 11.99 -15.56 38.43
CA PHE B 632 10.85 -16.20 37.80
C PHE B 632 10.96 -17.71 37.68
N ASN B 633 11.92 -18.27 38.38
CA ASN B 633 12.19 -19.69 38.35
C ASN B 633 12.40 -20.14 36.94
N ASP B 634 13.08 -19.30 36.15
CA ASP B 634 13.29 -19.65 34.75
C ASP B 634 14.43 -18.91 34.08
N GLU B 635 15.54 -19.59 33.80
CA GLU B 635 16.68 -18.92 33.19
C GLU B 635 16.35 -18.39 31.78
N ASP B 636 15.32 -18.94 31.12
CA ASP B 636 14.96 -18.48 29.78
C ASP B 636 13.98 -17.33 29.81
N MET B 637 13.66 -16.85 31.01
CA MET B 637 12.80 -15.69 31.18
C MET B 637 13.46 -14.47 30.57
N MET B 638 14.78 -14.50 30.55
CA MET B 638 15.65 -13.47 30.08
C MET B 638 15.48 -13.08 28.63
N ILE B 639 15.55 -11.78 28.38
CA ILE B 639 15.52 -11.29 27.03
C ILE B 639 16.92 -10.87 26.65
N ARG B 640 17.56 -11.65 25.80
CA ARG B 640 18.95 -11.38 25.50
C ARG B 640 19.13 -10.57 24.25
N VAL B 641 19.98 -9.57 24.33
CA VAL B 641 20.37 -8.81 23.16
C VAL B 641 21.87 -8.94 22.98
N ASP B 642 22.27 -9.46 21.85
CA ASP B 642 23.69 -9.67 21.62
C ASP B 642 24.31 -8.47 20.94
N CYS B 643 25.06 -7.69 21.67
CA CYS B 643 25.55 -6.45 21.15
C CYS B 643 26.55 -6.62 20.00
N SER B 644 27.11 -7.81 19.85
CA SER B 644 28.09 -7.99 18.80
C SER B 644 27.44 -7.95 17.42
N GLU B 645 26.11 -8.06 17.38
CA GLU B 645 25.41 -8.03 16.11
C GLU B 645 25.06 -6.62 15.73
N LEU B 646 25.54 -5.67 16.51
CA LEU B 646 25.16 -4.33 16.25
C LEU B 646 26.05 -3.63 15.25
N SER B 647 25.44 -2.66 14.62
CA SER B 647 26.01 -1.75 13.67
C SER B 647 25.33 -0.43 13.81
N GLU B 648 26.07 0.63 14.05
CA GLU B 648 25.42 1.92 14.18
C GLU B 648 24.71 2.37 12.90
N LYS B 649 24.97 1.73 11.76
CA LYS B 649 24.29 2.14 10.56
C LYS B 649 22.94 1.47 10.39
N TYR B 650 22.73 0.38 11.13
CA TYR B 650 21.54 -0.46 10.99
C TYR B 650 20.82 -0.84 12.28
N ALA B 651 21.61 -1.32 13.21
CA ALA B 651 21.12 -2.13 14.30
C ALA B 651 20.24 -1.50 15.31
N VAL B 652 20.13 -0.21 15.36
CA VAL B 652 19.21 0.34 16.32
C VAL B 652 17.84 -0.23 16.06
N SER B 653 17.51 -0.40 14.80
CA SER B 653 16.24 -0.94 14.46
C SER B 653 16.06 -2.40 14.89
N LYS B 654 17.09 -3.11 15.24
CA LYS B 654 16.88 -4.47 15.67
C LYS B 654 16.18 -4.48 17.01
N LEU B 655 16.37 -3.41 17.78
CA LEU B 655 15.85 -3.36 19.11
C LEU B 655 14.55 -2.63 19.17
N LEU B 656 14.50 -1.48 18.51
CA LEU B 656 13.31 -0.66 18.51
C LEU B 656 12.56 -0.61 17.20
N GLY B 657 13.09 -1.24 16.18
CA GLY B 657 12.45 -1.23 14.88
C GLY B 657 12.64 0.08 14.16
N THR B 658 11.99 0.16 13.03
CA THR B 658 12.03 1.31 12.18
C THR B 658 10.75 2.04 12.24
N THR B 659 10.69 3.13 11.50
CA THR B 659 9.51 3.98 11.49
C THR B 659 8.60 3.69 10.30
N ALA B 660 7.41 4.25 10.33
CA ALA B 660 6.43 4.06 9.27
C ALA B 660 7.01 4.41 7.90
N GLY B 661 6.92 3.46 6.99
CA GLY B 661 7.42 3.67 5.64
C GLY B 661 8.47 2.67 5.21
N TYR B 662 9.55 2.59 5.97
CA TYR B 662 10.63 1.68 5.64
C TYR B 662 10.18 0.22 5.69
N VAL B 663 10.78 -0.59 4.82
CA VAL B 663 10.48 -2.00 4.72
C VAL B 663 10.50 -2.70 6.06
N GLY B 664 9.48 -3.50 6.32
CA GLY B 664 9.38 -4.23 7.57
C GLY B 664 8.65 -3.44 8.64
N TYR B 665 8.17 -4.16 9.65
CA TYR B 665 7.46 -3.52 10.74
C TYR B 665 7.51 -4.36 12.01
N ASP B 666 6.45 -5.11 12.32
CA ASP B 666 6.51 -5.92 13.52
C ASP B 666 7.86 -5.45 14.02
N GLU B 667 7.83 -4.31 14.69
CA GLU B 667 9.04 -3.64 15.10
C GLU B 667 9.62 -3.98 16.44
N GLY B 668 10.93 -3.93 16.49
CA GLY B 668 11.59 -4.04 17.76
C GLY B 668 11.57 -5.44 18.31
N GLY B 669 11.92 -6.40 17.50
CA GLY B 669 11.88 -7.77 17.96
C GLY B 669 12.64 -7.94 19.26
N PHE B 670 13.75 -7.24 19.46
CA PHE B 670 14.38 -7.48 20.73
C PHE B 670 13.77 -6.74 21.89
N LEU B 671 13.40 -5.47 21.76
CA LEU B 671 12.90 -4.80 22.95
C LEU B 671 11.42 -4.50 22.91
N THR B 672 10.96 -3.81 21.89
CA THR B 672 9.56 -3.43 21.89
C THR B 672 8.61 -4.57 22.01
N ASN B 673 8.86 -5.60 21.24
CA ASN B 673 7.93 -6.68 21.21
C ASN B 673 8.11 -7.66 22.34
N GLN B 674 8.95 -7.34 23.30
CA GLN B 674 9.11 -8.20 24.43
C GLN B 674 8.62 -7.45 25.64
N LEU B 675 9.03 -6.19 25.72
CA LEU B 675 8.74 -5.36 26.86
C LEU B 675 7.28 -5.03 27.02
N GLN B 676 6.50 -5.05 25.94
CA GLN B 676 5.08 -4.79 26.10
C GLN B 676 4.34 -6.00 26.64
N TYR B 677 5.04 -7.10 26.83
CA TYR B 677 4.44 -8.32 27.32
C TYR B 677 5.01 -8.68 28.66
N LYS B 678 6.28 -8.42 28.86
CA LYS B 678 6.89 -8.80 30.13
C LYS B 678 7.69 -7.67 30.81
N PRO B 679 7.05 -6.58 31.26
CA PRO B 679 7.68 -5.45 31.93
C PRO B 679 8.57 -5.80 33.10
N TYR B 680 8.29 -6.91 33.75
CA TYR B 680 9.03 -7.36 34.92
C TYR B 680 10.17 -8.30 34.64
N SER B 681 10.48 -8.50 33.37
CA SER B 681 11.56 -9.35 32.96
C SER B 681 12.93 -8.73 33.17
N VAL B 682 13.93 -9.57 32.98
CA VAL B 682 15.31 -9.14 33.06
C VAL B 682 15.88 -9.02 31.67
N LEU B 683 16.45 -7.88 31.37
CA LEU B 683 17.06 -7.69 30.07
C LEU B 683 18.52 -7.96 30.24
N LEU B 684 19.11 -8.55 29.24
CA LEU B 684 20.54 -8.75 29.25
C LEU B 684 21.17 -8.28 27.98
N PHE B 685 22.10 -7.37 28.11
CA PHE B 685 22.82 -6.87 26.96
C PHE B 685 24.23 -7.36 27.01
N ASP B 686 24.52 -8.35 26.19
CA ASP B 686 25.82 -8.95 26.25
C ASP B 686 26.80 -8.10 25.54
N GLU B 687 27.97 -7.91 26.15
CA GLU B 687 29.07 -7.23 25.49
C GLU B 687 28.72 -5.83 25.04
N VAL B 688 28.18 -5.02 25.93
CA VAL B 688 27.81 -3.68 25.52
C VAL B 688 28.97 -2.86 25.07
N GLU B 689 30.18 -3.18 25.48
CA GLU B 689 31.31 -2.39 25.03
C GLU B 689 31.52 -2.55 23.53
N LYS B 690 30.95 -3.60 22.92
CA LYS B 690 31.11 -3.78 21.50
C LYS B 690 30.00 -3.14 20.74
N ALA B 691 29.03 -2.61 21.43
CA ALA B 691 27.93 -2.00 20.75
C ALA B 691 28.43 -0.78 20.04
N HIS B 692 27.92 -0.50 18.88
CA HIS B 692 28.31 0.72 18.26
C HIS B 692 27.59 1.84 19.01
N PRO B 693 28.19 3.04 19.17
CA PRO B 693 27.68 4.18 19.91
C PRO B 693 26.21 4.53 19.77
N ASP B 694 25.62 4.35 18.60
CA ASP B 694 24.21 4.70 18.52
C ASP B 694 23.34 3.75 19.32
N VAL B 695 23.78 2.53 19.49
CA VAL B 695 22.99 1.64 20.27
C VAL B 695 23.18 1.96 21.71
N LEU B 696 24.40 2.27 22.07
CA LEU B 696 24.65 2.65 23.45
C LEU B 696 23.80 3.87 23.76
N THR B 697 23.61 4.73 22.78
CA THR B 697 22.75 5.87 22.95
C THR B 697 21.31 5.41 23.24
N VAL B 698 20.80 4.39 22.56
CA VAL B 698 19.45 3.88 22.82
C VAL B 698 19.28 3.46 24.27
N MET B 699 20.32 2.84 24.78
CA MET B 699 20.31 2.33 26.12
C MET B 699 20.01 3.44 27.11
N LEU B 700 20.32 4.67 26.76
CA LEU B 700 20.13 5.77 27.66
C LEU B 700 18.67 5.93 28.02
N GLN B 701 17.75 5.60 27.12
CA GLN B 701 16.35 5.76 27.47
C GLN B 701 16.02 4.71 28.47
N MET B 702 16.48 3.54 28.14
CA MET B 702 16.16 2.39 28.96
C MET B 702 16.65 2.57 30.36
N LEU B 703 17.85 3.05 30.50
CA LEU B 703 18.47 3.19 31.78
C LEU B 703 18.07 4.47 32.49
N ASP B 704 17.13 5.20 31.92
CA ASP B 704 16.69 6.46 32.48
C ASP B 704 15.27 6.78 32.14
N ASP B 705 14.42 6.60 33.12
CA ASP B 705 12.99 6.80 32.98
C ASP B 705 12.34 5.51 32.47
N GLY B 706 12.96 4.84 31.49
CA GLY B 706 12.40 3.60 30.99
C GLY B 706 11.47 3.88 29.84
N ARG B 707 11.29 5.14 29.53
CA ARG B 707 10.39 5.49 28.47
C ARG B 707 11.11 5.30 27.16
N ILE B 708 11.23 4.05 26.79
CA ILE B 708 11.92 3.71 25.59
C ILE B 708 10.91 3.86 24.50
N THR B 709 11.23 4.63 23.51
CA THR B 709 10.31 4.83 22.44
C THR B 709 10.40 3.68 21.47
N SER B 710 9.41 3.53 20.62
CA SER B 710 9.42 2.48 19.60
C SER B 710 9.29 3.09 18.25
N GLY B 711 9.83 2.41 17.26
CA GLY B 711 9.83 2.88 15.89
C GLY B 711 8.47 3.31 15.35
N GLN B 712 7.39 2.67 15.75
CA GLN B 712 6.10 3.07 15.20
C GLN B 712 5.48 4.27 15.97
N GLY B 713 6.28 4.95 16.80
CA GLY B 713 5.84 6.15 17.52
C GLY B 713 5.14 5.84 18.81
N LYS B 714 5.47 4.70 19.36
CA LYS B 714 4.81 4.23 20.57
C LYS B 714 5.81 4.23 21.70
N THR B 715 5.37 4.08 22.95
CA THR B 715 6.36 4.01 24.02
C THR B 715 6.24 2.72 24.80
N ILE B 716 7.35 2.33 25.42
CA ILE B 716 7.43 1.14 26.21
C ILE B 716 7.28 1.34 27.71
N ASP B 717 7.97 2.31 28.27
CA ASP B 717 7.88 2.56 29.73
C ASP B 717 8.24 1.34 30.59
N CYS B 718 9.49 0.92 30.47
CA CYS B 718 10.09 -0.26 31.07
C CYS B 718 10.63 0.01 32.48
N SER B 719 9.88 0.73 33.30
CA SER B 719 10.41 1.08 34.63
C SER B 719 10.36 -0.09 35.61
N ASN B 720 9.70 -1.15 35.21
CA ASN B 720 9.54 -2.31 36.04
C ASN B 720 10.60 -3.32 35.72
N CYS B 721 11.48 -2.96 34.82
CA CYS B 721 12.48 -3.86 34.34
C CYS B 721 13.74 -3.86 35.17
N ILE B 722 14.48 -4.96 35.07
CA ILE B 722 15.81 -5.01 35.61
C ILE B 722 16.74 -5.18 34.45
N VAL B 723 17.75 -4.33 34.35
CA VAL B 723 18.64 -4.39 33.23
C VAL B 723 20.09 -4.63 33.57
N ILE B 724 20.63 -5.69 33.02
CA ILE B 724 22.01 -6.03 33.24
C ILE B 724 22.80 -5.96 31.95
N MET B 725 23.92 -5.29 32.02
CA MET B 725 24.80 -5.21 30.88
C MET B 725 26.13 -5.79 31.24
N THR B 726 26.81 -6.38 30.28
CA THR B 726 28.14 -6.91 30.60
C THR B 726 29.23 -6.36 29.71
N SER B 727 30.46 -6.33 30.25
CA SER B 727 31.65 -5.91 29.52
C SER B 727 32.96 -6.46 30.03
N ASN B 728 33.87 -6.66 29.09
CA ASN B 728 35.17 -7.21 29.38
C ASN B 728 36.26 -6.16 29.31
N LEU B 729 35.90 -4.88 29.35
CA LEU B 729 36.94 -3.84 29.27
C LEU B 729 37.93 -4.00 30.42
N GLY B 730 37.40 -4.37 31.56
CA GLY B 730 38.16 -4.53 32.78
C GLY B 730 39.12 -5.68 32.71
N ALA B 731 39.06 -6.52 31.68
CA ALA B 731 39.97 -7.65 31.55
C ALA B 731 41.41 -7.16 31.61
N GLU B 732 41.61 -5.96 31.09
CA GLU B 732 42.91 -5.32 31.02
C GLU B 732 43.57 -5.15 32.37
N PHE B 733 42.77 -4.92 33.41
CA PHE B 733 43.34 -4.65 34.72
C PHE B 733 43.01 -5.73 35.70
N ILE B 734 41.89 -6.39 35.52
CA ILE B 734 41.56 -7.45 36.44
C ILE B 734 42.62 -8.54 36.30
N ASN B 735 43.21 -8.69 35.09
CA ASN B 735 44.26 -9.67 34.93
C ASN B 735 45.62 -9.12 35.32
N SER B 736 45.63 -8.08 36.15
CA SER B 736 46.82 -7.58 36.81
C SER B 736 47.10 -8.51 37.97
N GLN B 737 46.06 -9.27 38.33
CA GLN B 737 46.07 -10.25 39.39
C GLN B 737 46.40 -9.62 40.73
N GLN B 738 46.06 -8.33 40.90
CA GLN B 738 46.33 -7.66 42.17
C GLN B 738 45.29 -7.98 43.22
N GLY B 739 45.36 -9.23 43.66
CA GLY B 739 44.45 -9.84 44.62
C GLY B 739 43.34 -10.50 43.85
N SER B 740 42.78 -11.60 44.39
CA SER B 740 41.65 -12.20 43.69
C SER B 740 40.50 -11.22 43.82
N LYS B 741 40.36 -10.69 45.02
CA LYS B 741 39.36 -9.68 45.22
C LYS B 741 40.00 -8.39 44.76
N ILE B 742 39.38 -7.75 43.79
CA ILE B 742 40.04 -6.60 43.20
C ILE B 742 40.08 -5.43 44.14
N GLN B 743 41.26 -4.85 44.24
CA GLN B 743 41.57 -3.75 45.11
C GLN B 743 41.46 -2.42 44.44
N GLU B 744 41.60 -1.36 45.23
CA GLU B 744 41.61 -0.03 44.71
C GLU B 744 42.77 0.09 43.76
N SER B 745 42.79 1.17 43.00
CA SER B 745 43.77 1.44 41.94
C SER B 745 43.51 0.51 40.77
N THR B 746 43.61 -0.80 40.98
CA THR B 746 43.31 -1.75 39.92
C THR B 746 41.87 -1.57 39.51
N LYS B 747 40.98 -1.50 40.50
CA LYS B 747 39.58 -1.30 40.23
C LYS B 747 39.37 0.03 39.54
N ASN B 748 40.12 1.03 39.94
CA ASN B 748 39.93 2.32 39.35
C ASN B 748 40.42 2.32 37.91
N LEU B 749 41.44 1.51 37.63
CA LEU B 749 41.90 1.39 36.27
C LEU B 749 40.83 0.74 35.44
N VAL B 750 40.10 -0.20 36.04
CA VAL B 750 38.99 -0.77 35.30
C VAL B 750 38.04 0.34 34.97
N MET B 751 37.74 1.19 35.95
CA MET B 751 36.86 2.29 35.64
C MET B 751 37.48 3.20 34.62
N GLY B 752 38.79 3.28 34.59
CA GLY B 752 39.46 4.07 33.59
C GLY B 752 39.03 3.58 32.22
N ALA B 753 39.18 2.29 31.98
CA ALA B 753 38.82 1.71 30.68
C ALA B 753 37.36 1.96 30.35
N VAL B 754 36.52 1.92 31.37
CA VAL B 754 35.11 2.16 31.17
C VAL B 754 34.88 3.60 30.72
N ARG B 755 35.48 4.53 31.45
CA ARG B 755 35.36 5.95 31.19
C ARG B 755 35.96 6.37 29.87
N GLN B 756 36.97 5.63 29.43
CA GLN B 756 37.62 5.90 28.18
C GLN B 756 36.92 5.23 27.01
N HIS B 757 35.85 4.50 27.28
CA HIS B 757 35.14 3.81 26.23
C HIS B 757 33.70 4.31 26.12
N PHE B 758 32.97 4.25 27.21
CA PHE B 758 31.58 4.65 27.19
C PHE B 758 31.51 6.11 27.49
N ARG B 759 30.57 6.80 26.91
CA ARG B 759 30.43 8.16 27.33
C ARG B 759 29.89 8.20 28.77
N PRO B 760 30.27 9.19 29.60
CA PRO B 760 29.73 9.42 30.91
C PRO B 760 28.22 9.44 30.93
N GLU B 761 27.61 9.87 29.84
CA GLU B 761 26.16 9.91 29.77
C GLU B 761 25.55 8.53 30.01
N PHE B 762 26.28 7.51 29.63
CA PHE B 762 25.86 6.14 29.79
C PHE B 762 26.17 5.70 31.20
N LEU B 763 27.38 5.97 31.60
CA LEU B 763 27.86 5.47 32.87
C LEU B 763 27.06 6.04 34.02
N ASN B 764 26.61 7.27 33.88
CA ASN B 764 25.88 7.95 34.91
C ASN B 764 24.48 7.38 35.09
N ARG B 765 24.10 6.47 34.21
CA ARG B 765 22.79 5.88 34.29
C ARG B 765 22.84 4.46 34.84
N ILE B 766 24.04 4.01 35.20
CA ILE B 766 24.18 2.67 35.74
C ILE B 766 24.00 2.77 37.25
N SER B 767 23.09 1.96 37.84
CA SER B 767 22.81 2.06 39.27
C SER B 767 24.08 1.72 40.00
N SER B 768 24.70 0.66 39.51
CA SER B 768 25.96 0.22 40.07
C SER B 768 26.82 -0.43 39.02
N ILE B 769 28.04 0.01 38.96
CA ILE B 769 29.01 -0.57 38.07
C ILE B 769 29.76 -1.50 38.94
N VAL B 770 29.76 -2.75 38.58
CA VAL B 770 30.31 -3.77 39.42
C VAL B 770 31.46 -4.47 38.77
N ILE B 771 32.56 -4.49 39.48
CA ILE B 771 33.72 -5.18 38.98
C ILE B 771 33.77 -6.51 39.68
N PHE B 772 33.78 -7.55 38.90
CA PHE B 772 33.82 -8.89 39.39
C PHE B 772 35.19 -9.22 39.88
N ASN B 773 35.27 -10.12 40.80
CA ASN B 773 36.55 -10.51 41.31
C ASN B 773 37.14 -11.58 40.42
N LYS B 774 38.45 -11.73 40.48
CA LYS B 774 39.06 -12.82 39.78
C LYS B 774 38.76 -14.03 40.64
N LEU B 775 38.51 -15.15 40.04
CA LEU B 775 38.23 -16.30 40.88
C LEU B 775 39.49 -16.74 41.62
N SER B 776 39.34 -17.08 42.90
CA SER B 776 40.45 -17.61 43.68
C SER B 776 40.50 -19.10 43.47
N ARG B 777 41.61 -19.74 43.77
CA ARG B 777 41.69 -21.19 43.68
C ARG B 777 40.60 -21.85 44.52
N LYS B 778 40.31 -21.23 45.65
CA LYS B 778 39.31 -21.77 46.53
C LYS B 778 37.96 -21.65 45.83
N ALA B 779 37.74 -20.52 45.15
CA ALA B 779 36.48 -20.35 44.43
C ALA B 779 36.37 -21.42 43.38
N ILE B 780 37.48 -21.72 42.71
CA ILE B 780 37.46 -22.70 41.65
C ILE B 780 37.03 -24.03 42.21
N HIS B 781 37.54 -24.37 43.38
CA HIS B 781 37.15 -25.61 43.99
C HIS B 781 35.64 -25.65 44.16
N LYS B 782 35.11 -24.59 44.75
CA LYS B 782 33.68 -24.55 45.00
C LYS B 782 32.89 -24.59 43.70
N ILE B 783 33.41 -23.93 42.66
CA ILE B 783 32.76 -23.89 41.36
C ILE B 783 32.71 -25.25 40.77
N VAL B 784 33.80 -25.97 40.88
CA VAL B 784 33.81 -27.31 40.36
C VAL B 784 32.75 -28.11 41.04
N ASP B 785 32.62 -27.98 42.35
CA ASP B 785 31.62 -28.78 43.02
C ASP B 785 30.24 -28.43 42.48
N ILE B 786 29.92 -27.14 42.42
CA ILE B 786 28.61 -26.74 41.94
C ILE B 786 28.38 -27.13 40.50
N ARG B 787 29.38 -26.93 39.67
CA ARG B 787 29.25 -27.24 38.28
C ARG B 787 29.04 -28.73 38.11
N LEU B 788 29.76 -29.54 38.86
CA LEU B 788 29.52 -30.95 38.71
C LEU B 788 28.10 -31.22 39.16
N LYS B 789 27.66 -30.55 40.21
CA LYS B 789 26.29 -30.75 40.67
C LYS B 789 25.31 -30.43 39.54
N GLU B 790 25.51 -29.29 38.86
CA GLU B 790 24.61 -28.91 37.77
C GLU B 790 24.60 -29.94 36.66
N ILE B 791 25.77 -30.46 36.34
CA ILE B 791 25.86 -31.42 35.27
C ILE B 791 25.12 -32.68 35.65
N GLU B 792 25.30 -33.13 36.88
CA GLU B 792 24.65 -34.34 37.30
C GLU B 792 23.13 -34.15 37.28
N GLU B 793 22.69 -32.99 37.76
CA GLU B 793 21.28 -32.65 37.85
C GLU B 793 20.67 -32.51 36.47
N ARG B 794 21.45 -32.04 35.52
CA ARG B 794 21.00 -31.90 34.15
C ARG B 794 20.57 -33.18 33.50
N PHE B 795 21.06 -34.33 33.95
CA PHE B 795 20.69 -35.53 33.22
C PHE B 795 19.23 -35.90 33.38
N GLU B 796 18.65 -36.31 32.26
CA GLU B 796 17.26 -36.74 32.18
C GLU B 796 17.11 -38.23 32.41
N GLN B 797 18.22 -38.88 32.68
CA GLN B 797 18.24 -40.32 32.90
C GLN B 797 19.09 -40.63 34.10
N ASN B 798 18.46 -41.14 35.15
CA ASN B 798 19.16 -41.32 36.43
C ASN B 798 20.03 -42.57 36.55
N ASP B 799 20.89 -42.73 35.56
CA ASP B 799 21.94 -43.71 35.49
C ASP B 799 23.17 -42.85 35.33
N LYS B 800 22.95 -41.71 34.70
CA LYS B 800 24.04 -40.86 34.29
C LYS B 800 24.55 -39.98 35.40
N HIS B 801 25.32 -40.59 36.29
CA HIS B 801 25.86 -39.86 37.43
C HIS B 801 27.18 -40.44 37.98
N TYR B 802 27.83 -39.61 38.81
CA TYR B 802 29.10 -39.89 39.49
C TYR B 802 29.02 -39.95 41.01
N LYS B 803 29.98 -40.65 41.58
CA LYS B 803 30.27 -40.71 42.99
C LYS B 803 31.63 -40.08 43.18
N LEU B 804 32.35 -40.07 42.06
CA LEU B 804 33.67 -39.51 41.88
C LEU B 804 34.82 -40.23 42.59
N ASN B 805 34.68 -40.46 43.89
CA ASN B 805 35.83 -40.95 44.67
C ASN B 805 36.72 -39.74 44.56
N LEU B 806 37.93 -39.76 45.13
CA LEU B 806 38.76 -38.58 44.96
C LEU B 806 37.91 -37.35 45.22
N THR B 807 37.25 -37.33 46.36
CA THR B 807 36.24 -36.35 46.64
C THR B 807 36.78 -34.95 46.67
N GLN B 808 38.07 -34.81 46.89
CA GLN B 808 38.70 -33.53 46.84
C GLN B 808 39.65 -33.54 45.67
N GLU B 809 40.32 -34.67 45.49
CA GLU B 809 41.37 -34.82 44.51
C GLU B 809 40.91 -34.62 43.07
N ALA B 810 39.73 -35.11 42.74
CA ALA B 810 39.20 -34.96 41.41
C ALA B 810 38.93 -33.48 41.18
N LYS B 811 38.44 -32.84 42.20
CA LYS B 811 38.07 -31.46 42.11
C LYS B 811 39.34 -30.62 42.03
N ASP B 812 40.37 -31.03 42.77
CA ASP B 812 41.63 -30.34 42.72
C ASP B 812 42.27 -30.54 41.36
N PHE B 813 42.12 -31.72 40.76
CA PHE B 813 42.62 -31.87 39.40
C PHE B 813 41.93 -30.84 38.55
N LEU B 814 40.61 -30.79 38.64
CA LEU B 814 39.91 -29.90 37.76
C LEU B 814 40.35 -28.47 37.99
N ALA B 815 40.58 -28.10 39.25
CA ALA B 815 41.05 -26.75 39.50
C ALA B 815 42.47 -26.54 38.97
N LYS B 816 43.37 -27.42 39.30
CA LYS B 816 44.75 -27.27 38.85
C LYS B 816 44.84 -27.14 37.34
N TYR B 817 44.03 -27.92 36.64
CA TYR B 817 44.03 -27.95 35.19
C TYR B 817 42.95 -27.08 34.56
N GLY B 818 42.25 -26.25 35.34
CA GLY B 818 41.20 -25.40 34.78
C GLY B 818 41.15 -24.01 35.42
N TYR B 819 41.98 -23.78 36.41
CA TYR B 819 42.03 -22.49 37.08
C TYR B 819 42.73 -21.42 36.25
N SER B 820 42.02 -20.86 35.29
CA SER B 820 42.68 -19.88 34.43
C SER B 820 42.50 -18.44 34.86
N ASP B 821 43.60 -17.75 35.02
CA ASP B 821 43.58 -16.36 35.39
C ASP B 821 43.07 -15.44 34.29
N ASP B 822 42.77 -15.99 33.12
CA ASP B 822 42.22 -15.19 32.07
C ASP B 822 41.12 -15.90 31.30
N MET B 823 40.54 -16.96 31.88
CA MET B 823 39.43 -17.66 31.25
C MET B 823 38.48 -18.05 32.35
N GLY B 824 38.96 -17.86 33.56
CA GLY B 824 38.21 -18.11 34.77
C GLY B 824 37.73 -19.53 34.88
N ALA B 825 36.42 -19.67 35.11
CA ALA B 825 35.78 -20.95 35.27
C ALA B 825 35.40 -21.60 33.97
N ARG B 826 35.37 -20.84 32.91
CA ARG B 826 34.92 -21.43 31.68
C ARG B 826 35.68 -22.71 31.31
N PRO B 827 37.00 -22.80 31.49
CA PRO B 827 37.75 -23.99 31.20
C PRO B 827 37.37 -25.12 32.13
N LEU B 828 36.74 -24.85 33.27
CA LEU B 828 36.37 -25.95 34.12
C LEU B 828 35.29 -26.69 33.38
N ASN B 829 34.45 -25.94 32.69
CA ASN B 829 33.38 -26.60 31.97
C ASN B 829 33.98 -27.44 30.86
N ARG B 830 34.94 -26.86 30.15
CA ARG B 830 35.51 -27.60 29.03
C ARG B 830 36.34 -28.78 29.49
N LEU B 831 37.06 -28.60 30.58
CA LEU B 831 37.92 -29.62 31.12
C LEU B 831 37.07 -30.79 31.51
N ILE B 832 35.96 -30.52 32.18
CA ILE B 832 35.07 -31.58 32.56
C ILE B 832 34.52 -32.27 31.32
N GLN B 833 34.08 -31.50 30.34
CA GLN B 833 33.52 -32.12 29.16
C GLN B 833 34.51 -32.99 28.40
N ASN B 834 35.75 -32.54 28.33
CA ASN B 834 36.73 -33.27 27.59
C ASN B 834 37.35 -34.43 28.36
N GLU B 835 37.76 -34.20 29.60
CA GLU B 835 38.45 -35.22 30.36
C GLU B 835 37.53 -36.14 31.14
N ILE B 836 36.31 -35.70 31.41
CA ILE B 836 35.38 -36.52 32.14
C ILE B 836 34.23 -36.94 31.25
N LEU B 837 33.52 -36.00 30.67
CA LEU B 837 32.36 -36.47 29.92
C LEU B 837 32.74 -37.22 28.67
N ASN B 838 33.77 -36.84 27.91
CA ASN B 838 34.08 -37.70 26.77
C ASN B 838 34.46 -39.07 27.21
N LYS B 839 35.14 -39.18 28.36
CA LYS B 839 35.51 -40.51 28.77
C LYS B 839 34.21 -41.22 29.10
N LEU B 840 33.24 -40.51 29.66
CA LEU B 840 31.95 -41.11 29.91
C LEU B 840 31.30 -41.52 28.61
N ALA B 841 31.36 -40.67 27.58
CA ALA B 841 30.71 -41.00 26.33
C ALA B 841 31.27 -42.30 25.79
N LEU B 842 32.59 -42.46 25.89
CA LEU B 842 33.23 -43.69 25.45
C LEU B 842 32.76 -44.83 26.30
N ARG B 843 32.66 -44.60 27.59
CA ARG B 843 32.23 -45.62 28.48
C ARG B 843 30.77 -46.01 28.24
N ILE B 844 29.93 -45.06 27.84
CA ILE B 844 28.55 -45.40 27.54
C ILE B 844 28.53 -46.22 26.27
N LEU B 845 29.22 -45.73 25.26
CA LEU B 845 29.36 -46.36 23.95
C LEU B 845 29.84 -47.79 24.04
N LYS B 846 30.85 -48.01 24.84
CA LYS B 846 31.43 -49.32 25.00
C LYS B 846 30.79 -50.10 26.16
N ASN B 847 29.80 -49.50 26.84
CA ASN B 847 29.11 -50.08 27.99
C ASN B 847 30.07 -50.49 29.12
N GLU B 848 31.04 -49.60 29.37
CA GLU B 848 32.06 -49.69 30.41
C GLU B 848 31.58 -49.02 31.70
N ILE B 849 30.58 -48.15 31.56
CA ILE B 849 29.92 -47.50 32.70
C ILE B 849 28.43 -47.66 32.70
N LYS B 850 27.89 -48.03 33.86
CA LYS B 850 26.46 -48.08 34.02
C LYS B 850 25.98 -46.89 34.84
N ASP B 851 26.51 -46.72 36.06
CA ASP B 851 26.18 -45.55 36.89
C ASP B 851 27.22 -45.37 37.99
N LYS B 852 27.06 -44.33 38.81
CA LYS B 852 27.93 -44.08 39.98
C LYS B 852 29.39 -44.03 39.62
N GLU B 853 29.73 -43.37 38.53
CA GLU B 853 31.10 -43.39 38.08
C GLU B 853 32.10 -42.69 38.97
N THR B 854 33.29 -43.26 39.00
CA THR B 854 34.41 -42.72 39.74
C THR B 854 35.62 -42.34 38.84
N VAL B 855 36.44 -41.47 39.40
CA VAL B 855 37.60 -40.77 38.85
C VAL B 855 38.94 -41.21 39.42
N ASN B 856 39.98 -41.28 38.57
CA ASN B 856 41.35 -41.54 39.05
C ASN B 856 42.31 -40.66 38.22
N VAL B 857 43.59 -40.58 38.60
CA VAL B 857 44.53 -39.68 37.88
C VAL B 857 45.88 -40.29 37.48
N VAL B 858 46.27 -40.05 36.23
CA VAL B 858 47.55 -40.47 35.69
C VAL B 858 48.64 -39.38 35.81
N LEU B 859 49.83 -39.78 36.27
CA LEU B 859 50.97 -38.87 36.44
C LEU B 859 50.65 -37.72 37.37
N GLU B 874 46.91 -36.04 34.44
CA GLU B 874 46.11 -36.61 33.37
C GLU B 874 44.95 -37.42 33.95
N GLU B 875 43.90 -36.71 34.34
CA GLU B 875 42.72 -37.33 34.93
C GLU B 875 42.03 -38.27 33.99
N CYS B 876 41.59 -39.37 34.55
CA CYS B 876 40.94 -40.41 33.82
C CYS B 876 39.81 -40.98 34.64
N LEU B 877 38.98 -41.78 34.01
CA LEU B 877 37.88 -42.37 34.73
C LEU B 877 38.07 -43.85 34.93
N GLU B 878 37.41 -44.42 35.92
CA GLU B 878 37.46 -45.84 36.20
C GLU B 878 36.33 -46.55 35.43
N VAL B 879 36.30 -47.88 35.48
CA VAL B 879 35.30 -48.68 34.76
C VAL B 879 34.33 -49.36 35.72
N LEU B 880 33.05 -49.16 35.46
CA LEU B 880 31.93 -49.70 36.23
C LEU B 880 30.98 -50.34 35.20
N PRO B 881 31.41 -51.47 34.61
CA PRO B 881 30.92 -52.16 33.40
C PRO B 881 29.58 -52.82 33.58
N ASN B 882 29.19 -53.61 32.58
CA ASN B 882 27.92 -54.32 32.62
C ASN B 882 27.95 -55.44 33.67
N HIS B 883 27.98 -55.00 34.92
CA HIS B 883 27.98 -55.80 36.12
C HIS B 883 26.72 -55.33 36.78
N GLU B 884 26.35 -54.11 36.41
CA GLU B 884 25.17 -53.42 36.94
C GLU B 884 24.43 -52.67 35.85
N GLU C 165 -45.99 20.33 -6.18
CA GLU C 165 -44.73 20.46 -6.89
C GLU C 165 -43.59 19.84 -6.10
N TYR C 166 -42.69 19.18 -6.79
CA TYR C 166 -41.56 18.55 -6.14
C TYR C 166 -40.72 19.58 -5.44
N LEU C 167 -40.60 20.74 -6.05
CA LEU C 167 -39.78 21.80 -5.51
C LEU C 167 -40.23 22.19 -4.11
N SER C 168 -41.53 22.04 -3.80
CA SER C 168 -42.03 22.42 -2.50
C SER C 168 -41.80 21.32 -1.46
N LYS C 169 -41.34 20.15 -1.91
CA LYS C 169 -41.14 19.02 -1.02
C LYS C 169 -39.67 18.73 -0.82
N TYR C 170 -38.88 18.93 -1.85
CA TYR C 170 -37.48 18.57 -1.80
C TYR C 170 -36.54 19.77 -1.77
N ALA C 171 -37.02 20.94 -1.41
CA ALA C 171 -36.12 22.09 -1.38
C ALA C 171 -36.57 23.11 -0.38
N ILE C 172 -35.63 23.92 0.07
CA ILE C 172 -35.93 24.98 1.00
C ILE C 172 -35.97 26.33 0.33
N ASP C 173 -37.04 27.07 0.52
CA ASP C 173 -37.10 28.34 -0.17
C ASP C 173 -36.33 29.41 0.55
N MET C 174 -35.06 29.55 0.17
CA MET C 174 -34.17 30.49 0.84
C MET C 174 -34.62 31.90 0.62
N THR C 175 -35.22 32.17 -0.53
CA THR C 175 -35.70 33.51 -0.76
C THR C 175 -36.70 33.86 0.31
N GLU C 176 -37.66 32.98 0.54
CA GLU C 176 -38.64 33.34 1.53
C GLU C 176 -38.04 33.30 2.92
N GLN C 177 -37.16 32.35 3.22
CA GLN C 177 -36.63 32.33 4.55
C GLN C 177 -35.91 33.64 4.83
N ALA C 178 -35.20 34.16 3.84
CA ALA C 178 -34.54 35.43 4.01
C ALA C 178 -35.59 36.52 4.24
N ARG C 179 -36.69 36.48 3.51
CA ARG C 179 -37.74 37.49 3.69
C ARG C 179 -38.35 37.42 5.08
N GLN C 180 -38.36 36.24 5.65
CA GLN C 180 -38.92 36.02 6.97
C GLN C 180 -37.92 36.31 8.10
N GLY C 181 -36.70 36.73 7.76
CA GLY C 181 -35.70 37.06 8.77
C GLY C 181 -34.99 35.84 9.37
N LYS C 182 -35.09 34.68 8.70
CA LYS C 182 -34.48 33.47 9.23
C LYS C 182 -33.02 33.33 8.84
N LEU C 183 -32.58 34.10 7.86
CA LEU C 183 -31.21 34.07 7.37
C LEU C 183 -30.43 35.27 7.83
N ASP C 184 -29.22 35.03 8.27
CA ASP C 184 -28.33 36.09 8.70
C ASP C 184 -28.02 37.02 7.56
N PRO C 185 -27.82 38.31 7.84
CA PRO C 185 -27.48 39.30 6.86
C PRO C 185 -26.11 38.97 6.39
N VAL C 186 -25.80 39.36 5.18
CA VAL C 186 -24.48 39.10 4.65
C VAL C 186 -23.69 40.37 4.54
N ILE C 187 -22.48 40.30 5.05
CA ILE C 187 -21.59 41.44 5.11
C ILE C 187 -20.31 41.26 4.31
N GLY C 188 -20.04 42.21 3.44
CA GLY C 188 -18.84 42.14 2.64
C GLY C 188 -18.98 41.12 1.53
N ARG C 189 -17.85 40.77 0.93
CA ARG C 189 -17.81 39.88 -0.20
C ARG C 189 -18.72 40.31 -1.33
N GLU C 190 -18.82 41.60 -1.53
CA GLU C 190 -19.69 42.10 -2.55
C GLU C 190 -19.22 41.66 -3.92
N GLU C 191 -17.90 41.56 -4.10
CA GLU C 191 -17.32 41.20 -5.38
C GLU C 191 -17.63 39.75 -5.72
N GLU C 192 -17.66 38.88 -4.71
CA GLU C 192 -17.95 37.48 -4.94
C GLU C 192 -19.40 37.37 -5.35
N ILE C 193 -20.23 38.16 -4.69
CA ILE C 193 -21.62 38.15 -5.01
C ILE C 193 -21.80 38.64 -6.41
N ARG C 194 -21.14 39.73 -6.75
CA ARG C 194 -21.25 40.23 -8.09
C ARG C 194 -20.80 39.19 -9.09
N SER C 195 -19.69 38.53 -8.84
CA SER C 195 -19.20 37.53 -9.78
C SER C 195 -20.19 36.39 -9.89
N THR C 196 -20.79 35.99 -8.79
CA THR C 196 -21.75 34.92 -8.83
C THR C 196 -22.87 35.34 -9.76
N ILE C 197 -23.31 36.59 -9.60
CA ILE C 197 -24.33 37.14 -10.44
C ILE C 197 -23.89 37.20 -11.88
N ARG C 198 -22.64 37.57 -12.13
CA ARG C 198 -22.18 37.63 -13.49
C ARG C 198 -22.37 36.30 -14.16
N VAL C 199 -22.07 35.24 -13.45
CA VAL C 199 -22.25 33.95 -14.07
C VAL C 199 -23.71 33.64 -14.27
N LEU C 200 -24.53 33.93 -13.29
CA LEU C 200 -25.95 33.64 -13.42
C LEU C 200 -26.56 34.39 -14.59
N ALA C 201 -26.02 35.56 -14.91
CA ALA C 201 -26.52 36.38 -15.99
C ALA C 201 -26.07 35.91 -17.38
N ARG C 202 -25.27 34.84 -17.45
CA ARG C 202 -24.81 34.30 -18.73
C ARG C 202 -25.89 33.69 -19.59
N ARG C 203 -25.65 33.64 -20.91
CA ARG C 203 -26.56 33.01 -21.86
C ARG C 203 -26.61 31.50 -21.67
N ILE C 204 -25.44 30.86 -21.54
CA ILE C 204 -25.43 29.40 -21.41
C ILE C 204 -24.56 28.94 -20.27
N LYS C 205 -24.85 27.75 -19.74
CA LYS C 205 -24.02 27.19 -18.68
C LYS C 205 -23.88 28.19 -17.57
N SER C 206 -24.99 28.79 -17.22
CA SER C 206 -25.01 29.83 -16.22
C SER C 206 -25.04 29.22 -14.84
N ASN C 207 -23.95 28.56 -14.47
CA ASN C 207 -23.97 27.81 -13.23
C ASN C 207 -22.74 28.02 -12.36
N PRO C 208 -22.60 29.11 -11.66
CA PRO C 208 -21.41 29.37 -10.91
C PRO C 208 -21.29 28.40 -9.79
N CYS C 209 -20.09 28.17 -9.35
CA CYS C 209 -19.88 27.34 -8.19
C CYS C 209 -18.84 27.92 -7.29
N LEU C 210 -19.18 28.01 -6.02
CA LEU C 210 -18.25 28.63 -5.12
C LEU C 210 -17.32 27.62 -4.54
N ILE C 211 -16.04 27.79 -4.82
CA ILE C 211 -15.04 26.86 -4.36
C ILE C 211 -14.14 27.49 -3.32
N GLY C 212 -13.95 26.80 -2.23
CA GLY C 212 -13.07 27.34 -1.20
C GLY C 212 -13.11 26.53 0.06
N GLU C 213 -12.21 26.82 0.97
CA GLU C 213 -12.13 26.07 2.19
C GLU C 213 -13.39 26.20 3.01
N PRO C 214 -13.76 25.18 3.78
CA PRO C 214 -14.95 25.16 4.56
C PRO C 214 -14.82 26.22 5.61
N GLY C 215 -15.92 26.83 5.96
CA GLY C 215 -15.90 27.82 7.01
C GLY C 215 -15.55 29.24 6.54
N ILE C 216 -15.40 29.46 5.22
CA ILE C 216 -15.06 30.83 4.84
C ILE C 216 -16.26 31.66 4.41
N GLY C 217 -17.47 31.15 4.58
CA GLY C 217 -18.62 31.97 4.21
C GLY C 217 -19.15 31.72 2.80
N LYS C 218 -18.96 30.55 2.25
CA LYS C 218 -19.46 30.38 0.91
C LYS C 218 -20.98 30.30 0.96
N THR C 219 -21.52 29.74 2.02
CA THR C 219 -22.95 29.70 2.08
C THR C 219 -23.44 31.13 2.16
N ALA C 220 -22.74 31.95 2.94
CA ALA C 220 -23.09 33.34 3.12
C ALA C 220 -23.11 34.06 1.80
N ILE C 221 -22.21 33.72 0.89
CA ILE C 221 -22.25 34.39 -0.39
C ILE C 221 -23.58 34.13 -1.05
N ILE C 222 -24.05 32.89 -1.00
CA ILE C 222 -25.31 32.59 -1.63
C ILE C 222 -26.48 33.16 -0.90
N GLU C 223 -26.43 33.16 0.41
CA GLU C 223 -27.50 33.77 1.18
C GLU C 223 -27.56 35.23 0.75
N GLY C 224 -26.37 35.80 0.51
CA GLY C 224 -26.16 37.15 0.04
C GLY C 224 -26.87 37.31 -1.27
N VAL C 225 -26.61 36.41 -2.21
CA VAL C 225 -27.27 36.51 -3.48
C VAL C 225 -28.77 36.49 -3.28
N ALA C 226 -29.27 35.59 -2.44
CA ALA C 226 -30.71 35.57 -2.24
C ALA C 226 -31.16 36.92 -1.71
N GLN C 227 -30.40 37.49 -0.79
CA GLN C 227 -30.79 38.76 -0.21
C GLN C 227 -30.78 39.86 -1.26
N ARG C 228 -29.81 39.80 -2.16
CA ARG C 228 -29.72 40.81 -3.19
C ARG C 228 -30.91 40.69 -4.13
N ILE C 229 -31.35 39.46 -4.38
CA ILE C 229 -32.48 39.33 -5.26
C ILE C 229 -33.69 39.96 -4.59
N ILE C 230 -33.87 39.67 -3.31
CA ILE C 230 -34.99 40.21 -2.54
C ILE C 230 -35.01 41.72 -2.51
N ASP C 231 -33.86 42.32 -2.37
CA ASP C 231 -33.74 43.76 -2.29
C ASP C 231 -33.61 44.46 -3.65
N ASP C 232 -33.73 43.71 -4.74
CA ASP C 232 -33.61 44.25 -6.09
C ASP C 232 -32.24 44.85 -6.39
N ASP C 233 -31.19 44.20 -5.89
CA ASP C 233 -29.81 44.61 -6.12
C ASP C 233 -29.13 43.69 -7.12
N VAL C 234 -29.95 43.11 -7.97
CA VAL C 234 -29.53 42.20 -8.99
C VAL C 234 -30.05 42.73 -10.31
N PRO C 235 -29.57 42.26 -11.44
CA PRO C 235 -29.99 42.66 -12.75
C PRO C 235 -31.39 42.22 -13.01
N THR C 236 -32.02 42.84 -13.99
CA THR C 236 -33.37 42.48 -14.41
C THR C 236 -33.50 40.99 -14.57
N ILE C 237 -32.48 40.39 -15.16
CA ILE C 237 -32.38 38.96 -15.37
C ILE C 237 -32.77 38.15 -14.13
N LEU C 238 -32.25 38.54 -12.96
CA LEU C 238 -32.50 37.83 -11.73
C LEU C 238 -33.62 38.47 -10.95
N GLN C 239 -33.98 39.66 -11.32
CA GLN C 239 -34.99 40.39 -10.60
C GLN C 239 -36.25 39.58 -10.43
N GLY C 240 -36.68 39.44 -9.18
CA GLY C 240 -37.89 38.69 -8.86
C GLY C 240 -37.71 37.18 -8.81
N ALA C 241 -36.51 36.70 -9.10
CA ALA C 241 -36.25 35.26 -9.13
C ALA C 241 -36.39 34.66 -7.75
N LYS C 242 -36.71 33.38 -7.72
CA LYS C 242 -36.78 32.68 -6.46
C LYS C 242 -35.57 31.76 -6.36
N LEU C 243 -35.08 31.54 -5.15
CA LEU C 243 -33.92 30.70 -4.96
C LEU C 243 -34.15 29.62 -3.90
N PHE C 244 -33.88 28.39 -4.32
CA PHE C 244 -34.14 27.24 -3.46
C PHE C 244 -32.93 26.43 -3.13
N SER C 245 -32.87 25.90 -1.92
CA SER C 245 -31.79 25.00 -1.54
C SER C 245 -32.27 23.60 -1.72
N LEU C 246 -31.71 22.90 -2.68
CA LEU C 246 -32.21 21.59 -2.99
C LEU C 246 -31.68 20.58 -2.02
N ASP C 247 -32.57 19.74 -1.54
CA ASP C 247 -32.18 18.74 -0.57
C ASP C 247 -31.60 17.51 -1.24
N LEU C 248 -30.97 16.69 -0.42
CA LEU C 248 -30.39 15.44 -0.85
C LEU C 248 -31.50 14.49 -1.06
N ALA C 249 -32.58 14.76 -0.33
CA ALA C 249 -33.81 14.00 -0.32
C ALA C 249 -34.35 13.77 -1.70
N ALA C 250 -34.08 14.68 -2.64
CA ALA C 250 -34.61 14.46 -3.97
C ALA C 250 -34.21 13.08 -4.45
N LEU C 251 -33.02 12.63 -4.06
CA LEU C 251 -32.52 11.33 -4.43
C LEU C 251 -32.52 10.43 -3.21
N THR C 252 -32.13 10.94 -2.07
CA THR C 252 -31.96 10.04 -0.93
C THR C 252 -33.28 9.51 -0.41
N ALA C 253 -34.41 10.06 -0.85
CA ALA C 253 -35.73 9.59 -0.44
C ALA C 253 -35.94 8.10 -0.74
N GLY C 254 -35.12 7.49 -1.60
CA GLY C 254 -35.25 6.05 -1.77
C GLY C 254 -35.47 5.53 -3.17
N ALA C 255 -34.67 4.53 -3.51
CA ALA C 255 -34.69 3.84 -4.79
C ALA C 255 -35.57 2.60 -4.70
N LYS C 256 -36.37 2.50 -3.65
CA LYS C 256 -37.27 1.37 -3.62
C LYS C 256 -37.91 1.52 -4.94
N TYR C 257 -37.87 0.52 -5.78
CA TYR C 257 -38.36 0.66 -7.13
C TYR C 257 -37.35 1.53 -7.88
N LYS C 258 -36.27 0.94 -8.34
CA LYS C 258 -35.23 1.75 -8.95
C LYS C 258 -35.84 2.60 -10.04
N GLY C 259 -35.20 3.71 -10.30
CA GLY C 259 -35.69 4.66 -11.25
C GLY C 259 -36.40 5.77 -10.49
N ASP C 260 -36.86 5.49 -9.26
CA ASP C 260 -37.50 6.56 -8.51
C ASP C 260 -36.54 7.69 -8.11
N PHE C 261 -35.25 7.38 -7.91
CA PHE C 261 -34.31 8.46 -7.60
C PHE C 261 -34.32 9.42 -8.75
N GLU C 262 -33.99 8.86 -9.90
CA GLU C 262 -33.86 9.60 -11.11
C GLU C 262 -35.15 10.28 -11.49
N GLU C 263 -36.28 9.64 -11.25
CA GLU C 263 -37.53 10.29 -11.58
C GLU C 263 -37.77 11.49 -10.72
N ARG C 264 -37.57 11.38 -9.41
CA ARG C 264 -37.83 12.54 -8.58
C ARG C 264 -36.99 13.68 -9.02
N PHE C 265 -35.74 13.39 -9.28
CA PHE C 265 -34.83 14.44 -9.61
C PHE C 265 -35.17 15.03 -10.97
N LYS C 266 -35.32 14.21 -12.00
CA LYS C 266 -35.66 14.79 -13.29
C LYS C 266 -36.96 15.56 -13.16
N GLY C 267 -37.89 14.99 -12.42
CA GLY C 267 -39.17 15.55 -12.19
C GLY C 267 -39.02 16.97 -11.67
N VAL C 268 -38.25 17.14 -10.59
CA VAL C 268 -38.18 18.49 -10.10
C VAL C 268 -37.44 19.36 -11.09
N LEU C 269 -36.49 18.82 -11.83
CA LEU C 269 -35.80 19.70 -12.74
C LEU C 269 -36.76 20.18 -13.81
N LYS C 270 -37.65 19.30 -14.23
CA LYS C 270 -38.65 19.65 -15.21
C LYS C 270 -39.49 20.77 -14.67
N GLU C 271 -40.02 20.60 -13.47
CA GLU C 271 -40.89 21.61 -12.89
C GLU C 271 -40.16 22.94 -12.72
N ILE C 272 -38.90 22.88 -12.35
CA ILE C 272 -38.09 24.08 -12.20
C ILE C 272 -37.87 24.83 -13.49
N GLU C 273 -37.47 24.12 -14.54
CA GLU C 273 -37.22 24.78 -15.79
C GLU C 273 -38.50 25.22 -16.48
N GLU C 274 -39.52 24.41 -16.39
CA GLU C 274 -40.73 24.69 -17.09
C GLU C 274 -41.43 26.00 -16.74
N SER C 275 -41.02 27.06 -17.43
CA SER C 275 -41.77 28.33 -17.56
C SER C 275 -41.99 29.24 -16.34
N LYS C 276 -42.24 28.66 -15.17
CA LYS C 276 -42.73 29.40 -14.02
C LYS C 276 -41.73 30.34 -13.33
N THR C 277 -41.33 31.38 -14.06
CA THR C 277 -40.39 32.42 -13.64
C THR C 277 -39.02 31.83 -13.37
N LEU C 278 -38.02 32.68 -13.28
CA LEU C 278 -36.71 32.14 -13.01
C LEU C 278 -36.58 31.63 -11.61
N ILE C 279 -36.13 30.39 -11.55
CA ILE C 279 -35.84 29.75 -10.30
C ILE C 279 -34.39 29.38 -10.32
N VAL C 280 -33.69 29.85 -9.32
CA VAL C 280 -32.28 29.60 -9.21
C VAL C 280 -32.10 28.49 -8.23
N LEU C 281 -31.37 27.48 -8.60
CA LEU C 281 -31.23 26.36 -7.72
C LEU C 281 -29.96 26.47 -7.00
N PHE C 282 -30.03 26.28 -5.72
CA PHE C 282 -28.84 26.26 -4.93
C PHE C 282 -28.61 24.86 -4.52
N ILE C 283 -27.54 24.31 -5.00
CA ILE C 283 -27.26 22.97 -4.64
C ILE C 283 -26.05 22.95 -3.82
N ASP C 284 -26.24 22.91 -2.53
CA ASP C 284 -25.10 22.89 -1.67
C ASP C 284 -24.59 21.51 -1.77
N GLU C 285 -23.40 21.29 -1.29
CA GLU C 285 -22.87 19.96 -1.29
C GLU C 285 -22.96 19.34 -2.66
N ILE C 286 -22.44 20.01 -3.70
CA ILE C 286 -22.55 19.40 -5.03
C ILE C 286 -21.80 18.09 -5.09
N HIS C 287 -20.98 17.82 -4.10
CA HIS C 287 -20.28 16.60 -3.97
C HIS C 287 -21.26 15.46 -3.93
N MET C 288 -22.41 15.66 -3.33
CA MET C 288 -23.38 14.60 -3.23
C MET C 288 -23.97 14.20 -4.59
N LEU C 289 -23.77 15.02 -5.61
CA LEU C 289 -24.27 14.69 -6.92
C LEU C 289 -23.20 14.09 -7.78
N MET C 290 -22.05 13.79 -7.18
CA MET C 290 -20.91 13.22 -7.87
C MET C 290 -21.29 11.96 -8.63
N GLY C 291 -22.06 11.09 -8.00
CA GLY C 291 -22.51 9.88 -8.65
C GLY C 291 -21.63 8.70 -8.33
N ASN C 292 -22.25 7.58 -8.03
CA ASN C 292 -21.53 6.38 -7.65
C ASN C 292 -20.92 5.63 -8.83
N GLY C 293 -19.89 6.21 -9.42
CA GLY C 293 -19.21 5.54 -10.53
C GLY C 293 -19.87 5.78 -11.88
N LYS C 294 -19.98 7.04 -12.28
CA LYS C 294 -20.67 7.38 -13.52
C LYS C 294 -22.01 6.70 -13.36
N ASP C 295 -22.57 6.09 -14.41
CA ASP C 295 -23.85 5.34 -14.36
C ASP C 295 -24.97 5.97 -13.49
N ASP C 296 -24.77 5.93 -12.18
CA ASP C 296 -25.59 6.49 -11.12
C ASP C 296 -25.70 7.99 -11.30
N ALA C 297 -24.62 8.54 -11.85
CA ALA C 297 -24.50 9.96 -12.14
C ALA C 297 -25.58 10.42 -13.11
N ALA C 298 -26.14 9.46 -13.84
CA ALA C 298 -27.20 9.66 -14.80
C ALA C 298 -26.99 10.91 -15.62
N ASN C 299 -28.04 11.69 -15.68
CA ASN C 299 -28.03 12.97 -16.31
C ASN C 299 -28.25 13.94 -15.22
N ILE C 300 -27.70 13.67 -14.05
CA ILE C 300 -28.00 14.60 -13.00
C ILE C 300 -27.59 15.96 -13.47
N LEU C 301 -28.59 16.79 -13.75
CA LEU C 301 -28.45 18.18 -14.17
C LEU C 301 -27.83 18.38 -15.57
N LYS C 302 -26.75 17.69 -15.84
CA LYS C 302 -25.86 17.89 -16.97
C LYS C 302 -26.44 18.33 -18.31
N PRO C 303 -27.35 17.61 -18.98
CA PRO C 303 -27.79 18.04 -20.27
C PRO C 303 -28.60 19.30 -20.19
N ALA C 304 -29.19 19.58 -19.04
CA ALA C 304 -30.00 20.77 -18.95
C ALA C 304 -29.09 21.95 -18.68
N LEU C 305 -28.08 21.71 -17.87
CA LEU C 305 -27.20 22.79 -17.53
C LEU C 305 -26.49 23.26 -18.79
N SER C 306 -26.22 22.30 -19.68
CA SER C 306 -25.52 22.55 -20.92
C SER C 306 -26.30 23.43 -21.86
N ARG C 307 -27.58 23.67 -21.58
CA ARG C 307 -28.41 24.46 -22.45
C ARG C 307 -28.77 25.81 -21.84
N GLY C 308 -28.29 26.08 -20.64
CA GLY C 308 -28.66 27.33 -19.98
C GLY C 308 -29.96 27.19 -19.19
N GLN C 309 -30.38 25.94 -18.96
CA GLN C 309 -31.59 25.63 -18.22
C GLN C 309 -31.20 25.37 -16.79
N LEU C 310 -32.13 25.52 -15.87
CA LEU C 310 -31.85 25.21 -14.47
C LEU C 310 -30.67 25.97 -13.93
N LYS C 311 -30.66 27.27 -13.92
CA LYS C 311 -29.43 27.86 -13.43
C LYS C 311 -29.13 27.32 -12.04
N VAL C 312 -27.94 26.74 -11.87
CA VAL C 312 -27.50 26.13 -10.62
C VAL C 312 -26.30 26.80 -10.02
N ILE C 313 -26.41 27.09 -8.75
CA ILE C 313 -25.33 27.62 -8.00
C ILE C 313 -24.73 26.50 -7.18
N GLY C 314 -23.47 26.22 -7.39
CA GLY C 314 -22.87 25.14 -6.64
C GLY C 314 -22.08 25.65 -5.45
N ALA C 315 -21.61 24.74 -4.65
CA ALA C 315 -20.76 25.06 -3.51
C ALA C 315 -20.04 23.80 -3.05
N THR C 316 -18.74 23.91 -2.88
CA THR C 316 -17.92 22.80 -2.41
C THR C 316 -16.48 23.20 -1.99
N THR C 317 -15.82 22.33 -1.23
CA THR C 317 -14.42 22.55 -0.85
C THR C 317 -13.47 22.12 -1.92
N ASN C 318 -12.20 22.47 -1.78
CA ASN C 318 -11.24 22.03 -2.75
C ASN C 318 -11.13 20.51 -2.82
N ASN C 319 -11.18 19.87 -1.66
CA ASN C 319 -11.04 18.42 -1.66
C ASN C 319 -12.21 17.78 -2.31
N GLU C 320 -13.38 18.31 -2.02
CA GLU C 320 -14.54 17.73 -2.62
C GLU C 320 -14.51 17.96 -4.10
N TYR C 321 -14.18 19.17 -4.50
CA TYR C 321 -14.16 19.54 -5.88
C TYR C 321 -13.29 18.59 -6.61
N ARG C 322 -12.11 18.34 -6.07
CA ARG C 322 -11.17 17.48 -6.72
C ARG C 322 -11.72 16.07 -6.87
N SER C 323 -12.36 15.52 -5.83
CA SER C 323 -12.89 14.15 -5.94
C SER C 323 -14.08 14.04 -6.89
N ILE C 324 -14.72 15.16 -7.22
CA ILE C 324 -15.83 15.14 -8.14
C ILE C 324 -15.34 15.33 -9.54
N VAL C 325 -14.72 16.46 -9.73
CA VAL C 325 -14.34 16.96 -11.00
C VAL C 325 -13.33 16.12 -11.71
N GLU C 326 -12.33 15.66 -10.99
CA GLU C 326 -11.33 14.86 -11.64
C GLU C 326 -11.85 13.49 -12.07
N LYS C 327 -13.05 13.12 -11.65
CA LYS C 327 -13.59 11.84 -12.00
C LYS C 327 -14.71 12.01 -13.01
N ASP C 328 -15.50 13.06 -12.83
CA ASP C 328 -16.65 13.32 -13.68
C ASP C 328 -16.28 13.94 -15.02
N GLY C 329 -15.37 14.91 -15.04
CA GLY C 329 -15.05 15.57 -16.30
C GLY C 329 -16.11 16.62 -16.68
N ALA C 330 -17.31 16.18 -16.96
CA ALA C 330 -18.36 17.09 -17.37
C ALA C 330 -18.64 18.16 -16.32
N PHE C 331 -18.61 17.83 -15.05
CA PHE C 331 -18.90 18.87 -14.10
C PHE C 331 -17.87 19.99 -14.13
N GLU C 332 -16.67 19.71 -14.61
CA GLU C 332 -15.61 20.70 -14.69
C GLU C 332 -16.02 21.84 -15.63
N ARG C 333 -16.91 21.52 -16.56
CA ARG C 333 -17.35 22.51 -17.51
C ARG C 333 -18.75 22.97 -17.20
N ARG C 334 -19.53 22.08 -16.60
CA ARG C 334 -20.90 22.46 -16.30
C ARG C 334 -20.94 23.54 -15.26
N PHE C 335 -20.07 23.43 -14.27
CA PHE C 335 -20.03 24.44 -13.24
C PHE C 335 -18.95 25.43 -13.58
N GLN C 336 -19.22 26.70 -13.33
CA GLN C 336 -18.20 27.68 -13.60
C GLN C 336 -17.53 28.11 -12.30
N LYS C 337 -16.38 27.51 -12.04
CA LYS C 337 -15.65 27.76 -10.81
C LYS C 337 -15.34 29.21 -10.47
N ILE C 338 -15.72 29.60 -9.25
CA ILE C 338 -15.42 30.90 -8.68
C ILE C 338 -14.63 30.73 -7.39
N GLU C 339 -13.48 31.34 -7.33
CA GLU C 339 -12.67 31.23 -6.14
C GLU C 339 -13.23 32.09 -5.04
N VAL C 340 -13.35 31.57 -3.84
CA VAL C 340 -13.75 32.41 -2.74
C VAL C 340 -12.61 32.43 -1.73
N ALA C 341 -12.01 33.58 -1.53
CA ALA C 341 -10.86 33.64 -0.62
C ALA C 341 -11.30 33.82 0.82
N GLU C 342 -10.53 33.26 1.75
CA GLU C 342 -10.75 33.49 3.17
C GLU C 342 -10.43 34.98 3.42
N PRO C 343 -11.25 35.72 4.15
CA PRO C 343 -11.08 37.13 4.43
C PRO C 343 -9.97 37.41 5.42
N SER C 344 -9.59 38.68 5.49
CA SER C 344 -8.66 39.20 6.47
C SER C 344 -9.29 39.38 7.83
N VAL C 345 -8.47 39.63 8.83
CA VAL C 345 -8.99 39.90 10.15
C VAL C 345 -9.83 41.14 10.15
N ARG C 346 -9.37 42.19 9.50
CA ARG C 346 -10.18 43.39 9.48
C ARG C 346 -11.56 43.09 8.93
N GLN C 347 -11.60 42.36 7.81
CA GLN C 347 -12.88 42.04 7.21
C GLN C 347 -13.71 41.17 8.13
N THR C 348 -13.05 40.26 8.81
CA THR C 348 -13.75 39.39 9.71
C THR C 348 -14.41 40.19 10.76
N VAL C 349 -13.71 41.17 11.28
CA VAL C 349 -14.33 41.95 12.31
C VAL C 349 -15.52 42.66 11.73
N ALA C 350 -15.40 43.21 10.53
CA ALA C 350 -16.56 43.88 9.96
C ALA C 350 -17.74 42.92 9.91
N ILE C 351 -17.48 41.68 9.56
CA ILE C 351 -18.52 40.71 9.52
C ILE C 351 -19.07 40.51 10.91
N LEU C 352 -18.19 40.42 11.89
CA LEU C 352 -18.68 40.20 13.21
C LEU C 352 -19.57 41.36 13.62
N ARG C 353 -19.21 42.58 13.24
CA ARG C 353 -20.03 43.71 13.63
C ARG C 353 -21.42 43.57 13.08
N GLY C 354 -21.51 43.15 11.83
CA GLY C 354 -22.80 42.96 11.20
C GLY C 354 -23.63 41.89 11.88
N LEU C 355 -22.98 40.84 12.34
CA LEU C 355 -23.69 39.77 12.97
C LEU C 355 -23.86 39.96 14.46
N GLN C 356 -23.10 40.86 15.03
CA GLN C 356 -23.18 41.11 16.45
C GLN C 356 -24.62 41.17 16.96
N PRO C 357 -25.57 41.92 16.34
CA PRO C 357 -26.92 42.01 16.83
C PRO C 357 -27.68 40.70 16.77
N LYS C 358 -27.26 39.76 15.94
CA LYS C 358 -27.96 38.51 15.88
C LYS C 358 -27.59 37.73 17.11
N TYR C 359 -26.36 37.90 17.53
CA TYR C 359 -25.94 37.20 18.72
C TYR C 359 -26.49 37.89 19.95
N GLU C 360 -26.47 39.22 19.94
CA GLU C 360 -26.93 39.92 21.11
C GLU C 360 -28.39 39.62 21.37
N ILE C 361 -29.20 39.61 20.32
CA ILE C 361 -30.61 39.33 20.47
C ILE C 361 -30.88 37.92 20.92
N HIS C 362 -30.22 36.97 20.28
CA HIS C 362 -30.43 35.58 20.63
C HIS C 362 -30.11 35.31 22.08
N HIS C 363 -28.93 35.74 22.50
CA HIS C 363 -28.48 35.48 23.84
C HIS C 363 -28.97 36.48 24.88
N GLY C 364 -29.40 37.67 24.48
CA GLY C 364 -29.84 38.64 25.47
C GLY C 364 -28.65 39.23 26.20
N VAL C 365 -27.57 39.45 25.48
CA VAL C 365 -26.32 39.96 26.05
C VAL C 365 -25.90 41.19 25.30
N ARG C 366 -24.92 41.92 25.81
CA ARG C 366 -24.45 43.06 25.01
C ARG C 366 -22.99 42.81 24.69
N ILE C 367 -22.59 43.05 23.46
CA ILE C 367 -21.24 42.73 23.07
C ILE C 367 -20.44 43.98 22.75
N LEU C 368 -19.24 44.07 23.29
CA LEU C 368 -18.39 45.22 23.06
C LEU C 368 -17.68 45.15 21.73
N ASP C 369 -17.51 46.27 21.04
CA ASP C 369 -16.80 46.16 19.77
C ASP C 369 -15.41 45.61 19.94
N SER C 370 -14.74 45.94 21.05
CA SER C 370 -13.38 45.45 21.21
C SER C 370 -13.39 43.94 21.38
N ALA C 371 -14.52 43.39 21.82
CA ALA C 371 -14.64 41.98 22.00
C ALA C 371 -14.64 41.35 20.64
N LEU C 372 -15.30 42.01 19.71
CA LEU C 372 -15.37 41.42 18.41
C LEU C 372 -13.98 41.43 17.81
N VAL C 373 -13.27 42.53 18.02
CA VAL C 373 -11.93 42.61 17.47
C VAL C 373 -11.07 41.54 18.08
N THR C 374 -11.18 41.41 19.38
CA THR C 374 -10.43 40.43 20.09
C THR C 374 -10.69 39.06 19.52
N ALA C 375 -11.95 38.71 19.32
CA ALA C 375 -12.24 37.39 18.81
C ALA C 375 -11.61 37.17 17.47
N ALA C 376 -11.69 38.13 16.58
CA ALA C 376 -11.11 37.89 15.27
C ALA C 376 -9.61 37.70 15.38
N GLN C 377 -8.96 38.48 16.22
CA GLN C 377 -7.52 38.34 16.35
C GLN C 377 -7.16 36.99 16.96
N LEU C 378 -7.90 36.58 17.97
CA LEU C 378 -7.63 35.33 18.65
C LEU C 378 -7.86 34.19 17.75
N ALA C 379 -8.91 34.28 16.97
CA ALA C 379 -9.24 33.20 16.10
C ALA C 379 -8.13 32.96 15.12
N LYS C 380 -7.62 34.03 14.52
CA LYS C 380 -6.54 33.84 13.59
C LYS C 380 -5.35 33.18 14.24
N ARG C 381 -5.01 33.60 15.45
CA ARG C 381 -3.85 33.08 16.12
C ARG C 381 -3.98 31.69 16.72
N TYR C 382 -5.13 31.37 17.30
CA TYR C 382 -5.26 30.12 18.02
C TYR C 382 -6.12 29.05 17.40
N LEU C 383 -6.77 29.32 16.30
CA LEU C 383 -7.57 28.29 15.70
C LEU C 383 -7.18 28.06 14.25
N PRO C 384 -5.93 27.66 13.96
CA PRO C 384 -5.39 27.52 12.62
C PRO C 384 -6.04 26.41 11.85
N TYR C 385 -6.81 25.59 12.53
CA TYR C 385 -7.45 24.49 11.87
C TYR C 385 -8.85 24.82 11.42
N ARG C 386 -9.29 26.03 11.68
CA ARG C 386 -10.63 26.40 11.29
C ARG C 386 -10.59 27.77 10.66
N ARG C 387 -11.19 27.88 9.50
CA ARG C 387 -11.09 29.11 8.74
C ARG C 387 -11.63 30.29 9.52
N LEU C 388 -11.03 31.43 9.29
CA LEU C 388 -11.31 32.56 10.13
C LEU C 388 -12.77 32.97 10.37
N PRO C 389 -13.66 33.14 9.38
CA PRO C 389 -15.03 33.53 9.64
C PRO C 389 -15.65 32.63 10.67
N ASP C 390 -15.64 31.32 10.43
CA ASP C 390 -16.14 30.44 11.47
C ASP C 390 -15.47 30.63 12.81
N SER C 391 -14.17 30.67 12.80
CA SER C 391 -13.46 30.66 14.04
C SER C 391 -13.81 31.88 14.88
N ALA C 392 -13.87 33.03 14.25
CA ALA C 392 -14.20 34.21 15.01
C ALA C 392 -15.61 34.09 15.58
N LEU C 393 -16.53 33.57 14.80
CA LEU C 393 -17.89 33.44 15.28
C LEU C 393 -17.99 32.44 16.39
N ASP C 394 -17.22 31.37 16.32
CA ASP C 394 -17.29 30.40 17.36
C ASP C 394 -16.93 31.06 18.68
N LEU C 395 -15.88 31.88 18.66
CA LEU C 395 -15.51 32.52 19.90
C LEU C 395 -16.57 33.48 20.39
N VAL C 396 -17.18 34.23 19.49
CA VAL C 396 -18.18 35.16 19.97
C VAL C 396 -19.40 34.43 20.49
N ASP C 397 -19.87 33.47 19.73
CA ASP C 397 -21.08 32.76 20.04
C ASP C 397 -20.89 32.02 21.34
N ILE C 398 -19.82 31.27 21.46
CA ILE C 398 -19.61 30.53 22.67
C ILE C 398 -19.44 31.46 23.85
N SER C 399 -18.73 32.56 23.69
CA SER C 399 -18.57 33.48 24.80
C SER C 399 -19.92 33.98 25.26
N CYS C 400 -20.78 34.28 24.31
CA CYS C 400 -22.08 34.74 24.65
C CYS C 400 -22.80 33.64 25.36
N ALA C 401 -22.64 32.40 24.89
CA ALA C 401 -23.28 31.27 25.53
C ALA C 401 -22.81 31.18 26.96
N GLY C 402 -21.54 31.45 27.19
CA GLY C 402 -20.99 31.43 28.53
C GLY C 402 -21.83 32.34 29.39
N VAL C 403 -22.02 33.56 28.90
CA VAL C 403 -22.82 34.52 29.63
C VAL C 403 -24.22 34.00 29.78
N ALA C 404 -24.79 33.43 28.72
CA ALA C 404 -26.15 32.91 28.75
C ALA C 404 -26.31 31.80 29.79
N VAL C 405 -25.32 30.96 29.97
CA VAL C 405 -25.46 29.92 30.95
C VAL C 405 -25.55 30.57 32.31
N ALA C 406 -24.63 31.50 32.54
CA ALA C 406 -24.63 32.22 33.79
C ALA C 406 -25.93 32.96 33.96
N ARG C 407 -26.43 33.55 32.88
CA ARG C 407 -27.65 34.32 32.83
C ARG C 407 -28.81 33.55 33.40
N ASP C 408 -28.99 32.30 32.95
CA ASP C 408 -30.12 31.55 33.49
C ASP C 408 -29.93 31.29 34.98
N SER C 409 -28.68 31.12 35.41
CA SER C 409 -28.43 30.90 36.83
C SER C 409 -28.25 32.22 37.59
N LYS C 410 -28.11 33.31 36.83
CA LYS C 410 -27.82 34.67 37.30
C LYS C 410 -28.07 35.68 36.17
N GLN C 538 -27.85 38.39 33.36
CA GLN C 538 -27.26 38.97 32.14
C GLN C 538 -25.92 39.63 32.35
N ASN C 539 -25.23 39.83 31.24
CA ASN C 539 -23.92 40.46 31.27
C ASN C 539 -23.53 40.90 29.89
N VAL C 540 -22.31 41.34 29.77
CA VAL C 540 -21.82 41.79 28.51
C VAL C 540 -20.69 40.90 28.11
N VAL C 541 -20.33 40.93 26.86
CA VAL C 541 -19.20 40.17 26.41
C VAL C 541 -18.11 41.11 26.02
N ASP C 542 -17.13 41.18 26.88
CA ASP C 542 -15.98 42.02 26.70
C ASP C 542 -14.82 41.22 26.14
N SER C 543 -13.69 41.88 25.96
CA SER C 543 -12.50 41.22 25.46
C SER C 543 -11.99 40.14 26.41
N ASP C 544 -12.15 40.37 27.69
CA ASP C 544 -11.63 39.45 28.68
C ASP C 544 -12.40 38.13 28.62
N THR C 545 -13.69 38.23 28.41
CA THR C 545 -14.55 37.08 28.28
C THR C 545 -14.16 36.32 27.04
N ILE C 546 -13.94 37.05 25.95
CA ILE C 546 -13.59 36.35 24.73
C ILE C 546 -12.31 35.60 24.93
N SER C 547 -11.36 36.23 25.60
CA SER C 547 -10.10 35.60 25.80
C SER C 547 -10.28 34.32 26.61
N GLU C 548 -11.10 34.37 27.66
CA GLU C 548 -11.29 33.16 28.46
C GLU C 548 -11.86 32.07 27.62
N THR C 549 -12.77 32.41 26.74
CA THR C 549 -13.36 31.40 25.91
C THR C 549 -12.32 30.74 25.06
N ALA C 550 -11.45 31.53 24.45
CA ALA C 550 -10.47 30.92 23.59
C ALA C 550 -9.63 29.94 24.38
N ALA C 551 -9.26 30.30 25.60
CA ALA C 551 -8.47 29.39 26.41
C ALA C 551 -9.28 28.14 26.72
N ARG C 552 -10.55 28.31 26.99
CA ARG C 552 -11.39 27.18 27.32
C ARG C 552 -11.40 26.15 26.20
N LEU C 553 -11.36 26.63 24.97
CA LEU C 553 -11.43 25.74 23.84
C LEU C 553 -10.05 25.28 23.33
N THR C 554 -9.02 26.09 23.48
CA THR C 554 -7.70 25.77 22.92
C THR C 554 -6.57 25.58 23.94
N GLY C 555 -6.86 25.74 25.22
CA GLY C 555 -5.85 25.60 26.24
C GLY C 555 -5.09 26.88 26.39
N ILE C 556 -4.20 27.13 25.43
CA ILE C 556 -3.39 28.36 25.33
C ILE C 556 -3.52 29.26 26.54
N PRO C 557 -3.02 28.84 27.70
CA PRO C 557 -3.17 29.45 29.00
C PRO C 557 -2.99 30.95 29.05
N VAL C 558 -2.28 31.48 28.07
CA VAL C 558 -1.98 32.89 28.03
C VAL C 558 -3.25 33.72 27.86
N LYS C 559 -4.28 33.14 27.27
CA LYS C 559 -5.49 33.91 27.09
C LYS C 559 -6.42 33.81 28.25
N LYS C 560 -6.02 33.12 29.29
CA LYS C 560 -6.89 33.09 30.44
C LYS C 560 -6.89 34.44 31.11
N LEU C 561 -5.89 35.30 30.84
CA LEU C 561 -5.80 36.58 31.51
C LEU C 561 -5.84 36.35 33.01
N SER C 562 -5.07 35.34 33.43
CA SER C 562 -4.99 34.92 34.81
C SER C 562 -4.15 35.86 35.63
N GLU C 563 -4.62 37.07 35.77
CA GLU C 563 -3.85 38.10 36.42
C GLU C 563 -3.61 37.80 37.90
N SER C 564 -4.54 37.11 38.55
CA SER C 564 -4.37 36.76 39.95
C SER C 564 -3.19 35.80 40.15
N GLU C 565 -2.75 35.18 39.06
CA GLU C 565 -1.68 34.21 39.09
C GLU C 565 -0.37 34.85 38.72
N ASN C 566 -0.38 36.17 38.52
CA ASN C 566 0.84 36.90 38.22
C ASN C 566 1.86 36.52 39.26
N GLU C 567 1.42 36.35 40.49
CA GLU C 567 2.29 35.95 41.57
C GLU C 567 3.16 34.78 41.15
N LYS C 568 2.59 33.80 40.46
CA LYS C 568 3.39 32.66 40.10
C LYS C 568 4.35 33.05 39.02
N LEU C 569 3.90 33.83 38.07
CA LEU C 569 4.77 34.17 36.97
C LEU C 569 5.94 35.03 37.43
N ILE C 570 5.65 35.88 38.38
CA ILE C 570 6.58 36.79 38.97
C ILE C 570 7.56 36.01 39.82
N HIS C 571 7.04 35.04 40.57
CA HIS C 571 7.88 34.23 41.43
C HIS C 571 8.14 32.81 40.92
N MET C 572 7.85 32.50 39.67
CA MET C 572 8.16 31.13 39.24
C MET C 572 9.62 30.83 39.32
N GLU C 573 10.47 31.85 39.29
CA GLU C 573 11.88 31.61 39.41
C GLU C 573 12.13 31.02 40.79
N ARG C 574 11.39 31.52 41.78
CA ARG C 574 11.50 31.07 43.15
C ARG C 574 11.09 29.63 43.20
N ASP C 575 9.94 29.35 42.63
CA ASP C 575 9.44 28.01 42.72
C ASP C 575 10.38 27.05 42.04
N LEU C 576 10.84 27.40 40.84
CA LEU C 576 11.74 26.48 40.18
C LEU C 576 13.02 26.33 40.95
N SER C 577 13.51 27.39 41.60
CA SER C 577 14.76 27.31 42.35
C SER C 577 14.64 26.41 43.58
N SER C 578 13.41 26.07 43.99
CA SER C 578 13.23 25.22 45.14
C SER C 578 13.20 23.77 44.69
N GLU C 579 13.11 23.57 43.38
CA GLU C 579 13.07 22.25 42.79
C GLU C 579 14.45 21.94 42.24
N VAL C 580 15.03 22.95 41.61
CA VAL C 580 16.32 22.88 41.00
C VAL C 580 17.27 23.88 41.60
N VAL C 581 18.30 23.36 42.18
CA VAL C 581 19.34 24.13 42.79
C VAL C 581 20.34 24.45 41.73
N GLY C 582 20.70 25.71 41.62
CA GLY C 582 21.63 26.09 40.59
C GLY C 582 20.86 26.19 39.31
N GLN C 583 21.55 26.49 38.24
CA GLN C 583 20.96 26.66 36.93
C GLN C 583 20.07 27.87 36.90
N MET C 584 20.39 28.86 37.71
CA MET C 584 19.58 30.06 37.77
C MET C 584 19.44 30.66 36.38
N ASP C 585 20.48 30.61 35.56
CA ASP C 585 20.35 31.19 34.23
C ASP C 585 19.32 30.49 33.40
N ALA C 586 19.22 29.18 33.57
CA ALA C 586 18.26 28.46 32.76
C ALA C 586 16.88 28.76 33.25
N ILE C 587 16.75 28.84 34.56
CA ILE C 587 15.48 29.12 35.14
C ILE C 587 14.99 30.48 34.74
N LYS C 588 15.86 31.48 34.81
CA LYS C 588 15.45 32.81 34.41
C LYS C 588 15.09 32.83 32.94
N ALA C 589 15.89 32.15 32.12
CA ALA C 589 15.63 32.15 30.70
C ALA C 589 14.28 31.54 30.38
N VAL C 590 13.99 30.41 30.98
CA VAL C 590 12.73 29.79 30.72
C VAL C 590 11.61 30.60 31.29
N SER C 591 11.80 31.12 32.49
CA SER C 591 10.76 31.89 33.09
C SER C 591 10.39 33.02 32.17
N ASN C 592 11.36 33.65 31.53
CA ASN C 592 11.02 34.71 30.63
C ASN C 592 10.21 34.22 29.45
N ALA C 593 10.49 33.01 28.96
CA ALA C 593 9.66 32.51 27.87
C ALA C 593 8.23 32.42 28.33
N VAL C 594 8.06 31.96 29.54
CA VAL C 594 6.72 31.79 30.03
C VAL C 594 6.06 33.13 30.19
N ARG C 595 6.75 34.07 30.78
CA ARG C 595 6.19 35.38 31.02
C ARG C 595 5.82 36.09 29.73
N LEU C 596 6.65 35.99 28.72
CA LEU C 596 6.37 36.63 27.45
C LEU C 596 5.15 36.04 26.82
N SER C 597 5.00 34.73 26.97
CA SER C 597 3.84 34.12 26.40
C SER C 597 2.61 34.61 27.12
N ARG C 598 2.67 34.61 28.44
CA ARG C 598 1.54 34.99 29.28
C ARG C 598 1.18 36.44 29.12
N SER C 599 2.17 37.26 28.86
CA SER C 599 1.96 38.68 28.74
C SER C 599 1.53 39.09 27.36
N GLY C 600 1.50 38.16 26.41
CA GLY C 600 1.12 38.50 25.07
C GLY C 600 2.21 39.25 24.33
N LEU C 601 3.45 39.11 24.76
CA LEU C 601 4.53 39.83 24.11
C LEU C 601 5.27 38.92 23.17
N ALA C 602 5.23 37.62 23.44
CA ALA C 602 5.93 36.66 22.63
C ALA C 602 5.43 36.72 21.21
N ASN C 603 6.31 36.43 20.27
CA ASN C 603 6.00 36.39 18.85
C ASN C 603 5.17 35.18 18.45
N PRO C 604 3.92 35.33 17.96
CA PRO C 604 3.03 34.24 17.56
C PRO C 604 3.67 33.23 16.60
N ARG C 605 4.75 33.60 15.91
CA ARG C 605 5.43 32.69 14.99
C ARG C 605 6.75 32.11 15.45
N GLN C 606 7.14 32.38 16.67
CA GLN C 606 8.42 31.86 17.13
C GLN C 606 8.33 31.17 18.48
N PRO C 607 7.98 29.88 18.53
CA PRO C 607 7.81 29.25 19.81
C PRO C 607 9.11 29.43 20.52
N ALA C 608 9.06 29.76 21.79
CA ALA C 608 10.30 29.97 22.49
C ALA C 608 11.08 28.69 22.47
N SER C 609 12.38 28.80 22.29
CA SER C 609 13.18 27.59 22.29
C SER C 609 14.52 27.75 22.97
N PHE C 610 14.93 26.69 23.64
CA PHE C 610 16.20 26.73 24.30
C PHE C 610 17.05 25.56 23.98
N LEU C 611 18.34 25.77 24.04
CA LEU C 611 19.27 24.66 23.95
C LEU C 611 20.11 24.67 25.18
N PHE C 612 20.03 23.59 25.93
CA PHE C 612 20.74 23.51 27.17
C PHE C 612 22.01 22.72 27.02
N LEU C 613 23.12 23.37 27.31
CA LEU C 613 24.39 22.73 27.25
C LEU C 613 24.82 22.56 28.69
N GLY C 614 25.48 21.48 29.04
CA GLY C 614 25.92 21.33 30.42
C GLY C 614 26.34 19.92 30.76
N LEU C 615 26.86 19.73 31.97
CA LEU C 615 27.30 18.43 32.44
C LEU C 615 26.14 17.52 32.64
N SER C 616 26.33 16.23 32.48
CA SER C 616 25.20 15.38 32.75
C SER C 616 24.95 15.56 34.21
N GLY C 617 23.73 15.37 34.65
CA GLY C 617 23.48 15.46 36.08
C GLY C 617 23.34 16.92 36.55
N SER C 618 23.48 17.88 35.64
CA SER C 618 23.37 19.28 35.97
C SER C 618 21.91 19.72 36.01
N GLY C 619 20.97 18.85 35.64
CA GLY C 619 19.57 19.20 35.67
C GLY C 619 18.95 19.67 34.36
N LYS C 620 19.56 19.37 33.22
CA LYS C 620 18.96 19.83 31.97
C LYS C 620 17.51 19.33 31.80
N THR C 621 17.29 18.03 31.89
CA THR C 621 15.95 17.56 31.68
C THR C 621 15.16 17.72 32.95
N GLU C 622 15.84 17.87 34.06
CA GLU C 622 15.10 18.05 35.27
C GLU C 622 14.42 19.38 35.21
N LEU C 623 15.14 20.39 34.73
CA LEU C 623 14.51 21.67 34.62
C LEU C 623 13.36 21.55 33.68
N ALA C 624 13.57 20.95 32.53
CA ALA C 624 12.50 20.89 31.58
C ALA C 624 11.26 20.25 32.20
N LYS C 625 11.44 19.18 32.95
CA LYS C 625 10.29 18.55 33.55
C LYS C 625 9.66 19.42 34.60
N LYS C 626 10.48 20.15 35.35
CA LYS C 626 9.91 20.96 36.39
C LYS C 626 9.13 22.10 35.79
N VAL C 627 9.53 22.55 34.61
CA VAL C 627 8.80 23.58 33.92
C VAL C 627 7.44 23.02 33.53
N ALA C 628 7.40 21.83 32.94
CA ALA C 628 6.09 21.24 32.60
C ALA C 628 5.29 21.04 33.88
N GLY C 629 6.00 20.71 34.94
CA GLY C 629 5.37 20.54 36.21
C GLY C 629 4.64 21.84 36.52
N PHE C 630 5.39 22.92 36.61
CA PHE C 630 4.86 24.24 36.92
C PHE C 630 3.73 24.66 36.01
N LEU C 631 3.95 24.57 34.71
CA LEU C 631 2.98 25.04 33.75
C LEU C 631 1.68 24.27 33.73
N PHE C 632 1.74 22.97 33.89
CA PHE C 632 0.53 22.19 33.76
C PHE C 632 0.23 21.37 34.98
N ASN C 633 0.99 21.58 36.04
CA ASN C 633 0.87 20.81 37.27
C ASN C 633 1.07 19.35 36.96
N ASP C 634 1.94 19.05 36.00
CA ASP C 634 2.17 17.65 35.64
C ASP C 634 3.36 17.44 34.70
N GLU C 635 4.39 16.75 35.17
CA GLU C 635 5.58 16.52 34.36
C GLU C 635 5.27 15.67 33.11
N ASP C 636 4.24 14.82 33.19
CA ASP C 636 3.89 13.92 32.10
C ASP C 636 3.29 14.63 30.90
N MET C 637 2.92 15.89 31.06
CA MET C 637 2.40 16.68 29.95
C MET C 637 3.41 16.90 28.84
N MET C 638 4.68 16.77 29.14
CA MET C 638 5.71 17.04 28.17
C MET C 638 5.74 16.10 26.99
N ILE C 639 5.86 16.66 25.81
CA ILE C 639 5.97 15.81 24.67
C ILE C 639 7.40 15.41 24.51
N ARG C 640 7.76 14.36 25.18
CA ARG C 640 9.15 13.96 25.11
C ARG C 640 9.47 13.20 23.87
N VAL C 641 10.53 13.60 23.24
CA VAL C 641 11.04 12.96 22.07
C VAL C 641 12.44 12.49 22.28
N ASP C 642 12.69 11.19 22.17
CA ASP C 642 14.07 10.82 22.34
C ASP C 642 14.79 11.03 21.07
N CYS C 643 15.22 12.23 20.87
CA CYS C 643 15.82 12.56 19.63
C CYS C 643 17.17 11.93 19.43
N SER C 644 17.74 11.34 20.47
CA SER C 644 19.04 10.76 20.32
C SER C 644 18.91 9.47 19.57
N GLU C 645 17.74 8.89 19.59
CA GLU C 645 17.54 7.65 18.92
C GLU C 645 16.99 7.89 17.52
N LEU C 646 17.79 8.61 16.74
CA LEU C 646 17.38 9.03 15.42
C LEU C 646 18.40 8.89 14.29
N SER C 647 18.39 7.73 13.64
CA SER C 647 19.27 7.51 12.51
C SER C 647 18.64 8.21 11.30
N GLU C 648 19.45 8.62 10.35
CA GLU C 648 18.97 9.37 9.19
C GLU C 648 17.73 8.88 8.49
N LYS C 649 17.65 7.59 8.25
CA LYS C 649 16.63 7.11 7.36
C LYS C 649 15.29 7.03 8.00
N TYR C 650 15.25 7.13 9.30
CA TYR C 650 14.01 6.91 10.00
C TYR C 650 13.56 8.11 10.75
N ALA C 651 14.52 8.89 11.14
CA ALA C 651 14.25 9.90 12.09
C ALA C 651 13.17 10.89 11.79
N VAL C 652 13.05 11.36 10.57
CA VAL C 652 12.04 12.36 10.39
C VAL C 652 10.67 11.75 10.46
N SER C 653 10.48 10.63 9.81
CA SER C 653 9.17 10.01 9.84
C SER C 653 8.78 9.58 11.25
N LYS C 654 9.74 9.29 12.09
CA LYS C 654 9.40 8.93 13.46
C LYS C 654 8.64 10.05 14.13
N LEU C 655 8.94 11.28 13.76
CA LEU C 655 8.37 12.42 14.41
C LEU C 655 7.22 13.03 13.61
N LEU C 656 7.30 13.01 12.29
CA LEU C 656 6.27 13.63 11.45
C LEU C 656 5.30 12.62 10.86
N GLY C 657 5.70 11.38 10.82
CA GLY C 657 4.91 10.36 10.18
C GLY C 657 5.25 10.28 8.72
N THR C 658 4.78 9.22 8.11
CA THR C 658 4.94 8.89 6.73
C THR C 658 3.98 9.60 5.85
N THR C 659 4.29 9.63 4.57
CA THR C 659 3.47 10.27 3.56
C THR C 659 2.57 9.24 2.90
N ALA C 660 1.56 9.71 2.19
CA ALA C 660 0.63 8.83 1.51
C ALA C 660 1.36 7.89 0.58
N GLY C 661 0.98 6.62 0.63
CA GLY C 661 1.58 5.62 -0.23
C GLY C 661 2.65 4.78 0.41
N TYR C 662 2.73 4.80 1.74
CA TYR C 662 3.73 4.01 2.42
C TYR C 662 3.16 3.33 3.66
N VAL C 663 3.74 2.20 4.02
CA VAL C 663 3.30 1.42 5.18
C VAL C 663 3.19 2.29 6.40
N GLY C 664 2.06 2.17 7.10
CA GLY C 664 1.84 2.95 8.30
C GLY C 664 1.47 4.37 7.97
N TYR C 665 0.17 4.62 7.80
CA TYR C 665 -0.30 5.96 7.51
C TYR C 665 -0.76 6.59 8.81
N ASP C 666 -0.04 6.24 9.87
CA ASP C 666 -0.32 6.77 11.20
C ASP C 666 0.41 8.09 11.38
N GLU C 667 -0.15 9.06 10.70
CA GLU C 667 0.35 10.39 10.54
C GLU C 667 0.77 10.94 11.84
N GLY C 668 1.93 11.56 11.86
CA GLY C 668 2.39 12.23 13.03
C GLY C 668 3.38 11.57 13.90
N GLY C 669 3.48 10.24 13.88
CA GLY C 669 4.48 9.65 14.75
C GLY C 669 4.36 10.29 16.13
N PHE C 670 5.49 10.75 16.65
CA PHE C 670 5.46 11.44 17.93
C PHE C 670 5.01 12.87 17.97
N LEU C 671 5.23 13.68 16.93
CA LEU C 671 4.89 15.08 17.13
C LEU C 671 3.53 15.52 16.66
N THR C 672 3.10 15.16 15.49
CA THR C 672 1.84 15.77 15.08
C THR C 672 0.73 15.35 16.00
N ASN C 673 0.80 14.10 16.38
CA ASN C 673 -0.20 13.47 17.20
C ASN C 673 -0.26 13.99 18.60
N GLN C 674 0.68 14.83 18.96
CA GLN C 674 0.66 15.41 20.25
C GLN C 674 0.41 16.90 20.12
N LEU C 675 1.06 17.52 19.16
CA LEU C 675 0.96 18.95 18.98
C LEU C 675 -0.43 19.41 18.67
N GLN C 676 -1.18 18.62 17.91
CA GLN C 676 -2.54 19.01 17.55
C GLN C 676 -3.52 18.95 18.71
N TYR C 677 -3.10 18.36 19.81
CA TYR C 677 -3.97 18.22 20.95
C TYR C 677 -3.43 19.02 22.11
N LYS C 678 -2.13 19.24 22.15
CA LYS C 678 -1.55 19.96 23.25
C LYS C 678 -0.71 21.11 22.69
N PRO C 679 -1.29 22.09 22.01
CA PRO C 679 -0.58 23.13 21.30
C PRO C 679 0.20 24.06 22.21
N TYR C 680 -0.15 24.07 23.48
CA TYR C 680 0.51 24.93 24.46
C TYR C 680 1.54 24.19 25.27
N SER C 681 1.88 22.98 24.87
CA SER C 681 2.82 22.10 25.55
C SER C 681 4.30 22.43 25.45
N VAL C 682 5.06 21.71 26.25
CA VAL C 682 6.50 21.79 26.22
C VAL C 682 7.05 20.60 25.45
N LEU C 683 7.95 20.85 24.49
CA LEU C 683 8.56 19.77 23.75
C LEU C 683 9.91 19.53 24.33
N LEU C 684 10.34 18.29 24.39
CA LEU C 684 11.68 18.03 24.86
C LEU C 684 12.43 17.11 23.98
N PHE C 685 13.59 17.57 23.55
CA PHE C 685 14.43 16.75 22.70
C PHE C 685 15.68 16.31 23.48
N ASP C 686 15.74 15.03 23.77
CA ASP C 686 16.84 14.52 24.60
C ASP C 686 18.10 14.25 23.80
N GLU C 687 19.16 15.00 24.07
CA GLU C 687 20.45 14.90 23.36
C GLU C 687 20.34 15.16 21.87
N VAL C 688 20.02 16.39 21.49
CA VAL C 688 19.89 16.72 20.08
C VAL C 688 21.17 16.56 19.33
N GLU C 689 22.30 16.63 20.02
CA GLU C 689 23.58 16.41 19.40
C GLU C 689 23.71 15.02 18.78
N LYS C 690 22.90 14.07 19.24
CA LYS C 690 22.96 12.72 18.73
C LYS C 690 22.02 12.53 17.58
N ALA C 691 21.07 13.44 17.42
CA ALA C 691 20.09 13.26 16.40
C ALA C 691 20.78 13.37 15.08
N HIS C 692 20.44 12.57 14.12
CA HIS C 692 21.06 12.80 12.84
C HIS C 692 20.69 14.21 12.37
N PRO C 693 21.60 14.96 11.74
CA PRO C 693 21.32 16.29 11.23
C PRO C 693 20.05 16.39 10.41
N ASP C 694 19.59 15.31 9.78
CA ASP C 694 18.37 15.41 8.99
C ASP C 694 17.20 15.80 9.90
N VAL C 695 17.28 15.39 11.15
CA VAL C 695 16.25 15.68 12.10
C VAL C 695 16.30 17.10 12.45
N LEU C 696 17.51 17.54 12.70
CA LEU C 696 17.70 18.88 13.13
C LEU C 696 17.22 19.79 12.02
N THR C 697 17.46 19.37 10.79
CA THR C 697 17.04 20.11 9.64
C THR C 697 15.53 20.35 9.71
N VAL C 698 14.76 19.33 10.03
CA VAL C 698 13.32 19.55 10.19
C VAL C 698 12.96 20.47 11.34
N MET C 699 13.63 20.27 12.45
CA MET C 699 13.38 21.06 13.62
C MET C 699 13.63 22.52 13.35
N LEU C 700 14.47 22.83 12.37
CA LEU C 700 14.75 24.21 12.05
C LEU C 700 13.48 24.97 11.75
N GLN C 701 12.51 24.34 11.12
CA GLN C 701 11.34 25.10 10.80
C GLN C 701 10.47 25.17 12.03
N MET C 702 10.42 24.06 12.72
CA MET C 702 9.56 23.96 13.88
C MET C 702 9.91 25.01 14.93
N LEU C 703 11.20 25.18 15.14
CA LEU C 703 11.76 26.09 16.13
C LEU C 703 11.60 27.57 15.79
N ASP C 704 11.35 27.86 14.53
CA ASP C 704 11.30 29.22 14.02
C ASP C 704 10.39 29.26 12.84
N ASP C 705 9.27 29.98 12.96
CA ASP C 705 8.17 29.98 12.00
C ASP C 705 7.07 29.09 12.57
N GLY C 706 7.43 27.87 12.94
CA GLY C 706 6.49 27.02 13.62
C GLY C 706 5.67 26.17 12.71
N ARG C 707 5.70 26.39 11.39
CA ARG C 707 4.84 25.56 10.55
C ARG C 707 5.39 24.18 10.27
N ILE C 708 5.58 23.40 11.28
CA ILE C 708 5.98 22.05 11.04
C ILE C 708 4.79 21.45 10.35
N THR C 709 5.01 20.61 9.35
CA THR C 709 3.91 19.97 8.66
C THR C 709 3.96 18.48 8.87
N SER C 710 2.87 17.78 8.58
CA SER C 710 2.86 16.34 8.77
C SER C 710 3.26 15.65 7.51
N GLY C 711 3.55 14.37 7.62
CA GLY C 711 3.84 13.59 6.44
C GLY C 711 2.67 13.50 5.44
N GLN C 712 1.44 13.78 5.88
CA GLN C 712 0.29 13.68 4.99
C GLN C 712 -0.02 15.02 4.35
N GLY C 713 0.79 16.03 4.62
CA GLY C 713 0.59 17.35 4.03
C GLY C 713 -0.15 18.38 4.88
N LYS C 714 -0.33 18.15 6.18
CA LYS C 714 -1.04 19.15 6.98
C LYS C 714 -0.10 20.07 7.70
N THR C 715 -0.53 21.29 7.96
CA THR C 715 0.31 22.16 8.75
C THR C 715 -0.14 22.11 10.17
N ILE C 716 0.80 21.88 11.07
CA ILE C 716 0.45 21.79 12.47
C ILE C 716 0.48 23.13 13.16
N ASP C 717 1.63 23.80 13.07
CA ASP C 717 1.88 25.05 13.80
C ASP C 717 2.17 24.82 15.29
N CYS C 718 3.45 24.87 15.65
CA CYS C 718 3.93 24.65 17.01
C CYS C 718 4.16 25.90 17.81
N SER C 719 3.88 27.06 17.25
CA SER C 719 4.29 28.31 17.88
C SER C 719 3.78 28.59 19.29
N ASN C 720 2.82 27.83 19.79
CA ASN C 720 2.36 28.09 21.14
C ASN C 720 3.07 27.23 22.15
N CYS C 721 4.05 26.46 21.68
CA CYS C 721 4.84 25.59 22.54
C CYS C 721 6.15 26.19 23.00
N ILE C 722 6.69 25.60 24.04
CA ILE C 722 8.01 25.94 24.52
C ILE C 722 8.89 24.77 24.19
N VAL C 723 10.00 25.00 23.55
CA VAL C 723 10.82 23.88 23.16
C VAL C 723 12.13 23.84 23.88
N ILE C 724 12.43 22.72 24.50
CA ILE C 724 13.69 22.58 25.16
C ILE C 724 14.48 21.47 24.52
N MET C 725 15.69 21.79 24.14
CA MET C 725 16.55 20.81 23.56
C MET C 725 17.73 20.68 24.48
N THR C 726 18.26 19.49 24.59
CA THR C 726 19.42 19.29 25.45
C THR C 726 20.57 18.62 24.75
N SER C 727 21.80 18.86 25.24
CA SER C 727 23.02 18.16 24.77
C SER C 727 24.18 18.26 25.78
N ASN C 728 25.20 17.44 25.60
CA ASN C 728 26.34 17.41 26.52
C ASN C 728 27.69 17.83 25.92
N LEU C 729 27.70 18.52 24.80
CA LEU C 729 28.99 18.83 24.20
C LEU C 729 29.90 19.62 25.11
N GLY C 730 29.31 20.56 25.83
CA GLY C 730 30.04 21.46 26.68
C GLY C 730 30.65 20.79 27.89
N ALA C 731 30.27 19.53 28.14
CA ALA C 731 30.79 18.83 29.28
C ALA C 731 32.29 18.76 29.24
N GLU C 732 32.82 18.72 28.02
CA GLU C 732 34.24 18.59 27.81
C GLU C 732 35.03 19.78 28.32
N PHE C 733 34.36 20.91 28.51
CA PHE C 733 35.05 22.08 28.98
C PHE C 733 34.61 22.42 30.38
N ILE C 734 33.39 22.11 30.71
CA ILE C 734 32.89 22.44 32.04
C ILE C 734 33.69 21.68 33.08
N ASN C 735 34.03 20.45 32.75
CA ASN C 735 34.83 19.61 33.62
C ASN C 735 36.17 20.24 34.02
N SER C 736 36.60 21.31 33.34
CA SER C 736 37.82 22.03 33.62
C SER C 736 37.78 22.73 34.97
N GLN C 737 36.58 22.80 35.56
CA GLN C 737 36.28 23.43 36.84
C GLN C 737 36.40 24.91 36.78
N GLN C 738 36.45 25.49 35.58
CA GLN C 738 36.58 26.90 35.52
C GLN C 738 35.30 27.68 35.72
N GLY C 739 34.99 27.78 37.02
CA GLY C 739 33.86 28.44 37.64
C GLY C 739 32.70 27.51 37.93
N SER C 740 31.89 27.91 38.91
CA SER C 740 30.68 27.19 39.21
C SER C 740 29.75 27.72 38.14
N LYS C 741 29.48 29.00 38.23
CA LYS C 741 28.83 29.69 37.15
C LYS C 741 29.87 29.63 36.06
N ILE C 742 29.48 29.31 34.85
CA ILE C 742 30.50 29.13 33.86
C ILE C 742 31.09 30.45 33.46
N GLN C 743 32.41 30.52 33.45
CA GLN C 743 33.12 31.75 33.15
C GLN C 743 33.16 32.10 31.68
N GLU C 744 33.52 33.34 31.40
CA GLU C 744 33.72 33.74 30.03
C GLU C 744 34.85 32.89 29.57
N SER C 745 35.04 32.77 28.27
CA SER C 745 36.07 31.89 27.68
C SER C 745 35.65 30.42 27.84
N THR C 746 35.42 29.97 29.06
CA THR C 746 34.95 28.61 29.29
C THR C 746 33.67 28.46 28.49
N LYS C 747 32.78 29.44 28.61
CA LYS C 747 31.56 29.41 27.82
C LYS C 747 31.87 29.41 26.34
N ASN C 748 32.92 30.10 25.93
CA ASN C 748 33.19 30.14 24.51
C ASN C 748 33.71 28.81 24.03
N LEU C 749 34.37 28.06 24.89
CA LEU C 749 34.85 26.75 24.47
C LEU C 749 33.63 25.91 24.18
N VAL C 750 32.62 26.08 25.02
CA VAL C 750 31.38 25.36 24.86
C VAL C 750 30.70 25.80 23.59
N MET C 751 30.65 27.11 23.36
CA MET C 751 30.03 27.59 22.14
C MET C 751 30.81 27.14 20.93
N GLY C 752 32.11 27.00 21.08
CA GLY C 752 32.91 26.51 20.01
C GLY C 752 32.35 25.16 19.64
N ALA C 753 32.26 24.27 20.61
CA ALA C 753 31.76 22.94 20.33
C ALA C 753 30.36 22.93 19.76
N VAL C 754 29.48 23.79 20.24
CA VAL C 754 28.15 23.67 19.69
C VAL C 754 28.18 24.13 18.23
N ARG C 755 29.00 25.13 17.92
CA ARG C 755 29.11 25.59 16.54
C ARG C 755 29.80 24.59 15.64
N GLN C 756 30.75 23.86 16.19
CA GLN C 756 31.43 22.87 15.40
C GLN C 756 30.52 21.70 15.08
N HIS C 757 29.67 21.35 16.03
CA HIS C 757 28.81 20.21 15.87
C HIS C 757 27.54 20.49 15.07
N PHE C 758 26.86 21.60 15.35
CA PHE C 758 25.58 21.91 14.72
C PHE C 758 25.73 22.96 13.65
N ARG C 759 24.94 22.89 12.62
CA ARG C 759 24.98 23.95 11.63
C ARG C 759 24.50 25.26 12.24
N PRO C 760 25.07 26.43 11.90
CA PRO C 760 24.64 27.70 12.40
C PRO C 760 23.20 27.98 12.01
N GLU C 761 22.73 27.33 10.95
CA GLU C 761 21.35 27.51 10.54
C GLU C 761 20.42 27.13 11.68
N PHE C 762 20.86 26.19 12.50
CA PHE C 762 20.14 25.70 13.64
C PHE C 762 20.38 26.59 14.79
N LEU C 763 21.63 26.85 15.06
CA LEU C 763 21.93 27.57 16.27
C LEU C 763 21.32 28.95 16.27
N ASN C 764 21.29 29.58 15.12
CA ASN C 764 20.74 30.90 15.00
C ASN C 764 19.27 30.96 15.31
N ARG C 765 18.56 29.86 15.12
CA ARG C 765 17.10 29.86 15.33
C ARG C 765 16.66 29.57 16.76
N ILE C 766 17.61 29.30 17.65
CA ILE C 766 17.27 28.97 19.01
C ILE C 766 17.01 30.26 19.73
N SER C 767 15.98 30.37 20.57
CA SER C 767 15.77 31.66 21.21
C SER C 767 17.00 31.99 22.05
N SER C 768 17.49 31.00 22.76
CA SER C 768 18.68 31.18 23.56
C SER C 768 19.40 29.88 23.87
N ILE C 769 20.71 29.94 23.90
CA ILE C 769 21.51 28.81 24.29
C ILE C 769 21.97 29.09 25.70
N VAL C 770 21.73 28.17 26.59
CA VAL C 770 22.09 28.38 27.98
C VAL C 770 23.07 27.33 28.41
N ILE C 771 24.15 27.76 29.04
CA ILE C 771 25.14 26.83 29.52
C ILE C 771 24.99 26.68 31.01
N PHE C 772 24.70 25.49 31.45
CA PHE C 772 24.44 25.21 32.85
C PHE C 772 25.66 25.33 33.73
N ASN C 773 25.44 25.72 34.97
CA ASN C 773 26.51 25.82 35.93
C ASN C 773 26.86 24.46 36.51
N LYS C 774 28.05 24.38 37.06
CA LYS C 774 28.47 23.19 37.78
C LYS C 774 27.76 23.14 39.12
N LEU C 775 27.33 21.97 39.52
CA LEU C 775 26.66 21.88 40.81
C LEU C 775 27.66 21.77 41.94
N SER C 776 28.06 22.93 42.40
CA SER C 776 29.08 23.09 43.42
C SER C 776 28.70 22.43 44.72
N ARG C 777 29.69 22.21 45.57
CA ARG C 777 29.41 21.67 46.90
C ARG C 777 28.33 22.50 47.59
N LYS C 778 28.39 23.81 47.47
CA LYS C 778 27.31 24.59 48.08
C LYS C 778 25.97 24.05 47.55
N ALA C 779 25.90 23.86 46.22
CA ALA C 779 24.66 23.38 45.65
C ALA C 779 24.31 22.01 46.19
N ILE C 780 25.30 21.13 46.37
CA ILE C 780 24.92 19.80 46.79
C ILE C 780 24.29 19.83 48.15
N HIS C 781 24.70 20.76 49.01
CA HIS C 781 24.05 20.78 50.30
C HIS C 781 22.56 21.00 50.15
N LYS C 782 22.18 21.91 49.28
CA LYS C 782 20.76 22.16 49.10
C LYS C 782 20.10 21.00 48.37
N ILE C 783 20.81 20.42 47.40
CA ILE C 783 20.25 19.32 46.63
C ILE C 783 19.95 18.14 47.52
N VAL C 784 20.83 17.85 48.47
CA VAL C 784 20.57 16.74 49.36
C VAL C 784 19.27 16.95 50.04
N ASP C 785 19.02 18.15 50.52
CA ASP C 785 17.73 18.33 51.15
C ASP C 785 16.59 18.03 50.20
N ILE C 786 16.67 18.56 48.99
CA ILE C 786 15.57 18.35 48.08
C ILE C 786 15.37 16.90 47.79
N ARG C 787 16.44 16.18 47.53
CA ARG C 787 16.25 14.78 47.21
C ARG C 787 15.69 14.02 48.37
N LEU C 788 16.12 14.32 49.58
CA LEU C 788 15.56 13.53 50.66
C LEU C 788 14.07 13.77 50.75
N LYS C 789 13.65 15.01 50.53
CA LYS C 789 12.23 15.27 50.59
C LYS C 789 11.50 14.58 49.46
N GLU C 790 12.04 14.65 48.26
CA GLU C 790 11.34 14.03 47.15
C GLU C 790 11.24 12.53 47.32
N ILE C 791 12.25 11.94 47.92
CA ILE C 791 12.19 10.52 48.14
C ILE C 791 11.00 10.21 49.02
N GLU C 792 10.79 10.96 50.08
CA GLU C 792 9.61 10.67 50.86
C GLU C 792 8.32 10.92 50.08
N GLU C 793 8.29 12.00 49.32
CA GLU C 793 7.07 12.40 48.63
C GLU C 793 6.65 11.36 47.61
N ARG C 794 7.61 10.74 46.96
CA ARG C 794 7.28 9.78 45.93
C ARG C 794 6.89 8.42 46.47
N PHE C 795 6.90 8.23 47.76
CA PHE C 795 6.56 6.90 48.18
C PHE C 795 5.10 6.61 47.92
N GLU C 796 4.84 5.38 47.50
CA GLU C 796 3.47 4.92 47.36
C GLU C 796 2.92 4.87 48.76
N GLN C 797 3.67 4.18 49.62
CA GLN C 797 3.32 4.06 51.02
C GLN C 797 3.82 5.24 51.77
N ASN C 798 3.17 6.36 51.53
CA ASN C 798 3.55 7.63 52.10
C ASN C 798 3.10 7.66 53.54
N ASP C 799 3.83 6.90 54.32
CA ASP C 799 3.70 6.62 55.70
C ASP C 799 5.09 6.52 56.18
N LYS C 800 5.89 5.78 55.41
CA LYS C 800 7.22 5.41 55.89
C LYS C 800 8.24 6.54 55.67
N HIS C 801 8.02 7.66 56.35
CA HIS C 801 8.88 8.83 56.19
C HIS C 801 10.12 8.71 57.04
N TYR C 802 11.04 9.68 56.88
CA TYR C 802 12.26 9.72 57.65
C TYR C 802 12.18 10.74 58.73
N LYS C 803 13.00 10.55 59.73
CA LYS C 803 13.26 11.51 60.77
C LYS C 803 14.65 11.97 60.50
N LEU C 804 15.43 11.03 60.00
CA LEU C 804 16.84 11.11 59.63
C LEU C 804 17.75 11.26 60.83
N ASN C 805 17.52 12.30 61.63
CA ASN C 805 18.37 12.65 62.74
C ASN C 805 19.63 13.09 62.01
N LEU C 806 20.64 13.51 62.73
CA LEU C 806 21.86 13.91 62.09
C LEU C 806 21.60 14.94 61.04
N THR C 807 20.79 15.94 61.29
CA THR C 807 20.56 16.84 60.19
C THR C 807 21.88 17.30 59.62
N GLN C 808 22.79 17.76 60.46
CA GLN C 808 24.03 18.22 59.88
C GLN C 808 24.93 17.08 59.46
N GLU C 809 24.95 15.98 60.20
CA GLU C 809 25.88 14.92 59.84
C GLU C 809 25.43 14.12 58.62
N ALA C 810 24.14 13.82 58.50
CA ALA C 810 23.66 13.10 57.35
C ALA C 810 23.77 14.01 56.17
N LYS C 811 23.41 15.28 56.35
CA LYS C 811 23.52 16.20 55.26
C LYS C 811 24.95 16.27 54.80
N ASP C 812 25.88 16.38 55.74
CA ASP C 812 27.29 16.49 55.38
C ASP C 812 27.80 15.22 54.76
N PHE C 813 27.43 14.07 55.30
CA PHE C 813 27.89 12.82 54.73
C PHE C 813 27.50 12.77 53.28
N LEU C 814 26.23 13.02 53.02
CA LEU C 814 25.77 12.96 51.67
C LEU C 814 26.40 14.03 50.83
N ALA C 815 26.55 15.22 51.40
CA ALA C 815 27.13 16.30 50.63
C ALA C 815 28.56 15.98 50.23
N LYS C 816 29.34 15.37 51.12
CA LYS C 816 30.70 15.05 50.76
C LYS C 816 30.79 13.85 49.85
N TYR C 817 30.16 12.76 50.23
CA TYR C 817 30.31 11.55 49.45
C TYR C 817 29.60 11.59 48.13
N GLY C 818 28.57 12.41 48.02
CA GLY C 818 27.86 12.51 46.76
C GLY C 818 28.51 13.54 45.85
N TYR C 819 29.60 14.18 46.26
CA TYR C 819 30.13 15.24 45.43
C TYR C 819 31.06 14.82 44.32
N SER C 820 30.56 14.04 43.39
CA SER C 820 31.36 13.73 42.24
C SER C 820 31.02 14.77 41.22
N ASP C 821 31.61 15.93 41.39
CA ASP C 821 31.28 17.13 40.64
C ASP C 821 31.06 16.93 39.13
N ASP C 822 31.93 16.17 38.49
CA ASP C 822 31.85 15.94 37.05
C ASP C 822 30.75 14.95 36.61
N MET C 823 29.92 14.52 37.54
CA MET C 823 28.79 13.65 37.29
C MET C 823 27.52 14.38 37.73
N GLY C 824 27.67 15.66 38.08
CA GLY C 824 26.55 16.46 38.52
C GLY C 824 25.92 15.89 39.77
N ALA C 825 24.60 15.96 39.89
CA ALA C 825 23.93 15.46 41.07
C ALA C 825 23.61 14.00 40.99
N ARG C 826 23.89 13.39 39.84
CA ARG C 826 23.51 12.01 39.69
C ARG C 826 24.04 11.08 40.80
N PRO C 827 25.34 11.10 41.15
CA PRO C 827 25.94 10.32 42.18
C PRO C 827 25.26 10.45 43.49
N LEU C 828 24.66 11.61 43.73
CA LEU C 828 24.01 11.82 45.00
C LEU C 828 22.81 10.98 45.08
N ASN C 829 22.02 11.03 44.03
CA ASN C 829 20.84 10.25 44.07
C ASN C 829 21.24 8.82 44.32
N ARG C 830 22.27 8.38 43.60
CA ARG C 830 22.73 7.03 43.74
C ARG C 830 23.28 6.77 45.13
N LEU C 831 23.94 7.75 45.73
CA LEU C 831 24.49 7.56 47.06
C LEU C 831 23.39 7.32 48.05
N ILE C 832 22.35 8.13 47.98
CA ILE C 832 21.28 7.97 48.92
C ILE C 832 20.69 6.59 48.74
N GLN C 833 20.52 6.19 47.50
CA GLN C 833 20.02 4.87 47.24
C GLN C 833 20.91 3.80 47.84
N ASN C 834 22.21 3.98 47.68
CA ASN C 834 23.17 2.99 48.12
C ASN C 834 23.31 2.89 49.62
N GLU C 835 23.19 4.01 50.30
CA GLU C 835 23.41 4.01 51.72
C GLU C 835 22.17 3.89 52.56
N ILE C 836 21.06 4.46 52.08
CA ILE C 836 19.86 4.49 52.86
C ILE C 836 18.77 3.56 52.37
N LEU C 837 18.36 3.75 51.15
CA LEU C 837 17.22 2.98 50.71
C LEU C 837 17.49 1.51 50.60
N ASN C 838 18.69 1.12 50.18
CA ASN C 838 18.95 -0.30 50.07
C ASN C 838 18.80 -1.00 51.41
N LYS C 839 19.27 -0.34 52.45
CA LYS C 839 19.22 -0.90 53.78
C LYS C 839 17.80 -0.87 54.23
N LEU C 840 17.11 0.22 53.90
CA LEU C 840 15.76 0.37 54.34
C LEU C 840 14.93 -0.75 53.80
N ALA C 841 15.10 -1.06 52.52
CA ALA C 841 14.30 -2.11 51.94
C ALA C 841 14.49 -3.40 52.68
N LEU C 842 15.73 -3.69 53.05
CA LEU C 842 15.92 -4.92 53.76
C LEU C 842 15.26 -4.85 55.12
N ARG C 843 15.42 -3.72 55.80
CA ARG C 843 14.82 -3.63 57.10
C ARG C 843 13.31 -3.79 57.00
N ILE C 844 12.72 -3.29 55.92
CA ILE C 844 11.30 -3.44 55.72
C ILE C 844 10.93 -4.90 55.53
N LEU C 845 11.70 -5.65 54.76
CA LEU C 845 11.37 -7.07 54.57
C LEU C 845 11.40 -7.81 55.90
N LYS C 846 12.25 -7.36 56.81
CA LYS C 846 12.39 -7.92 58.14
C LYS C 846 11.43 -7.25 59.15
N ASN C 847 10.57 -6.38 58.66
CA ASN C 847 9.63 -5.62 59.48
C ASN C 847 10.29 -4.82 60.54
N GLU C 848 11.45 -4.26 60.31
CA GLU C 848 12.09 -3.49 61.37
C GLU C 848 11.73 -2.03 61.34
N ILE C 849 10.88 -1.59 60.43
CA ILE C 849 10.57 -0.18 60.41
C ILE C 849 9.18 0.22 59.96
N LYS C 850 8.54 1.09 60.74
CA LYS C 850 7.27 1.70 60.34
C LYS C 850 7.52 3.01 59.62
N ASP C 851 8.07 3.97 60.33
CA ASP C 851 8.28 5.32 59.81
C ASP C 851 9.28 6.02 60.70
N LYS C 852 9.59 7.28 60.38
CA LYS C 852 10.49 8.07 61.19
C LYS C 852 11.84 7.39 61.19
N GLU C 853 12.22 6.91 60.03
CA GLU C 853 13.48 6.21 59.95
C GLU C 853 14.64 7.11 60.28
N THR C 854 15.67 6.55 60.93
CA THR C 854 16.84 7.35 61.30
C THR C 854 18.16 6.79 60.82
N VAL C 855 19.09 7.71 60.71
CA VAL C 855 20.41 7.50 60.20
C VAL C 855 21.49 7.71 61.25
N ASN C 856 22.48 6.84 61.27
CA ASN C 856 23.64 7.06 62.12
C ASN C 856 24.85 7.24 61.21
N VAL C 857 25.96 7.71 61.73
CA VAL C 857 27.18 7.67 60.94
C VAL C 857 28.36 7.23 61.77
N VAL C 858 29.32 6.57 61.15
CA VAL C 858 30.54 6.19 61.83
C VAL C 858 31.76 6.64 61.04
N LEU C 859 32.90 6.65 61.74
CA LEU C 859 34.23 7.05 61.26
C LEU C 859 34.42 8.52 61.56
N GLU C 874 30.87 6.47 56.98
CA GLU C 874 29.98 5.36 56.67
C GLU C 874 28.61 5.56 57.31
N GLU C 875 27.63 5.84 56.46
CA GLU C 875 26.26 6.14 56.87
C GLU C 875 25.36 4.94 56.87
N CYS C 876 24.66 4.73 57.98
CA CYS C 876 23.84 3.54 58.08
C CYS C 876 22.48 3.80 58.72
N LEU C 877 21.57 2.84 58.59
CA LEU C 877 20.25 2.95 59.22
C LEU C 877 20.10 2.17 60.50
N GLU C 878 19.25 2.72 61.34
CA GLU C 878 18.81 2.16 62.61
C GLU C 878 17.57 1.33 62.41
N VAL C 879 17.04 0.81 63.50
CA VAL C 879 15.87 -0.02 63.45
C VAL C 879 14.82 0.52 64.35
N LEU C 880 13.60 0.09 64.15
CA LEU C 880 12.54 0.38 65.07
C LEU C 880 12.41 -0.92 65.86
N PRO C 881 12.73 -0.97 67.16
CA PRO C 881 12.66 -2.18 67.97
C PRO C 881 11.30 -2.84 67.85
N ASN C 882 10.29 -2.01 67.63
CA ASN C 882 8.92 -2.42 67.47
C ASN C 882 8.73 -2.76 66.01
N HIS C 883 8.73 -4.04 65.68
CA HIS C 883 8.65 -4.44 64.29
C HIS C 883 7.34 -3.93 63.67
N GLU C 884 7.38 -3.57 62.39
CA GLU C 884 6.23 -3.01 61.64
C GLU C 884 6.56 -2.72 60.16
N GLU D 165 -46.23 9.67 -30.01
CA GLU D 165 -45.98 8.75 -28.90
C GLU D 165 -44.52 8.37 -28.83
N TYR D 166 -44.15 7.80 -27.69
CA TYR D 166 -42.80 7.33 -27.51
C TYR D 166 -41.74 8.34 -27.83
N LEU D 167 -41.27 8.35 -29.05
CA LEU D 167 -40.21 9.24 -29.43
C LEU D 167 -40.64 10.67 -29.21
N SER D 168 -41.92 10.95 -29.38
CA SER D 168 -42.38 12.32 -29.21
C SER D 168 -42.47 12.72 -27.73
N LYS D 169 -42.32 11.75 -26.83
CA LYS D 169 -42.41 11.97 -25.40
C LYS D 169 -41.05 11.99 -24.72
N TYR D 170 -40.17 11.11 -25.16
CA TYR D 170 -38.87 10.92 -24.54
C TYR D 170 -37.71 11.49 -25.33
N ALA D 171 -37.99 12.35 -26.28
CA ALA D 171 -36.91 12.88 -27.08
C ALA D 171 -37.14 14.27 -27.58
N ILE D 172 -36.05 14.91 -27.91
CA ILE D 172 -36.12 16.24 -28.45
C ILE D 172 -35.88 16.23 -29.93
N ASP D 173 -36.77 16.86 -30.68
CA ASP D 173 -36.56 16.90 -32.11
C ASP D 173 -35.52 17.95 -32.41
N MET D 174 -34.26 17.49 -32.45
CA MET D 174 -33.12 18.37 -32.62
C MET D 174 -33.25 19.06 -33.93
N THR D 175 -33.72 18.33 -34.92
CA THR D 175 -33.90 18.91 -36.22
C THR D 175 -34.82 20.09 -36.14
N GLU D 176 -35.94 19.97 -35.49
CA GLU D 176 -36.79 21.13 -35.48
C GLU D 176 -36.14 22.25 -34.70
N GLN D 177 -35.45 21.93 -33.62
CA GLN D 177 -34.85 23.03 -32.88
C GLN D 177 -33.87 23.76 -33.77
N ALA D 178 -33.14 23.02 -34.60
CA ALA D 178 -32.22 23.67 -35.51
C ALA D 178 -33.01 24.55 -36.47
N ARG D 179 -34.13 24.04 -36.99
CA ARG D 179 -34.94 24.80 -37.93
C ARG D 179 -35.41 26.11 -37.33
N GLN D 180 -35.72 26.04 -36.04
CA GLN D 180 -36.22 27.17 -35.29
C GLN D 180 -35.12 28.13 -34.87
N GLY D 181 -33.86 27.80 -35.15
CA GLY D 181 -32.75 28.66 -34.80
C GLY D 181 -32.45 28.65 -33.31
N LYS D 182 -32.82 27.56 -32.63
CA LYS D 182 -32.64 27.51 -31.19
C LYS D 182 -31.30 26.94 -30.82
N LEU D 183 -30.59 26.46 -31.81
CA LEU D 183 -29.30 25.86 -31.61
C LEU D 183 -28.23 26.77 -32.19
N ASP D 184 -27.05 26.73 -31.62
CA ASP D 184 -25.95 27.53 -32.12
C ASP D 184 -25.58 27.09 -33.51
N PRO D 185 -25.10 27.97 -34.38
CA PRO D 185 -24.61 27.61 -35.68
C PRO D 185 -23.36 26.86 -35.39
N VAL D 186 -22.95 26.00 -36.30
CA VAL D 186 -21.70 25.29 -36.09
C VAL D 186 -20.67 25.75 -37.07
N ILE D 187 -19.52 26.11 -36.53
CA ILE D 187 -18.45 26.63 -37.32
C ILE D 187 -17.38 25.62 -37.62
N GLY D 188 -17.11 25.41 -38.90
CA GLY D 188 -16.11 24.46 -39.34
C GLY D 188 -16.45 23.03 -38.94
N ARG D 189 -15.44 22.32 -38.45
CA ARG D 189 -15.53 20.90 -38.07
C ARG D 189 -15.97 20.05 -39.24
N GLU D 190 -15.61 20.46 -40.45
CA GLU D 190 -16.06 19.73 -41.61
C GLU D 190 -15.55 18.33 -41.65
N GLU D 191 -14.34 18.11 -41.20
CA GLU D 191 -13.83 16.76 -41.29
C GLU D 191 -14.56 15.82 -40.34
N GLU D 192 -14.94 16.35 -39.19
CA GLU D 192 -15.65 15.56 -38.20
C GLU D 192 -17.09 15.38 -38.63
N ILE D 193 -17.66 16.41 -39.25
CA ILE D 193 -18.99 16.28 -39.74
C ILE D 193 -19.00 15.25 -40.83
N ARG D 194 -18.08 15.36 -41.78
CA ARG D 194 -18.03 14.38 -42.85
C ARG D 194 -17.83 12.99 -42.33
N SER D 195 -16.99 12.83 -41.33
CA SER D 195 -16.80 11.49 -40.83
C SER D 195 -18.10 10.98 -40.22
N THR D 196 -18.80 11.82 -39.45
CA THR D 196 -20.02 11.38 -38.80
C THR D 196 -21.04 11.00 -39.83
N ILE D 197 -21.18 11.85 -40.82
CA ILE D 197 -22.15 11.64 -41.84
C ILE D 197 -21.81 10.40 -42.62
N ARG D 198 -20.55 10.23 -42.93
CA ARG D 198 -20.13 9.08 -43.66
C ARG D 198 -20.51 7.83 -42.91
N VAL D 199 -20.31 7.83 -41.60
CA VAL D 199 -20.68 6.63 -40.87
C VAL D 199 -22.17 6.39 -40.93
N LEU D 200 -22.96 7.42 -40.79
CA LEU D 200 -24.40 7.27 -40.84
C LEU D 200 -24.85 6.73 -42.19
N ALA D 201 -24.08 7.04 -43.23
CA ALA D 201 -24.39 6.58 -44.58
C ALA D 201 -24.03 5.11 -44.79
N ARG D 202 -23.39 4.47 -43.82
CA ARG D 202 -23.04 3.05 -43.91
C ARG D 202 -24.28 2.21 -43.95
N ARG D 203 -24.16 0.99 -44.41
CA ARG D 203 -25.31 0.13 -44.44
C ARG D 203 -25.48 -0.59 -43.11
N ILE D 204 -24.39 -1.21 -42.67
CA ILE D 204 -24.39 -2.02 -41.46
C ILE D 204 -23.61 -1.31 -40.36
N LYS D 205 -24.16 -1.31 -39.14
CA LYS D 205 -23.51 -0.63 -38.01
C LYS D 205 -23.21 0.82 -38.27
N SER D 206 -24.18 1.51 -38.82
CA SER D 206 -24.03 2.93 -39.12
C SER D 206 -24.24 3.79 -37.89
N ASN D 207 -23.38 3.58 -36.90
CA ASN D 207 -23.55 4.20 -35.61
C ASN D 207 -22.30 4.89 -35.09
N PRO D 208 -21.99 6.09 -35.50
CA PRO D 208 -20.80 6.78 -35.10
C PRO D 208 -20.91 7.18 -33.67
N CYS D 209 -19.79 7.37 -33.05
CA CYS D 209 -19.79 7.90 -31.72
C CYS D 209 -18.69 8.89 -31.54
N LEU D 210 -19.03 10.02 -30.99
CA LEU D 210 -18.07 11.08 -30.85
C LEU D 210 -17.31 10.98 -29.54
N ILE D 211 -16.04 10.65 -29.63
CA ILE D 211 -15.23 10.44 -28.45
C ILE D 211 -14.16 11.49 -28.31
N GLY D 212 -14.03 12.05 -27.13
CA GLY D 212 -12.96 13.05 -26.97
C GLY D 212 -12.83 13.63 -25.58
N GLU D 213 -12.37 14.87 -25.54
CA GLU D 213 -12.22 15.59 -24.29
C GLU D 213 -13.60 15.94 -23.78
N PRO D 214 -13.70 16.35 -22.51
CA PRO D 214 -14.97 16.69 -21.85
C PRO D 214 -15.80 17.67 -22.68
N GLY D 215 -15.20 18.81 -23.02
CA GLY D 215 -15.93 19.85 -23.71
C GLY D 215 -15.15 20.40 -24.89
N ILE D 216 -15.38 19.84 -26.06
CA ILE D 216 -14.67 20.27 -27.26
C ILE D 216 -15.63 20.56 -28.40
N GLY D 217 -16.89 20.18 -28.24
CA GLY D 217 -17.87 20.44 -29.28
C GLY D 217 -18.60 19.20 -29.77
N LYS D 218 -18.78 18.20 -28.94
CA LYS D 218 -19.48 17.04 -29.43
C LYS D 218 -20.95 17.35 -29.58
N THR D 219 -21.47 18.23 -28.74
CA THR D 219 -22.85 18.60 -28.94
C THR D 219 -22.86 19.43 -30.19
N ALA D 220 -21.88 20.31 -30.31
CA ALA D 220 -21.86 21.15 -31.49
C ALA D 220 -21.84 20.28 -32.74
N ILE D 221 -21.10 19.19 -32.73
CA ILE D 221 -21.12 18.36 -33.91
C ILE D 221 -22.50 17.83 -34.17
N ILE D 222 -23.17 17.30 -33.16
CA ILE D 222 -24.47 16.79 -33.49
C ILE D 222 -25.42 17.87 -33.94
N GLU D 223 -25.30 19.07 -33.41
CA GLU D 223 -26.19 20.12 -33.85
C GLU D 223 -25.88 20.43 -35.30
N GLY D 224 -24.60 20.36 -35.65
CA GLY D 224 -24.17 20.59 -37.01
C GLY D 224 -24.84 19.57 -37.89
N VAL D 225 -24.95 18.34 -37.42
CA VAL D 225 -25.61 17.33 -38.20
C VAL D 225 -27.05 17.75 -38.42
N ALA D 226 -27.72 18.22 -37.38
CA ALA D 226 -29.09 18.63 -37.58
C ALA D 226 -29.18 19.71 -38.62
N GLN D 227 -28.27 20.67 -38.56
CA GLN D 227 -28.35 21.79 -39.48
C GLN D 227 -28.08 21.32 -40.90
N ARG D 228 -27.13 20.40 -41.06
CA ARG D 228 -26.79 19.90 -42.38
C ARG D 228 -27.97 19.13 -42.94
N ILE D 229 -28.69 18.41 -42.11
CA ILE D 229 -29.85 17.69 -42.58
C ILE D 229 -30.91 18.64 -43.07
N ILE D 230 -31.19 19.67 -42.29
CA ILE D 230 -32.22 20.62 -42.66
C ILE D 230 -31.96 21.31 -43.96
N ASP D 231 -30.72 21.69 -44.18
CA ASP D 231 -30.40 22.42 -45.39
C ASP D 231 -29.90 21.52 -46.52
N ASP D 232 -30.13 20.21 -46.42
CA ASP D 232 -29.72 19.24 -47.44
C ASP D 232 -28.25 19.24 -47.81
N ASP D 233 -27.37 19.35 -46.83
CA ASP D 233 -25.93 19.33 -47.04
C ASP D 233 -25.35 17.97 -46.65
N VAL D 234 -26.22 16.98 -46.72
CA VAL D 234 -25.97 15.60 -46.36
C VAL D 234 -26.36 14.70 -47.53
N PRO D 235 -25.96 13.42 -47.52
CA PRO D 235 -26.34 12.39 -48.47
C PRO D 235 -27.82 12.29 -48.52
N THR D 236 -28.35 11.80 -49.61
CA THR D 236 -29.80 11.72 -49.76
C THR D 236 -30.45 10.85 -48.70
N ILE D 237 -29.68 9.92 -48.15
CA ILE D 237 -30.15 9.06 -47.10
C ILE D 237 -30.52 9.94 -45.93
N LEU D 238 -29.68 10.93 -45.67
CA LEU D 238 -29.91 11.80 -44.55
C LEU D 238 -30.77 12.98 -44.91
N GLN D 239 -30.88 13.34 -46.18
CA GLN D 239 -31.68 14.51 -46.52
C GLN D 239 -33.09 14.30 -46.04
N GLY D 240 -33.58 13.06 -46.12
CA GLY D 240 -34.94 12.77 -45.65
C GLY D 240 -35.05 12.47 -44.15
N ALA D 241 -33.95 12.60 -43.41
CA ALA D 241 -33.88 12.24 -41.99
C ALA D 241 -34.49 13.22 -41.03
N LYS D 242 -34.74 12.71 -39.84
CA LYS D 242 -35.20 13.46 -38.69
C LYS D 242 -34.33 13.09 -37.50
N LEU D 243 -33.74 14.06 -36.84
CA LEU D 243 -32.83 13.77 -35.73
C LEU D 243 -33.38 14.10 -34.35
N PHE D 244 -33.43 13.09 -33.50
CA PHE D 244 -33.95 13.21 -32.16
C PHE D 244 -32.93 12.86 -31.13
N SER D 245 -32.97 13.51 -29.99
CA SER D 245 -32.04 13.09 -28.96
C SER D 245 -32.78 12.45 -27.84
N LEU D 246 -32.18 11.49 -27.16
CA LEU D 246 -32.93 10.87 -26.08
C LEU D 246 -32.62 11.38 -24.71
N ASP D 247 -33.66 11.50 -23.92
CA ASP D 247 -33.51 11.73 -22.51
C ASP D 247 -33.33 10.37 -21.90
N LEU D 248 -32.55 10.24 -20.86
CA LEU D 248 -32.45 8.94 -20.24
C LEU D 248 -33.79 8.46 -19.69
N ALA D 249 -34.77 9.38 -19.53
CA ALA D 249 -36.12 9.13 -19.04
C ALA D 249 -36.79 8.00 -19.76
N ALA D 250 -36.39 7.68 -20.99
CA ALA D 250 -37.05 6.56 -21.65
C ALA D 250 -36.99 5.33 -20.74
N LEU D 251 -35.88 5.21 -19.98
CA LEU D 251 -35.68 4.16 -19.01
C LEU D 251 -35.83 4.75 -17.59
N THR D 252 -35.31 5.97 -17.39
CA THR D 252 -35.25 6.49 -16.04
C THR D 252 -36.54 7.11 -15.54
N ALA D 253 -37.59 7.11 -16.34
CA ALA D 253 -38.90 7.60 -15.90
C ALA D 253 -39.44 6.73 -14.74
N GLY D 254 -38.85 5.56 -14.50
CA GLY D 254 -39.26 4.73 -13.38
C GLY D 254 -39.32 3.25 -13.71
N ALA D 255 -38.59 2.41 -12.95
CA ALA D 255 -38.60 0.97 -13.18
C ALA D 255 -39.68 0.32 -12.35
N LYS D 256 -40.48 1.14 -11.67
CA LYS D 256 -41.57 0.61 -10.89
C LYS D 256 -42.33 -0.09 -11.94
N TYR D 257 -42.82 -1.28 -11.65
CA TYR D 257 -43.43 -2.12 -12.64
C TYR D 257 -42.23 -2.65 -13.40
N LYS D 258 -41.49 -3.51 -12.71
CA LYS D 258 -40.23 -3.99 -13.20
C LYS D 258 -40.31 -4.48 -14.61
N GLY D 259 -39.35 -4.02 -15.41
CA GLY D 259 -39.21 -4.40 -16.79
C GLY D 259 -40.07 -3.59 -17.72
N ASP D 260 -41.09 -2.91 -17.20
CA ASP D 260 -41.95 -2.22 -18.13
C ASP D 260 -41.16 -1.06 -18.72
N PHE D 261 -40.22 -0.54 -17.95
CA PHE D 261 -39.39 0.54 -18.46
C PHE D 261 -38.58 0.08 -19.68
N GLU D 262 -38.28 -1.21 -19.76
CA GLU D 262 -37.51 -1.64 -20.88
C GLU D 262 -38.41 -1.61 -22.06
N GLU D 263 -39.68 -1.91 -21.83
CA GLU D 263 -40.65 -1.92 -22.89
C GLU D 263 -40.83 -0.52 -23.41
N ARG D 264 -40.81 0.48 -22.54
CA ARG D 264 -40.94 1.81 -23.08
C ARG D 264 -39.83 2.09 -24.05
N PHE D 265 -38.63 1.75 -23.64
CA PHE D 265 -37.49 1.98 -24.49
C PHE D 265 -37.61 1.21 -25.79
N LYS D 266 -37.94 -0.07 -25.69
CA LYS D 266 -38.08 -0.87 -26.87
C LYS D 266 -39.09 -0.27 -27.80
N GLY D 267 -40.22 0.19 -27.26
CA GLY D 267 -41.27 0.79 -28.06
C GLY D 267 -40.73 1.98 -28.82
N VAL D 268 -39.86 2.76 -28.18
CA VAL D 268 -39.28 3.87 -28.88
C VAL D 268 -38.47 3.33 -30.04
N LEU D 269 -37.67 2.32 -29.79
CA LEU D 269 -36.81 1.83 -30.86
C LEU D 269 -37.62 1.24 -31.99
N LYS D 270 -38.72 0.56 -31.66
CA LYS D 270 -39.52 -0.04 -32.70
C LYS D 270 -40.11 1.04 -33.57
N GLU D 271 -40.62 2.09 -32.95
CA GLU D 271 -41.18 3.16 -33.73
C GLU D 271 -40.15 3.79 -34.61
N ILE D 272 -38.93 3.85 -34.15
CA ILE D 272 -37.89 4.40 -34.98
C ILE D 272 -37.63 3.53 -36.19
N GLU D 273 -37.53 2.22 -36.00
CA GLU D 273 -37.30 1.38 -37.16
C GLU D 273 -38.49 1.32 -38.10
N GLU D 274 -39.69 1.43 -37.56
CA GLU D 274 -40.84 1.22 -38.40
C GLU D 274 -41.21 2.32 -39.37
N SER D 275 -40.68 2.20 -40.59
CA SER D 275 -41.07 2.99 -41.78
C SER D 275 -40.86 4.50 -41.84
N LYS D 276 -41.09 5.19 -40.73
CA LYS D 276 -41.21 6.64 -40.68
C LYS D 276 -39.90 7.38 -40.92
N THR D 277 -39.46 7.35 -42.18
CA THR D 277 -38.24 7.90 -42.75
C THR D 277 -37.01 7.65 -41.88
N LEU D 278 -35.91 8.32 -42.20
CA LEU D 278 -34.66 8.10 -41.52
C LEU D 278 -34.57 8.77 -40.19
N ILE D 279 -35.25 8.22 -39.24
CA ILE D 279 -35.15 8.75 -37.91
C ILE D 279 -33.84 8.29 -37.31
N VAL D 280 -33.08 9.25 -36.85
CA VAL D 280 -31.76 9.02 -36.29
C VAL D 280 -31.74 9.47 -34.86
N LEU D 281 -31.16 8.67 -33.98
CA LEU D 281 -31.07 9.08 -32.60
C LEU D 281 -29.73 9.61 -32.25
N PHE D 282 -29.73 10.56 -31.35
CA PHE D 282 -28.52 11.06 -30.74
C PHE D 282 -28.57 10.81 -29.27
N ILE D 283 -27.52 10.26 -28.72
CA ILE D 283 -27.56 10.02 -27.31
C ILE D 283 -26.45 10.70 -26.55
N ASP D 284 -26.84 11.58 -25.66
CA ASP D 284 -25.89 12.28 -24.82
C ASP D 284 -25.33 11.38 -23.78
N GLU D 285 -24.03 11.51 -23.55
CA GLU D 285 -23.39 10.78 -22.49
C GLU D 285 -23.78 9.32 -22.59
N ILE D 286 -23.51 8.76 -23.76
CA ILE D 286 -23.94 7.42 -24.13
C ILE D 286 -23.45 6.34 -23.21
N HIS D 287 -22.42 6.61 -22.45
CA HIS D 287 -21.92 5.63 -21.49
C HIS D 287 -22.95 5.36 -20.40
N MET D 288 -23.99 6.16 -20.32
CA MET D 288 -25.06 5.90 -19.38
C MET D 288 -25.79 4.62 -19.70
N LEU D 289 -25.62 4.12 -20.90
CA LEU D 289 -26.27 2.91 -21.32
C LEU D 289 -25.41 1.68 -21.06
N MET D 290 -24.27 1.82 -20.37
CA MET D 290 -23.40 0.66 -20.09
C MET D 290 -24.13 -0.40 -19.29
N GLY D 291 -25.02 0.03 -18.42
CA GLY D 291 -25.83 -0.89 -17.64
C GLY D 291 -25.21 -1.29 -16.32
N ASN D 292 -26.08 -1.61 -15.38
CA ASN D 292 -25.70 -1.96 -14.02
C ASN D 292 -25.25 -3.41 -13.88
N GLY D 293 -24.14 -3.75 -14.49
CA GLY D 293 -23.67 -5.13 -14.40
C GLY D 293 -24.45 -5.96 -15.39
N LYS D 294 -24.43 -5.54 -16.64
CA LYS D 294 -25.25 -6.17 -17.66
C LYS D 294 -26.68 -6.09 -17.15
N ASP D 295 -27.45 -7.17 -17.08
CA ASP D 295 -28.81 -6.99 -16.56
C ASP D 295 -29.51 -5.89 -17.36
N ASP D 296 -29.60 -4.71 -16.75
CA ASP D 296 -30.25 -3.49 -17.25
C ASP D 296 -29.69 -3.09 -18.61
N ALA D 297 -28.46 -3.50 -18.89
CA ALA D 297 -27.81 -3.24 -20.17
C ALA D 297 -28.69 -3.78 -21.27
N ALA D 298 -29.40 -4.88 -20.93
CA ALA D 298 -30.29 -5.59 -21.78
C ALA D 298 -29.71 -5.75 -23.14
N ASN D 299 -30.50 -5.35 -24.10
CA ASN D 299 -30.11 -5.32 -25.46
C ASN D 299 -30.24 -3.87 -25.81
N ILE D 300 -29.88 -2.99 -24.89
CA ILE D 300 -30.09 -1.61 -25.20
C ILE D 300 -29.43 -1.26 -26.50
N LEU D 301 -30.28 -0.91 -27.46
CA LEU D 301 -29.96 -0.56 -28.84
C LEU D 301 -29.37 -1.76 -29.63
N LYS D 302 -29.12 -2.87 -28.98
CA LYS D 302 -28.31 -3.90 -29.60
C LYS D 302 -28.81 -4.52 -30.87
N PRO D 303 -30.00 -5.12 -30.91
CA PRO D 303 -30.37 -5.86 -32.08
C PRO D 303 -30.50 -4.94 -33.26
N ALA D 304 -30.81 -3.68 -33.01
CA ALA D 304 -30.99 -2.79 -34.12
C ALA D 304 -29.66 -2.31 -34.64
N LEU D 305 -28.75 -1.98 -33.73
CA LEU D 305 -27.45 -1.48 -34.15
C LEU D 305 -26.77 -2.56 -34.98
N SER D 306 -26.96 -3.80 -34.55
CA SER D 306 -26.34 -4.96 -35.17
C SER D 306 -26.88 -5.25 -36.56
N ARG D 307 -27.95 -4.59 -36.95
CA ARG D 307 -28.56 -4.82 -38.24
C ARG D 307 -28.46 -3.58 -39.12
N GLY D 308 -27.81 -2.53 -38.62
CA GLY D 308 -27.69 -1.29 -39.38
C GLY D 308 -28.96 -0.44 -39.29
N GLN D 309 -29.84 -0.79 -38.38
CA GLN D 309 -31.10 -0.10 -38.23
C GLN D 309 -30.96 0.80 -37.04
N LEU D 310 -31.92 1.69 -36.82
CA LEU D 310 -31.82 2.53 -35.65
C LEU D 310 -30.52 3.29 -35.62
N LYS D 311 -30.21 4.05 -36.65
CA LYS D 311 -28.95 4.75 -36.64
C LYS D 311 -28.79 5.55 -35.34
N VAL D 312 -27.70 5.32 -34.62
CA VAL D 312 -27.45 6.04 -33.37
C VAL D 312 -26.16 6.78 -33.39
N ILE D 313 -26.20 8.03 -33.03
CA ILE D 313 -25.01 8.81 -32.91
C ILE D 313 -24.72 8.96 -31.44
N GLY D 314 -23.62 8.40 -30.99
CA GLY D 314 -23.34 8.49 -29.56
C GLY D 314 -22.37 9.61 -29.29
N ALA D 315 -22.08 9.82 -28.03
CA ALA D 315 -21.09 10.81 -27.66
C ALA D 315 -20.70 10.62 -26.22
N THR D 316 -19.39 10.65 -25.94
CA THR D 316 -18.94 10.60 -24.56
C THR D 316 -17.45 11.02 -24.42
N THR D 317 -16.97 11.05 -23.19
CA THR D 317 -15.61 11.46 -22.87
C THR D 317 -14.65 10.30 -22.96
N ASN D 318 -13.45 10.54 -23.43
CA ASN D 318 -12.44 9.50 -23.48
C ASN D 318 -12.50 8.50 -22.32
N ASN D 319 -12.44 8.95 -21.07
CA ASN D 319 -12.43 7.97 -19.98
C ASN D 319 -13.79 7.28 -19.76
N GLU D 320 -14.84 7.90 -20.23
CA GLU D 320 -16.15 7.31 -20.12
C GLU D 320 -16.19 6.20 -21.12
N TYR D 321 -15.61 6.47 -22.25
CA TYR D 321 -15.53 5.50 -23.30
C TYR D 321 -14.76 4.34 -22.79
N ARG D 322 -13.63 4.61 -22.14
CA ARG D 322 -12.80 3.57 -21.59
C ARG D 322 -13.66 2.64 -20.76
N SER D 323 -14.53 3.19 -19.92
CA SER D 323 -15.43 2.37 -19.13
C SER D 323 -16.36 1.55 -20.03
N ILE D 324 -16.84 2.11 -21.15
CA ILE D 324 -17.73 1.34 -22.04
C ILE D 324 -17.02 0.16 -22.61
N VAL D 325 -15.80 0.41 -23.04
CA VAL D 325 -15.01 -0.61 -23.65
C VAL D 325 -14.76 -1.73 -22.68
N GLU D 326 -14.44 -1.39 -21.44
CA GLU D 326 -14.21 -2.43 -20.46
C GLU D 326 -15.49 -3.13 -19.98
N LYS D 327 -16.50 -2.36 -19.61
CA LYS D 327 -17.70 -2.98 -19.06
C LYS D 327 -18.54 -3.75 -20.08
N ASP D 328 -18.72 -3.21 -21.28
CA ASP D 328 -19.55 -3.91 -22.24
C ASP D 328 -18.73 -4.56 -23.32
N GLY D 329 -17.82 -3.79 -23.90
CA GLY D 329 -17.01 -4.30 -24.99
C GLY D 329 -17.78 -4.34 -26.30
N ALA D 330 -18.85 -5.09 -26.33
CA ALA D 330 -19.64 -5.23 -27.51
C ALA D 330 -20.10 -3.85 -28.01
N PHE D 331 -20.41 -2.89 -27.13
CA PHE D 331 -20.75 -1.58 -27.67
C PHE D 331 -19.63 -1.03 -28.55
N GLU D 332 -18.38 -1.25 -28.18
CA GLU D 332 -17.28 -0.76 -29.01
C GLU D 332 -17.30 -1.41 -30.39
N ARG D 333 -17.92 -2.58 -30.46
CA ARG D 333 -18.03 -3.31 -31.72
C ARG D 333 -19.30 -2.92 -32.46
N ARG D 334 -20.19 -2.21 -31.77
CA ARG D 334 -21.44 -1.76 -32.36
C ARG D 334 -21.34 -0.30 -32.82
N PHE D 335 -20.45 0.44 -32.20
CA PHE D 335 -20.26 1.85 -32.55
C PHE D 335 -18.95 2.16 -33.22
N GLN D 336 -18.98 3.09 -34.15
CA GLN D 336 -17.74 3.51 -34.80
C GLN D 336 -17.14 4.68 -34.09
N LYS D 337 -16.00 4.46 -33.53
CA LYS D 337 -15.35 5.52 -32.82
C LYS D 337 -14.88 6.62 -33.76
N ILE D 338 -15.21 7.86 -33.43
CA ILE D 338 -14.68 9.00 -34.14
C ILE D 338 -13.95 9.92 -33.19
N GLU D 339 -12.69 10.13 -33.45
CA GLU D 339 -11.92 11.00 -32.59
C GLU D 339 -12.34 12.42 -32.84
N VAL D 340 -12.58 13.19 -31.80
CA VAL D 340 -12.90 14.60 -31.96
C VAL D 340 -11.73 15.40 -31.42
N ALA D 341 -11.18 16.33 -32.19
CA ALA D 341 -9.98 17.07 -31.74
C ALA D 341 -10.26 18.46 -31.16
N GLU D 342 -9.49 18.86 -30.16
CA GLU D 342 -9.67 20.22 -29.63
C GLU D 342 -9.22 21.18 -30.71
N PRO D 343 -9.94 22.28 -30.98
CA PRO D 343 -9.52 23.28 -31.93
C PRO D 343 -8.35 24.10 -31.42
N SER D 344 -7.58 24.63 -32.34
CA SER D 344 -6.50 25.55 -32.06
C SER D 344 -7.03 26.90 -31.69
N VAL D 345 -6.16 27.80 -31.23
CA VAL D 345 -6.63 29.13 -30.90
C VAL D 345 -7.25 29.81 -32.11
N ARG D 346 -6.61 29.69 -33.25
CA ARG D 346 -7.17 30.31 -34.44
C ARG D 346 -8.56 29.79 -34.70
N GLN D 347 -8.72 28.47 -34.64
CA GLN D 347 -10.01 27.87 -34.89
C GLN D 347 -11.00 28.31 -33.84
N THR D 348 -10.55 28.41 -32.60
CA THR D 348 -11.39 28.81 -31.52
C THR D 348 -11.94 30.18 -31.81
N VAL D 349 -11.09 31.07 -32.27
CA VAL D 349 -11.56 32.39 -32.55
C VAL D 349 -12.59 32.35 -33.66
N ALA D 350 -12.34 31.56 -34.70
CA ALA D 350 -13.31 31.49 -35.76
C ALA D 350 -14.67 31.09 -35.21
N ILE D 351 -14.67 30.15 -34.27
CA ILE D 351 -15.89 29.72 -33.66
C ILE D 351 -16.50 30.86 -32.92
N LEU D 352 -15.70 31.58 -32.17
CA LEU D 352 -16.26 32.65 -31.40
C LEU D 352 -16.90 33.67 -32.30
N ARG D 353 -16.26 33.99 -33.43
CA ARG D 353 -16.82 34.98 -34.33
C ARG D 353 -18.17 34.54 -34.79
N GLY D 354 -18.30 33.27 -35.11
CA GLY D 354 -19.57 32.73 -35.57
C GLY D 354 -20.65 32.82 -34.52
N LEU D 355 -20.28 32.69 -33.26
CA LEU D 355 -21.25 32.75 -32.18
C LEU D 355 -21.47 34.15 -31.68
N GLN D 356 -20.61 35.06 -32.08
CA GLN D 356 -20.71 36.43 -31.67
C GLN D 356 -22.12 37.00 -31.71
N PRO D 357 -22.93 36.85 -32.78
CA PRO D 357 -24.26 37.39 -32.83
C PRO D 357 -25.20 36.78 -31.81
N LYS D 358 -24.92 35.58 -31.32
CA LYS D 358 -25.80 35.02 -30.34
C LYS D 358 -25.58 35.76 -29.06
N TYR D 359 -24.34 36.13 -28.85
CA TYR D 359 -24.02 36.81 -27.62
C TYR D 359 -24.44 38.26 -27.69
N GLU D 360 -24.20 38.89 -28.83
CA GLU D 360 -24.54 40.29 -28.90
C GLU D 360 -26.03 40.49 -28.74
N ILE D 361 -26.82 39.63 -29.38
CA ILE D 361 -28.26 39.75 -29.31
C ILE D 361 -28.78 39.42 -27.95
N HIS D 362 -28.30 38.33 -27.38
CA HIS D 362 -28.79 37.94 -26.08
C HIS D 362 -28.53 39.01 -25.03
N HIS D 363 -27.28 39.48 -24.97
CA HIS D 363 -26.88 40.43 -23.94
C HIS D 363 -27.16 41.89 -24.25
N GLY D 364 -27.31 42.26 -25.52
CA GLY D 364 -27.53 43.66 -25.86
C GLY D 364 -26.22 44.44 -25.83
N VAL D 365 -25.15 43.77 -26.25
CA VAL D 365 -23.80 44.35 -26.22
C VAL D 365 -23.14 44.24 -27.56
N ARG D 366 -22.09 45.00 -27.79
CA ARG D 366 -21.31 44.82 -29.03
C ARG D 366 -19.94 44.25 -28.71
N ILE D 367 -19.52 43.26 -29.46
CA ILE D 367 -18.23 42.63 -29.19
C ILE D 367 -17.19 42.96 -30.25
N LEU D 368 -16.02 43.42 -29.84
CA LEU D 368 -14.96 43.75 -30.78
C LEU D 368 -14.25 42.49 -31.25
N ASP D 369 -13.78 42.45 -32.49
CA ASP D 369 -13.10 41.22 -32.90
C ASP D 369 -11.87 40.92 -32.05
N SER D 370 -11.17 41.96 -31.61
CA SER D 370 -9.98 41.72 -30.82
C SER D 370 -10.35 41.15 -29.48
N ALA D 371 -11.61 41.34 -29.08
CA ALA D 371 -12.04 40.82 -27.83
C ALA D 371 -12.11 39.33 -27.97
N LEU D 372 -12.62 38.88 -29.10
CA LEU D 372 -12.75 37.45 -29.24
C LEU D 372 -11.39 36.82 -29.36
N VAL D 373 -10.47 37.50 -30.02
CA VAL D 373 -9.14 36.94 -30.12
C VAL D 373 -8.57 36.81 -28.73
N THR D 374 -8.75 37.86 -27.96
CA THR D 374 -8.29 37.87 -26.61
C THR D 374 -8.89 36.73 -25.82
N ALA D 375 -10.20 36.49 -25.94
CA ALA D 375 -10.75 35.41 -25.16
C ALA D 375 -10.08 34.12 -25.49
N ALA D 376 -9.84 33.86 -26.76
CA ALA D 376 -9.22 32.59 -27.07
C ALA D 376 -7.79 32.52 -26.53
N GLN D 377 -7.05 33.62 -26.65
CA GLN D 377 -5.67 33.58 -26.16
C GLN D 377 -5.60 33.41 -24.66
N LEU D 378 -6.50 34.06 -23.95
CA LEU D 378 -6.49 33.98 -22.51
C LEU D 378 -7.02 32.68 -22.07
N ALA D 379 -7.95 32.13 -22.80
CA ALA D 379 -8.48 30.86 -22.41
C ALA D 379 -7.37 29.84 -22.44
N LYS D 380 -6.57 29.86 -23.49
CA LYS D 380 -5.54 28.86 -23.56
C LYS D 380 -4.49 29.11 -22.50
N ARG D 381 -4.10 30.35 -22.31
CA ARG D 381 -3.05 30.65 -21.36
C ARG D 381 -3.43 30.55 -19.89
N TYR D 382 -4.64 30.93 -19.53
CA TYR D 382 -4.98 30.95 -18.11
C TYR D 382 -6.00 29.91 -17.64
N LEU D 383 -6.53 29.08 -18.51
CA LEU D 383 -7.45 28.06 -18.06
C LEU D 383 -7.01 26.69 -18.57
N PRO D 384 -5.75 26.29 -18.32
CA PRO D 384 -5.08 25.15 -18.92
C PRO D 384 -5.74 23.81 -18.72
N TYR D 385 -6.55 23.70 -17.70
CA TYR D 385 -7.21 22.46 -17.37
C TYR D 385 -8.56 22.29 -18.06
N ARG D 386 -9.04 23.30 -18.78
CA ARG D 386 -10.35 23.21 -19.43
C ARG D 386 -10.22 23.58 -20.91
N ARG D 387 -10.78 22.75 -21.77
CA ARG D 387 -10.62 22.88 -23.22
C ARG D 387 -11.16 24.16 -23.82
N LEU D 388 -10.56 24.58 -24.93
CA LEU D 388 -10.85 25.89 -25.50
C LEU D 388 -12.25 26.32 -25.84
N PRO D 389 -13.11 25.57 -26.51
CA PRO D 389 -14.42 26.05 -26.83
C PRO D 389 -15.10 26.65 -25.61
N ASP D 390 -15.27 25.89 -24.53
CA ASP D 390 -15.89 26.53 -23.37
C ASP D 390 -15.01 27.51 -22.71
N SER D 391 -13.72 27.27 -22.65
CA SER D 391 -12.96 28.20 -21.89
C SER D 391 -13.07 29.59 -22.53
N ALA D 392 -12.98 29.64 -23.84
CA ALA D 392 -13.12 30.92 -24.50
C ALA D 392 -14.52 31.44 -24.34
N LEU D 393 -15.52 30.59 -24.51
CA LEU D 393 -16.86 31.10 -24.38
C LEU D 393 -17.16 31.60 -23.00
N ASP D 394 -16.64 30.95 -21.98
CA ASP D 394 -16.94 31.46 -20.66
C ASP D 394 -16.44 32.86 -20.58
N LEU D 395 -15.25 33.11 -21.11
CA LEU D 395 -14.76 34.46 -21.01
C LEU D 395 -15.61 35.44 -21.80
N VAL D 396 -16.06 35.04 -22.98
CA VAL D 396 -16.86 35.95 -23.76
C VAL D 396 -18.22 36.18 -23.17
N ASP D 397 -18.89 35.10 -22.85
CA ASP D 397 -20.24 35.13 -22.34
C ASP D 397 -20.26 35.90 -21.05
N ILE D 398 -19.36 35.55 -20.12
CA ILE D 398 -19.35 36.24 -18.86
C ILE D 398 -19.04 37.71 -19.05
N SER D 399 -18.09 38.04 -19.90
CA SER D 399 -17.78 39.44 -20.09
C SER D 399 -18.99 40.20 -20.62
N CYS D 400 -19.70 39.58 -21.54
CA CYS D 400 -20.86 40.22 -22.10
C CYS D 400 -21.89 40.40 -21.01
N ALA D 401 -22.07 39.36 -20.20
CA ALA D 401 -23.02 39.41 -19.13
C ALA D 401 -22.66 40.53 -18.21
N GLY D 402 -21.38 40.71 -17.96
CA GLY D 402 -20.94 41.77 -17.09
C GLY D 402 -21.34 43.11 -17.57
N VAL D 403 -21.27 43.32 -18.86
CA VAL D 403 -21.68 44.59 -19.37
C VAL D 403 -23.15 44.79 -19.09
N ALA D 404 -23.95 43.77 -19.35
CA ALA D 404 -25.38 43.89 -19.13
C ALA D 404 -25.70 44.11 -17.64
N VAL D 405 -25.01 43.40 -16.78
CA VAL D 405 -25.26 43.52 -15.36
C VAL D 405 -24.89 44.91 -14.93
N ALA D 406 -23.76 45.38 -15.41
CA ALA D 406 -23.31 46.68 -15.05
C ALA D 406 -24.36 47.71 -15.41
N ARG D 407 -25.04 47.56 -16.54
CA ARG D 407 -26.04 48.57 -16.85
C ARG D 407 -27.09 48.65 -15.75
N ASP D 408 -27.51 47.51 -15.23
CA ASP D 408 -28.51 47.56 -14.17
C ASP D 408 -27.95 47.95 -12.80
N SER D 409 -26.62 48.04 -12.67
CA SER D 409 -26.00 48.42 -11.39
C SER D 409 -26.16 49.91 -11.07
N LYS D 410 -26.61 50.71 -12.04
CA LYS D 410 -26.75 52.14 -11.81
C LYS D 410 -28.19 52.61 -11.87
N GLN D 538 -19.65 52.31 -24.50
CA GLN D 538 -20.44 51.93 -23.32
C GLN D 538 -20.64 50.43 -23.25
N ASN D 539 -21.70 49.94 -23.86
CA ASN D 539 -22.02 48.54 -23.77
C ASN D 539 -21.26 47.69 -24.76
N VAL D 540 -19.95 47.69 -24.63
CA VAL D 540 -19.13 46.94 -25.56
C VAL D 540 -18.22 46.03 -24.82
N VAL D 541 -17.79 44.99 -25.50
CA VAL D 541 -16.85 44.08 -24.92
C VAL D 541 -15.55 44.14 -25.68
N ASP D 542 -14.55 44.65 -25.00
CA ASP D 542 -13.23 44.79 -25.62
C ASP D 542 -12.27 43.80 -24.99
N SER D 543 -11.01 43.84 -25.40
CA SER D 543 -10.01 42.93 -24.85
C SER D 543 -9.79 43.11 -23.35
N ASP D 544 -9.98 44.31 -22.89
CA ASP D 544 -9.73 44.58 -21.51
C ASP D 544 -10.90 44.12 -20.66
N THR D 545 -12.09 44.20 -21.21
CA THR D 545 -13.28 43.75 -20.53
C THR D 545 -13.03 42.31 -20.21
N ILE D 546 -12.59 41.59 -21.23
CA ILE D 546 -12.32 40.19 -21.07
C ILE D 546 -11.21 39.93 -20.11
N SER D 547 -10.14 40.69 -20.22
CA SER D 547 -9.05 40.46 -19.32
C SER D 547 -9.52 40.59 -17.87
N GLU D 548 -10.38 41.57 -17.59
CA GLU D 548 -10.89 41.75 -16.24
C GLU D 548 -11.69 40.54 -15.80
N THR D 549 -12.50 40.01 -16.70
CA THR D 549 -13.27 38.84 -16.36
C THR D 549 -12.34 37.71 -16.02
N ALA D 550 -11.33 37.52 -16.86
CA ALA D 550 -10.42 36.42 -16.65
C ALA D 550 -9.76 36.55 -15.32
N ALA D 551 -9.36 37.76 -14.93
CA ALA D 551 -8.71 37.91 -13.66
C ALA D 551 -9.62 37.47 -12.54
N ARG D 552 -10.88 37.83 -12.62
CA ARG D 552 -11.82 37.48 -11.59
C ARG D 552 -12.09 35.98 -11.49
N LEU D 553 -12.04 35.30 -12.60
CA LEU D 553 -12.33 33.87 -12.60
C LEU D 553 -11.10 33.03 -12.31
N THR D 554 -9.94 33.47 -12.73
CA THR D 554 -8.72 32.69 -12.60
C THR D 554 -7.88 33.06 -11.40
N GLY D 555 -8.09 34.27 -10.89
CA GLY D 555 -7.32 34.76 -9.77
C GLY D 555 -5.97 35.30 -10.22
N ILE D 556 -5.72 35.34 -11.52
CA ILE D 556 -4.41 35.78 -11.93
C ILE D 556 -4.38 37.30 -12.09
N PRO D 557 -3.63 38.03 -11.25
CA PRO D 557 -3.61 39.47 -11.16
C PRO D 557 -3.07 40.13 -12.42
N VAL D 558 -2.39 39.33 -13.22
CA VAL D 558 -1.78 39.78 -14.45
C VAL D 558 -2.82 40.36 -15.36
N LYS D 559 -4.00 39.79 -15.35
CA LYS D 559 -4.96 40.26 -16.31
C LYS D 559 -5.82 41.44 -15.83
N LYS D 560 -5.57 41.99 -14.65
CA LYS D 560 -6.40 43.13 -14.26
C LYS D 560 -6.03 44.37 -15.09
N LEU D 561 -4.74 44.52 -15.35
CA LEU D 561 -4.14 45.59 -16.17
C LEU D 561 -4.43 47.05 -15.78
N SER D 562 -4.72 47.37 -14.53
CA SER D 562 -4.97 48.78 -14.28
C SER D 562 -3.73 49.59 -14.36
N GLU D 563 -3.81 50.70 -15.08
CA GLU D 563 -2.72 51.63 -15.22
C GLU D 563 -2.37 52.27 -13.90
N SER D 564 -3.35 52.39 -13.01
CA SER D 564 -3.10 53.09 -11.77
C SER D 564 -2.20 52.26 -10.85
N GLU D 565 -2.13 50.96 -11.10
CA GLU D 565 -1.34 50.10 -10.26
C GLU D 565 0.08 50.10 -10.69
N ASN D 566 0.39 50.82 -11.76
CA ASN D 566 1.75 50.81 -12.17
C ASN D 566 2.57 51.44 -11.09
N GLU D 567 1.99 52.34 -10.28
CA GLU D 567 2.84 52.91 -9.26
C GLU D 567 3.44 51.81 -8.40
N LYS D 568 2.65 50.83 -8.03
CA LYS D 568 3.17 49.82 -7.16
C LYS D 568 4.18 48.97 -7.89
N LEU D 569 3.87 48.66 -9.12
CA LEU D 569 4.75 47.78 -9.84
C LEU D 569 6.09 48.44 -10.08
N ILE D 570 6.05 49.73 -10.30
CA ILE D 570 7.25 50.50 -10.50
C ILE D 570 7.98 50.62 -9.18
N HIS D 571 7.26 50.93 -8.12
CA HIS D 571 7.91 51.13 -6.85
C HIS D 571 7.78 50.03 -5.85
N MET D 572 7.51 48.81 -6.26
CA MET D 572 7.47 47.74 -5.27
C MET D 572 8.82 47.63 -4.57
N GLU D 573 9.89 48.06 -5.25
CA GLU D 573 11.19 47.99 -4.63
C GLU D 573 11.21 48.90 -3.44
N ARG D 574 10.48 50.00 -3.53
CA ARG D 574 10.42 50.97 -2.48
C ARG D 574 9.70 50.32 -1.33
N ASP D 575 8.57 49.68 -1.63
CA ASP D 575 7.81 49.02 -0.57
C ASP D 575 8.67 47.98 0.12
N LEU D 576 9.33 47.15 -0.66
CA LEU D 576 10.14 46.10 -0.10
C LEU D 576 11.31 46.66 0.67
N SER D 577 11.90 47.75 0.21
CA SER D 577 13.04 48.32 0.89
C SER D 577 12.69 48.94 2.24
N SER D 578 11.40 49.11 2.54
CA SER D 578 11.02 49.68 3.82
C SER D 578 10.88 48.57 4.86
N GLU D 579 10.89 47.32 4.42
CA GLU D 579 10.75 46.20 5.32
C GLU D 579 11.99 45.34 5.28
N VAL D 580 12.54 45.20 4.10
CA VAL D 580 13.73 44.42 3.88
C VAL D 580 14.84 45.40 3.69
N VAL D 581 15.75 45.43 4.62
CA VAL D 581 16.80 46.41 4.57
C VAL D 581 17.96 45.94 3.75
N GLY D 582 18.40 46.81 2.86
CA GLY D 582 19.50 46.45 2.00
C GLY D 582 19.06 45.29 1.15
N GLN D 583 20.00 44.44 0.78
CA GLN D 583 19.72 43.32 -0.09
C GLN D 583 19.03 43.80 -1.35
N MET D 584 19.46 44.94 -1.86
CA MET D 584 18.79 45.50 -3.01
C MET D 584 18.88 44.62 -4.22
N ASP D 585 19.93 43.85 -4.35
CA ASP D 585 19.99 43.03 -5.53
C ASP D 585 18.87 42.03 -5.51
N ALA D 586 18.52 41.54 -4.33
CA ALA D 586 17.48 40.55 -4.25
C ALA D 586 16.16 41.21 -4.49
N ILE D 587 15.99 42.38 -3.94
CA ILE D 587 14.76 43.09 -4.11
C ILE D 587 14.52 43.38 -5.57
N LYS D 588 15.56 43.85 -6.25
CA LYS D 588 15.44 44.17 -7.66
C LYS D 588 15.20 42.95 -8.50
N ALA D 589 15.88 41.85 -8.19
CA ALA D 589 15.68 40.65 -8.99
C ALA D 589 14.24 40.23 -8.92
N VAL D 590 13.70 40.25 -7.71
CA VAL D 590 12.33 39.87 -7.49
C VAL D 590 11.38 40.81 -8.13
N SER D 591 11.65 42.08 -7.97
CA SER D 591 10.73 43.03 -8.51
C SER D 591 10.63 42.86 -9.99
N ASN D 592 11.74 42.63 -10.67
CA ASN D 592 11.60 42.45 -12.08
C ASN D 592 10.80 41.23 -12.44
N ALA D 593 10.92 40.16 -11.70
CA ALA D 593 10.11 39.02 -12.07
C ALA D 593 8.64 39.34 -11.94
N VAL D 594 8.28 40.05 -10.89
CA VAL D 594 6.87 40.34 -10.73
C VAL D 594 6.42 41.29 -11.82
N ARG D 595 7.19 42.35 -12.06
CA ARG D 595 6.83 43.33 -13.07
C ARG D 595 6.71 42.68 -14.42
N LEU D 596 7.63 41.77 -14.71
CA LEU D 596 7.63 41.13 -15.99
C LEU D 596 6.34 40.37 -16.19
N SER D 597 5.91 39.63 -15.17
CA SER D 597 4.68 38.91 -15.39
C SER D 597 3.48 39.83 -15.39
N ARG D 598 3.54 40.92 -14.65
CA ARG D 598 2.36 41.78 -14.59
C ARG D 598 2.16 42.55 -15.87
N SER D 599 3.24 42.76 -16.60
CA SER D 599 3.17 43.42 -17.87
C SER D 599 2.60 42.50 -18.93
N GLY D 600 2.55 41.20 -18.63
CA GLY D 600 2.12 40.19 -19.57
C GLY D 600 3.27 39.69 -20.43
N LEU D 601 4.45 40.28 -20.30
CA LEU D 601 5.62 39.90 -21.09
C LEU D 601 6.22 38.56 -20.74
N ALA D 602 6.11 38.17 -19.48
CA ALA D 602 6.74 36.92 -19.06
C ALA D 602 6.27 35.75 -19.92
N ASN D 603 7.20 34.86 -20.18
CA ASN D 603 6.96 33.66 -20.94
C ASN D 603 6.00 32.72 -20.22
N PRO D 604 4.86 32.34 -20.82
CA PRO D 604 3.83 31.51 -20.22
C PRO D 604 4.30 30.16 -19.72
N ARG D 605 5.44 29.69 -20.20
CA ARG D 605 5.95 28.40 -19.79
C ARG D 605 7.16 28.55 -18.89
N GLN D 606 7.33 29.72 -18.32
CA GLN D 606 8.46 29.91 -17.44
C GLN D 606 8.06 30.52 -16.11
N PRO D 607 7.70 29.71 -15.11
CA PRO D 607 7.29 30.18 -13.83
C PRO D 607 8.41 31.02 -13.33
N ALA D 608 8.12 32.06 -12.58
CA ALA D 608 9.24 32.85 -12.14
C ALA D 608 10.04 31.97 -11.21
N SER D 609 11.37 32.02 -11.28
CA SER D 609 12.08 31.20 -10.32
C SER D 609 13.39 31.75 -9.83
N PHE D 610 13.54 31.73 -8.53
CA PHE D 610 14.75 32.22 -7.93
C PHE D 610 15.41 31.27 -7.00
N LEU D 611 16.71 31.37 -6.93
CA LEU D 611 17.42 30.69 -5.88
C LEU D 611 18.13 31.73 -5.05
N PHE D 612 17.79 31.77 -3.78
CA PHE D 612 18.37 32.73 -2.87
C PHE D 612 19.47 32.13 -2.04
N LEU D 613 20.66 32.53 -2.32
CA LEU D 613 21.81 32.03 -1.64
C LEU D 613 22.20 33.02 -0.60
N GLY D 614 22.60 32.54 0.57
CA GLY D 614 23.05 33.53 1.51
C GLY D 614 23.24 33.06 2.93
N LEU D 615 23.78 33.94 3.71
CA LEU D 615 24.02 33.72 5.11
C LEU D 615 22.69 33.65 5.83
N SER D 616 22.53 32.69 6.73
CA SER D 616 21.26 32.66 7.41
C SER D 616 21.10 33.96 8.14
N GLY D 617 19.87 34.43 8.28
CA GLY D 617 19.64 35.68 8.99
C GLY D 617 19.72 36.88 8.05
N SER D 618 20.03 36.64 6.78
CA SER D 618 20.12 37.69 5.79
C SER D 618 18.80 38.16 5.20
N GLY D 619 17.67 37.51 5.54
CA GLY D 619 16.37 37.89 5.02
C GLY D 619 15.83 37.12 3.82
N LYS D 620 16.39 35.96 3.52
CA LYS D 620 15.91 35.20 2.38
C LYS D 620 14.45 34.80 2.53
N THR D 621 14.07 34.34 3.72
CA THR D 621 12.68 33.98 3.93
C THR D 621 11.82 35.21 3.94
N GLU D 622 12.28 36.24 4.63
CA GLU D 622 11.46 37.40 4.75
C GLU D 622 11.22 38.05 3.43
N LEU D 623 12.21 38.10 2.58
CA LEU D 623 11.95 38.72 1.31
C LEU D 623 10.84 38.00 0.64
N ALA D 624 10.92 36.69 0.60
CA ALA D 624 9.87 35.96 -0.07
C ALA D 624 8.52 36.23 0.57
N LYS D 625 8.44 36.25 1.90
CA LYS D 625 7.13 36.49 2.49
C LYS D 625 6.63 37.85 2.14
N LYS D 626 7.53 38.81 2.05
CA LYS D 626 7.10 40.14 1.75
C LYS D 626 6.61 40.20 0.33
N VAL D 627 7.07 39.30 -0.52
CA VAL D 627 6.51 39.28 -1.87
C VAL D 627 5.06 38.91 -1.76
N ALA D 628 4.76 37.88 -0.98
CA ALA D 628 3.36 37.51 -0.81
C ALA D 628 2.63 38.67 -0.16
N GLY D 629 3.33 39.35 0.72
CA GLY D 629 2.76 40.50 1.35
C GLY D 629 2.31 41.45 0.26
N PHE D 630 3.25 41.88 -0.55
CA PHE D 630 3.01 42.82 -1.63
C PHE D 630 1.92 42.38 -2.61
N LEU D 631 2.00 41.15 -3.08
CA LEU D 631 1.06 40.67 -4.07
C LEU D 631 -0.35 40.49 -3.58
N PHE D 632 -0.52 40.09 -2.34
CA PHE D 632 -1.85 39.79 -1.85
C PHE D 632 -2.28 40.65 -0.71
N ASN D 633 -1.38 41.49 -0.23
CA ASN D 633 -1.57 42.27 0.98
C ASN D 633 -1.70 41.30 2.13
N ASP D 634 -0.96 40.19 2.04
CA ASP D 634 -1.02 39.17 3.08
C ASP D 634 0.04 38.07 2.93
N GLU D 635 0.97 38.04 3.86
CA GLU D 635 2.07 37.09 3.84
C GLU D 635 1.56 35.66 3.90
N ASP D 636 0.42 35.46 4.53
CA ASP D 636 -0.12 34.14 4.75
C ASP D 636 -0.76 33.52 3.54
N MET D 637 -0.75 34.21 2.41
CA MET D 637 -1.26 33.61 1.20
C MET D 637 -0.16 32.77 0.55
N MET D 638 1.02 32.78 1.15
CA MET D 638 2.17 32.01 0.71
C MET D 638 2.04 30.52 0.98
N ILE D 639 2.52 29.72 0.06
CA ILE D 639 2.57 28.29 0.22
C ILE D 639 3.95 27.86 0.61
N ARG D 640 4.09 27.23 1.74
CA ARG D 640 5.42 26.88 2.15
C ARG D 640 5.69 25.46 1.86
N VAL D 641 6.89 25.17 1.47
CA VAL D 641 7.31 23.81 1.30
C VAL D 641 8.54 23.61 2.13
N ASP D 642 8.37 22.94 3.24
CA ASP D 642 9.52 22.79 4.10
C ASP D 642 10.33 21.63 3.60
N CYS D 643 11.23 21.95 2.67
CA CYS D 643 12.03 20.96 1.99
C CYS D 643 12.92 20.24 2.98
N SER D 644 13.10 20.88 4.13
CA SER D 644 13.82 20.41 5.27
C SER D 644 13.27 19.08 5.77
N GLU D 645 12.02 18.77 5.40
CA GLU D 645 11.33 17.57 5.79
C GLU D 645 11.33 16.53 4.69
N LEU D 646 12.12 16.73 3.64
CA LEU D 646 12.06 15.79 2.54
C LEU D 646 13.31 14.91 2.35
N SER D 647 13.05 13.64 2.08
CA SER D 647 14.06 12.65 1.79
C SER D 647 13.51 11.71 0.72
N GLU D 648 14.39 11.01 0.03
CA GLU D 648 14.02 10.19 -1.13
C GLU D 648 12.79 9.31 -0.97
N LYS D 649 12.57 8.70 0.17
CA LYS D 649 11.45 7.76 0.24
C LYS D 649 10.11 8.40 0.27
N TYR D 650 10.03 9.63 0.70
CA TYR D 650 8.70 10.20 0.84
C TYR D 650 8.51 11.41 0.00
N ALA D 651 9.60 12.08 -0.27
CA ALA D 651 9.49 13.42 -0.75
C ALA D 651 8.63 13.63 -1.95
N VAL D 652 8.67 12.76 -2.90
CA VAL D 652 7.89 13.06 -4.06
C VAL D 652 6.41 12.98 -3.75
N SER D 653 6.06 12.16 -2.78
CA SER D 653 4.67 12.05 -2.45
C SER D 653 4.26 13.17 -1.54
N LYS D 654 5.14 13.60 -0.66
CA LYS D 654 4.74 14.70 0.19
C LYS D 654 4.42 15.89 -0.67
N LEU D 655 5.13 16.07 -1.76
CA LEU D 655 4.85 17.20 -2.60
C LEU D 655 3.67 17.03 -3.55
N LEU D 656 3.60 15.88 -4.23
CA LEU D 656 2.59 15.66 -5.27
C LEU D 656 1.43 14.75 -4.89
N GLY D 657 1.60 14.01 -3.83
CA GLY D 657 0.63 13.02 -3.44
C GLY D 657 1.02 11.70 -4.09
N THR D 658 0.42 10.63 -3.62
CA THR D 658 0.72 9.29 -4.09
C THR D 658 -0.35 8.76 -4.99
N THR D 659 0.13 8.01 -5.98
CA THR D 659 -0.66 7.38 -7.03
C THR D 659 -1.76 6.47 -6.53
N ALA D 660 -2.64 6.10 -7.45
CA ALA D 660 -3.76 5.23 -7.13
C ALA D 660 -3.22 3.84 -6.84
N GLY D 661 -3.79 3.20 -5.82
CA GLY D 661 -3.38 1.87 -5.44
C GLY D 661 -2.83 1.87 -4.03
N TYR D 662 -1.85 2.74 -3.78
CA TYR D 662 -1.26 2.82 -2.46
C TYR D 662 -2.14 3.65 -1.54
N VAL D 663 -2.00 3.41 -0.24
CA VAL D 663 -2.77 4.10 0.80
C VAL D 663 -2.82 5.60 0.60
N GLY D 664 -4.01 6.16 0.74
CA GLY D 664 -4.20 7.59 0.60
C GLY D 664 -4.13 8.08 -0.83
N TYR D 665 -5.27 8.09 -1.50
CA TYR D 665 -5.33 8.55 -2.88
C TYR D 665 -5.76 10.01 -2.90
N ASP D 666 -5.24 10.77 -1.95
CA ASP D 666 -5.55 12.19 -1.81
C ASP D 666 -4.45 13.04 -2.47
N GLU D 667 -4.32 12.86 -3.78
CA GLU D 667 -3.33 13.57 -4.55
C GLU D 667 -3.40 14.93 -3.95
N GLY D 668 -2.28 15.60 -3.84
CA GLY D 668 -2.37 16.86 -3.19
C GLY D 668 -1.08 17.29 -2.58
N GLY D 669 -0.64 16.59 -1.54
CA GLY D 669 0.64 16.97 -0.98
C GLY D 669 0.56 18.43 -0.67
N PHE D 670 1.49 19.17 -1.23
CA PHE D 670 1.52 20.59 -1.04
C PHE D 670 1.40 21.25 -2.39
N LEU D 671 2.08 20.71 -3.38
CA LEU D 671 2.10 21.41 -4.64
C LEU D 671 0.87 21.10 -5.41
N THR D 672 0.49 19.84 -5.48
CA THR D 672 -0.70 19.56 -6.25
C THR D 672 -1.92 20.22 -5.69
N ASN D 673 -2.11 20.11 -4.40
CA ASN D 673 -3.30 20.67 -3.87
C ASN D 673 -3.29 22.15 -3.88
N GLN D 674 -2.23 22.77 -3.46
CA GLN D 674 -2.37 24.19 -3.36
C GLN D 674 -2.33 24.85 -4.73
N LEU D 675 -1.47 24.38 -5.62
CA LEU D 675 -1.35 25.04 -6.91
C LEU D 675 -2.58 24.88 -7.72
N GLN D 676 -3.26 23.75 -7.56
CA GLN D 676 -4.45 23.53 -8.33
C GLN D 676 -5.48 24.63 -8.10
N TYR D 677 -5.48 25.24 -6.92
CA TYR D 677 -6.48 26.25 -6.65
C TYR D 677 -5.93 27.65 -6.55
N LYS D 678 -4.63 27.77 -6.37
CA LYS D 678 -4.02 29.07 -6.22
C LYS D 678 -2.90 29.27 -7.24
N PRO D 679 -3.19 29.30 -8.55
CA PRO D 679 -2.21 29.28 -9.61
C PRO D 679 -1.27 30.47 -9.61
N TYR D 680 -1.71 31.56 -8.99
CA TYR D 680 -0.93 32.79 -8.89
C TYR D 680 -0.14 32.90 -7.61
N SER D 681 -0.12 31.84 -6.83
CA SER D 681 0.56 31.86 -5.55
C SER D 681 2.07 31.84 -5.62
N VAL D 682 2.65 32.15 -4.47
CA VAL D 682 4.09 32.12 -4.32
C VAL D 682 4.46 30.90 -3.53
N LEU D 683 5.31 30.07 -4.10
CA LEU D 683 5.79 28.89 -3.43
C LEU D 683 7.11 29.21 -2.81
N LEU D 684 7.33 28.77 -1.60
CA LEU D 684 8.62 29.00 -1.00
C LEU D 684 9.20 27.71 -0.51
N PHE D 685 10.33 27.35 -1.08
CA PHE D 685 11.00 26.11 -0.78
C PHE D 685 12.21 26.32 0.10
N ASP D 686 12.06 26.03 1.37
CA ASP D 686 13.15 26.33 2.29
C ASP D 686 14.21 25.25 2.33
N GLU D 687 15.48 25.64 2.19
CA GLU D 687 16.62 24.72 2.28
C GLU D 687 16.58 23.60 1.26
N VAL D 688 16.51 23.99 0.02
CA VAL D 688 16.40 23.04 -1.05
C VAL D 688 17.68 22.25 -1.24
N GLU D 689 18.79 22.75 -0.71
CA GLU D 689 20.06 22.04 -0.82
C GLU D 689 20.13 20.91 0.20
N LYS D 690 19.25 20.91 1.19
CA LYS D 690 19.33 19.89 2.21
C LYS D 690 18.37 18.81 1.88
N ALA D 691 17.29 19.19 1.27
CA ALA D 691 16.30 18.24 0.89
C ALA D 691 16.90 17.25 -0.06
N HIS D 692 16.52 16.00 0.03
CA HIS D 692 17.10 15.08 -0.93
C HIS D 692 16.82 15.54 -2.35
N PRO D 693 17.78 15.45 -3.29
CA PRO D 693 17.65 15.88 -4.67
C PRO D 693 16.36 15.48 -5.39
N ASP D 694 15.67 14.43 -4.99
CA ASP D 694 14.46 14.12 -5.73
C ASP D 694 13.43 15.24 -5.64
N VAL D 695 13.52 16.08 -4.64
CA VAL D 695 12.56 17.17 -4.58
C VAL D 695 12.89 18.15 -5.67
N LEU D 696 14.16 18.19 -6.07
CA LEU D 696 14.59 19.13 -7.05
C LEU D 696 14.16 18.56 -8.35
N THR D 697 14.18 17.24 -8.43
CA THR D 697 13.75 16.58 -9.61
C THR D 697 12.32 16.98 -9.92
N VAL D 698 11.47 16.99 -8.92
CA VAL D 698 10.13 17.47 -9.16
C VAL D 698 10.20 18.90 -9.66
N MET D 699 11.03 19.70 -9.02
CA MET D 699 11.18 21.07 -9.44
C MET D 699 11.78 21.18 -10.84
N LEU D 700 12.54 20.19 -11.31
CA LEU D 700 13.12 20.35 -12.63
C LEU D 700 12.03 20.52 -13.63
N GLN D 701 10.98 19.74 -13.46
CA GLN D 701 9.88 19.89 -14.36
C GLN D 701 9.18 21.22 -14.12
N MET D 702 9.05 21.59 -12.86
CA MET D 702 8.34 22.80 -12.57
C MET D 702 9.02 24.03 -13.11
N LEU D 703 10.32 24.03 -13.09
CA LEU D 703 11.06 25.20 -13.46
C LEU D 703 11.25 25.40 -14.96
N ASP D 704 10.64 24.54 -15.77
CA ASP D 704 10.66 24.72 -17.22
C ASP D 704 9.47 23.99 -17.79
N ASP D 705 8.51 24.76 -18.30
CA ASP D 705 7.23 24.28 -18.76
C ASP D 705 6.23 24.31 -17.61
N GLY D 706 6.60 23.85 -16.42
CA GLY D 706 5.69 23.98 -15.29
C GLY D 706 4.67 22.86 -15.23
N ARG D 707 4.75 21.96 -16.20
CA ARG D 707 3.78 20.90 -16.28
C ARG D 707 3.99 19.75 -15.34
N ILE D 708 3.79 20.05 -14.08
CA ILE D 708 3.84 19.14 -12.97
C ILE D 708 2.59 18.34 -12.98
N THR D 709 2.71 17.06 -12.72
CA THR D 709 1.52 16.24 -12.67
C THR D 709 1.37 15.66 -11.29
N SER D 710 0.14 15.39 -10.91
CA SER D 710 -0.14 14.88 -9.59
C SER D 710 0.17 13.43 -9.47
N GLY D 711 0.20 12.93 -8.25
CA GLY D 711 0.38 11.50 -8.06
C GLY D 711 -0.65 10.65 -8.80
N GLN D 712 -1.88 11.14 -8.91
CA GLN D 712 -2.96 10.41 -9.59
C GLN D 712 -2.97 10.67 -11.09
N GLY D 713 -1.95 11.36 -11.59
CA GLY D 713 -1.78 11.59 -13.02
C GLY D 713 -2.45 12.80 -13.64
N LYS D 714 -2.82 13.79 -12.86
CA LYS D 714 -3.47 14.92 -13.48
C LYS D 714 -2.49 16.05 -13.65
N THR D 715 -2.64 16.82 -14.67
CA THR D 715 -1.74 17.94 -14.83
C THR D 715 -2.15 19.05 -13.88
N ILE D 716 -1.20 19.65 -13.16
CA ILE D 716 -1.60 20.75 -12.30
C ILE D 716 -1.13 22.08 -12.92
N ASP D 717 -0.05 22.04 -13.71
CA ASP D 717 0.50 23.24 -14.37
C ASP D 717 0.76 24.46 -13.48
N CYS D 718 2.00 24.63 -13.06
CA CYS D 718 2.33 25.77 -12.20
C CYS D 718 2.67 26.89 -13.16
N SER D 719 1.68 27.45 -13.81
CA SER D 719 1.97 28.40 -14.88
C SER D 719 2.11 29.86 -14.49
N ASN D 720 1.39 30.30 -13.49
CA ASN D 720 1.40 31.71 -13.14
C ASN D 720 1.98 31.93 -11.79
N CYS D 721 2.62 30.92 -11.31
CA CYS D 721 3.17 30.91 -9.99
C CYS D 721 4.56 31.49 -9.94
N ILE D 722 4.99 31.78 -8.72
CA ILE D 722 6.34 32.23 -8.44
C ILE D 722 7.04 31.24 -7.56
N VAL D 723 8.22 30.82 -7.94
CA VAL D 723 8.98 29.89 -7.13
C VAL D 723 10.21 30.47 -6.53
N ILE D 724 10.26 30.47 -5.22
CA ILE D 724 11.45 30.94 -4.57
C ILE D 724 12.06 29.81 -3.79
N MET D 725 13.31 29.57 -4.03
CA MET D 725 14.01 28.54 -3.31
C MET D 725 15.12 29.17 -2.52
N THR D 726 15.42 28.61 -1.35
CA THR D 726 16.54 29.16 -0.60
C THR D 726 17.60 28.12 -0.30
N SER D 727 18.84 28.59 -0.10
CA SER D 727 20.00 27.76 0.25
C SER D 727 21.11 28.47 1.01
N ASN D 728 21.81 27.71 1.85
CA ASN D 728 22.90 28.22 2.65
C ASN D 728 24.26 27.68 2.21
N LEU D 729 24.35 27.13 1.02
CA LEU D 729 25.61 26.52 0.63
C LEU D 729 26.80 27.46 0.64
N GLY D 730 26.59 28.70 0.27
CA GLY D 730 27.69 29.64 0.24
C GLY D 730 27.87 30.42 1.51
N ALA D 731 27.14 30.06 2.56
CA ALA D 731 27.22 30.84 3.80
C ALA D 731 28.65 30.90 4.30
N GLU D 732 29.39 29.85 4.07
CA GLU D 732 30.74 29.79 4.55
C GLU D 732 31.64 30.79 3.87
N PHE D 733 31.32 31.19 2.67
CA PHE D 733 32.19 32.12 2.01
C PHE D 733 31.76 33.49 2.41
N ILE D 734 30.49 33.64 2.66
CA ILE D 734 29.96 34.93 3.07
C ILE D 734 30.57 35.27 4.42
N ASN D 735 30.73 34.26 5.27
CA ASN D 735 31.36 34.38 6.57
C ASN D 735 32.80 34.88 6.51
N SER D 736 33.39 35.00 5.31
CA SER D 736 34.72 35.55 5.08
C SER D 736 34.81 37.02 5.44
N GLN D 737 33.65 37.63 5.64
CA GLN D 737 33.51 39.04 5.98
C GLN D 737 34.08 39.94 4.92
N GLN D 738 34.04 39.50 3.67
CA GLN D 738 34.55 40.35 2.64
C GLN D 738 33.61 41.47 2.27
N GLY D 739 33.73 42.54 3.04
CA GLY D 739 32.94 43.76 2.90
C GLY D 739 31.49 43.60 3.31
N SER D 740 30.61 43.82 2.34
CA SER D 740 29.17 43.75 2.51
C SER D 740 28.61 43.20 1.22
N LYS D 741 28.62 44.04 0.20
CA LYS D 741 28.19 43.56 -1.10
C LYS D 741 29.05 42.38 -1.41
N ILE D 742 28.46 41.27 -1.84
CA ILE D 742 29.31 40.13 -2.10
C ILE D 742 30.28 40.49 -3.20
N GLN D 743 31.54 40.23 -2.92
CA GLN D 743 32.64 40.57 -3.79
C GLN D 743 32.93 39.56 -4.84
N GLU D 744 33.70 39.98 -5.82
CA GLU D 744 34.13 39.06 -6.84
C GLU D 744 34.94 38.03 -6.12
N SER D 745 35.08 36.85 -6.72
CA SER D 745 35.77 35.71 -6.13
C SER D 745 34.93 35.09 -5.01
N THR D 746 34.55 35.88 -4.02
CA THR D 746 33.71 35.40 -2.94
C THR D 746 32.44 34.83 -3.54
N LYS D 747 31.81 35.58 -4.43
CA LYS D 747 30.62 35.08 -5.07
C LYS D 747 30.90 33.85 -5.88
N ASN D 748 32.14 33.68 -6.36
CA ASN D 748 32.42 32.51 -7.15
C ASN D 748 32.51 31.31 -6.25
N LEU D 749 33.00 31.52 -5.02
CA LEU D 749 33.08 30.43 -4.06
C LEU D 749 31.66 30.03 -3.70
N VAL D 750 30.79 31.02 -3.59
CA VAL D 750 29.41 30.72 -3.32
C VAL D 750 28.85 29.90 -4.44
N MET D 751 29.07 30.35 -5.66
CA MET D 751 28.54 29.60 -6.76
C MET D 751 29.22 28.28 -6.90
N GLY D 752 30.46 28.18 -6.50
CA GLY D 752 31.20 26.94 -6.56
C GLY D 752 30.45 25.89 -5.79
N ALA D 753 30.15 26.18 -4.54
CA ALA D 753 29.43 25.22 -3.70
C ALA D 753 28.10 24.86 -4.30
N VAL D 754 27.41 25.84 -4.87
CA VAL D 754 26.12 25.58 -5.46
C VAL D 754 26.24 24.66 -6.63
N ARG D 755 27.17 24.97 -7.49
CA ARG D 755 27.43 24.22 -8.68
C ARG D 755 27.91 22.83 -8.38
N GLN D 756 28.71 22.66 -7.35
CA GLN D 756 29.15 21.34 -7.03
C GLN D 756 28.04 20.50 -6.43
N HIS D 757 27.23 21.14 -5.59
CA HIS D 757 26.19 20.46 -4.86
C HIS D 757 25.00 20.05 -5.72
N PHE D 758 24.42 21.01 -6.41
CA PHE D 758 23.25 20.74 -7.21
C PHE D 758 23.72 20.40 -8.59
N ARG D 759 23.05 19.50 -9.24
CA ARG D 759 23.45 19.24 -10.60
C ARG D 759 23.04 20.43 -11.49
N PRO D 760 23.79 20.76 -12.56
CA PRO D 760 23.52 21.85 -13.49
C PRO D 760 22.19 21.69 -14.21
N GLU D 761 21.73 20.45 -14.27
CA GLU D 761 20.45 20.13 -14.87
C GLU D 761 19.33 20.91 -14.20
N PHE D 762 19.56 21.28 -12.93
CA PHE D 762 18.69 22.06 -12.08
C PHE D 762 19.07 23.50 -12.08
N LEU D 763 20.33 23.77 -11.85
CA LEU D 763 20.71 25.15 -11.68
C LEU D 763 20.48 25.96 -12.91
N ASN D 764 20.68 25.35 -14.05
CA ASN D 764 20.56 26.08 -15.29
C ASN D 764 19.20 26.63 -15.59
N ARG D 765 18.15 26.08 -15.02
CA ARG D 765 16.81 26.51 -15.39
C ARG D 765 16.18 27.46 -14.40
N ILE D 766 16.96 27.89 -13.44
CA ILE D 766 16.47 28.86 -12.47
C ILE D 766 16.46 30.21 -13.19
N SER D 767 15.42 31.05 -13.04
CA SER D 767 15.39 32.31 -13.79
C SER D 767 16.63 33.10 -13.44
N SER D 768 16.94 33.12 -12.16
CA SER D 768 18.13 33.79 -11.69
C SER D 768 18.59 33.26 -10.35
N ILE D 769 19.87 33.41 -10.10
CA ILE D 769 20.42 33.05 -8.82
C ILE D 769 20.90 34.31 -8.18
N VAL D 770 20.44 34.53 -6.98
CA VAL D 770 20.73 35.73 -6.24
C VAL D 770 21.50 35.43 -4.99
N ILE D 771 22.54 36.20 -4.74
CA ILE D 771 23.27 36.00 -3.51
C ILE D 771 23.01 37.21 -2.66
N PHE D 772 22.55 37.00 -1.45
CA PHE D 772 22.29 38.10 -0.53
C PHE D 772 23.57 38.65 0.00
N ASN D 773 23.57 39.91 0.35
CA ASN D 773 24.77 40.53 0.85
C ASN D 773 24.92 40.30 2.31
N LYS D 774 26.12 40.48 2.83
CA LYS D 774 26.24 40.32 4.25
C LYS D 774 25.39 41.44 4.83
N LEU D 775 24.50 41.11 5.73
CA LEU D 775 23.61 42.13 6.25
C LEU D 775 24.34 42.92 7.34
N SER D 776 25.16 43.85 6.86
CA SER D 776 26.11 44.67 7.61
C SER D 776 25.52 45.74 8.52
N ARG D 777 26.39 46.34 9.34
CA ARG D 777 26.06 47.40 10.27
C ARG D 777 25.14 48.48 9.71
N LYS D 778 25.38 48.90 8.48
CA LYS D 778 24.52 49.91 7.90
C LYS D 778 23.07 49.47 8.07
N ALA D 779 22.84 48.21 7.74
CA ALA D 779 21.53 47.65 7.77
C ALA D 779 21.06 47.51 9.17
N ILE D 780 21.91 47.12 10.10
CA ILE D 780 21.34 46.87 11.41
C ILE D 780 20.79 48.14 11.99
N HIS D 781 21.37 49.29 11.66
CA HIS D 781 20.80 50.49 12.25
C HIS D 781 19.40 50.72 11.74
N LYS D 782 19.19 50.51 10.45
CA LYS D 782 17.87 50.71 9.91
C LYS D 782 16.93 49.61 10.39
N ILE D 783 17.44 48.39 10.44
CA ILE D 783 16.64 47.27 10.84
C ILE D 783 16.13 47.44 12.22
N VAL D 784 16.94 47.92 13.14
CA VAL D 784 16.44 48.10 14.48
C VAL D 784 15.26 48.98 14.47
N ASP D 785 15.31 50.07 13.74
CA ASP D 785 14.14 50.92 13.80
C ASP D 785 12.93 50.15 13.28
N ILE D 786 13.14 49.43 12.19
CA ILE D 786 12.04 48.71 11.60
C ILE D 786 11.49 47.62 12.50
N ARG D 787 12.37 46.86 13.11
CA ARG D 787 11.95 45.77 13.94
C ARG D 787 11.19 46.30 15.11
N LEU D 788 11.61 47.43 15.66
CA LEU D 788 10.85 47.96 16.77
C LEU D 788 9.45 48.29 16.28
N LYS D 789 9.32 48.80 15.05
CA LYS D 789 7.99 49.07 14.55
C LYS D 789 7.24 47.77 14.38
N GLU D 790 7.92 46.74 13.93
CA GLU D 790 7.24 45.50 13.71
C GLU D 790 6.66 45.03 15.02
N ILE D 791 7.39 45.20 16.10
CA ILE D 791 6.91 44.80 17.40
C ILE D 791 5.72 45.63 17.83
N GLU D 792 5.82 46.95 17.68
CA GLU D 792 4.69 47.79 18.06
C GLU D 792 3.45 47.36 17.32
N GLU D 793 3.59 47.10 16.03
CA GLU D 793 2.48 46.69 15.18
C GLU D 793 2.03 45.27 15.51
N ARG D 794 2.99 44.41 15.85
CA ARG D 794 2.74 43.02 16.18
C ARG D 794 1.85 42.91 17.37
N PHE D 795 2.09 43.75 18.35
CA PHE D 795 1.28 43.64 19.53
C PHE D 795 -0.16 43.68 19.11
N GLU D 796 -0.93 42.81 19.71
CA GLU D 796 -2.34 42.70 19.40
C GLU D 796 -3.06 44.01 19.73
N GLN D 797 -2.59 44.65 20.81
CA GLN D 797 -3.17 45.90 21.27
C GLN D 797 -2.10 46.92 21.52
N ASN D 798 -2.40 48.16 21.16
CA ASN D 798 -1.50 49.28 21.37
C ASN D 798 -1.84 50.01 22.64
N ASP D 799 -2.36 49.26 23.59
CA ASP D 799 -2.67 49.71 24.91
C ASP D 799 -1.45 49.47 25.78
N LYS D 800 -0.61 48.51 25.37
CA LYS D 800 0.57 48.12 26.11
C LYS D 800 1.75 47.98 25.19
N HIS D 801 2.38 49.10 24.88
CA HIS D 801 3.48 49.09 23.92
C HIS D 801 4.44 50.21 24.25
N TYR D 802 5.59 50.19 23.60
CA TYR D 802 6.59 51.20 23.85
C TYR D 802 6.74 52.21 22.75
N LYS D 803 7.22 53.36 23.16
CA LYS D 803 7.57 54.48 22.30
C LYS D 803 9.07 54.51 22.13
N LEU D 804 9.72 53.70 22.94
CA LEU D 804 11.18 53.52 23.02
C LEU D 804 11.84 54.73 23.66
N ASN D 805 11.68 55.90 23.02
CA ASN D 805 12.33 57.14 23.44
C ASN D 805 13.81 56.84 23.26
N LEU D 806 14.71 57.74 23.62
CA LEU D 806 16.12 57.44 23.45
C LEU D 806 16.31 56.84 22.08
N THR D 807 15.80 57.53 21.09
CA THR D 807 15.79 57.03 19.73
C THR D 807 17.17 56.98 19.16
N GLN D 808 18.11 57.57 19.87
CA GLN D 808 19.46 57.52 19.48
C GLN D 808 20.14 56.51 20.39
N GLU D 809 19.96 56.63 21.71
CA GLU D 809 20.68 55.74 22.61
C GLU D 809 20.15 54.32 22.70
N ALA D 810 18.85 54.15 22.89
CA ALA D 810 18.31 52.81 23.02
C ALA D 810 18.49 52.14 21.69
N LYS D 811 18.26 52.92 20.64
CA LYS D 811 18.40 52.38 19.30
C LYS D 811 19.87 51.99 19.05
N ASP D 812 20.80 52.85 19.43
CA ASP D 812 22.21 52.56 19.27
C ASP D 812 22.59 51.33 19.99
N PHE D 813 22.20 51.22 21.25
CA PHE D 813 22.57 50.08 22.04
C PHE D 813 22.14 48.83 21.33
N LEU D 814 20.89 48.78 20.89
CA LEU D 814 20.45 47.58 20.22
C LEU D 814 21.27 47.32 18.97
N ALA D 815 21.55 48.36 18.22
CA ALA D 815 22.32 48.20 17.01
C ALA D 815 23.71 47.68 17.29
N LYS D 816 24.34 48.16 18.34
CA LYS D 816 25.68 47.69 18.61
C LYS D 816 25.71 46.28 19.11
N TYR D 817 24.89 46.00 20.09
CA TYR D 817 25.00 44.69 20.70
C TYR D 817 24.46 43.58 19.85
N GLY D 818 23.55 43.88 18.95
CA GLY D 818 23.03 42.86 18.07
C GLY D 818 23.89 42.71 16.83
N TYR D 819 25.00 43.43 16.73
CA TYR D 819 25.72 43.38 15.48
C TYR D 819 26.67 42.24 15.26
N SER D 820 26.12 41.06 15.14
CA SER D 820 26.94 39.92 14.77
C SER D 820 26.68 39.66 13.31
N ASP D 821 27.56 40.15 12.47
CA ASP D 821 27.30 40.08 11.04
C ASP D 821 27.14 38.65 10.54
N ASP D 822 27.82 37.73 11.20
CA ASP D 822 27.75 36.32 10.82
C ASP D 822 26.44 35.62 11.22
N MET D 823 25.48 36.37 11.77
CA MET D 823 24.16 35.87 12.10
C MET D 823 23.08 36.74 11.48
N GLY D 824 23.49 37.68 10.64
CA GLY D 824 22.55 38.57 9.99
C GLY D 824 21.73 39.36 11.00
N ALA D 825 20.42 39.43 10.78
CA ALA D 825 19.55 40.17 11.69
C ALA D 825 19.04 39.30 12.79
N ARG D 826 19.37 38.01 12.75
CA ARG D 826 18.89 37.06 13.75
C ARG D 826 19.08 37.42 15.24
N PRO D 827 20.28 37.86 15.65
CA PRO D 827 20.53 38.18 17.02
C PRO D 827 19.87 39.47 17.39
N LEU D 828 19.49 40.29 16.42
CA LEU D 828 18.85 41.52 16.80
C LEU D 828 17.56 41.19 17.44
N ASN D 829 16.78 40.35 16.77
CA ASN D 829 15.52 40.06 17.39
C ASN D 829 15.74 39.44 18.75
N ARG D 830 16.74 38.58 18.87
CA ARG D 830 16.96 37.96 20.17
C ARG D 830 17.28 39.02 21.19
N LEU D 831 18.06 40.01 20.80
CA LEU D 831 18.48 41.05 21.69
C LEU D 831 17.31 41.88 22.13
N ILE D 832 16.46 42.27 21.19
CA ILE D 832 15.34 43.10 21.58
C ILE D 832 14.50 42.38 22.56
N GLN D 833 14.24 41.12 22.29
CA GLN D 833 13.48 40.39 23.25
C GLN D 833 14.19 40.37 24.59
N ASN D 834 15.47 40.08 24.57
CA ASN D 834 16.20 39.91 25.78
C ASN D 834 16.42 41.17 26.61
N GLU D 835 16.46 42.32 25.98
CA GLU D 835 16.69 43.54 26.72
C GLU D 835 15.39 44.28 27.02
N ILE D 836 14.47 44.30 26.08
CA ILE D 836 13.24 45.03 26.26
C ILE D 836 12.06 44.17 26.64
N LEU D 837 11.80 43.14 25.86
CA LEU D 837 10.56 42.44 26.12
C LEU D 837 10.58 41.57 27.34
N ASN D 838 11.70 40.93 27.66
CA ASN D 838 11.69 40.06 28.84
C ASN D 838 11.32 40.91 30.04
N LYS D 839 11.90 42.10 30.09
CA LYS D 839 11.70 42.97 31.20
C LYS D 839 10.30 43.53 31.15
N LEU D 840 9.82 43.83 29.95
CA LEU D 840 8.50 44.39 29.82
C LEU D 840 7.50 43.42 30.36
N ALA D 841 7.65 42.15 30.04
CA ALA D 841 6.70 41.17 30.52
C ALA D 841 6.64 41.22 32.01
N LEU D 842 7.81 41.29 32.65
CA LEU D 842 7.77 41.30 34.09
C LEU D 842 7.09 42.57 34.58
N ARG D 843 7.42 43.70 33.97
CA ARG D 843 6.83 44.94 34.43
C ARG D 843 5.33 44.89 34.27
N ILE D 844 4.84 44.28 33.20
CA ILE D 844 3.40 44.21 33.04
C ILE D 844 2.80 43.35 34.12
N LEU D 845 3.42 42.22 34.40
CA LEU D 845 2.91 41.33 35.43
C LEU D 845 2.89 42.01 36.79
N LYS D 846 3.88 42.85 37.03
CA LYS D 846 3.99 43.58 38.26
C LYS D 846 3.17 44.85 38.27
N ASN D 847 2.41 45.08 37.21
CA ASN D 847 1.57 46.26 37.10
C ASN D 847 2.35 47.56 37.19
N GLU D 848 3.50 47.58 36.55
CA GLU D 848 4.33 48.78 36.49
C GLU D 848 4.18 49.47 35.15
N ILE D 849 3.34 48.90 34.30
CA ILE D 849 3.10 49.41 32.97
C ILE D 849 1.69 49.90 32.79
N LYS D 850 1.54 51.08 32.22
CA LYS D 850 0.22 51.61 31.92
C LYS D 850 0.06 51.78 30.39
N ASP D 851 0.95 52.60 29.80
CA ASP D 851 1.02 52.83 28.35
C ASP D 851 2.25 53.67 27.98
N LYS D 852 2.59 53.70 26.70
CA LYS D 852 3.63 54.54 26.10
C LYS D 852 4.99 54.39 26.79
N GLU D 853 5.48 53.16 26.82
CA GLU D 853 6.71 52.74 27.50
C GLU D 853 8.05 53.24 26.94
N THR D 854 8.90 53.75 27.86
CA THR D 854 10.27 54.21 27.60
C THR D 854 11.31 53.13 27.88
N VAL D 855 12.28 52.99 27.00
CA VAL D 855 13.39 52.10 27.19
C VAL D 855 14.60 52.92 27.58
N ASN D 856 15.34 52.49 28.59
CA ASN D 856 16.46 53.26 29.11
C ASN D 856 17.81 52.56 29.10
N VAL D 857 18.79 53.19 28.47
CA VAL D 857 20.13 52.62 28.45
C VAL D 857 20.76 52.77 29.82
N VAL D 858 21.41 51.72 30.30
CA VAL D 858 22.01 51.68 31.61
C VAL D 858 23.55 51.64 31.59
N LEU D 859 24.12 52.48 32.46
CA LEU D 859 25.54 52.69 32.69
C LEU D 859 25.98 53.91 31.91
N GLU D 874 24.47 48.45 29.28
CA GLU D 874 23.37 47.58 29.66
C GLU D 874 22.05 48.29 29.36
N GLU D 875 20.92 47.69 29.67
CA GLU D 875 19.62 48.32 29.33
C GLU D 875 18.46 47.85 30.21
N CYS D 876 17.53 48.76 30.49
CA CYS D 876 16.35 48.45 31.28
C CYS D 876 15.19 49.30 30.83
N LEU D 877 14.05 49.12 31.48
CA LEU D 877 12.84 49.87 31.19
C LEU D 877 12.48 50.85 32.28
N GLU D 878 11.73 51.89 31.94
CA GLU D 878 11.24 52.81 32.96
C GLU D 878 10.11 52.17 33.75
N VAL D 879 9.76 52.75 34.86
CA VAL D 879 8.61 52.33 35.62
C VAL D 879 7.52 53.36 35.44
N LEU D 880 6.30 52.96 35.13
CA LEU D 880 5.25 53.95 34.95
C LEU D 880 4.45 54.08 36.26
N PRO D 881 3.45 53.26 36.60
CA PRO D 881 2.90 53.27 37.92
C PRO D 881 3.80 52.53 38.88
N ASN D 882 3.77 52.89 40.14
CA ASN D 882 4.62 52.19 41.09
C ASN D 882 4.03 50.91 41.68
N HIS D 883 3.88 49.90 40.83
CA HIS D 883 3.33 48.57 41.15
C HIS D 883 1.89 48.58 41.63
N GLU D 884 0.97 48.61 40.69
CA GLU D 884 -0.45 48.61 41.04
C GLU D 884 -0.97 47.19 41.12
N GLU E 165 -49.78 -16.90 -31.64
CA GLU E 165 -48.61 -17.65 -31.18
C GLU E 165 -47.55 -16.71 -30.64
N TYR E 166 -46.91 -17.12 -29.58
CA TYR E 166 -45.94 -16.27 -28.93
C TYR E 166 -44.75 -16.08 -29.83
N LEU E 167 -44.37 -17.08 -30.60
CA LEU E 167 -43.24 -16.89 -31.49
C LEU E 167 -43.51 -15.80 -32.51
N SER E 168 -44.78 -15.56 -32.88
CA SER E 168 -45.07 -14.56 -33.89
C SER E 168 -44.94 -13.15 -33.33
N LYS E 169 -44.82 -13.04 -32.00
CA LYS E 169 -44.72 -11.76 -31.34
C LYS E 169 -43.35 -11.55 -30.76
N TYR E 170 -42.75 -12.63 -30.30
CA TYR E 170 -41.50 -12.50 -29.59
C TYR E 170 -40.30 -13.07 -30.29
N ALA E 171 -40.42 -13.52 -31.53
CA ALA E 171 -39.22 -14.04 -32.14
C ALA E 171 -39.15 -13.79 -33.63
N ILE E 172 -37.93 -13.79 -34.13
CA ILE E 172 -37.70 -13.61 -35.55
C ILE E 172 -37.37 -14.88 -36.26
N ASP E 173 -38.06 -15.15 -37.33
CA ASP E 173 -37.78 -16.38 -38.04
C ASP E 173 -36.53 -16.20 -38.88
N MET E 174 -35.41 -16.65 -38.32
CA MET E 174 -34.10 -16.50 -38.96
C MET E 174 -34.12 -17.22 -40.29
N THR E 175 -34.78 -18.35 -40.33
CA THR E 175 -34.88 -19.09 -41.57
C THR E 175 -35.73 -18.36 -42.59
N GLU E 176 -36.71 -17.60 -42.16
CA GLU E 176 -37.44 -16.82 -43.13
C GLU E 176 -36.53 -15.77 -43.69
N GLN E 177 -35.80 -15.10 -42.81
CA GLN E 177 -34.94 -14.05 -43.27
C GLN E 177 -33.86 -14.61 -44.19
N ALA E 178 -33.37 -15.82 -43.89
CA ALA E 178 -32.38 -16.42 -44.76
C ALA E 178 -32.99 -16.64 -46.13
N ARG E 179 -34.20 -17.18 -46.14
CA ARG E 179 -34.92 -17.48 -47.37
C ARG E 179 -35.12 -16.22 -48.19
N GLN E 180 -35.38 -15.12 -47.51
CA GLN E 180 -35.62 -13.83 -48.12
C GLN E 180 -34.35 -13.09 -48.53
N GLY E 181 -33.17 -13.63 -48.22
CA GLY E 181 -31.92 -12.96 -48.59
C GLY E 181 -31.53 -11.79 -47.70
N LYS E 182 -32.11 -11.73 -46.50
CA LYS E 182 -31.83 -10.63 -45.58
C LYS E 182 -30.62 -10.85 -44.72
N LEU E 183 -30.08 -12.05 -44.77
CA LEU E 183 -28.92 -12.38 -43.96
C LEU E 183 -27.71 -12.52 -44.88
N ASP E 184 -26.57 -12.09 -44.40
CA ASP E 184 -25.34 -12.21 -45.16
C ASP E 184 -24.99 -13.66 -45.38
N PRO E 185 -24.47 -14.06 -46.54
CA PRO E 185 -24.05 -15.41 -46.77
C PRO E 185 -22.87 -15.64 -45.88
N VAL E 186 -22.77 -16.82 -45.30
CA VAL E 186 -21.62 -17.08 -44.45
C VAL E 186 -20.40 -17.57 -45.18
N ILE E 187 -19.28 -16.95 -44.86
CA ILE E 187 -18.01 -17.33 -45.44
C ILE E 187 -17.12 -18.10 -44.48
N GLY E 188 -16.70 -19.27 -44.91
CA GLY E 188 -15.82 -20.07 -44.09
C GLY E 188 -16.50 -20.53 -42.84
N ARG E 189 -15.71 -20.68 -41.79
CA ARG E 189 -16.20 -21.22 -40.53
C ARG E 189 -16.88 -22.55 -40.69
N GLU E 190 -16.27 -23.40 -41.51
CA GLU E 190 -16.86 -24.69 -41.72
C GLU E 190 -16.81 -25.53 -40.46
N GLU E 191 -15.71 -25.51 -39.72
CA GLU E 191 -15.75 -26.37 -38.57
C GLU E 191 -16.74 -25.85 -37.54
N GLU E 192 -16.81 -24.53 -37.36
CA GLU E 192 -17.75 -24.04 -36.36
C GLU E 192 -19.18 -24.37 -36.75
N ILE E 193 -19.53 -24.28 -38.03
CA ILE E 193 -20.90 -24.60 -38.35
C ILE E 193 -21.12 -26.10 -38.18
N ARG E 194 -20.11 -26.92 -38.48
CA ARG E 194 -20.30 -28.35 -38.29
C ARG E 194 -20.44 -28.68 -36.82
N SER E 195 -19.69 -27.98 -35.98
CA SER E 195 -19.72 -28.22 -34.55
C SER E 195 -21.07 -27.85 -34.01
N THR E 196 -21.59 -26.75 -34.48
CA THR E 196 -22.87 -26.29 -34.05
C THR E 196 -23.92 -27.33 -34.38
N ILE E 197 -23.85 -27.82 -35.60
CA ILE E 197 -24.77 -28.83 -36.05
C ILE E 197 -24.65 -30.11 -35.25
N ARG E 198 -23.43 -30.57 -35.01
CA ARG E 198 -23.28 -31.80 -34.26
C ARG E 198 -23.89 -31.65 -32.89
N VAL E 199 -23.75 -30.49 -32.27
CA VAL E 199 -24.37 -30.37 -30.98
C VAL E 199 -25.89 -30.34 -31.10
N LEU E 200 -26.43 -29.61 -32.07
CA LEU E 200 -27.88 -29.58 -32.21
C LEU E 200 -28.46 -30.95 -32.54
N ALA E 201 -27.67 -31.79 -33.18
CA ALA E 201 -28.07 -33.13 -33.56
C ALA E 201 -28.02 -34.13 -32.39
N ARG E 202 -27.58 -33.68 -31.21
CA ARG E 202 -27.53 -34.50 -30.01
C ARG E 202 -28.90 -34.86 -29.55
N ARG E 203 -29.01 -35.92 -28.76
CA ARG E 203 -30.30 -36.28 -28.22
C ARG E 203 -30.55 -35.66 -26.86
N ILE E 204 -29.50 -35.53 -26.07
CA ILE E 204 -29.64 -35.02 -24.72
C ILE E 204 -28.92 -33.67 -24.53
N LYS E 205 -29.58 -32.67 -23.96
CA LYS E 205 -28.92 -31.37 -23.76
C LYS E 205 -28.29 -30.81 -25.04
N SER E 206 -29.05 -30.82 -26.12
CA SER E 206 -28.56 -30.38 -27.41
C SER E 206 -28.55 -28.87 -27.54
N ASN E 207 -27.70 -28.22 -26.75
CA ASN E 207 -27.77 -26.76 -26.69
C ASN E 207 -26.46 -26.01 -26.77
N PRO E 208 -25.86 -25.84 -27.93
CA PRO E 208 -24.60 -25.19 -28.09
C PRO E 208 -24.69 -23.71 -27.82
N CYS E 209 -23.58 -23.14 -27.40
CA CYS E 209 -23.47 -21.70 -27.27
C CYS E 209 -22.18 -21.22 -27.83
N LEU E 210 -22.27 -20.24 -28.69
CA LEU E 210 -21.10 -19.75 -29.36
C LEU E 210 -20.44 -18.71 -28.51
N ILE E 211 -19.22 -18.99 -28.16
CA ILE E 211 -18.43 -18.14 -27.30
C ILE E 211 -17.25 -17.53 -28.02
N GLY E 212 -17.04 -16.25 -27.83
CA GLY E 212 -15.86 -15.62 -28.43
C GLY E 212 -15.87 -14.12 -28.30
N GLU E 213 -14.80 -13.48 -28.69
CA GLU E 213 -14.77 -12.04 -28.56
C GLU E 213 -15.87 -11.40 -29.39
N PRO E 214 -16.35 -10.24 -29.00
CA PRO E 214 -17.30 -9.53 -29.78
C PRO E 214 -16.54 -9.10 -31.00
N GLY E 215 -17.21 -9.14 -32.16
CA GLY E 215 -16.60 -8.77 -33.44
C GLY E 215 -16.04 -9.98 -34.21
N ILE E 216 -16.16 -11.16 -33.61
CA ILE E 216 -15.74 -12.41 -34.18
C ILE E 216 -16.58 -12.97 -35.32
N GLY E 217 -17.89 -12.79 -35.29
CA GLY E 217 -18.70 -13.38 -36.33
C GLY E 217 -19.60 -14.49 -35.82
N LYS E 218 -19.69 -14.64 -34.52
CA LYS E 218 -20.55 -15.69 -34.05
C LYS E 218 -22.00 -15.49 -34.45
N THR E 219 -22.45 -14.26 -34.69
CA THR E 219 -23.83 -14.15 -35.14
C THR E 219 -23.86 -14.70 -36.54
N ALA E 220 -22.82 -14.41 -37.32
CA ALA E 220 -22.79 -14.88 -38.70
C ALA E 220 -22.95 -16.38 -38.69
N ILE E 221 -22.38 -17.06 -37.70
CA ILE E 221 -22.58 -18.49 -37.65
C ILE E 221 -24.05 -18.81 -37.50
N ILE E 222 -24.74 -18.09 -36.64
CA ILE E 222 -26.16 -18.35 -36.45
C ILE E 222 -26.88 -18.13 -37.77
N GLU E 223 -26.49 -17.09 -38.49
CA GLU E 223 -27.10 -16.86 -39.79
C GLU E 223 -26.78 -18.06 -40.67
N GLY E 224 -25.58 -18.60 -40.51
CA GLY E 224 -25.13 -19.77 -41.24
C GLY E 224 -26.03 -20.93 -40.94
N VAL E 225 -26.46 -21.06 -39.71
CA VAL E 225 -27.34 -22.15 -39.38
C VAL E 225 -28.60 -22.01 -40.18
N ALA E 226 -29.14 -20.80 -40.21
CA ALA E 226 -30.36 -20.60 -40.96
C ALA E 226 -30.16 -20.93 -42.43
N GLN E 227 -29.02 -20.56 -42.99
CA GLN E 227 -28.74 -20.82 -44.40
C GLN E 227 -28.61 -22.30 -44.67
N ARG E 228 -27.95 -23.01 -43.77
CA ARG E 228 -27.78 -24.43 -43.96
C ARG E 228 -29.15 -25.07 -43.96
N ILE E 229 -30.06 -24.57 -43.11
CA ILE E 229 -31.41 -25.11 -43.05
C ILE E 229 -32.15 -24.84 -44.34
N ILE E 230 -32.09 -23.61 -44.82
CA ILE E 230 -32.81 -23.30 -46.04
C ILE E 230 -32.39 -24.16 -47.20
N ASP E 231 -31.10 -24.42 -47.31
CA ASP E 231 -30.60 -25.23 -48.41
C ASP E 231 -30.39 -26.73 -48.05
N ASP E 232 -30.92 -27.17 -46.91
CA ASP E 232 -30.79 -28.56 -46.45
C ASP E 232 -29.38 -29.14 -46.40
N ASP E 233 -28.39 -28.36 -45.97
CA ASP E 233 -27.02 -28.88 -45.80
C ASP E 233 -26.93 -29.53 -44.44
N VAL E 234 -27.99 -29.32 -43.72
CA VAL E 234 -28.26 -29.80 -42.42
C VAL E 234 -28.53 -31.29 -42.52
N PRO E 235 -27.99 -32.12 -41.63
CA PRO E 235 -28.19 -33.54 -41.57
C PRO E 235 -29.63 -33.87 -41.47
N THR E 236 -30.01 -35.04 -41.97
CA THR E 236 -31.39 -35.50 -41.95
C THR E 236 -32.07 -35.17 -40.63
N ILE E 237 -31.36 -35.41 -39.53
CA ILE E 237 -31.86 -35.24 -38.18
C ILE E 237 -32.44 -33.87 -37.96
N LEU E 238 -31.77 -32.86 -38.50
CA LEU E 238 -32.16 -31.49 -38.32
C LEU E 238 -32.75 -30.82 -39.56
N GLN E 239 -32.94 -31.54 -40.68
CA GLN E 239 -33.44 -30.84 -41.89
C GLN E 239 -34.83 -30.30 -41.73
N GLY E 240 -35.69 -31.05 -41.08
CA GLY E 240 -37.07 -30.63 -40.86
C GLY E 240 -37.09 -29.69 -39.68
N ALA E 241 -36.55 -28.48 -39.87
CA ALA E 241 -36.34 -27.53 -38.80
C ALA E 241 -36.54 -26.09 -39.18
N LYS E 242 -36.74 -25.28 -38.15
CA LYS E 242 -36.89 -23.84 -38.28
C LYS E 242 -36.03 -23.15 -37.27
N LEU E 243 -35.56 -21.94 -37.57
CA LEU E 243 -34.77 -21.25 -36.57
C LEU E 243 -35.34 -19.89 -36.25
N PHE E 244 -35.63 -19.67 -34.98
CA PHE E 244 -36.18 -18.41 -34.52
C PHE E 244 -35.24 -17.73 -33.58
N SER E 245 -35.21 -16.40 -33.58
CA SER E 245 -34.41 -15.64 -32.62
C SER E 245 -35.28 -15.04 -31.56
N LEU E 246 -35.12 -15.48 -30.32
CA LEU E 246 -36.02 -14.98 -29.28
C LEU E 246 -35.60 -13.60 -28.84
N ASP E 247 -36.52 -12.66 -28.86
CA ASP E 247 -36.22 -11.32 -28.36
C ASP E 247 -36.25 -11.34 -26.85
N LEU E 248 -35.63 -10.36 -26.24
CA LEU E 248 -35.66 -10.28 -24.80
C LEU E 248 -37.03 -9.97 -24.35
N ALA E 249 -37.78 -9.33 -25.26
CA ALA E 249 -39.15 -8.88 -25.06
C ALA E 249 -40.04 -9.96 -24.52
N ALA E 250 -39.74 -11.23 -24.79
CA ALA E 250 -40.62 -12.26 -24.25
C ALA E 250 -40.75 -12.04 -22.75
N LEU E 251 -39.66 -11.61 -22.13
CA LEU E 251 -39.62 -11.34 -20.71
C LEU E 251 -39.63 -9.81 -20.50
N THR E 252 -38.94 -9.09 -21.38
CA THR E 252 -38.75 -7.66 -21.16
C THR E 252 -39.87 -6.80 -21.72
N ALA E 253 -40.93 -7.42 -22.22
CA ALA E 253 -42.09 -6.67 -22.65
C ALA E 253 -42.87 -6.17 -21.43
N GLY E 254 -42.40 -6.51 -20.23
CA GLY E 254 -42.99 -6.02 -19.00
C GLY E 254 -43.33 -7.14 -18.07
N ALA E 255 -42.93 -7.00 -16.80
CA ALA E 255 -43.21 -8.00 -15.81
C ALA E 255 -44.43 -7.62 -14.99
N LYS E 256 -45.10 -6.53 -15.34
CA LYS E 256 -46.28 -6.16 -14.57
C LYS E 256 -47.13 -7.39 -14.38
N TYR E 257 -47.53 -7.67 -13.14
CA TYR E 257 -48.30 -8.85 -12.81
C TYR E 257 -47.36 -10.01 -12.78
N LYS E 258 -46.68 -10.08 -11.65
CA LYS E 258 -45.62 -11.04 -11.40
C LYS E 258 -45.97 -12.38 -11.96
N GLY E 259 -45.03 -12.97 -12.68
CA GLY E 259 -45.19 -14.30 -13.26
C GLY E 259 -45.72 -14.28 -14.68
N ASP E 260 -46.38 -13.20 -15.11
CA ASP E 260 -46.92 -13.22 -16.45
C ASP E 260 -45.85 -13.40 -17.49
N PHE E 261 -44.81 -12.61 -17.38
CA PHE E 261 -43.73 -12.68 -18.32
C PHE E 261 -43.06 -14.06 -18.35
N GLU E 262 -43.09 -14.77 -17.22
CA GLU E 262 -42.47 -16.07 -17.22
C GLU E 262 -43.39 -17.00 -17.96
N GLU E 263 -44.69 -16.73 -17.85
CA GLU E 263 -45.66 -17.56 -18.51
C GLU E 263 -45.55 -17.34 -20.01
N ARG E 264 -45.31 -16.09 -20.46
CA ARG E 264 -45.18 -15.90 -21.90
C ARG E 264 -44.02 -16.72 -22.40
N PHE E 265 -42.95 -16.71 -21.64
CA PHE E 265 -41.77 -17.47 -21.95
C PHE E 265 -42.08 -18.95 -22.02
N LYS E 266 -42.72 -19.49 -21.00
CA LYS E 266 -43.04 -20.90 -21.05
C LYS E 266 -43.92 -21.17 -22.27
N GLY E 267 -44.83 -20.25 -22.57
CA GLY E 267 -45.72 -20.36 -23.71
C GLY E 267 -44.89 -20.60 -24.95
N VAL E 268 -43.85 -19.79 -25.12
CA VAL E 268 -42.96 -19.95 -26.26
C VAL E 268 -42.39 -21.35 -26.27
N LEU E 269 -41.96 -21.83 -25.12
CA LEU E 269 -41.39 -23.14 -25.12
C LEU E 269 -42.42 -24.19 -25.55
N LYS E 270 -43.65 -24.02 -25.13
CA LYS E 270 -44.63 -25.03 -25.50
C LYS E 270 -44.73 -25.10 -27.01
N GLU E 271 -44.74 -23.93 -27.65
CA GLU E 271 -44.87 -23.88 -29.11
C GLU E 271 -43.70 -24.52 -29.79
N ILE E 272 -42.52 -24.33 -29.23
CA ILE E 272 -41.32 -24.87 -29.83
C ILE E 272 -41.28 -26.38 -29.84
N GLU E 273 -41.61 -27.02 -28.73
CA GLU E 273 -41.55 -28.48 -28.76
C GLU E 273 -42.74 -29.07 -29.51
N GLU E 274 -43.91 -28.46 -29.36
CA GLU E 274 -45.11 -29.01 -29.96
C GLU E 274 -45.10 -29.22 -31.47
N SER E 275 -44.54 -30.36 -31.91
CA SER E 275 -44.77 -30.96 -33.24
C SER E 275 -44.23 -30.27 -34.49
N LYS E 276 -44.41 -28.96 -34.57
CA LYS E 276 -44.22 -28.18 -35.77
C LYS E 276 -42.79 -27.99 -36.21
N THR E 277 -42.17 -29.09 -36.64
CA THR E 277 -40.77 -29.18 -37.11
C THR E 277 -39.84 -28.95 -35.95
N LEU E 278 -38.58 -29.23 -36.15
CA LEU E 278 -37.62 -29.06 -35.10
C LEU E 278 -37.29 -27.61 -34.96
N ILE E 279 -38.15 -26.91 -34.28
CA ILE E 279 -37.93 -25.52 -34.08
C ILE E 279 -36.82 -25.37 -33.08
N VAL E 280 -35.80 -24.61 -33.44
CA VAL E 280 -34.67 -24.36 -32.58
C VAL E 280 -34.71 -22.90 -32.27
N LEU E 281 -34.50 -22.58 -31.01
CA LEU E 281 -34.59 -21.19 -30.63
C LEU E 281 -33.22 -20.57 -30.35
N PHE E 282 -32.94 -19.47 -31.01
CA PHE E 282 -31.71 -18.74 -30.84
C PHE E 282 -31.82 -17.70 -29.76
N ILE E 283 -30.89 -17.76 -28.84
CA ILE E 283 -30.85 -16.80 -27.78
C ILE E 283 -29.69 -15.86 -27.96
N ASP E 284 -30.01 -14.64 -28.31
CA ASP E 284 -28.98 -13.66 -28.49
C ASP E 284 -28.62 -13.17 -27.12
N GLU E 285 -27.49 -12.51 -26.99
CA GLU E 285 -27.12 -11.92 -25.70
C GLU E 285 -27.47 -12.84 -24.52
N ILE E 286 -27.02 -14.11 -24.54
CA ILE E 286 -27.51 -15.08 -23.55
C ILE E 286 -27.35 -14.64 -22.10
N HIS E 287 -26.57 -13.62 -21.84
CA HIS E 287 -26.42 -13.15 -20.50
C HIS E 287 -27.72 -12.76 -19.87
N MET E 288 -28.71 -12.40 -20.66
CA MET E 288 -29.97 -12.00 -20.11
C MET E 288 -30.70 -13.14 -19.42
N LEU E 289 -30.31 -14.37 -19.73
CA LEU E 289 -30.95 -15.55 -19.20
C LEU E 289 -30.65 -15.66 -17.69
N MET E 290 -29.63 -14.93 -17.22
CA MET E 290 -29.17 -14.96 -15.82
C MET E 290 -30.26 -14.51 -14.85
N GLY E 291 -31.20 -13.70 -15.34
CA GLY E 291 -32.27 -13.23 -14.48
C GLY E 291 -31.70 -12.43 -13.34
N ASN E 292 -32.47 -12.19 -12.30
CA ASN E 292 -31.99 -11.40 -11.17
C ASN E 292 -31.15 -12.20 -10.22
N GLY E 293 -30.01 -12.70 -10.69
CA GLY E 293 -29.19 -13.50 -9.81
C GLY E 293 -29.91 -14.78 -9.45
N LYS E 294 -30.28 -15.57 -10.45
CA LYS E 294 -31.14 -16.73 -10.21
C LYS E 294 -32.41 -16.11 -9.68
N ASP E 295 -33.00 -16.57 -8.58
CA ASP E 295 -34.21 -15.86 -8.17
C ASP E 295 -35.20 -15.68 -9.35
N ASP E 296 -35.31 -14.46 -9.89
CA ASP E 296 -36.24 -14.18 -11.00
C ASP E 296 -35.97 -15.04 -12.25
N ALA E 297 -34.77 -15.62 -12.35
CA ALA E 297 -34.41 -16.47 -13.48
C ALA E 297 -35.34 -17.65 -13.63
N ALA E 298 -36.02 -18.03 -12.55
CA ALA E 298 -36.97 -19.13 -12.60
C ALA E 298 -36.41 -20.34 -13.32
N ASN E 299 -37.16 -20.81 -14.28
CA ASN E 299 -36.81 -21.91 -15.11
C ASN E 299 -36.34 -21.50 -16.43
N ILE E 300 -35.65 -20.40 -16.55
CA ILE E 300 -35.28 -20.11 -17.89
C ILE E 300 -34.50 -21.29 -18.43
N LEU E 301 -35.15 -21.91 -19.42
CA LEU E 301 -34.71 -23.07 -20.12
C LEU E 301 -34.39 -24.29 -19.21
N LYS E 302 -34.99 -24.38 -18.04
CA LYS E 302 -34.65 -25.50 -17.16
C LYS E 302 -35.04 -26.86 -17.73
N PRO E 303 -36.32 -27.27 -17.67
CA PRO E 303 -36.69 -28.59 -18.12
C PRO E 303 -36.32 -28.78 -19.57
N ALA E 304 -36.24 -27.68 -20.31
CA ALA E 304 -35.88 -27.74 -21.71
C ALA E 304 -34.56 -28.37 -21.89
N LEU E 305 -33.60 -27.78 -21.23
CA LEU E 305 -32.27 -28.22 -21.46
C LEU E 305 -32.10 -29.63 -20.87
N SER E 306 -32.80 -29.90 -19.77
CA SER E 306 -32.70 -31.18 -19.04
C SER E 306 -33.25 -32.37 -19.81
N ARG E 307 -33.95 -32.12 -20.91
CA ARG E 307 -34.52 -33.22 -21.66
C ARG E 307 -34.07 -33.28 -23.10
N GLY E 308 -33.21 -32.36 -23.52
CA GLY E 308 -32.81 -32.37 -24.93
C GLY E 308 -33.97 -31.92 -25.83
N GLN E 309 -34.91 -31.21 -25.25
CA GLN E 309 -36.10 -30.76 -25.93
C GLN E 309 -36.02 -29.29 -26.00
N LEU E 310 -36.87 -28.64 -26.81
CA LEU E 310 -36.82 -27.19 -26.78
C LEU E 310 -35.40 -26.71 -27.00
N LYS E 311 -34.74 -27.30 -27.98
CA LYS E 311 -33.35 -27.04 -28.27
C LYS E 311 -33.08 -25.59 -28.49
N VAL E 312 -32.00 -25.11 -27.90
CA VAL E 312 -31.65 -23.73 -28.11
C VAL E 312 -30.25 -23.63 -28.58
N ILE E 313 -29.96 -22.52 -29.18
CA ILE E 313 -28.62 -22.18 -29.56
C ILE E 313 -28.40 -20.79 -29.07
N GLY E 314 -27.26 -20.50 -28.53
CA GLY E 314 -27.09 -19.12 -28.09
C GLY E 314 -25.74 -18.58 -28.44
N ALA E 315 -25.52 -17.32 -28.06
CA ALA E 315 -24.25 -16.69 -28.31
C ALA E 315 -23.94 -15.58 -27.30
N THR E 316 -22.68 -15.49 -26.88
CA THR E 316 -22.26 -14.43 -25.97
C THR E 316 -20.72 -14.29 -25.95
N THR E 317 -20.20 -13.29 -25.27
CA THR E 317 -18.75 -13.13 -25.24
C THR E 317 -18.08 -13.81 -24.08
N ASN E 318 -16.76 -13.93 -24.14
CA ASN E 318 -16.01 -14.48 -23.03
C ASN E 318 -16.21 -13.64 -21.80
N ASN E 319 -16.20 -12.32 -21.99
CA ASN E 319 -16.30 -11.41 -20.87
C ASN E 319 -17.60 -11.55 -20.17
N GLU E 320 -18.63 -11.75 -20.96
CA GLU E 320 -19.90 -11.91 -20.34
C GLU E 320 -19.95 -13.26 -19.69
N TYR E 321 -19.58 -14.30 -20.45
CA TYR E 321 -19.69 -15.70 -20.08
C TYR E 321 -19.04 -15.96 -18.76
N ARG E 322 -17.88 -15.34 -18.60
CA ARG E 322 -17.05 -15.43 -17.42
C ARG E 322 -17.83 -15.13 -16.17
N SER E 323 -18.84 -14.29 -16.25
CA SER E 323 -19.65 -14.01 -15.11
C SER E 323 -20.97 -14.81 -15.29
N ILE E 324 -22.03 -14.18 -15.78
CA ILE E 324 -23.32 -14.80 -16.11
C ILE E 324 -23.41 -16.31 -15.76
N VAL E 325 -22.97 -17.15 -16.67
CA VAL E 325 -23.04 -18.57 -16.58
C VAL E 325 -22.10 -19.12 -15.56
N GLU E 326 -20.88 -18.62 -15.49
CA GLU E 326 -19.99 -19.19 -14.50
C GLU E 326 -20.56 -18.94 -13.11
N LYS E 327 -21.24 -17.82 -12.94
CA LYS E 327 -21.88 -17.50 -11.68
C LYS E 327 -23.13 -18.34 -11.48
N ASP E 328 -23.85 -18.62 -12.56
CA ASP E 328 -25.08 -19.41 -12.48
C ASP E 328 -24.83 -20.88 -12.17
N GLY E 329 -23.87 -21.48 -12.84
CA GLY E 329 -23.57 -22.89 -12.65
C GLY E 329 -24.51 -23.79 -13.46
N ALA E 330 -25.80 -23.67 -13.19
CA ALA E 330 -26.78 -24.49 -13.88
C ALA E 330 -26.69 -24.34 -15.38
N PHE E 331 -26.48 -23.14 -15.85
CA PHE E 331 -26.38 -23.00 -17.27
C PHE E 331 -25.16 -23.66 -17.85
N GLU E 332 -24.10 -23.83 -17.07
CA GLU E 332 -22.94 -24.48 -17.65
C GLU E 332 -23.31 -25.90 -17.88
N ARG E 333 -23.99 -26.51 -16.94
CA ARG E 333 -24.34 -27.90 -17.16
C ARG E 333 -25.19 -28.02 -18.42
N ARG E 334 -26.24 -27.20 -18.48
CA ARG E 334 -27.20 -27.25 -19.58
C ARG E 334 -26.69 -26.89 -20.97
N PHE E 335 -25.79 -25.93 -21.06
CA PHE E 335 -25.27 -25.50 -22.37
C PHE E 335 -23.94 -26.09 -22.75
N GLN E 336 -23.71 -26.24 -24.05
CA GLN E 336 -22.42 -26.72 -24.52
C GLN E 336 -21.58 -25.63 -25.16
N LYS E 337 -20.54 -25.24 -24.48
CA LYS E 337 -19.69 -24.18 -24.99
C LYS E 337 -18.92 -24.59 -26.23
N ILE E 338 -18.95 -23.72 -27.25
CA ILE E 338 -18.17 -23.85 -28.47
C ILE E 338 -17.42 -22.55 -28.74
N GLU E 339 -16.10 -22.58 -28.85
CA GLU E 339 -15.43 -21.32 -29.16
C GLU E 339 -15.50 -21.02 -30.64
N VAL E 340 -15.71 -19.77 -30.98
CA VAL E 340 -15.65 -19.34 -32.35
C VAL E 340 -14.34 -18.63 -32.58
N ALA E 341 -13.52 -19.12 -33.50
CA ALA E 341 -12.20 -18.52 -33.68
C ALA E 341 -12.21 -17.24 -34.49
N GLU E 342 -11.32 -16.30 -34.15
CA GLU E 342 -11.15 -15.11 -34.97
C GLU E 342 -10.45 -15.57 -36.22
N PRO E 343 -10.84 -15.13 -37.41
CA PRO E 343 -10.21 -15.50 -38.64
C PRO E 343 -8.86 -14.85 -38.83
N SER E 344 -8.02 -15.50 -39.60
CA SER E 344 -6.74 -14.95 -39.99
C SER E 344 -6.98 -13.87 -41.02
N VAL E 345 -5.95 -13.13 -41.38
CA VAL E 345 -6.15 -12.12 -42.42
C VAL E 345 -6.60 -12.81 -43.68
N ARG E 346 -5.96 -13.93 -44.03
CA ARG E 346 -6.39 -14.65 -45.21
C ARG E 346 -7.88 -14.91 -45.18
N GLN E 347 -8.35 -15.44 -44.06
CA GLN E 347 -9.76 -15.75 -43.94
C GLN E 347 -10.59 -14.47 -43.98
N THR E 348 -10.07 -13.41 -43.39
CA THR E 348 -10.78 -12.16 -43.32
C THR E 348 -11.02 -11.65 -44.72
N VAL E 349 -10.01 -11.73 -45.57
CA VAL E 349 -10.18 -11.26 -46.92
C VAL E 349 -11.24 -12.10 -47.59
N ALA E 350 -11.20 -13.41 -47.38
CA ALA E 350 -12.22 -14.23 -47.99
C ALA E 350 -13.59 -13.74 -47.59
N ILE E 351 -13.76 -13.35 -46.32
CA ILE E 351 -15.06 -12.87 -45.89
C ILE E 351 -15.42 -11.65 -46.68
N LEU E 352 -14.47 -10.76 -46.83
CA LEU E 352 -14.81 -9.54 -47.51
C LEU E 352 -15.23 -9.84 -48.93
N ARG E 353 -14.53 -10.76 -49.60
CA ARG E 353 -14.90 -11.09 -50.96
C ARG E 353 -16.31 -11.65 -51.02
N GLY E 354 -16.65 -12.50 -50.06
CA GLY E 354 -17.98 -13.08 -50.06
C GLY E 354 -19.06 -12.04 -49.90
N LEU E 355 -18.77 -10.99 -49.14
CA LEU E 355 -19.75 -9.97 -48.90
C LEU E 355 -19.62 -8.83 -49.89
N GLN E 356 -18.57 -8.85 -50.70
CA GLN E 356 -18.37 -7.83 -51.70
C GLN E 356 -19.63 -7.43 -52.44
N PRO E 357 -20.43 -8.33 -53.05
CA PRO E 357 -21.59 -7.94 -53.80
C PRO E 357 -22.65 -7.32 -52.91
N LYS E 358 -22.60 -7.59 -51.62
CA LYS E 358 -23.62 -7.00 -50.79
C LYS E 358 -23.29 -5.54 -50.70
N TYR E 359 -22.01 -5.26 -50.53
CA TYR E 359 -21.59 -3.89 -50.36
C TYR E 359 -21.67 -3.11 -51.64
N GLU E 360 -21.39 -3.77 -52.75
CA GLU E 360 -21.46 -3.07 -54.01
C GLU E 360 -22.89 -2.61 -54.23
N ILE E 361 -23.83 -3.49 -53.91
CA ILE E 361 -25.24 -3.17 -54.00
C ILE E 361 -25.64 -2.11 -53.00
N HIS E 362 -25.16 -2.26 -51.78
CA HIS E 362 -25.52 -1.36 -50.72
C HIS E 362 -25.22 0.07 -51.09
N HIS E 363 -24.10 0.31 -51.75
CA HIS E 363 -23.70 1.66 -52.09
C HIS E 363 -23.65 2.04 -53.55
N GLY E 364 -23.87 1.10 -54.46
CA GLY E 364 -23.82 1.46 -55.89
C GLY E 364 -22.38 1.69 -56.35
N VAL E 365 -21.46 0.93 -55.78
CA VAL E 365 -20.05 1.12 -56.11
C VAL E 365 -19.41 -0.18 -56.46
N ARG E 366 -18.30 -0.15 -57.17
CA ARG E 366 -17.53 -1.38 -57.39
C ARG E 366 -16.45 -1.45 -56.33
N ILE E 367 -16.06 -2.63 -55.91
CA ILE E 367 -14.94 -2.68 -55.00
C ILE E 367 -13.74 -3.36 -55.65
N LEU E 368 -12.63 -2.67 -55.71
CA LEU E 368 -11.40 -3.19 -56.28
C LEU E 368 -10.93 -4.41 -55.49
N ASP E 369 -10.57 -5.51 -56.13
CA ASP E 369 -10.15 -6.64 -55.29
C ASP E 369 -9.01 -6.26 -54.34
N SER E 370 -8.07 -5.45 -54.82
CA SER E 370 -6.96 -5.04 -53.97
C SER E 370 -7.48 -4.33 -52.74
N ALA E 371 -8.58 -3.58 -52.90
CA ALA E 371 -9.15 -2.84 -51.80
C ALA E 371 -9.61 -3.80 -50.72
N LEU E 372 -10.18 -4.91 -51.14
CA LEU E 372 -10.66 -5.85 -50.14
C LEU E 372 -9.48 -6.38 -49.37
N VAL E 373 -8.41 -6.65 -50.09
CA VAL E 373 -7.23 -7.20 -49.47
C VAL E 373 -6.66 -6.20 -48.49
N THR E 374 -6.59 -4.96 -48.93
CA THR E 374 -6.07 -3.89 -48.15
C THR E 374 -6.81 -3.73 -46.86
N ALA E 375 -8.13 -3.71 -46.90
CA ALA E 375 -8.84 -3.51 -45.65
C ALA E 375 -8.50 -4.56 -44.64
N ALA E 376 -8.41 -5.81 -45.05
CA ALA E 376 -8.14 -6.83 -44.06
C ALA E 376 -6.78 -6.67 -43.42
N GLN E 377 -5.77 -6.37 -44.22
CA GLN E 377 -4.44 -6.30 -43.65
C GLN E 377 -4.30 -5.02 -42.87
N LEU E 378 -4.87 -3.96 -43.41
CA LEU E 378 -4.80 -2.64 -42.85
C LEU E 378 -5.47 -2.65 -41.51
N ALA E 379 -6.62 -3.29 -41.45
CA ALA E 379 -7.36 -3.38 -40.22
C ALA E 379 -6.54 -4.07 -39.17
N LYS E 380 -5.85 -5.14 -39.54
CA LYS E 380 -5.06 -5.78 -38.51
C LYS E 380 -4.01 -4.84 -37.97
N ARG E 381 -3.41 -4.03 -38.85
CA ARG E 381 -2.36 -3.14 -38.41
C ARG E 381 -2.87 -1.96 -37.58
N TYR E 382 -4.00 -1.37 -37.96
CA TYR E 382 -4.44 -0.17 -37.26
C TYR E 382 -5.72 -0.19 -36.43
N LEU E 383 -6.39 -1.30 -36.31
CA LEU E 383 -7.59 -1.32 -35.49
C LEU E 383 -7.53 -2.43 -34.45
N PRO E 384 -6.57 -2.40 -33.54
CA PRO E 384 -6.24 -3.47 -32.62
C PRO E 384 -7.31 -3.75 -31.58
N TYR E 385 -8.25 -2.85 -31.40
CA TYR E 385 -9.24 -3.09 -30.39
C TYR E 385 -10.50 -3.69 -30.94
N ARG E 386 -10.51 -3.98 -32.22
CA ARG E 386 -11.70 -4.53 -32.81
C ARG E 386 -11.30 -5.72 -33.67
N ARG E 387 -11.99 -6.83 -33.50
CA ARG E 387 -11.62 -8.10 -34.13
C ARG E 387 -11.69 -8.02 -35.64
N LEU E 388 -10.89 -8.83 -36.33
CA LEU E 388 -10.81 -8.64 -37.76
C LEU E 388 -12.08 -8.65 -38.60
N PRO E 389 -13.06 -9.53 -38.42
CA PRO E 389 -14.27 -9.52 -39.20
C PRO E 389 -14.84 -8.13 -39.18
N ASP E 390 -15.13 -7.63 -37.96
CA ASP E 390 -15.63 -6.27 -37.90
C ASP E 390 -14.71 -5.21 -38.45
N SER E 391 -13.45 -5.26 -38.07
CA SER E 391 -12.61 -4.16 -38.44
C SER E 391 -12.47 -4.06 -39.93
N ALA E 392 -12.30 -5.19 -40.59
CA ALA E 392 -12.16 -5.15 -42.02
C ALA E 392 -13.43 -4.64 -42.66
N LEU E 393 -14.58 -5.10 -42.16
CA LEU E 393 -15.83 -4.65 -42.72
C LEU E 393 -16.07 -3.19 -42.45
N ASP E 394 -15.62 -2.72 -41.30
CA ASP E 394 -15.79 -1.32 -41.02
C ASP E 394 -15.04 -0.52 -42.04
N LEU E 395 -13.83 -0.94 -42.37
CA LEU E 395 -13.10 -0.18 -43.37
C LEU E 395 -13.71 -0.29 -44.75
N VAL E 396 -14.16 -1.47 -45.13
CA VAL E 396 -14.72 -1.56 -46.47
C VAL E 396 -16.00 -0.79 -46.58
N ASP E 397 -16.88 -0.94 -45.60
CA ASP E 397 -18.16 -0.30 -45.72
C ASP E 397 -18.02 1.18 -45.61
N ILE E 398 -17.20 1.66 -44.68
CA ILE E 398 -17.08 3.10 -44.56
C ILE E 398 -16.49 3.68 -45.83
N SER E 399 -15.60 2.94 -46.49
CA SER E 399 -15.02 3.44 -47.71
C SER E 399 -16.06 3.51 -48.78
N CYS E 400 -16.90 2.49 -48.86
CA CYS E 400 -17.93 2.45 -49.87
C CYS E 400 -18.89 3.59 -49.61
N ALA E 401 -19.22 3.80 -48.34
CA ALA E 401 -20.10 4.88 -47.99
C ALA E 401 -19.47 6.17 -48.43
N GLY E 402 -18.17 6.31 -48.22
CA GLY E 402 -17.50 7.53 -48.61
C GLY E 402 -17.68 7.79 -50.08
N VAL E 403 -17.60 6.74 -50.90
CA VAL E 403 -17.80 6.94 -52.30
C VAL E 403 -19.24 7.35 -52.55
N ALA E 404 -20.18 6.69 -51.90
CA ALA E 404 -21.59 7.03 -52.09
C ALA E 404 -21.86 8.47 -51.66
N VAL E 405 -21.22 8.90 -50.59
CA VAL E 405 -21.36 10.25 -50.10
C VAL E 405 -20.83 11.19 -51.13
N ALA E 406 -19.66 10.87 -51.67
CA ALA E 406 -19.08 11.71 -52.69
C ALA E 406 -20.01 11.80 -53.89
N ARG E 407 -20.67 10.69 -54.25
CA ARG E 407 -21.58 10.72 -55.36
C ARG E 407 -22.70 11.71 -55.13
N ASP E 408 -23.29 11.69 -53.94
CA ASP E 408 -24.36 12.66 -53.66
C ASP E 408 -23.82 14.08 -53.46
N SER E 409 -22.59 14.20 -52.96
CA SER E 409 -21.99 15.49 -52.69
C SER E 409 -21.78 16.28 -53.96
N LYS E 410 -21.35 15.58 -55.02
CA LYS E 410 -21.08 16.15 -56.34
C LYS E 410 -19.86 17.07 -56.32
N GLN E 538 -16.55 8.77 -60.26
CA GLN E 538 -15.94 7.58 -59.68
C GLN E 538 -16.90 6.87 -58.75
N ASN E 539 -17.19 5.61 -59.06
CA ASN E 539 -18.10 4.81 -58.27
C ASN E 539 -17.42 3.52 -57.89
N VAL E 540 -16.21 3.65 -57.45
CA VAL E 540 -15.39 2.52 -57.08
C VAL E 540 -14.48 2.79 -55.91
N VAL E 541 -14.35 1.79 -55.07
CA VAL E 541 -13.45 1.82 -53.94
C VAL E 541 -12.13 1.18 -54.28
N ASP E 542 -11.05 1.90 -54.07
CA ASP E 542 -9.75 1.33 -54.32
C ASP E 542 -8.97 1.23 -53.02
N SER E 543 -7.76 0.69 -53.07
CA SER E 543 -6.96 0.56 -51.86
C SER E 543 -6.64 1.88 -51.19
N ASP E 544 -6.63 2.93 -51.97
CA ASP E 544 -6.27 4.22 -51.44
C ASP E 544 -7.46 4.87 -50.80
N THR E 545 -8.65 4.46 -51.22
CA THR E 545 -9.88 4.98 -50.68
C THR E 545 -9.91 4.50 -49.26
N ILE E 546 -9.56 3.23 -49.13
CA ILE E 546 -9.55 2.61 -47.84
C ILE E 546 -8.48 3.19 -46.96
N SER E 547 -7.28 3.31 -47.47
CA SER E 547 -6.25 3.83 -46.62
C SER E 547 -6.62 5.21 -46.12
N GLU E 548 -7.14 6.05 -47.00
CA GLU E 548 -7.52 7.38 -46.59
C GLU E 548 -8.55 7.34 -45.51
N THR E 549 -9.58 6.56 -45.71
CA THR E 549 -10.62 6.59 -44.74
C THR E 549 -10.13 6.00 -43.42
N ALA E 550 -9.31 4.97 -43.49
CA ALA E 550 -8.81 4.40 -42.26
C ALA E 550 -8.11 5.49 -41.48
N ALA E 551 -7.35 6.35 -42.15
CA ALA E 551 -6.69 7.40 -41.41
C ALA E 551 -7.72 8.29 -40.74
N ARG E 552 -8.83 8.55 -41.44
CA ARG E 552 -9.88 9.40 -40.86
C ARG E 552 -10.44 8.81 -39.57
N LEU E 553 -10.48 7.49 -39.48
CA LEU E 553 -11.01 6.81 -38.30
C LEU E 553 -9.98 6.47 -37.24
N THR E 554 -8.75 6.19 -37.64
CA THR E 554 -7.71 5.74 -36.72
C THR E 554 -6.81 6.86 -36.27
N GLY E 555 -6.76 7.93 -37.02
CA GLY E 555 -5.90 9.05 -36.73
C GLY E 555 -4.48 8.82 -37.23
N ILE E 556 -4.24 7.70 -37.92
CA ILE E 556 -2.89 7.47 -38.35
C ILE E 556 -2.61 8.09 -39.71
N PRO E 557 -1.81 9.16 -39.77
CA PRO E 557 -1.58 10.00 -40.93
C PRO E 557 -0.89 9.27 -42.04
N VAL E 558 -0.26 8.17 -41.70
CA VAL E 558 0.48 7.38 -42.65
C VAL E 558 -0.41 6.96 -43.78
N LYS E 559 -1.63 6.61 -43.43
CA LYS E 559 -2.50 6.08 -44.41
C LYS E 559 -3.24 7.14 -45.20
N LYS E 560 -2.94 8.40 -44.98
CA LYS E 560 -3.58 9.40 -45.79
C LYS E 560 -2.99 9.36 -47.18
N LEU E 561 -1.81 8.76 -47.34
CA LEU E 561 -1.15 8.72 -48.64
C LEU E 561 -1.07 10.11 -49.24
N SER E 562 -0.67 11.08 -48.42
CA SER E 562 -0.58 12.47 -48.81
C SER E 562 0.62 12.74 -49.70
N GLU E 563 0.61 12.16 -50.89
CA GLU E 563 1.74 12.25 -51.79
C GLU E 563 2.05 13.71 -52.14
N SER E 564 1.01 14.53 -52.24
CA SER E 564 1.21 15.94 -52.57
C SER E 564 1.96 16.70 -51.49
N GLU E 565 2.00 16.15 -50.28
CA GLU E 565 2.63 16.79 -49.16
C GLU E 565 3.98 16.18 -48.87
N ASN E 566 4.46 15.30 -49.76
CA ASN E 566 5.74 14.68 -49.50
C ASN E 566 6.80 15.73 -49.41
N GLU E 567 6.64 16.86 -50.08
CA GLU E 567 7.65 17.88 -50.03
C GLU E 567 7.83 18.41 -48.61
N LYS E 568 6.76 18.44 -47.82
CA LYS E 568 6.92 18.96 -46.47
C LYS E 568 7.65 17.92 -45.66
N LEU E 569 7.30 16.66 -45.86
CA LEU E 569 7.96 15.59 -45.14
C LEU E 569 9.42 15.47 -45.53
N ILE E 570 9.70 15.56 -46.80
CA ILE E 570 11.05 15.49 -47.31
C ILE E 570 11.87 16.58 -46.70
N HIS E 571 11.31 17.77 -46.60
CA HIS E 571 12.03 18.85 -46.00
C HIS E 571 11.79 18.98 -44.51
N MET E 572 11.32 17.92 -43.86
CA MET E 572 11.14 17.96 -42.42
C MET E 572 12.41 18.37 -41.75
N GLU E 573 13.53 17.86 -42.22
CA GLU E 573 14.81 18.23 -41.66
C GLU E 573 14.95 19.75 -41.66
N ARG E 574 14.69 20.34 -42.82
CA ARG E 574 14.79 21.78 -42.98
C ARG E 574 13.87 22.48 -42.00
N ASP E 575 12.63 22.04 -41.93
CA ASP E 575 11.70 22.71 -41.06
C ASP E 575 12.12 22.61 -39.59
N LEU E 576 12.61 21.46 -39.17
CA LEU E 576 13.00 21.33 -37.78
C LEU E 576 14.20 22.22 -37.50
N SER E 577 15.08 22.38 -38.48
CA SER E 577 16.27 23.19 -38.31
C SER E 577 15.94 24.67 -38.20
N SER E 578 14.68 25.06 -38.47
CA SER E 578 14.31 26.46 -38.37
C SER E 578 14.02 26.81 -36.91
N GLU E 579 13.94 25.79 -36.05
CA GLU E 579 13.72 26.01 -34.64
C GLU E 579 14.93 25.52 -33.86
N VAL E 580 15.40 24.34 -34.20
CA VAL E 580 16.51 23.76 -33.49
C VAL E 580 17.77 23.96 -34.29
N VAL E 581 18.68 24.71 -33.74
CA VAL E 581 19.89 25.03 -34.42
C VAL E 581 20.93 23.97 -34.29
N GLY E 582 21.50 23.60 -35.41
CA GLY E 582 22.51 22.58 -35.39
C GLY E 582 21.83 21.34 -34.93
N GLN E 583 22.54 20.49 -34.22
CA GLN E 583 21.97 19.23 -33.79
C GLN E 583 21.42 18.51 -35.00
N MET E 584 22.12 18.61 -36.12
CA MET E 584 21.57 18.05 -37.32
C MET E 584 21.45 16.56 -37.27
N ASP E 585 22.34 15.89 -36.57
CA ASP E 585 22.21 14.46 -36.57
C ASP E 585 20.93 14.06 -35.85
N ALA E 586 20.59 14.78 -34.79
CA ALA E 586 19.37 14.46 -34.07
C ALA E 586 18.19 14.71 -34.95
N ILE E 587 18.24 15.82 -35.66
CA ILE E 587 17.16 16.18 -36.53
C ILE E 587 16.98 15.14 -37.60
N LYS E 588 18.09 14.70 -38.18
CA LYS E 588 18.02 13.69 -39.19
C LYS E 588 17.49 12.39 -38.62
N ALA E 589 17.89 12.05 -37.41
CA ALA E 589 17.43 10.81 -36.82
C ALA E 589 15.91 10.83 -36.72
N VAL E 590 15.36 11.96 -36.34
CA VAL E 590 13.94 12.05 -36.24
C VAL E 590 13.29 12.00 -37.59
N SER E 591 13.81 12.78 -38.51
CA SER E 591 13.19 12.85 -39.80
C SER E 591 13.14 11.47 -40.39
N ASN E 592 14.20 10.72 -40.21
CA ASN E 592 14.21 9.39 -40.76
C ASN E 592 13.14 8.53 -40.13
N ALA E 593 12.97 8.61 -38.81
CA ALA E 593 11.96 7.78 -38.19
C ALA E 593 10.58 8.10 -38.71
N VAL E 594 10.32 9.38 -38.89
CA VAL E 594 9.04 9.79 -39.36
C VAL E 594 8.83 9.35 -40.79
N ARG E 595 9.84 9.52 -41.61
CA ARG E 595 9.73 9.12 -42.98
C ARG E 595 9.48 7.63 -43.10
N LEU E 596 10.13 6.82 -42.27
CA LEU E 596 9.86 5.40 -42.38
C LEU E 596 8.42 5.12 -42.06
N SER E 597 7.90 5.79 -41.06
CA SER E 597 6.52 5.56 -40.69
C SER E 597 5.60 5.94 -41.81
N ARG E 598 5.80 7.12 -42.36
CA ARG E 598 4.93 7.62 -43.41
C ARG E 598 4.99 6.79 -44.69
N SER E 599 6.13 6.17 -44.95
CA SER E 599 6.28 5.34 -46.14
C SER E 599 5.64 3.97 -45.96
N GLY E 600 5.30 3.61 -44.73
CA GLY E 600 4.78 2.29 -44.42
C GLY E 600 5.89 1.28 -44.12
N LEU E 601 7.15 1.64 -44.40
CA LEU E 601 8.28 0.76 -44.18
C LEU E 601 8.62 0.51 -42.74
N ALA E 602 8.36 1.47 -41.86
CA ALA E 602 8.70 1.26 -40.47
C ALA E 602 8.07 -0.03 -40.01
N ASN E 603 8.82 -0.81 -39.27
CA ASN E 603 8.34 -2.09 -38.80
C ASN E 603 7.09 -1.90 -37.96
N PRO E 604 5.96 -2.55 -38.30
CA PRO E 604 4.68 -2.47 -37.63
C PRO E 604 4.72 -2.69 -36.13
N ARG E 605 5.75 -3.34 -35.64
CA ARG E 605 5.85 -3.63 -34.22
C ARG E 605 6.91 -2.82 -33.50
N GLN E 606 7.53 -1.87 -34.18
CA GLN E 606 8.62 -1.15 -33.55
C GLN E 606 8.39 0.35 -33.45
N PRO E 607 7.93 0.87 -32.31
CA PRO E 607 7.68 2.26 -32.10
C PRO E 607 8.98 2.95 -32.38
N ALA E 608 8.99 4.17 -32.84
CA ALA E 608 10.30 4.77 -32.99
C ALA E 608 10.86 4.94 -31.61
N SER E 609 12.14 4.69 -31.38
CA SER E 609 12.64 4.91 -30.02
C SER E 609 13.99 5.60 -29.96
N PHE E 610 14.03 6.72 -29.26
CA PHE E 610 15.28 7.46 -29.19
C PHE E 610 15.74 7.81 -27.80
N LEU E 611 17.06 7.83 -27.63
CA LEU E 611 17.63 8.45 -26.44
C LEU E 611 18.34 9.70 -26.85
N PHE E 612 17.93 10.83 -26.33
CA PHE E 612 18.59 12.07 -26.64
C PHE E 612 19.49 12.44 -25.49
N LEU E 613 20.77 12.45 -25.76
CA LEU E 613 21.76 12.72 -24.74
C LEU E 613 22.42 14.07 -24.95
N GLY E 614 22.73 14.76 -23.86
CA GLY E 614 23.47 16.02 -24.04
C GLY E 614 23.37 16.91 -22.83
N LEU E 615 24.07 18.04 -22.86
CA LEU E 615 24.03 19.00 -21.75
C LEU E 615 22.70 19.69 -21.73
N SER E 616 22.34 20.22 -20.59
CA SER E 616 21.07 20.91 -20.53
C SER E 616 21.16 22.02 -21.54
N GLY E 617 20.06 22.48 -22.11
CA GLY E 617 20.17 23.59 -23.03
C GLY E 617 20.59 23.14 -24.42
N SER E 618 20.64 21.84 -24.65
CA SER E 618 21.03 21.34 -25.96
C SER E 618 19.86 21.14 -26.92
N GLY E 619 18.64 21.36 -26.48
CA GLY E 619 17.48 21.22 -27.37
C GLY E 619 16.94 19.80 -27.48
N LYS E 620 17.14 18.98 -26.48
CA LYS E 620 16.66 17.62 -26.52
C LYS E 620 15.15 17.64 -26.38
N THR E 621 14.68 18.41 -25.42
CA THR E 621 13.25 18.56 -25.21
C THR E 621 12.68 19.39 -26.31
N GLU E 622 13.39 20.45 -26.66
CA GLU E 622 12.88 21.36 -27.64
C GLU E 622 12.69 20.65 -28.95
N LEU E 623 13.64 19.80 -29.33
CA LEU E 623 13.46 19.09 -30.55
C LEU E 623 12.22 18.26 -30.47
N ALA E 624 12.07 17.48 -29.41
CA ALA E 624 10.89 16.64 -29.36
C ALA E 624 9.61 17.47 -29.48
N LYS E 625 9.55 18.61 -28.81
CA LYS E 625 8.34 19.39 -28.90
C LYS E 625 8.15 19.88 -30.30
N LYS E 626 9.23 20.29 -30.93
CA LYS E 626 9.12 20.82 -32.27
C LYS E 626 8.64 19.74 -33.20
N VAL E 627 9.04 18.50 -32.96
CA VAL E 627 8.59 17.42 -33.78
C VAL E 627 7.09 17.28 -33.65
N ALA E 628 6.57 17.32 -32.43
CA ALA E 628 5.13 17.27 -32.28
C ALA E 628 4.52 18.47 -32.99
N GLY E 629 5.22 19.58 -32.94
CA GLY E 629 4.77 20.73 -33.65
C GLY E 629 4.58 20.34 -35.11
N PHE E 630 5.65 19.92 -35.75
CA PHE E 630 5.64 19.55 -37.15
C PHE E 630 4.58 18.53 -37.50
N LEU E 631 4.52 17.46 -36.73
CA LEU E 631 3.63 16.36 -37.03
C LEU E 631 2.15 16.69 -36.87
N PHE E 632 1.81 17.52 -35.89
CA PHE E 632 0.42 17.80 -35.61
C PHE E 632 0.07 19.25 -35.75
N ASN E 633 1.06 20.07 -36.01
CA ASN E 633 0.91 21.51 -36.01
C ASN E 633 0.43 21.88 -34.62
N ASP E 634 0.95 21.17 -33.62
CA ASP E 634 0.54 21.41 -32.25
C ASP E 634 1.44 20.75 -31.21
N GLU E 635 2.29 21.53 -30.56
CA GLU E 635 3.18 20.95 -29.56
C GLU E 635 2.42 20.29 -28.40
N ASP E 636 1.17 20.68 -28.17
CA ASP E 636 0.41 20.12 -27.06
C ASP E 636 -0.18 18.76 -27.37
N MET E 637 0.00 18.28 -28.60
CA MET E 637 -0.46 16.94 -28.94
C MET E 637 0.31 15.93 -28.11
N MET E 638 1.55 16.28 -27.78
CA MET E 638 2.49 15.43 -27.10
C MET E 638 2.01 14.92 -25.76
N ILE E 639 2.33 13.67 -25.49
CA ILE E 639 2.03 13.11 -24.20
C ILE E 639 3.25 13.22 -23.36
N ARG E 640 3.36 14.33 -22.66
CA ARG E 640 4.57 14.52 -21.90
C ARG E 640 4.48 13.65 -20.69
N VAL E 641 5.52 12.93 -20.42
CA VAL E 641 5.57 12.16 -19.21
C VAL E 641 6.72 12.66 -18.38
N ASP E 642 6.41 13.09 -17.18
CA ASP E 642 7.48 13.52 -16.33
C ASP E 642 8.08 12.29 -15.77
N CYS E 643 8.97 11.69 -16.52
CA CYS E 643 9.44 10.40 -16.10
C CYS E 643 10.43 10.52 -14.98
N SER E 644 10.77 11.75 -14.59
CA SER E 644 11.74 11.87 -13.54
C SER E 644 10.99 11.65 -12.24
N GLU E 645 9.69 11.80 -12.30
CA GLU E 645 8.85 11.58 -11.15
C GLU E 645 8.38 10.15 -11.08
N LEU E 646 9.34 9.24 -11.12
CA LEU E 646 9.01 7.83 -11.13
C LEU E 646 9.84 6.99 -10.18
N SER E 647 9.62 7.12 -8.88
CA SER E 647 10.37 6.25 -7.99
C SER E 647 9.76 4.84 -8.10
N GLU E 648 10.50 3.86 -7.64
CA GLU E 648 10.17 2.45 -7.77
C GLU E 648 8.75 1.97 -7.51
N LYS E 649 8.14 2.41 -6.44
CA LYS E 649 6.87 1.80 -6.07
C LYS E 649 5.69 2.41 -6.75
N TYR E 650 5.88 3.50 -7.43
CA TYR E 650 4.72 4.17 -7.93
C TYR E 650 4.69 4.23 -9.40
N ALA E 651 5.86 4.26 -9.97
CA ALA E 651 5.96 4.56 -11.35
C ALA E 651 5.01 3.80 -12.24
N VAL E 652 4.89 2.52 -12.04
CA VAL E 652 4.06 1.79 -12.95
C VAL E 652 2.59 2.13 -12.80
N SER E 653 2.18 2.58 -11.63
CA SER E 653 0.79 2.89 -11.50
C SER E 653 0.52 4.27 -12.07
N LYS E 654 1.56 5.06 -12.29
CA LYS E 654 1.33 6.37 -12.84
C LYS E 654 1.22 6.25 -14.34
N LEU E 655 1.86 5.23 -14.87
CA LEU E 655 1.84 5.05 -16.30
C LEU E 655 0.74 4.11 -16.76
N LEU E 656 0.55 2.99 -16.08
CA LEU E 656 -0.41 1.97 -16.49
C LEU E 656 -1.66 1.98 -15.65
N GLY E 657 -1.50 2.36 -14.42
CA GLY E 657 -2.59 2.34 -13.48
C GLY E 657 -2.59 1.01 -12.76
N THR E 658 -3.37 0.94 -11.69
CA THR E 658 -3.41 -0.24 -10.87
C THR E 658 -4.37 -1.26 -11.36
N THR E 659 -4.25 -2.47 -10.84
CA THR E 659 -5.11 -3.58 -11.20
C THR E 659 -6.44 -3.45 -10.47
N ALA E 660 -7.28 -4.46 -10.59
CA ALA E 660 -8.58 -4.45 -9.93
C ALA E 660 -8.42 -4.57 -8.42
N GLY E 661 -9.24 -3.82 -7.69
CA GLY E 661 -9.20 -3.86 -6.24
C GLY E 661 -8.64 -2.63 -5.59
N TYR E 662 -7.41 -2.27 -5.95
CA TYR E 662 -6.77 -1.10 -5.36
C TYR E 662 -7.49 0.20 -5.67
N VAL E 663 -7.41 1.15 -4.75
CA VAL E 663 -8.06 2.45 -4.86
C VAL E 663 -7.82 3.11 -6.21
N GLY E 664 -8.90 3.56 -6.83
CA GLY E 664 -8.82 4.21 -8.11
C GLY E 664 -8.76 3.25 -9.27
N TYR E 665 -9.70 3.37 -10.20
CA TYR E 665 -9.71 2.49 -11.35
C TYR E 665 -9.65 3.23 -12.68
N ASP E 666 -9.25 4.49 -12.64
CA ASP E 666 -9.12 5.25 -13.86
C ASP E 666 -7.88 4.68 -14.54
N GLU E 667 -7.63 3.41 -14.26
CA GLU E 667 -6.50 2.74 -14.80
C GLU E 667 -6.06 3.58 -15.92
N GLY E 668 -4.83 3.40 -16.26
CA GLY E 668 -4.28 4.06 -17.38
C GLY E 668 -3.40 5.19 -17.04
N GLY E 669 -3.56 5.76 -15.83
CA GLY E 669 -2.65 6.81 -15.42
C GLY E 669 -2.48 7.75 -16.58
N PHE E 670 -1.24 7.91 -16.99
CA PHE E 670 -0.99 8.70 -18.16
C PHE E 670 -1.06 7.90 -19.45
N LEU E 671 -0.44 6.73 -19.50
CA LEU E 671 -0.30 6.16 -20.81
C LEU E 671 -1.48 5.43 -21.38
N THR E 672 -2.25 4.69 -20.63
CA THR E 672 -3.33 4.03 -21.35
C THR E 672 -4.26 5.12 -21.77
N ASN E 673 -4.46 6.03 -20.84
CA ASN E 673 -5.43 7.09 -21.01
C ASN E 673 -5.09 8.02 -22.14
N GLN E 674 -3.83 8.09 -22.52
CA GLN E 674 -3.50 8.91 -23.65
C GLN E 674 -3.23 8.07 -24.91
N LEU E 675 -2.45 7.00 -24.80
CA LEU E 675 -2.13 6.20 -25.96
C LEU E 675 -3.34 5.60 -26.60
N GLN E 676 -4.30 5.22 -25.77
CA GLN E 676 -5.54 4.64 -26.26
C GLN E 676 -6.28 5.55 -27.24
N TYR E 677 -6.11 6.85 -27.12
CA TYR E 677 -6.84 7.76 -27.96
C TYR E 677 -5.97 8.37 -29.01
N LYS E 678 -4.68 8.43 -28.78
CA LYS E 678 -3.81 9.06 -29.73
C LYS E 678 -2.65 8.15 -30.13
N PRO E 679 -2.88 7.09 -30.90
CA PRO E 679 -1.88 6.10 -31.25
C PRO E 679 -0.75 6.63 -32.10
N TYR E 680 -0.98 7.75 -32.75
CA TYR E 680 0.02 8.40 -33.60
C TYR E 680 0.83 9.43 -32.87
N SER E 681 0.62 9.54 -31.58
CA SER E 681 1.26 10.55 -30.75
C SER E 681 2.72 10.33 -30.50
N VAL E 682 3.32 11.34 -29.89
CA VAL E 682 4.69 11.29 -29.51
C VAL E 682 4.78 11.24 -28.00
N LEU E 683 5.48 10.26 -27.46
CA LEU E 683 5.66 10.20 -26.02
C LEU E 683 6.94 10.85 -25.70
N LEU E 684 6.96 11.59 -24.61
CA LEU E 684 8.21 12.18 -24.20
C LEU E 684 8.51 11.90 -22.76
N PHE E 685 9.63 11.27 -22.52
CA PHE E 685 10.02 10.95 -21.16
C PHE E 685 11.21 11.79 -20.75
N ASP E 686 10.92 12.86 -20.05
CA ASP E 686 11.98 13.79 -19.71
C ASP E 686 12.87 13.26 -18.60
N GLU E 687 14.18 13.18 -18.85
CA GLU E 687 15.18 12.69 -17.90
C GLU E 687 14.98 11.25 -17.48
N VAL E 688 15.02 10.37 -18.46
CA VAL E 688 14.84 8.95 -18.29
C VAL E 688 15.84 8.34 -17.36
N GLU E 689 17.01 8.93 -17.27
CA GLU E 689 18.01 8.40 -16.36
C GLU E 689 17.53 8.41 -14.91
N LYS E 690 16.55 9.25 -14.58
CA LYS E 690 16.10 9.34 -13.21
C LYS E 690 14.94 8.41 -12.96
N ALA E 691 14.40 7.85 -14.00
CA ALA E 691 13.27 6.98 -13.83
C ALA E 691 13.77 5.75 -13.14
N HIS E 692 13.04 5.20 -12.21
CA HIS E 692 13.59 4.01 -11.59
C HIS E 692 13.72 2.91 -12.62
N PRO E 693 14.78 2.09 -12.62
CA PRO E 693 14.95 0.96 -13.52
C PRO E 693 13.72 0.07 -13.62
N ASP E 694 12.92 0.00 -12.57
CA ASP E 694 11.72 -0.80 -12.60
C ASP E 694 10.75 -0.27 -13.65
N VAL E 695 10.62 1.03 -13.77
CA VAL E 695 9.67 1.49 -14.74
C VAL E 695 10.28 1.33 -16.10
N LEU E 696 11.60 1.46 -16.17
CA LEU E 696 12.23 1.31 -17.45
C LEU E 696 12.01 -0.11 -17.91
N THR E 697 12.00 -1.02 -16.96
CA THR E 697 11.68 -2.38 -17.29
C THR E 697 10.33 -2.39 -18.00
N VAL E 698 9.35 -1.70 -17.49
CA VAL E 698 8.06 -1.66 -18.16
C VAL E 698 8.14 -1.03 -19.54
N MET E 699 8.97 0.00 -19.66
CA MET E 699 9.16 0.67 -20.93
C MET E 699 9.69 -0.31 -21.95
N LEU E 700 10.33 -1.39 -21.52
CA LEU E 700 10.84 -2.35 -22.46
C LEU E 700 9.70 -2.91 -23.31
N GLN E 701 8.51 -3.06 -22.74
CA GLN E 701 7.44 -3.62 -23.53
C GLN E 701 7.02 -2.58 -24.52
N MET E 702 6.91 -1.38 -24.03
CA MET E 702 6.45 -0.30 -24.84
C MET E 702 7.34 -0.12 -26.05
N LEU E 703 8.63 -0.21 -25.80
CA LEU E 703 9.69 0.01 -26.78
C LEU E 703 9.90 -1.14 -27.74
N ASP E 704 9.17 -2.23 -27.60
CA ASP E 704 9.31 -3.36 -28.50
C ASP E 704 8.03 -4.14 -28.59
N ASP E 705 7.36 -4.00 -29.72
CA ASP E 705 6.07 -4.57 -30.02
C ASP E 705 4.92 -3.74 -29.48
N GLY E 706 5.21 -2.68 -28.73
CA GLY E 706 4.18 -1.74 -28.30
C GLY E 706 3.22 -2.36 -27.31
N ARG E 707 3.57 -3.52 -26.76
CA ARG E 707 2.68 -4.26 -25.90
C ARG E 707 2.70 -3.82 -24.49
N ILE E 708 2.37 -2.58 -24.30
CA ILE E 708 2.26 -2.01 -23.00
C ILE E 708 0.84 -2.29 -22.64
N THR E 709 0.62 -2.83 -21.45
CA THR E 709 -0.74 -3.21 -21.09
C THR E 709 -1.23 -2.46 -19.90
N SER E 710 -2.53 -2.34 -19.77
CA SER E 710 -3.07 -1.56 -18.70
C SER E 710 -3.03 -2.35 -17.43
N GLY E 711 -3.26 -1.68 -16.32
CA GLY E 711 -3.38 -2.35 -15.04
C GLY E 711 -4.48 -3.41 -15.01
N GLN E 712 -5.50 -3.24 -15.85
CA GLN E 712 -6.62 -4.18 -15.90
C GLN E 712 -6.43 -5.31 -16.92
N GLY E 713 -5.26 -5.35 -17.55
CA GLY E 713 -4.96 -6.38 -18.53
C GLY E 713 -5.31 -6.07 -19.97
N LYS E 714 -5.63 -4.82 -20.31
CA LYS E 714 -5.96 -4.56 -21.68
C LYS E 714 -4.71 -4.16 -22.44
N THR E 715 -4.57 -4.65 -23.66
CA THR E 715 -3.39 -4.25 -24.41
C THR E 715 -3.58 -2.93 -25.12
N ILE E 716 -2.61 -2.04 -24.98
CA ILE E 716 -2.67 -0.75 -25.62
C ILE E 716 -2.35 -0.75 -27.12
N ASP E 717 -1.31 -1.49 -27.52
CA ASP E 717 -0.86 -1.54 -28.92
C ASP E 717 -0.47 -0.17 -29.46
N CYS E 718 0.62 0.36 -28.93
CA CYS E 718 1.06 1.69 -29.32
C CYS E 718 2.21 1.69 -30.32
N SER E 719 2.33 0.67 -31.15
CA SER E 719 3.45 0.61 -32.09
C SER E 719 3.47 1.73 -33.14
N ASN E 720 2.39 2.47 -33.24
CA ASN E 720 2.28 3.57 -34.18
C ASN E 720 2.87 4.86 -33.67
N CYS E 721 3.31 4.86 -32.42
CA CYS E 721 3.81 6.08 -31.81
C CYS E 721 5.31 6.28 -31.97
N ILE E 722 5.73 7.47 -31.57
CA ILE E 722 7.13 7.82 -31.51
C ILE E 722 7.53 8.01 -30.07
N VAL E 723 8.59 7.39 -29.63
CA VAL E 723 9.00 7.55 -28.25
C VAL E 723 10.34 8.22 -28.10
N ILE E 724 10.35 9.36 -27.43
CA ILE E 724 11.58 10.08 -27.20
C ILE E 724 11.89 10.17 -25.75
N MET E 725 13.09 9.79 -25.37
CA MET E 725 13.47 9.89 -24.00
C MET E 725 14.72 10.75 -23.93
N THR E 726 14.89 11.51 -22.85
CA THR E 726 16.08 12.34 -22.74
C THR E 726 16.88 12.09 -21.47
N SER E 727 18.19 12.42 -21.48
CA SER E 727 19.00 12.36 -20.25
C SER E 727 20.27 13.21 -20.32
N ASN E 728 20.92 13.35 -19.17
CA ASN E 728 22.15 14.13 -19.01
C ASN E 728 23.34 13.24 -18.69
N LEU E 729 23.25 11.96 -18.95
CA LEU E 729 24.31 11.05 -18.57
C LEU E 729 25.64 11.35 -19.19
N GLY E 730 25.62 11.92 -20.38
CA GLY E 730 26.85 12.21 -21.08
C GLY E 730 27.44 13.54 -20.69
N ALA E 731 26.85 14.25 -19.74
CA ALA E 731 27.34 15.57 -19.41
C ALA E 731 28.80 15.58 -19.05
N GLU E 732 29.26 14.56 -18.34
CA GLU E 732 30.66 14.49 -17.93
C GLU E 732 31.62 14.36 -19.08
N PHE E 733 31.13 13.98 -20.24
CA PHE E 733 32.01 13.85 -21.36
C PHE E 733 31.71 14.94 -22.36
N ILE E 734 30.51 15.47 -22.38
CA ILE E 734 30.27 16.56 -23.31
C ILE E 734 31.08 17.72 -22.79
N ASN E 735 31.18 17.79 -21.46
CA ASN E 735 31.99 18.78 -20.78
C ASN E 735 33.49 18.58 -21.01
N SER E 736 33.87 17.59 -21.84
CA SER E 736 35.25 17.42 -22.28
C SER E 736 35.59 18.53 -23.24
N GLN E 737 34.55 19.19 -23.76
CA GLN E 737 34.65 20.26 -24.72
C GLN E 737 35.36 19.83 -25.98
N GLN E 738 35.23 18.56 -26.32
CA GLN E 738 35.85 18.06 -27.53
C GLN E 738 35.03 18.35 -28.76
N GLY E 739 35.15 19.60 -29.19
CA GLY E 739 34.52 20.13 -30.37
C GLY E 739 33.06 20.52 -30.22
N SER E 740 32.51 20.96 -31.35
CA SER E 740 31.13 21.36 -31.51
C SER E 740 30.40 20.09 -31.86
N LYS E 741 30.57 19.66 -33.10
CA LYS E 741 30.07 18.34 -33.42
C LYS E 741 30.77 17.46 -32.42
N ILE E 742 30.06 16.63 -31.70
CA ILE E 742 30.78 15.91 -30.69
C ILE E 742 31.76 14.98 -31.35
N GLN E 743 33.00 15.06 -30.92
CA GLN E 743 34.05 14.25 -31.48
C GLN E 743 34.01 12.82 -30.98
N GLU E 744 34.77 11.98 -31.66
CA GLU E 744 34.87 10.58 -31.30
C GLU E 744 35.50 10.58 -29.94
N SER E 745 35.49 9.45 -29.25
CA SER E 745 36.03 9.32 -27.89
C SER E 745 35.06 9.96 -26.93
N THR E 746 34.79 11.24 -27.07
CA THR E 746 33.77 11.84 -26.24
C THR E 746 32.47 11.10 -26.43
N LYS E 747 32.09 10.87 -27.68
CA LYS E 747 30.86 10.13 -27.91
C LYS E 747 30.91 8.74 -27.33
N ASN E 748 32.10 8.16 -27.26
CA ASN E 748 32.22 6.81 -26.83
C ASN E 748 32.15 6.74 -25.32
N LEU E 749 32.69 7.76 -24.69
CA LEU E 749 32.65 7.87 -23.25
C LEU E 749 31.22 8.08 -22.82
N VAL E 750 30.46 8.83 -23.61
CA VAL E 750 29.06 9.01 -23.31
C VAL E 750 28.37 7.70 -23.42
N MET E 751 28.64 6.96 -24.50
CA MET E 751 28.02 5.67 -24.63
C MET E 751 28.35 4.84 -23.42
N GLY E 752 29.57 4.95 -22.93
CA GLY E 752 29.98 4.27 -21.74
C GLY E 752 29.04 4.61 -20.61
N ALA E 753 28.84 5.90 -20.34
CA ALA E 753 27.97 6.32 -19.24
C ALA E 753 26.57 5.75 -19.39
N VAL E 754 26.10 5.70 -20.61
CA VAL E 754 24.78 5.18 -20.86
C VAL E 754 24.73 3.71 -20.52
N ARG E 755 25.73 2.97 -20.97
CA ARG E 755 25.81 1.53 -20.72
C ARG E 755 25.97 1.21 -19.25
N GLN E 756 26.58 2.11 -18.51
CA GLN E 756 26.77 1.93 -17.09
C GLN E 756 25.56 2.37 -16.31
N HIS E 757 24.55 2.90 -16.97
CA HIS E 757 23.40 3.40 -16.27
C HIS E 757 22.18 2.54 -16.55
N PHE E 758 21.94 2.26 -17.82
CA PHE E 758 20.76 1.51 -18.21
C PHE E 758 21.13 0.07 -18.44
N ARG E 759 20.20 -0.82 -18.19
CA ARG E 759 20.48 -2.20 -18.48
C ARG E 759 20.60 -2.41 -19.99
N PRO E 760 21.51 -3.26 -20.49
CA PRO E 760 21.65 -3.58 -21.89
C PRO E 760 20.33 -3.87 -22.59
N GLU E 761 19.42 -4.57 -21.92
CA GLU E 761 18.14 -4.90 -22.55
C GLU E 761 17.34 -3.67 -22.86
N PHE E 762 17.56 -2.62 -22.11
CA PHE E 762 16.88 -1.39 -22.36
C PHE E 762 17.50 -0.77 -23.56
N LEU E 763 18.82 -0.68 -23.52
CA LEU E 763 19.51 0.00 -24.58
C LEU E 763 19.30 -0.69 -25.90
N ASN E 764 19.19 -1.98 -25.86
CA ASN E 764 19.01 -2.74 -27.06
C ASN E 764 17.68 -2.42 -27.75
N ARG E 765 16.70 -1.93 -27.02
CA ARG E 765 15.41 -1.62 -27.62
C ARG E 765 15.32 -0.19 -28.14
N ILE E 766 16.42 0.55 -28.07
CA ILE E 766 16.46 1.91 -28.53
C ILE E 766 16.82 1.93 -30.02
N SER E 767 16.01 2.58 -30.84
CA SER E 767 16.23 2.59 -32.27
C SER E 767 17.51 3.32 -32.56
N SER E 768 17.68 4.41 -31.85
CA SER E 768 18.83 5.26 -32.02
C SER E 768 19.21 6.01 -30.76
N ILE E 769 20.49 6.01 -30.47
CA ILE E 769 21.01 6.77 -29.38
C ILE E 769 21.73 7.94 -29.99
N VAL E 770 21.27 9.13 -29.67
CA VAL E 770 21.77 10.32 -30.29
C VAL E 770 22.41 11.24 -29.31
N ILE E 771 23.59 11.71 -29.64
CA ILE E 771 24.26 12.64 -28.77
C ILE E 771 24.24 14.00 -29.41
N PHE E 772 23.72 14.97 -28.68
CA PHE E 772 23.61 16.31 -29.16
C PHE E 772 24.92 17.02 -29.17
N ASN E 773 25.03 17.99 -30.04
CA ASN E 773 26.23 18.75 -30.22
C ASN E 773 26.31 19.92 -29.27
N LYS E 774 27.53 20.35 -29.02
CA LYS E 774 27.80 21.49 -28.16
C LYS E 774 27.39 22.75 -28.93
N LEU E 775 26.70 23.67 -28.29
CA LEU E 775 26.25 24.82 -29.06
C LEU E 775 27.28 25.92 -29.22
N SER E 776 27.97 25.82 -30.34
CA SER E 776 29.06 26.68 -30.76
C SER E 776 28.61 28.10 -30.97
N ARG E 777 29.57 29.02 -31.05
CA ARG E 777 29.23 30.41 -31.29
C ARG E 777 28.34 30.58 -32.50
N LYS E 778 28.66 29.89 -33.59
CA LYS E 778 27.82 30.06 -34.75
C LYS E 778 26.43 29.58 -34.43
N ALA E 779 26.34 28.48 -33.66
CA ALA E 779 25.02 28.03 -33.32
C ALA E 779 24.34 29.12 -32.52
N ILE E 780 25.06 29.75 -31.63
CA ILE E 780 24.48 30.75 -30.80
C ILE E 780 23.95 31.89 -31.63
N HIS E 781 24.67 32.30 -32.66
CA HIS E 781 24.15 33.39 -33.46
C HIS E 781 22.82 33.00 -34.09
N LYS E 782 22.74 31.80 -34.60
CA LYS E 782 21.51 31.34 -35.23
C LYS E 782 20.41 31.24 -34.19
N ILE E 783 20.77 30.79 -32.99
CA ILE E 783 19.81 30.65 -31.94
C ILE E 783 19.24 31.97 -31.57
N VAL E 784 20.09 32.98 -31.46
CA VAL E 784 19.60 34.28 -31.10
C VAL E 784 18.55 34.75 -32.06
N ASP E 785 18.78 34.57 -33.35
CA ASP E 785 17.77 34.98 -34.32
C ASP E 785 16.42 34.34 -33.99
N ILE E 786 16.47 33.04 -33.70
CA ILE E 786 15.27 32.30 -33.42
C ILE E 786 14.60 32.71 -32.14
N ARG E 787 15.37 32.91 -31.09
CA ARG E 787 14.77 33.24 -29.82
C ARG E 787 14.11 34.59 -29.89
N LEU E 788 14.73 35.51 -30.60
CA LEU E 788 14.13 36.82 -30.69
C LEU E 788 12.81 36.72 -31.42
N LYS E 789 12.76 35.89 -32.46
CA LYS E 789 11.50 35.72 -33.15
C LYS E 789 10.47 35.19 -32.18
N GLU E 790 10.83 34.19 -31.38
CA GLU E 790 9.84 33.69 -30.45
C GLU E 790 9.33 34.80 -29.55
N ILE E 791 10.20 35.69 -29.11
CA ILE E 791 9.70 36.75 -28.26
C ILE E 791 8.60 37.49 -28.97
N GLU E 792 8.76 37.74 -30.27
CA GLU E 792 7.70 38.42 -30.96
C GLU E 792 6.45 37.54 -31.01
N GLU E 793 6.63 36.22 -31.14
CA GLU E 793 5.47 35.33 -31.21
C GLU E 793 4.72 35.28 -29.89
N ARG E 794 5.40 35.61 -28.80
CA ARG E 794 4.76 35.62 -27.50
C ARG E 794 4.04 36.93 -27.29
N PHE E 795 4.17 37.84 -28.23
CA PHE E 795 3.53 39.11 -28.06
C PHE E 795 2.13 39.11 -28.58
N GLU E 796 1.26 38.80 -27.66
CA GLU E 796 -0.17 38.69 -27.86
C GLU E 796 -0.81 40.02 -28.31
N GLN E 797 -0.21 41.15 -27.90
CA GLN E 797 -0.74 42.48 -28.21
C GLN E 797 0.29 43.40 -28.85
N ASN E 798 -0.18 44.33 -29.69
CA ASN E 798 0.71 45.27 -30.36
C ASN E 798 1.06 46.51 -29.54
N ASP E 799 1.65 46.25 -28.40
CA ASP E 799 2.24 47.21 -27.49
C ASP E 799 3.48 46.54 -26.96
N LYS E 800 3.64 45.31 -27.43
CA LYS E 800 4.72 44.45 -27.10
C LYS E 800 5.22 44.08 -28.46
N HIS E 801 6.16 44.83 -28.97
CA HIS E 801 6.56 44.64 -30.33
C HIS E 801 7.92 45.22 -30.53
N TYR E 802 8.82 44.48 -31.13
CA TYR E 802 10.13 45.06 -31.38
C TYR E 802 10.40 45.31 -32.84
N LYS E 803 11.21 46.32 -33.07
CA LYS E 803 11.82 46.59 -34.35
C LYS E 803 13.22 46.13 -34.05
N LEU E 804 13.50 46.22 -32.76
CA LEU E 804 14.71 45.80 -32.07
C LEU E 804 15.92 46.62 -32.42
N ASN E 805 16.23 46.68 -33.71
CA ASN E 805 17.42 47.38 -34.20
C ASN E 805 18.59 46.58 -33.65
N LEU E 806 19.80 47.04 -33.88
CA LEU E 806 20.96 46.35 -33.36
C LEU E 806 20.99 44.90 -33.79
N THR E 807 20.58 44.62 -35.01
CA THR E 807 20.54 43.25 -35.48
C THR E 807 21.91 42.62 -35.65
N GLN E 808 22.95 43.45 -35.56
CA GLN E 808 24.30 42.96 -35.51
C GLN E 808 24.85 43.23 -34.13
N GLU E 809 24.57 44.40 -33.58
CA GLU E 809 25.16 44.75 -32.30
C GLU E 809 24.60 43.93 -31.16
N ALA E 810 23.28 43.83 -31.08
CA ALA E 810 22.64 43.06 -30.04
C ALA E 810 22.86 41.64 -30.32
N LYS E 811 22.79 41.31 -31.59
CA LYS E 811 23.00 39.93 -31.94
C LYS E 811 24.37 39.48 -31.47
N ASP E 812 25.37 40.33 -31.68
CA ASP E 812 26.71 40.00 -31.25
C ASP E 812 26.78 39.99 -29.74
N PHE E 813 26.22 41.00 -29.09
CA PHE E 813 26.26 41.05 -27.64
C PHE E 813 25.67 39.81 -27.05
N LEU E 814 24.46 39.48 -27.48
CA LEU E 814 23.78 38.33 -26.94
C LEU E 814 24.54 37.08 -27.28
N ALA E 815 25.07 37.01 -28.49
CA ALA E 815 25.78 35.82 -28.86
C ALA E 815 27.00 35.62 -28.01
N LYS E 816 27.73 36.67 -27.70
CA LYS E 816 28.89 36.47 -26.89
C LYS E 816 28.52 36.08 -25.48
N TYR E 817 27.54 36.76 -24.92
CA TYR E 817 27.19 36.50 -23.55
C TYR E 817 26.54 35.16 -23.32
N GLY E 818 25.83 34.64 -24.31
CA GLY E 818 25.21 33.34 -24.16
C GLY E 818 26.12 32.20 -24.59
N TYR E 819 27.34 32.49 -25.02
CA TYR E 819 28.20 31.42 -25.51
C TYR E 819 28.90 30.70 -24.41
N SER E 820 28.13 29.90 -23.71
CA SER E 820 28.65 29.19 -22.57
C SER E 820 28.24 27.75 -22.60
N ASP E 821 29.22 26.89 -22.77
CA ASP E 821 29.00 25.46 -22.88
C ASP E 821 28.19 24.90 -21.72
N ASP E 822 28.44 25.45 -20.56
CA ASP E 822 27.87 25.00 -19.31
C ASP E 822 26.36 25.12 -19.20
N MET E 823 25.73 25.88 -20.10
CA MET E 823 24.29 26.02 -20.08
C MET E 823 23.66 25.83 -21.44
N GLY E 824 24.43 25.39 -22.41
CA GLY E 824 23.88 25.24 -23.75
C GLY E 824 23.29 26.58 -24.22
N ALA E 825 22.13 26.53 -24.85
CA ALA E 825 21.47 27.72 -25.36
C ALA E 825 20.73 28.46 -24.28
N ARG E 826 20.57 27.82 -23.16
CA ARG E 826 19.72 28.40 -22.14
C ARG E 826 20.05 29.79 -21.58
N PRO E 827 21.29 30.19 -21.29
CA PRO E 827 21.51 31.49 -20.75
C PRO E 827 21.01 32.55 -21.68
N LEU E 828 20.78 32.25 -22.97
CA LEU E 828 20.28 33.27 -23.85
C LEU E 828 18.93 33.71 -23.38
N ASN E 829 18.17 32.78 -22.82
CA ASN E 829 16.87 33.13 -22.34
C ASN E 829 17.05 34.09 -21.21
N ARG E 830 18.07 33.82 -20.39
CA ARG E 830 18.31 34.73 -19.29
C ARG E 830 18.84 36.06 -19.80
N LEU E 831 19.69 36.05 -20.82
CA LEU E 831 20.20 37.32 -21.32
C LEU E 831 19.08 38.17 -21.83
N ILE E 832 18.20 37.57 -22.61
CA ILE E 832 17.13 38.35 -23.14
C ILE E 832 16.27 38.85 -22.03
N GLN E 833 15.94 38.02 -21.09
CA GLN E 833 15.10 38.56 -20.06
C GLN E 833 15.79 39.66 -19.27
N ASN E 834 17.00 39.42 -18.84
CA ASN E 834 17.66 40.38 -17.98
C ASN E 834 18.09 41.66 -18.65
N GLU E 835 18.48 41.61 -19.90
CA GLU E 835 18.90 42.81 -20.58
C GLU E 835 17.81 43.49 -21.37
N ILE E 836 16.82 42.74 -21.82
CA ILE E 836 15.81 43.34 -22.66
C ILE E 836 14.44 43.39 -22.02
N LEU E 837 13.92 42.24 -21.62
CA LEU E 837 12.53 42.21 -21.19
C LEU E 837 12.26 42.84 -19.85
N ASN E 838 13.15 42.66 -18.89
CA ASN E 838 12.87 43.24 -17.59
C ASN E 838 12.75 44.75 -17.72
N LYS E 839 13.59 45.30 -18.58
CA LYS E 839 13.61 46.72 -18.79
C LYS E 839 12.36 47.10 -19.53
N LEU E 840 11.97 46.28 -20.50
CA LEU E 840 10.76 46.59 -21.23
C LEU E 840 9.61 46.65 -20.29
N ALA E 841 9.53 45.73 -19.35
CA ALA E 841 8.41 45.71 -18.44
C ALA E 841 8.32 47.03 -17.74
N LEU E 842 9.45 47.56 -17.31
CA LEU E 842 9.39 48.82 -16.62
C LEU E 842 8.97 49.94 -17.57
N ARG E 843 9.49 49.92 -18.79
CA ARG E 843 9.14 50.97 -19.72
C ARG E 843 7.65 50.94 -19.98
N ILE E 844 7.07 49.74 -20.01
CA ILE E 844 5.64 49.66 -20.19
C ILE E 844 4.93 50.24 -19.01
N LEU E 845 5.36 49.91 -17.82
CA LEU E 845 4.70 50.42 -16.63
C LEU E 845 4.77 51.94 -16.59
N LYS E 846 5.87 52.48 -17.07
CA LYS E 846 6.06 53.92 -17.09
C LYS E 846 5.52 54.59 -18.34
N ASN E 847 4.81 53.85 -19.19
CA ASN E 847 4.26 54.38 -20.42
C ASN E 847 5.30 55.07 -21.29
N GLU E 848 6.47 54.46 -21.41
CA GLU E 848 7.55 54.98 -22.23
C GLU E 848 7.58 54.27 -23.59
N ILE E 849 6.58 53.43 -23.79
CA ILE E 849 6.40 52.68 -25.01
C ILE E 849 4.92 52.50 -25.36
N LYS E 850 4.57 52.72 -26.64
CA LYS E 850 3.21 52.44 -27.11
C LYS E 850 3.24 51.23 -28.02
N ASP E 851 4.24 51.19 -28.87
CA ASP E 851 4.46 50.15 -29.85
C ASP E 851 5.83 50.35 -30.50
N LYS E 852 6.25 49.36 -31.27
CA LYS E 852 7.47 49.39 -32.11
C LYS E 852 8.76 49.73 -31.36
N GLU E 853 9.15 48.89 -30.41
CA GLU E 853 10.29 49.09 -29.53
C GLU E 853 11.67 48.92 -30.17
N THR E 854 12.65 49.64 -29.60
CA THR E 854 14.04 49.66 -30.02
C THR E 854 15.02 49.36 -28.87
N VAL E 855 16.01 48.52 -29.13
CA VAL E 855 17.04 48.26 -28.15
C VAL E 855 18.27 49.09 -28.50
N ASN E 856 18.85 49.73 -27.50
CA ASN E 856 20.05 50.55 -27.68
C ASN E 856 21.27 49.97 -26.95
N VAL E 857 22.48 50.21 -27.48
CA VAL E 857 23.70 49.70 -26.85
C VAL E 857 24.28 50.58 -25.75
N VAL E 858 24.59 49.95 -24.63
CA VAL E 858 25.18 50.57 -23.46
C VAL E 858 26.53 49.92 -23.20
N LEU E 859 27.53 50.70 -22.89
CA LEU E 859 28.84 50.08 -22.70
C LEU E 859 28.98 49.49 -21.31
N GLU E 874 26.40 46.23 -22.13
CA GLU E 874 24.99 46.20 -21.71
C GLU E 874 24.02 46.68 -22.79
N GLU E 875 22.73 46.47 -22.54
CA GLU E 875 21.70 47.00 -23.43
C GLU E 875 20.57 47.68 -22.68
N CYS E 876 19.88 48.57 -23.37
CA CYS E 876 18.75 49.29 -22.80
C CYS E 876 17.73 49.57 -23.86
N LEU E 877 16.64 50.20 -23.48
CA LEU E 877 15.58 50.47 -24.45
C LEU E 877 15.39 51.96 -24.75
N GLU E 878 14.90 52.24 -25.94
CA GLU E 878 14.54 53.59 -26.35
C GLU E 878 13.28 54.07 -25.65
N VAL E 879 13.23 55.34 -25.31
CA VAL E 879 11.99 55.93 -24.82
C VAL E 879 11.26 56.52 -26.01
N LEU E 880 10.07 56.02 -26.34
CA LEU E 880 9.40 56.51 -27.55
C LEU E 880 8.52 57.73 -27.16
N PRO E 881 7.35 57.57 -26.54
CA PRO E 881 6.60 58.61 -25.90
C PRO E 881 7.32 58.73 -24.59
N ASN E 882 6.94 59.63 -23.71
CA ASN E 882 7.59 59.60 -22.41
C ASN E 882 6.61 59.87 -21.30
N HIS E 883 6.23 58.83 -20.58
CA HIS E 883 5.21 58.90 -19.55
C HIS E 883 3.95 59.51 -20.12
N GLU E 884 3.45 58.85 -21.15
CA GLU E 884 2.28 59.28 -21.90
C GLU E 884 1.07 58.40 -21.64
N GLU F 165 -57.41 -31.63 -9.00
CA GLU F 165 -56.11 -32.24 -9.25
C GLU F 165 -55.13 -31.23 -9.78
N TYR F 166 -54.58 -30.43 -8.88
CA TYR F 166 -53.61 -29.42 -9.22
C TYR F 166 -52.41 -30.05 -9.86
N LEU F 167 -52.03 -31.19 -9.32
CA LEU F 167 -50.88 -31.92 -9.79
C LEU F 167 -51.05 -32.35 -11.24
N SER F 168 -52.30 -32.53 -11.68
CA SER F 168 -52.53 -32.99 -13.03
C SER F 168 -52.53 -31.81 -14.00
N LYS F 169 -52.43 -30.60 -13.46
CA LYS F 169 -52.42 -29.39 -14.25
C LYS F 169 -51.04 -28.77 -14.23
N TYR F 170 -50.35 -28.91 -13.10
CA TYR F 170 -49.06 -28.27 -12.91
C TYR F 170 -47.87 -29.18 -12.69
N ALA F 171 -48.02 -30.50 -12.72
CA ALA F 171 -46.84 -31.28 -12.40
C ALA F 171 -46.72 -32.58 -13.17
N ILE F 172 -45.49 -33.06 -13.26
CA ILE F 172 -45.27 -34.33 -13.93
C ILE F 172 -45.17 -35.47 -12.98
N ASP F 173 -45.93 -36.51 -13.27
CA ASP F 173 -45.89 -37.72 -12.46
C ASP F 173 -44.63 -38.49 -12.80
N MET F 174 -43.70 -38.50 -11.87
CA MET F 174 -42.42 -39.09 -12.13
C MET F 174 -42.47 -40.61 -12.16
N THR F 175 -43.55 -41.19 -11.61
CA THR F 175 -43.62 -42.64 -11.59
C THR F 175 -44.30 -43.02 -12.88
N GLU F 176 -45.07 -42.10 -13.44
CA GLU F 176 -45.63 -42.35 -14.76
C GLU F 176 -44.47 -42.45 -15.73
N GLN F 177 -43.57 -41.46 -15.63
CA GLN F 177 -42.40 -41.40 -16.49
C GLN F 177 -41.54 -42.65 -16.29
N ALA F 178 -41.44 -43.10 -15.04
CA ALA F 178 -40.66 -44.30 -14.76
C ALA F 178 -41.28 -45.52 -15.44
N ARG F 179 -42.60 -45.68 -15.29
CA ARG F 179 -43.31 -46.82 -15.84
C ARG F 179 -43.29 -46.83 -17.35
N GLN F 180 -43.26 -45.65 -17.94
CA GLN F 180 -43.25 -45.51 -19.38
C GLN F 180 -41.86 -45.58 -19.98
N GLY F 181 -40.83 -45.73 -19.15
CA GLY F 181 -39.46 -45.82 -19.66
C GLY F 181 -38.92 -44.49 -20.17
N LYS F 182 -39.42 -43.38 -19.63
CA LYS F 182 -39.00 -42.07 -20.10
C LYS F 182 -37.80 -41.57 -19.31
N LEU F 183 -37.48 -42.27 -18.24
CA LEU F 183 -36.37 -41.89 -17.39
C LEU F 183 -35.23 -42.87 -17.57
N ASP F 184 -34.03 -42.37 -17.48
CA ASP F 184 -32.85 -43.21 -17.54
C ASP F 184 -32.62 -43.91 -16.20
N PRO F 185 -32.21 -45.17 -16.19
CA PRO F 185 -31.88 -45.92 -15.01
C PRO F 185 -30.61 -45.37 -14.45
N VAL F 186 -30.37 -45.57 -13.17
CA VAL F 186 -29.12 -45.09 -12.63
C VAL F 186 -28.29 -46.20 -12.03
N ILE F 187 -26.99 -46.01 -12.13
CA ILE F 187 -25.96 -46.92 -11.64
C ILE F 187 -25.06 -46.30 -10.60
N GLY F 188 -24.86 -47.01 -9.49
CA GLY F 188 -23.95 -46.58 -8.43
C GLY F 188 -24.55 -45.58 -7.45
N ARG F 189 -25.75 -45.14 -7.71
CA ARG F 189 -26.41 -44.17 -6.87
C ARG F 189 -27.29 -44.80 -5.82
N GLU F 190 -27.28 -46.12 -5.75
CA GLU F 190 -28.13 -46.82 -4.80
C GLU F 190 -28.01 -46.31 -3.37
N GLU F 191 -26.80 -46.05 -2.87
CA GLU F 191 -26.74 -45.62 -1.48
C GLU F 191 -27.33 -44.23 -1.30
N GLU F 192 -27.08 -43.37 -2.27
CA GLU F 192 -27.59 -42.02 -2.18
C GLU F 192 -29.11 -42.06 -2.26
N ILE F 193 -29.63 -42.98 -3.08
CA ILE F 193 -31.05 -43.15 -3.14
C ILE F 193 -31.56 -43.60 -1.81
N ARG F 194 -30.90 -44.60 -1.22
CA ARG F 194 -31.33 -45.10 0.07
C ARG F 194 -31.32 -44.00 1.09
N SER F 195 -30.36 -43.09 1.00
CA SER F 195 -30.32 -42.00 1.95
C SER F 195 -31.57 -41.14 1.82
N THR F 196 -32.02 -40.85 0.60
CA THR F 196 -33.19 -39.99 0.51
C THR F 196 -34.43 -40.69 1.02
N ILE F 197 -34.45 -42.00 0.87
CA ILE F 197 -35.57 -42.78 1.32
C ILE F 197 -35.59 -42.84 2.83
N ARG F 198 -34.43 -43.05 3.41
CA ARG F 198 -34.31 -43.11 4.84
C ARG F 198 -34.71 -41.79 5.46
N VAL F 199 -34.37 -40.69 4.80
CA VAL F 199 -34.79 -39.41 5.31
C VAL F 199 -36.31 -39.30 5.23
N LEU F 200 -36.91 -39.71 4.11
CA LEU F 200 -38.36 -39.65 4.01
C LEU F 200 -39.03 -40.49 5.08
N ALA F 201 -38.39 -41.59 5.49
CA ALA F 201 -38.95 -42.48 6.51
C ALA F 201 -39.03 -41.81 7.90
N ARG F 202 -38.36 -40.67 8.08
CA ARG F 202 -38.34 -39.94 9.33
C ARG F 202 -39.64 -39.19 9.59
N ARG F 203 -39.90 -38.93 10.86
CA ARG F 203 -41.02 -38.09 11.24
C ARG F 203 -40.64 -36.61 11.27
N ILE F 204 -39.37 -36.34 11.54
CA ILE F 204 -38.84 -34.99 11.65
C ILE F 204 -37.71 -34.85 10.64
N LYS F 205 -37.50 -33.67 10.07
CA LYS F 205 -36.43 -33.52 9.09
C LYS F 205 -36.58 -34.60 8.04
N SER F 206 -37.81 -34.74 7.56
CA SER F 206 -38.20 -35.75 6.60
C SER F 206 -37.98 -35.38 5.15
N ASN F 207 -37.57 -34.15 4.92
CA ASN F 207 -37.39 -33.68 3.56
C ASN F 207 -35.91 -33.64 3.19
N PRO F 208 -35.38 -34.57 2.40
CA PRO F 208 -34.00 -34.58 2.03
C PRO F 208 -33.75 -33.49 1.01
N CYS F 209 -32.53 -33.03 0.99
CA CYS F 209 -32.06 -32.08 0.01
C CYS F 209 -30.79 -32.54 -0.68
N LEU F 210 -30.88 -32.79 -1.97
CA LEU F 210 -29.70 -33.28 -2.66
C LEU F 210 -28.82 -32.12 -3.03
N ILE F 211 -27.61 -32.12 -2.49
CA ILE F 211 -26.71 -31.00 -2.65
C ILE F 211 -25.40 -31.41 -3.34
N GLY F 212 -25.00 -30.64 -4.34
CA GLY F 212 -23.75 -30.99 -5.04
C GLY F 212 -23.37 -30.01 -6.12
N GLU F 213 -22.35 -30.32 -6.88
CA GLU F 213 -21.96 -29.43 -7.96
C GLU F 213 -23.02 -29.58 -9.04
N PRO F 214 -23.21 -28.64 -9.94
CA PRO F 214 -24.15 -28.79 -10.99
C PRO F 214 -23.82 -30.06 -11.70
N GLY F 215 -24.83 -30.84 -12.05
CA GLY F 215 -24.60 -32.08 -12.79
C GLY F 215 -24.25 -33.29 -11.94
N ILE F 216 -24.10 -33.15 -10.65
CA ILE F 216 -23.70 -34.32 -9.89
C ILE F 216 -24.78 -35.34 -9.56
N GLY F 217 -25.54 -35.75 -10.55
CA GLY F 217 -26.55 -36.76 -10.40
C GLY F 217 -27.72 -36.41 -9.47
N LYS F 218 -27.92 -35.14 -9.14
CA LYS F 218 -28.95 -34.84 -8.15
C LYS F 218 -30.34 -35.24 -8.61
N THR F 219 -30.71 -34.98 -9.86
CA THR F 219 -32.02 -35.42 -10.23
C THR F 219 -31.90 -36.82 -10.76
N ALA F 220 -30.69 -37.26 -11.07
CA ALA F 220 -30.57 -38.65 -11.52
C ALA F 220 -31.05 -39.51 -10.38
N ILE F 221 -30.68 -39.13 -9.15
CA ILE F 221 -31.14 -39.85 -7.98
C ILE F 221 -32.63 -39.80 -7.93
N ILE F 222 -33.22 -38.64 -8.11
CA ILE F 222 -34.67 -38.54 -8.07
C ILE F 222 -35.38 -39.38 -9.13
N GLU F 223 -34.88 -39.34 -10.34
CA GLU F 223 -35.44 -40.10 -11.44
C GLU F 223 -35.30 -41.58 -11.07
N GLY F 224 -34.15 -41.91 -10.48
CA GLY F 224 -33.85 -43.24 -9.99
C GLY F 224 -34.83 -43.64 -8.88
N VAL F 225 -35.19 -42.70 -8.02
CA VAL F 225 -36.15 -42.98 -6.97
C VAL F 225 -37.46 -43.40 -7.57
N ALA F 226 -37.92 -42.67 -8.59
CA ALA F 226 -39.19 -43.03 -9.17
C ALA F 226 -39.14 -44.47 -9.64
N GLN F 227 -38.03 -44.87 -10.26
CA GLN F 227 -37.98 -46.25 -10.70
C GLN F 227 -37.93 -47.19 -9.51
N ARG F 228 -37.17 -46.84 -8.48
CA ARG F 228 -37.08 -47.70 -7.31
C ARG F 228 -38.46 -47.84 -6.66
N ILE F 229 -39.30 -46.82 -6.76
CA ILE F 229 -40.62 -46.98 -6.20
C ILE F 229 -41.44 -47.97 -6.98
N ILE F 230 -41.48 -47.84 -8.30
CA ILE F 230 -42.34 -48.76 -9.06
C ILE F 230 -41.78 -50.18 -9.05
N ASP F 231 -40.49 -50.32 -8.81
CA ASP F 231 -39.80 -51.59 -8.73
C ASP F 231 -39.87 -52.21 -7.33
N ASP F 232 -40.45 -51.48 -6.38
CA ASP F 232 -40.56 -51.86 -4.97
C ASP F 232 -39.26 -52.07 -4.20
N ASP F 233 -38.30 -51.16 -4.37
CA ASP F 233 -37.03 -51.20 -3.62
C ASP F 233 -37.09 -50.16 -2.50
N VAL F 234 -38.28 -49.66 -2.29
CA VAL F 234 -38.61 -48.62 -1.34
C VAL F 234 -39.50 -49.20 -0.24
N PRO F 235 -39.25 -48.92 1.04
CA PRO F 235 -40.08 -49.37 2.15
C PRO F 235 -41.50 -49.07 1.77
N THR F 236 -42.43 -49.94 2.16
CA THR F 236 -43.84 -49.77 1.79
C THR F 236 -44.43 -48.47 2.33
N ILE F 237 -43.79 -47.98 3.37
CA ILE F 237 -44.10 -46.76 4.06
C ILE F 237 -44.11 -45.61 3.06
N LEU F 238 -43.12 -45.68 2.19
CA LEU F 238 -42.85 -44.68 1.19
C LEU F 238 -43.22 -45.14 -0.21
N GLN F 239 -43.16 -46.44 -0.46
CA GLN F 239 -43.41 -47.01 -1.78
C GLN F 239 -44.79 -46.69 -2.27
N GLY F 240 -45.75 -46.64 -1.36
CA GLY F 240 -47.10 -46.35 -1.77
C GLY F 240 -47.29 -44.90 -2.24
N ALA F 241 -46.28 -44.04 -2.06
CA ALA F 241 -46.34 -42.62 -2.43
C ALA F 241 -46.23 -42.40 -3.94
N LYS F 242 -46.68 -41.23 -4.37
CA LYS F 242 -46.51 -40.84 -5.77
C LYS F 242 -45.59 -39.64 -5.83
N LEU F 243 -44.82 -39.55 -6.90
CA LEU F 243 -43.88 -38.45 -7.02
C LEU F 243 -44.22 -37.43 -8.10
N PHE F 244 -44.23 -36.14 -7.76
CA PHE F 244 -44.49 -35.11 -8.78
C PHE F 244 -43.47 -33.99 -8.93
N SER F 245 -43.18 -33.61 -10.17
CA SER F 245 -42.28 -32.49 -10.47
C SER F 245 -43.04 -31.17 -10.55
N LEU F 246 -42.81 -30.29 -9.57
CA LEU F 246 -43.54 -29.03 -9.39
C LEU F 246 -42.75 -27.76 -9.59
N ASP F 247 -43.43 -26.61 -9.33
CA ASP F 247 -42.88 -25.24 -9.39
C ASP F 247 -43.23 -24.60 -10.74
N LEU F 248 -42.67 -23.44 -11.01
CA LEU F 248 -42.80 -22.76 -12.28
C LEU F 248 -44.23 -22.42 -12.58
N ALA F 249 -44.87 -23.12 -13.51
CA ALA F 249 -46.26 -22.86 -13.87
C ALA F 249 -47.15 -22.93 -12.65
N ALA F 250 -46.73 -23.72 -11.66
CA ALA F 250 -47.49 -23.84 -10.44
C ALA F 250 -47.73 -22.47 -9.85
N LEU F 251 -46.81 -21.56 -10.05
CA LEU F 251 -46.90 -20.22 -9.56
C LEU F 251 -47.33 -19.23 -10.65
N THR F 252 -46.63 -19.29 -11.80
CA THR F 252 -46.77 -18.29 -12.86
C THR F 252 -48.07 -18.37 -13.63
N ALA F 253 -48.84 -19.43 -13.43
CA ALA F 253 -50.14 -19.52 -14.06
C ALA F 253 -51.02 -18.33 -13.66
N GLY F 254 -50.86 -17.83 -12.42
CA GLY F 254 -51.64 -16.69 -11.99
C GLY F 254 -50.77 -15.47 -12.21
N ALA F 255 -51.24 -14.27 -11.88
CA ALA F 255 -50.39 -13.10 -12.05
C ALA F 255 -51.15 -11.96 -11.41
N LYS F 256 -52.18 -11.55 -12.10
CA LYS F 256 -53.10 -10.58 -11.57
C LYS F 256 -53.84 -11.33 -10.48
N TYR F 257 -54.30 -10.62 -9.46
CA TYR F 257 -54.96 -11.14 -8.25
C TYR F 257 -53.98 -11.50 -7.14
N LYS F 258 -53.74 -10.56 -6.24
CA LYS F 258 -52.84 -10.75 -5.11
C LYS F 258 -53.26 -11.97 -4.34
N GLY F 259 -52.33 -12.83 -4.03
CA GLY F 259 -52.65 -14.00 -3.26
C GLY F 259 -52.93 -15.21 -4.10
N ASP F 260 -53.02 -15.05 -5.42
CA ASP F 260 -53.28 -16.21 -6.25
C ASP F 260 -52.17 -17.22 -6.05
N PHE F 261 -50.99 -16.72 -5.77
CA PHE F 261 -49.84 -17.55 -5.60
C PHE F 261 -50.07 -18.52 -4.47
N GLU F 262 -50.69 -18.05 -3.40
CA GLU F 262 -50.95 -18.91 -2.29
C GLU F 262 -52.04 -19.88 -2.69
N GLU F 263 -52.98 -19.42 -3.49
CA GLU F 263 -54.08 -20.27 -3.90
C GLU F 263 -53.56 -21.37 -4.80
N ARG F 264 -52.50 -21.07 -5.53
CA ARG F 264 -51.92 -22.09 -6.36
C ARG F 264 -51.18 -23.12 -5.54
N PHE F 265 -50.48 -22.68 -4.50
CA PHE F 265 -49.82 -23.69 -3.68
C PHE F 265 -50.77 -24.41 -2.74
N LYS F 266 -51.78 -23.73 -2.28
CA LYS F 266 -52.77 -24.37 -1.46
C LYS F 266 -53.62 -25.56 -1.72
N GLY F 267 -53.86 -25.91 -2.94
CA GLY F 267 -54.79 -27.02 -3.10
C GLY F 267 -53.72 -28.06 -3.40
N VAL F 268 -52.57 -27.66 -3.97
CA VAL F 268 -51.52 -28.65 -4.15
C VAL F 268 -51.17 -29.21 -2.79
N LEU F 269 -51.03 -28.30 -1.84
CA LEU F 269 -50.68 -28.63 -0.48
C LEU F 269 -51.84 -29.21 0.32
N LYS F 270 -52.95 -29.49 -0.34
CA LYS F 270 -54.04 -30.16 0.31
C LYS F 270 -54.22 -31.51 -0.37
N GLU F 271 -54.24 -31.52 -1.69
CA GLU F 271 -54.46 -32.74 -2.46
C GLU F 271 -53.35 -33.73 -2.19
N ILE F 272 -52.17 -33.22 -1.92
CA ILE F 272 -50.98 -33.98 -1.55
C ILE F 272 -51.21 -35.03 -0.43
N GLU F 273 -52.24 -34.79 0.40
CA GLU F 273 -52.53 -35.68 1.52
C GLU F 273 -54.01 -36.16 1.56
N GLU F 274 -54.81 -35.76 0.59
CA GLU F 274 -56.24 -36.09 0.65
C GLU F 274 -56.60 -37.46 0.13
N SER F 275 -56.39 -38.47 0.98
CA SER F 275 -56.71 -39.89 0.73
C SER F 275 -55.84 -40.60 -0.31
N LYS F 276 -55.64 -39.98 -1.46
CA LYS F 276 -54.91 -40.60 -2.55
C LYS F 276 -53.42 -40.66 -2.24
N THR F 277 -53.06 -41.55 -1.32
CA THR F 277 -51.74 -41.76 -0.76
C THR F 277 -51.06 -40.43 -0.45
N LEU F 278 -49.78 -40.51 -0.15
CA LEU F 278 -48.95 -39.35 0.11
C LEU F 278 -48.21 -38.99 -1.15
N ILE F 279 -48.32 -37.76 -1.54
CA ILE F 279 -47.57 -37.32 -2.68
C ILE F 279 -46.35 -36.56 -2.27
N VAL F 280 -45.22 -36.98 -2.80
CA VAL F 280 -43.99 -36.30 -2.51
C VAL F 280 -43.79 -35.26 -3.58
N LEU F 281 -43.53 -34.03 -3.17
CA LEU F 281 -43.37 -32.99 -4.16
C LEU F 281 -41.92 -32.86 -4.46
N PHE F 282 -41.60 -32.62 -5.71
CA PHE F 282 -40.24 -32.38 -6.08
C PHE F 282 -39.97 -30.99 -6.52
N ILE F 283 -39.14 -30.36 -5.77
CA ILE F 283 -38.72 -29.04 -6.09
C ILE F 283 -37.28 -29.20 -6.43
N ASP F 284 -37.02 -29.40 -7.70
CA ASP F 284 -35.68 -29.68 -8.16
C ASP F 284 -34.77 -28.52 -7.86
N GLU F 285 -35.37 -27.34 -7.77
CA GLU F 285 -34.64 -26.15 -7.47
C GLU F 285 -35.23 -25.44 -6.26
N ILE F 286 -34.86 -25.92 -5.09
CA ILE F 286 -35.38 -25.39 -3.83
C ILE F 286 -35.04 -23.94 -3.75
N HIS F 287 -33.85 -23.64 -4.21
CA HIS F 287 -33.28 -22.32 -4.19
C HIS F 287 -34.12 -21.28 -4.95
N MET F 288 -35.07 -21.73 -5.76
CA MET F 288 -35.92 -20.81 -6.49
C MET F 288 -37.21 -20.51 -5.73
N LEU F 289 -37.31 -21.03 -4.50
CA LEU F 289 -38.44 -20.77 -3.65
C LEU F 289 -38.04 -19.65 -2.74
N MET F 290 -38.53 -19.66 -1.48
CA MET F 290 -38.19 -18.63 -0.47
C MET F 290 -38.78 -17.25 -0.73
N GLY F 291 -38.61 -16.72 -1.93
CA GLY F 291 -39.23 -15.47 -2.30
C GLY F 291 -38.24 -14.41 -2.72
N ASN F 292 -38.53 -13.78 -3.84
CA ASN F 292 -37.62 -12.80 -4.36
C ASN F 292 -37.84 -11.49 -3.63
N GLY F 293 -37.13 -11.36 -2.51
CA GLY F 293 -37.33 -10.26 -1.57
C GLY F 293 -38.31 -10.71 -0.50
N LYS F 294 -38.40 -12.04 -0.33
CA LYS F 294 -39.26 -12.71 0.65
C LYS F 294 -40.72 -12.58 0.24
N ASP F 295 -41.26 -11.35 0.36
CA ASP F 295 -42.61 -10.96 -0.02
C ASP F 295 -43.70 -11.93 0.41
N ASP F 296 -43.42 -12.77 1.42
CA ASP F 296 -44.35 -13.78 1.88
C ASP F 296 -44.93 -14.48 0.67
N ALA F 297 -44.07 -14.75 -0.33
CA ALA F 297 -44.48 -15.28 -1.63
C ALA F 297 -44.85 -16.74 -1.60
N ALA F 298 -45.86 -17.07 -0.80
CA ALA F 298 -46.44 -18.39 -0.56
C ALA F 298 -45.44 -19.38 0.02
N ASN F 299 -44.17 -19.01 0.14
CA ASN F 299 -43.17 -19.87 0.72
C ASN F 299 -43.50 -20.18 2.15
N ILE F 300 -44.24 -19.28 2.78
CA ILE F 300 -44.63 -19.39 4.17
C ILE F 300 -45.58 -20.55 4.38
N LEU F 301 -46.23 -20.99 3.30
CA LEU F 301 -47.15 -22.10 3.37
C LEU F 301 -46.40 -23.35 3.64
N LYS F 302 -45.14 -23.38 3.24
CA LYS F 302 -44.44 -24.60 3.42
C LYS F 302 -44.19 -24.81 4.90
N PRO F 303 -43.32 -24.05 5.60
CA PRO F 303 -43.13 -24.17 7.02
C PRO F 303 -44.43 -24.27 7.78
N ALA F 304 -45.43 -23.43 7.39
CA ALA F 304 -46.70 -23.40 8.08
C ALA F 304 -47.41 -24.73 8.05
N LEU F 305 -47.32 -25.43 6.93
CA LEU F 305 -48.05 -26.66 6.80
C LEU F 305 -47.14 -27.85 6.97
N SER F 306 -45.82 -27.62 6.99
CA SER F 306 -44.82 -28.68 6.96
C SER F 306 -44.93 -29.72 8.05
N ARG F 307 -45.66 -29.44 9.11
CA ARG F 307 -45.81 -30.43 10.16
C ARG F 307 -46.59 -31.67 9.67
N GLY F 308 -47.46 -31.51 8.68
CA GLY F 308 -48.34 -32.59 8.22
C GLY F 308 -47.70 -33.47 7.17
N GLN F 309 -46.50 -33.94 7.45
CA GLN F 309 -45.73 -34.71 6.48
C GLN F 309 -45.52 -33.87 5.21
N LEU F 310 -46.47 -33.93 4.28
CA LEU F 310 -46.39 -33.18 3.02
C LEU F 310 -45.01 -33.32 2.43
N LYS F 311 -44.44 -34.51 2.48
CA LYS F 311 -43.03 -34.66 2.18
C LYS F 311 -42.59 -34.09 0.86
N VAL F 312 -41.46 -33.39 0.93
CA VAL F 312 -40.84 -32.72 -0.19
C VAL F 312 -39.42 -33.14 -0.35
N ILE F 313 -39.05 -33.46 -1.55
CA ILE F 313 -37.67 -33.77 -1.86
C ILE F 313 -37.19 -32.70 -2.75
N GLY F 314 -36.03 -32.17 -2.47
CA GLY F 314 -35.57 -31.19 -3.40
C GLY F 314 -34.09 -31.27 -3.60
N ALA F 315 -33.60 -30.34 -4.37
CA ALA F 315 -32.21 -30.31 -4.70
C ALA F 315 -31.74 -28.89 -4.87
N THR F 316 -30.42 -28.73 -4.74
CA THR F 316 -29.76 -27.45 -4.86
C THR F 316 -28.25 -27.62 -5.12
N THR F 317 -27.64 -26.64 -5.74
CA THR F 317 -26.20 -26.66 -5.95
C THR F 317 -25.51 -26.33 -4.66
N ASN F 318 -24.36 -26.90 -4.38
CA ASN F 318 -23.59 -26.53 -3.19
C ASN F 318 -23.64 -25.00 -2.94
N ASN F 319 -23.44 -24.22 -3.98
CA ASN F 319 -23.43 -22.77 -3.89
C ASN F 319 -24.80 -22.21 -3.50
N GLU F 320 -25.82 -22.87 -4.00
CA GLU F 320 -27.19 -22.48 -3.82
C GLU F 320 -27.66 -22.87 -2.46
N TYR F 321 -27.15 -23.98 -1.95
CA TYR F 321 -27.54 -24.42 -0.64
C TYR F 321 -27.14 -23.34 0.31
N ARG F 322 -25.91 -22.87 0.19
CA ARG F 322 -25.50 -21.79 1.03
C ARG F 322 -26.52 -20.67 0.97
N SER F 323 -26.91 -20.26 -0.24
CA SER F 323 -27.91 -19.20 -0.36
C SER F 323 -29.25 -19.57 0.28
N ILE F 324 -29.70 -20.82 0.17
CA ILE F 324 -30.97 -21.23 0.76
C ILE F 324 -30.95 -21.07 2.25
N VAL F 325 -29.88 -21.55 2.83
CA VAL F 325 -29.76 -21.52 4.25
C VAL F 325 -29.76 -20.11 4.76
N GLU F 326 -28.90 -19.29 4.18
CA GLU F 326 -28.79 -17.93 4.67
C GLU F 326 -30.07 -17.13 4.46
N LYS F 327 -30.73 -17.33 3.31
CA LYS F 327 -31.97 -16.62 3.01
C LYS F 327 -33.15 -17.01 3.89
N ASP F 328 -33.32 -18.30 4.19
CA ASP F 328 -34.49 -18.72 4.95
C ASP F 328 -34.28 -19.17 6.39
N GLY F 329 -33.21 -19.90 6.69
CA GLY F 329 -33.05 -20.43 8.03
C GLY F 329 -33.90 -21.68 8.28
N ALA F 330 -35.23 -21.52 8.24
CA ALA F 330 -36.14 -22.62 8.49
C ALA F 330 -35.87 -23.79 7.56
N PHE F 331 -35.53 -23.52 6.31
CA PHE F 331 -35.23 -24.60 5.39
C PHE F 331 -34.06 -25.44 5.88
N GLU F 332 -33.06 -24.84 6.52
CA GLU F 332 -31.95 -25.64 7.01
C GLU F 332 -32.48 -26.57 8.09
N ARG F 333 -33.39 -26.03 8.91
CA ARG F 333 -33.96 -26.79 10.02
C ARG F 333 -34.95 -27.84 9.58
N ARG F 334 -35.61 -27.60 8.45
CA ARG F 334 -36.61 -28.52 7.92
C ARG F 334 -36.04 -29.58 6.99
N PHE F 335 -35.00 -29.27 6.24
CA PHE F 335 -34.44 -30.22 5.30
C PHE F 335 -33.22 -30.94 5.81
N GLN F 336 -33.04 -32.16 5.35
CA GLN F 336 -31.84 -32.91 5.65
C GLN F 336 -30.87 -32.76 4.53
N LYS F 337 -29.82 -32.03 4.76
CA LYS F 337 -28.86 -31.85 3.71
C LYS F 337 -28.20 -33.18 3.37
N ILE F 338 -28.06 -33.47 2.08
CA ILE F 338 -27.36 -34.66 1.62
C ILE F 338 -26.30 -34.35 0.58
N GLU F 339 -25.07 -34.70 0.86
CA GLU F 339 -24.03 -34.49 -0.12
C GLU F 339 -24.15 -35.54 -1.21
N VAL F 340 -24.06 -35.14 -2.45
CA VAL F 340 -24.08 -36.12 -3.51
C VAL F 340 -22.70 -36.11 -4.17
N ALA F 341 -22.07 -37.27 -4.28
CA ALA F 341 -20.70 -37.33 -4.81
C ALA F 341 -20.58 -37.31 -6.32
N GLU F 342 -19.45 -36.80 -6.81
CA GLU F 342 -19.11 -36.94 -8.22
C GLU F 342 -18.51 -38.34 -8.34
N PRO F 343 -18.87 -39.15 -9.33
CA PRO F 343 -18.32 -40.46 -9.54
C PRO F 343 -16.89 -40.41 -10.06
N SER F 344 -16.14 -41.45 -9.79
CA SER F 344 -14.80 -41.62 -10.34
C SER F 344 -14.92 -41.99 -11.79
N VAL F 345 -13.80 -42.03 -12.52
CA VAL F 345 -13.90 -42.44 -13.91
C VAL F 345 -14.45 -43.84 -13.99
N ARG F 346 -13.96 -44.75 -13.16
CA ARG F 346 -14.47 -46.10 -13.19
C ARG F 346 -16.00 -46.11 -13.00
N GLN F 347 -16.49 -45.37 -12.02
CA GLN F 347 -17.93 -45.32 -11.77
C GLN F 347 -18.65 -44.68 -12.93
N THR F 348 -18.04 -43.67 -13.50
CA THR F 348 -18.62 -42.95 -14.60
C THR F 348 -18.80 -43.87 -15.76
N VAL F 349 -17.82 -44.69 -16.03
CA VAL F 349 -17.96 -45.58 -17.15
C VAL F 349 -19.10 -46.52 -16.91
N ALA F 350 -19.24 -47.03 -15.68
CA ALA F 350 -20.37 -47.91 -15.41
C ALA F 350 -21.68 -47.20 -15.75
N ILE F 351 -21.76 -45.91 -15.41
CA ILE F 351 -22.93 -45.13 -15.74
C ILE F 351 -23.10 -45.07 -17.23
N LEU F 352 -22.01 -44.83 -17.94
CA LEU F 352 -22.12 -44.70 -19.36
C LEU F 352 -22.61 -45.99 -19.98
N ARG F 353 -22.15 -47.13 -19.47
CA ARG F 353 -22.55 -48.42 -20.02
C ARG F 353 -24.05 -48.60 -19.87
N GLY F 354 -24.58 -48.18 -18.75
CA GLY F 354 -26.03 -48.28 -18.54
C GLY F 354 -26.80 -47.49 -19.57
N LEU F 355 -26.25 -46.36 -19.97
CA LEU F 355 -26.89 -45.49 -20.92
C LEU F 355 -26.46 -45.74 -22.35
N GLN F 356 -25.41 -46.52 -22.52
CA GLN F 356 -24.92 -46.87 -23.83
C GLN F 356 -26.03 -47.23 -24.81
N PRO F 357 -26.96 -48.18 -24.51
CA PRO F 357 -27.98 -48.56 -25.43
C PRO F 357 -28.95 -47.46 -25.72
N LYS F 358 -29.03 -46.46 -24.85
CA LYS F 358 -29.98 -45.43 -25.14
C LYS F 358 -29.43 -44.62 -26.26
N TYR F 359 -28.13 -44.42 -26.23
CA TYR F 359 -27.53 -43.61 -27.27
C TYR F 359 -27.42 -44.38 -28.55
N GLU F 360 -27.11 -45.67 -28.45
CA GLU F 360 -26.97 -46.43 -29.67
C GLU F 360 -28.30 -46.44 -30.39
N ILE F 361 -29.39 -46.64 -29.63
CA ILE F 361 -30.72 -46.65 -30.19
C ILE F 361 -31.14 -45.29 -30.70
N HIS F 362 -30.90 -44.27 -29.90
CA HIS F 362 -31.31 -42.96 -30.29
C HIS F 362 -30.67 -42.51 -31.58
N HIS F 363 -29.41 -42.84 -31.78
CA HIS F 363 -28.68 -42.41 -32.95
C HIS F 363 -28.57 -43.44 -34.06
N GLY F 364 -28.81 -44.71 -33.76
CA GLY F 364 -28.69 -45.75 -34.77
C GLY F 364 -27.23 -46.11 -35.09
N VAL F 365 -26.37 -45.99 -34.10
CA VAL F 365 -24.93 -46.26 -34.26
C VAL F 365 -24.50 -47.16 -33.13
N ARG F 366 -23.36 -47.81 -33.25
CA ARG F 366 -22.86 -48.59 -32.11
C ARG F 366 -21.79 -47.84 -31.36
N ILE F 367 -21.55 -48.22 -30.12
CA ILE F 367 -20.48 -47.64 -29.32
C ILE F 367 -19.49 -48.70 -28.84
N LEU F 368 -18.19 -48.48 -29.02
CA LEU F 368 -17.21 -49.45 -28.52
C LEU F 368 -17.12 -49.36 -27.00
N ASP F 369 -16.97 -50.46 -26.27
CA ASP F 369 -16.88 -50.28 -24.81
C ASP F 369 -15.68 -49.41 -24.43
N SER F 370 -14.60 -49.55 -25.18
CA SER F 370 -13.42 -48.76 -24.91
C SER F 370 -13.69 -47.30 -25.16
N ALA F 371 -14.71 -47.00 -25.96
CA ALA F 371 -15.07 -45.66 -26.27
C ALA F 371 -15.70 -45.07 -25.06
N LEU F 372 -16.48 -45.86 -24.34
CA LEU F 372 -17.09 -45.30 -23.16
C LEU F 372 -16.02 -45.04 -22.13
N VAL F 373 -15.05 -45.93 -22.07
CA VAL F 373 -13.98 -45.75 -21.14
C VAL F 373 -13.23 -44.50 -21.49
N THR F 374 -12.95 -44.34 -22.77
CA THR F 374 -12.27 -43.19 -23.25
C THR F 374 -13.04 -41.95 -22.92
N ALA F 375 -14.34 -41.93 -23.15
CA ALA F 375 -15.05 -40.71 -22.86
C ALA F 375 -14.89 -40.31 -21.42
N ALA F 376 -15.05 -41.26 -20.51
CA ALA F 376 -14.93 -40.87 -19.11
C ALA F 376 -13.53 -40.45 -18.76
N GLN F 377 -12.54 -41.20 -19.25
CA GLN F 377 -11.16 -40.92 -18.91
C GLN F 377 -10.68 -39.62 -19.55
N LEU F 378 -11.08 -39.42 -20.79
CA LEU F 378 -10.66 -38.30 -21.58
C LEU F 378 -11.29 -37.07 -20.99
N ALA F 379 -12.57 -37.17 -20.64
CA ALA F 379 -13.25 -36.06 -20.05
C ALA F 379 -12.61 -35.65 -18.74
N LYS F 380 -12.22 -36.63 -17.94
CA LYS F 380 -11.62 -36.29 -16.66
C LYS F 380 -10.35 -35.47 -16.89
N ARG F 381 -9.60 -35.78 -17.94
CA ARG F 381 -8.39 -35.04 -18.22
C ARG F 381 -8.61 -33.73 -19.00
N TYR F 382 -9.55 -33.69 -19.94
CA TYR F 382 -9.70 -32.49 -20.78
C TYR F 382 -10.97 -31.66 -20.63
N LEU F 383 -11.85 -32.01 -19.73
CA LEU F 383 -13.03 -31.21 -19.46
C LEU F 383 -13.16 -30.90 -17.98
N PRO F 384 -12.21 -30.19 -17.37
CA PRO F 384 -12.14 -29.90 -15.95
C PRO F 384 -13.25 -28.97 -15.49
N TYR F 385 -13.94 -28.35 -16.41
CA TYR F 385 -14.99 -27.43 -16.07
C TYR F 385 -16.35 -28.08 -16.01
N ARG F 386 -16.42 -29.36 -16.30
CA ARG F 386 -17.71 -30.04 -16.32
C ARG F 386 -17.61 -31.35 -15.54
N ARG F 387 -18.58 -31.63 -14.70
CA ARG F 387 -18.49 -32.82 -13.86
C ARG F 387 -18.70 -34.09 -14.66
N LEU F 388 -18.06 -35.21 -14.27
CA LEU F 388 -18.11 -36.43 -15.08
C LEU F 388 -19.46 -37.00 -15.48
N PRO F 389 -20.48 -37.06 -14.64
CA PRO F 389 -21.78 -37.58 -15.02
C PRO F 389 -22.25 -36.96 -16.33
N ASP F 390 -21.87 -35.69 -16.58
CA ASP F 390 -22.24 -35.00 -17.78
C ASP F 390 -21.15 -35.00 -18.80
N SER F 391 -19.92 -34.77 -18.37
CA SER F 391 -18.85 -34.61 -19.33
C SER F 391 -18.65 -35.86 -20.13
N ALA F 392 -18.69 -36.99 -19.46
CA ALA F 392 -18.51 -38.22 -20.17
C ALA F 392 -19.66 -38.44 -21.15
N LEU F 393 -20.87 -38.13 -20.73
CA LEU F 393 -22.00 -38.29 -21.63
C LEU F 393 -21.95 -37.33 -22.78
N ASP F 394 -21.47 -36.12 -22.54
CA ASP F 394 -21.39 -35.18 -23.62
C ASP F 394 -20.49 -35.75 -24.68
N LEU F 395 -19.39 -36.35 -24.29
CA LEU F 395 -18.55 -36.92 -25.32
C LEU F 395 -19.23 -38.09 -26.01
N VAL F 396 -19.98 -38.91 -25.27
CA VAL F 396 -20.65 -40.03 -25.92
C VAL F 396 -21.73 -39.58 -26.88
N ASP F 397 -22.58 -38.66 -26.44
CA ASP F 397 -23.72 -38.20 -27.21
C ASP F 397 -23.25 -37.36 -28.37
N ILE F 398 -22.29 -36.47 -28.14
CA ILE F 398 -21.79 -35.69 -29.24
C ILE F 398 -21.17 -36.61 -30.26
N SER F 399 -20.35 -37.55 -29.81
CA SER F 399 -19.70 -38.45 -30.74
C SER F 399 -20.71 -39.27 -31.53
N CYS F 400 -21.73 -39.79 -30.86
CA CYS F 400 -22.70 -40.59 -31.56
C CYS F 400 -23.38 -39.75 -32.61
N ALA F 401 -23.69 -38.51 -32.26
CA ALA F 401 -24.30 -37.63 -33.22
C ALA F 401 -23.34 -37.43 -34.35
N GLY F 402 -22.07 -37.23 -34.06
CA GLY F 402 -21.11 -37.00 -35.13
C GLY F 402 -21.12 -38.14 -36.14
N VAL F 403 -21.28 -39.36 -35.65
CA VAL F 403 -21.32 -40.50 -36.53
C VAL F 403 -22.60 -40.47 -37.36
N ALA F 404 -23.75 -40.30 -36.69
CA ALA F 404 -25.04 -40.25 -37.36
C ALA F 404 -25.12 -39.05 -38.28
N VAL F 405 -24.61 -37.94 -37.81
CA VAL F 405 -24.64 -36.71 -38.57
C VAL F 405 -23.90 -36.84 -39.86
N ALA F 406 -22.67 -37.35 -39.82
CA ALA F 406 -21.94 -37.51 -41.05
C ALA F 406 -22.63 -38.51 -41.94
N ARG F 407 -23.06 -39.63 -41.36
CA ARG F 407 -23.72 -40.68 -42.10
C ARG F 407 -24.94 -40.19 -42.84
N ASP F 408 -25.76 -39.39 -42.17
CA ASP F 408 -27.04 -38.94 -42.66
C ASP F 408 -26.99 -37.56 -43.34
N SER F 409 -25.78 -37.12 -43.70
CA SER F 409 -25.56 -35.87 -44.43
C SER F 409 -25.84 -36.15 -45.90
N LYS F 410 -25.74 -35.12 -46.75
CA LYS F 410 -25.95 -35.32 -48.18
C LYS F 410 -24.97 -36.34 -48.72
N GLN F 538 -22.23 -47.89 -38.69
CA GLN F 538 -21.10 -47.18 -38.15
C GLN F 538 -21.11 -47.17 -36.62
N ASN F 539 -20.02 -46.72 -36.04
CA ASN F 539 -19.96 -46.71 -34.59
C ASN F 539 -19.06 -45.63 -34.04
N VAL F 540 -19.06 -45.52 -32.72
CA VAL F 540 -18.22 -44.58 -32.04
C VAL F 540 -16.93 -45.22 -31.61
N VAL F 541 -15.87 -44.77 -32.26
CA VAL F 541 -14.56 -45.30 -32.03
C VAL F 541 -13.86 -44.54 -30.91
N ASP F 542 -13.31 -45.27 -29.97
CA ASP F 542 -12.60 -44.67 -28.85
C ASP F 542 -11.62 -43.55 -29.25
N SER F 543 -10.82 -43.84 -30.23
CA SER F 543 -9.80 -42.98 -30.74
C SER F 543 -10.34 -42.10 -31.86
N ASP F 544 -10.48 -42.68 -33.06
CA ASP F 544 -10.94 -41.95 -34.24
C ASP F 544 -12.25 -41.19 -34.06
N THR F 545 -13.08 -41.50 -33.06
CA THR F 545 -14.28 -40.71 -32.95
C THR F 545 -14.17 -39.88 -31.69
N ILE F 546 -14.09 -40.50 -30.52
CA ILE F 546 -14.12 -39.71 -29.30
C ILE F 546 -12.90 -38.88 -29.07
N SER F 547 -11.71 -39.44 -29.23
CA SER F 547 -10.54 -38.63 -28.94
C SER F 547 -10.60 -37.41 -29.85
N GLU F 548 -10.87 -37.66 -31.13
CA GLU F 548 -10.90 -36.56 -32.08
C GLU F 548 -12.06 -35.61 -31.78
N THR F 549 -13.22 -36.12 -31.37
CA THR F 549 -14.35 -35.27 -31.06
C THR F 549 -14.04 -34.34 -29.95
N ALA F 550 -13.45 -34.86 -28.89
CA ALA F 550 -13.13 -34.02 -27.77
C ALA F 550 -12.21 -32.93 -28.21
N ALA F 551 -11.22 -33.27 -29.03
CA ALA F 551 -10.31 -32.25 -29.48
C ALA F 551 -11.02 -31.19 -30.30
N ARG F 552 -11.96 -31.59 -31.15
CA ARG F 552 -12.66 -30.57 -31.91
C ARG F 552 -13.42 -29.63 -31.00
N LEU F 553 -13.96 -30.17 -29.92
CA LEU F 553 -14.72 -29.41 -28.94
C LEU F 553 -13.89 -28.53 -28.00
N THR F 554 -12.79 -29.08 -27.50
CA THR F 554 -11.97 -28.44 -26.48
C THR F 554 -10.61 -27.92 -26.95
N GLY F 555 -10.22 -28.25 -28.15
CA GLY F 555 -8.87 -27.95 -28.56
C GLY F 555 -8.13 -29.12 -28.00
N ILE F 556 -6.81 -29.09 -28.04
CA ILE F 556 -5.89 -30.17 -27.60
C ILE F 556 -5.47 -31.04 -28.78
N PRO F 557 -4.61 -30.51 -29.67
CA PRO F 557 -4.08 -31.14 -30.87
C PRO F 557 -3.52 -32.52 -30.65
N VAL F 558 -2.99 -32.75 -29.47
CA VAL F 558 -2.38 -34.02 -29.17
C VAL F 558 -3.37 -35.17 -29.14
N LYS F 559 -4.66 -34.86 -28.94
CA LYS F 559 -5.71 -35.85 -28.93
C LYS F 559 -6.40 -35.97 -30.27
N LYS F 560 -5.86 -35.29 -31.28
CA LYS F 560 -6.40 -35.45 -32.61
C LYS F 560 -5.72 -36.67 -33.22
N LEU F 561 -4.72 -37.18 -32.50
CA LEU F 561 -3.96 -38.37 -32.88
C LEU F 561 -3.55 -38.26 -34.33
N SER F 562 -3.00 -37.11 -34.66
CA SER F 562 -2.66 -36.75 -36.02
C SER F 562 -1.85 -37.78 -36.76
N GLU F 563 -2.18 -37.91 -38.02
CA GLU F 563 -1.55 -38.79 -38.96
C GLU F 563 -0.09 -38.46 -39.26
N SER F 564 0.39 -37.27 -38.85
CA SER F 564 1.77 -36.97 -39.17
C SER F 564 2.54 -36.11 -38.22
N GLU F 565 3.58 -36.72 -37.69
CA GLU F 565 4.54 -36.10 -36.81
C GLU F 565 5.70 -35.55 -37.63
N ASN F 566 5.50 -35.52 -38.95
CA ASN F 566 6.44 -34.90 -39.87
C ASN F 566 5.90 -33.50 -40.05
N GLU F 567 4.61 -33.42 -40.38
CA GLU F 567 3.95 -32.14 -40.59
C GLU F 567 3.40 -31.59 -39.28
N LYS F 568 4.13 -31.79 -38.20
CA LYS F 568 3.71 -31.31 -36.88
C LYS F 568 4.91 -31.14 -35.94
N LEU F 569 5.88 -32.05 -36.06
CA LEU F 569 7.06 -32.00 -35.23
C LEU F 569 8.32 -31.76 -36.08
N ILE F 570 8.51 -32.61 -37.08
CA ILE F 570 9.67 -32.50 -37.97
C ILE F 570 9.76 -31.11 -38.58
N HIS F 571 8.67 -30.68 -39.21
CA HIS F 571 8.63 -29.36 -39.83
C HIS F 571 8.80 -28.32 -38.77
N MET F 572 8.39 -28.62 -37.55
CA MET F 572 8.56 -27.65 -36.50
C MET F 572 10.03 -27.36 -36.35
N GLU F 573 10.85 -28.40 -36.19
CA GLU F 573 12.25 -28.12 -36.00
C GLU F 573 12.81 -27.41 -37.21
N ARG F 574 12.42 -27.85 -38.39
CA ARG F 574 12.97 -27.24 -39.58
C ARG F 574 12.59 -25.78 -39.69
N ASP F 575 11.33 -25.48 -39.51
CA ASP F 575 10.86 -24.12 -39.71
C ASP F 575 11.28 -23.21 -38.59
N LEU F 576 11.31 -23.72 -37.37
CA LEU F 576 11.77 -22.87 -36.30
C LEU F 576 13.22 -22.56 -36.60
N SER F 577 13.97 -23.55 -37.09
CA SER F 577 15.37 -23.37 -37.42
C SER F 577 15.54 -22.49 -38.63
N SER F 578 14.58 -22.55 -39.56
CA SER F 578 14.68 -21.75 -40.74
C SER F 578 14.62 -20.28 -40.39
N GLU F 579 13.74 -19.92 -39.46
CA GLU F 579 13.58 -18.53 -39.07
C GLU F 579 14.49 -18.09 -37.93
N VAL F 580 14.77 -18.98 -36.99
CA VAL F 580 15.61 -18.66 -35.86
C VAL F 580 16.95 -19.32 -36.07
N VAL F 581 17.95 -18.51 -36.30
CA VAL F 581 19.25 -19.04 -36.63
C VAL F 581 20.12 -19.19 -35.43
N GLY F 582 20.64 -20.38 -35.24
CA GLY F 582 21.40 -20.63 -34.05
C GLY F 582 20.36 -21.00 -33.04
N GLN F 583 20.77 -21.18 -31.80
CA GLN F 583 19.85 -21.62 -30.76
C GLN F 583 19.15 -22.92 -31.18
N MET F 584 19.82 -23.74 -31.97
CA MET F 584 19.28 -24.99 -32.44
C MET F 584 18.95 -25.85 -31.25
N ASP F 585 19.78 -25.72 -30.23
CA ASP F 585 19.62 -26.45 -29.00
C ASP F 585 18.25 -26.16 -28.39
N ALA F 586 17.83 -24.88 -28.45
CA ALA F 586 16.57 -24.45 -27.87
C ALA F 586 15.43 -24.97 -28.67
N ILE F 587 15.61 -24.93 -29.97
CA ILE F 587 14.57 -25.34 -30.85
C ILE F 587 14.27 -26.78 -30.61
N LYS F 588 15.31 -27.58 -30.51
CA LYS F 588 15.14 -28.99 -30.24
C LYS F 588 14.56 -29.19 -28.86
N ALA F 589 14.98 -28.40 -27.87
CA ALA F 589 14.43 -28.57 -26.53
C ALA F 589 12.94 -28.36 -26.54
N VAL F 590 12.49 -27.34 -27.26
CA VAL F 590 11.07 -27.09 -27.30
C VAL F 590 10.36 -28.14 -28.09
N SER F 591 10.89 -28.46 -29.24
CA SER F 591 10.25 -29.41 -30.11
C SER F 591 10.07 -30.73 -29.40
N ASN F 592 11.08 -31.14 -28.64
CA ASN F 592 11.02 -32.38 -27.91
C ASN F 592 10.06 -32.29 -26.75
N ALA F 593 10.05 -31.18 -26.05
CA ALA F 593 9.10 -31.06 -24.96
C ALA F 593 7.69 -31.16 -25.52
N VAL F 594 7.49 -30.51 -26.66
CA VAL F 594 6.22 -30.53 -27.35
C VAL F 594 5.91 -31.93 -27.84
N ARG F 595 6.89 -32.61 -28.38
CA ARG F 595 6.75 -33.97 -28.84
C ARG F 595 6.15 -34.86 -27.77
N LEU F 596 6.59 -34.69 -26.53
CA LEU F 596 6.10 -35.51 -25.44
C LEU F 596 4.62 -35.30 -25.15
N SER F 597 4.04 -34.19 -25.58
CA SER F 597 2.65 -34.00 -25.31
C SER F 597 1.79 -34.82 -26.28
N ARG F 598 2.38 -35.33 -27.37
CA ARG F 598 1.63 -36.05 -28.39
C ARG F 598 0.93 -37.23 -27.75
N SER F 599 -0.36 -37.42 -28.10
CA SER F 599 -1.19 -38.50 -27.58
C SER F 599 -1.44 -38.41 -26.06
N GLY F 600 -0.98 -37.34 -25.41
CA GLY F 600 -1.17 -37.13 -23.98
C GLY F 600 -0.10 -37.85 -23.14
N LEU F 601 1.01 -38.23 -23.78
CA LEU F 601 2.05 -38.96 -23.06
C LEU F 601 2.65 -38.13 -21.91
N ALA F 602 2.79 -36.83 -22.12
CA ALA F 602 3.33 -35.94 -21.11
C ALA F 602 2.46 -35.94 -19.87
N ASN F 603 3.10 -35.66 -18.74
CA ASN F 603 2.48 -35.61 -17.43
C ASN F 603 1.19 -34.76 -17.41
N PRO F 604 0.02 -35.34 -17.07
CA PRO F 604 -1.31 -34.73 -17.00
C PRO F 604 -1.44 -33.47 -16.14
N ARG F 605 -0.43 -33.18 -15.33
CA ARG F 605 -0.47 -32.03 -14.46
C ARG F 605 0.63 -31.00 -14.72
N GLN F 606 1.43 -31.21 -15.75
CA GLN F 606 2.54 -30.29 -15.99
C GLN F 606 2.59 -29.72 -17.42
N PRO F 607 2.45 -28.42 -17.61
CA PRO F 607 2.55 -27.73 -18.87
C PRO F 607 3.92 -27.94 -19.44
N ALA F 608 4.06 -27.88 -20.75
CA ALA F 608 5.42 -27.95 -21.24
C ALA F 608 6.04 -26.71 -20.65
N SER F 609 7.26 -26.76 -20.15
CA SER F 609 7.76 -25.52 -19.56
C SER F 609 9.19 -25.23 -19.77
N PHE F 610 9.46 -23.98 -20.12
CA PHE F 610 10.81 -23.61 -20.43
C PHE F 610 11.26 -22.35 -19.78
N LEU F 611 12.55 -22.26 -19.53
CA LEU F 611 13.12 -21.00 -19.13
C LEU F 611 14.25 -20.67 -20.08
N PHE F 612 14.12 -19.55 -20.75
CA PHE F 612 15.08 -19.13 -21.75
C PHE F 612 15.98 -18.05 -21.24
N LEU F 613 17.22 -18.42 -21.13
CA LEU F 613 18.30 -17.62 -20.65
C LEU F 613 19.14 -17.30 -21.87
N GLY F 614 20.05 -16.36 -21.79
CA GLY F 614 20.91 -16.11 -22.96
C GLY F 614 21.06 -14.64 -23.27
N LEU F 615 21.87 -14.36 -24.27
CA LEU F 615 22.17 -13.00 -24.69
C LEU F 615 20.95 -12.31 -25.23
N SER F 616 20.72 -11.06 -24.83
CA SER F 616 19.55 -10.45 -25.43
C SER F 616 19.85 -10.38 -26.92
N GLY F 617 18.83 -10.45 -27.72
CA GLY F 617 18.99 -10.36 -29.16
C GLY F 617 19.21 -11.76 -29.73
N SER F 618 19.16 -12.78 -28.87
CA SER F 618 19.34 -14.16 -29.30
C SER F 618 18.03 -14.85 -29.62
N GLY F 619 16.91 -14.16 -29.57
CA GLY F 619 15.65 -14.79 -29.89
C GLY F 619 14.93 -15.42 -28.68
N LYS F 620 15.21 -14.92 -27.49
CA LYS F 620 14.59 -15.45 -26.27
C LYS F 620 13.07 -15.35 -26.31
N THR F 621 12.54 -14.34 -26.99
CA THR F 621 11.09 -14.26 -27.13
C THR F 621 10.71 -14.51 -28.59
N GLU F 622 11.66 -14.34 -29.51
CA GLU F 622 11.33 -14.59 -30.89
C GLU F 622 11.04 -16.06 -31.07
N LEU F 623 11.80 -16.92 -30.41
CA LEU F 623 11.51 -18.33 -30.55
C LEU F 623 10.10 -18.58 -30.06
N ALA F 624 9.74 -18.02 -28.93
CA ALA F 624 8.41 -18.27 -28.39
C ALA F 624 7.35 -17.86 -29.40
N LYS F 625 7.55 -16.74 -30.08
CA LYS F 625 6.57 -16.37 -31.07
C LYS F 625 6.55 -17.34 -32.20
N LYS F 626 7.71 -17.82 -32.61
CA LYS F 626 7.73 -18.76 -33.70
C LYS F 626 7.07 -20.07 -33.30
N VAL F 627 7.19 -20.44 -32.03
CA VAL F 627 6.53 -21.65 -31.56
C VAL F 627 5.04 -21.49 -31.70
N ALA F 628 4.49 -20.34 -31.30
CA ALA F 628 3.07 -20.07 -31.48
C ALA F 628 2.75 -20.02 -32.98
N GLY F 629 3.70 -19.51 -33.75
CA GLY F 629 3.65 -19.40 -35.19
C GLY F 629 3.46 -20.77 -35.80
N PHE F 630 3.98 -21.78 -35.13
CA PHE F 630 3.82 -23.13 -35.58
C PHE F 630 2.55 -23.74 -34.97
N LEU F 631 2.43 -23.72 -33.65
CA LEU F 631 1.34 -24.35 -32.91
C LEU F 631 -0.05 -23.94 -33.33
N PHE F 632 -0.27 -22.65 -33.43
CA PHE F 632 -1.56 -22.14 -33.85
C PHE F 632 -1.52 -21.61 -35.26
N ASN F 633 -0.43 -21.91 -35.95
CA ASN F 633 -0.20 -21.39 -37.28
C ASN F 633 -0.32 -19.86 -37.28
N ASP F 634 0.01 -19.21 -36.15
CA ASP F 634 -0.12 -17.77 -36.02
C ASP F 634 0.57 -17.26 -34.75
N GLU F 635 1.58 -16.45 -34.95
CA GLU F 635 2.42 -15.95 -33.87
C GLU F 635 1.64 -15.11 -32.85
N ASP F 636 0.58 -14.47 -33.31
CA ASP F 636 -0.17 -13.55 -32.46
C ASP F 636 -1.08 -14.26 -31.48
N MET F 637 -1.15 -15.58 -31.58
CA MET F 637 -2.00 -16.33 -30.68
C MET F 637 -1.32 -16.60 -29.34
N MET F 638 -0.07 -16.18 -29.22
CA MET F 638 0.67 -16.35 -27.98
C MET F 638 0.13 -15.40 -26.94
N ILE F 639 -0.03 -15.87 -25.72
CA ILE F 639 -0.48 -15.00 -24.66
C ILE F 639 0.67 -14.35 -23.97
N ARG F 640 0.87 -13.08 -24.26
CA ARG F 640 2.00 -12.42 -23.69
C ARG F 640 1.65 -11.98 -22.30
N VAL F 641 2.52 -12.25 -21.35
CA VAL F 641 2.29 -11.80 -20.00
C VAL F 641 3.28 -10.72 -19.68
N ASP F 642 2.74 -9.56 -19.37
CA ASP F 642 3.57 -8.38 -19.13
C ASP F 642 4.20 -8.44 -17.74
N CYS F 643 5.24 -9.26 -17.63
CA CYS F 643 5.92 -9.47 -16.36
C CYS F 643 6.84 -8.33 -16.08
N SER F 644 7.04 -7.49 -17.07
CA SER F 644 7.90 -6.37 -16.92
C SER F 644 7.35 -5.50 -15.81
N GLU F 645 6.01 -5.43 -15.72
CA GLU F 645 5.38 -4.67 -14.66
C GLU F 645 4.92 -5.51 -13.47
N LEU F 646 5.79 -5.78 -12.50
CA LEU F 646 5.31 -6.56 -11.36
C LEU F 646 5.75 -5.99 -10.02
N SER F 647 4.83 -6.05 -9.08
CA SER F 647 4.92 -5.70 -7.65
C SER F 647 4.16 -6.72 -6.90
N GLU F 648 4.66 -7.25 -5.81
CA GLU F 648 3.87 -8.26 -5.13
C GLU F 648 2.45 -7.81 -4.81
N LYS F 649 2.18 -6.50 -4.77
CA LYS F 649 0.85 -6.05 -4.43
C LYS F 649 -0.10 -5.99 -5.61
N TYR F 650 0.40 -6.14 -6.84
CA TYR F 650 -0.45 -6.08 -8.02
C TYR F 650 -0.20 -7.27 -8.90
N ALA F 651 0.99 -7.83 -8.72
CA ALA F 651 1.56 -8.83 -9.59
C ALA F 651 0.70 -10.06 -9.77
N VAL F 652 0.06 -10.48 -8.72
CA VAL F 652 -0.80 -11.63 -8.89
C VAL F 652 -2.16 -11.21 -9.34
N SER F 653 -2.65 -10.14 -8.76
CA SER F 653 -3.98 -9.69 -9.06
C SER F 653 -4.16 -9.35 -10.54
N LYS F 654 -3.19 -8.77 -11.20
CA LYS F 654 -3.47 -8.49 -12.61
C LYS F 654 -3.54 -9.77 -13.46
N LEU F 655 -3.06 -10.90 -12.94
CA LEU F 655 -3.05 -12.12 -13.70
C LEU F 655 -4.31 -12.92 -13.43
N LEU F 656 -4.65 -12.97 -12.13
CA LEU F 656 -5.76 -13.76 -11.62
C LEU F 656 -6.96 -12.99 -11.11
N GLY F 657 -6.86 -11.67 -11.01
CA GLY F 657 -7.92 -10.80 -10.52
C GLY F 657 -8.16 -10.88 -9.04
N THR F 658 -9.35 -10.48 -8.57
CA THR F 658 -9.59 -10.50 -7.13
C THR F 658 -10.91 -11.14 -6.72
N THR F 659 -11.21 -11.08 -5.43
CA THR F 659 -12.43 -11.63 -4.88
C THR F 659 -13.52 -10.57 -4.81
N ALA F 660 -14.74 -11.00 -4.46
CA ALA F 660 -15.86 -10.08 -4.37
C ALA F 660 -15.64 -9.03 -3.28
N GLY F 661 -16.14 -7.82 -3.52
CA GLY F 661 -16.01 -6.74 -2.57
C GLY F 661 -14.91 -5.76 -2.94
N TYR F 662 -14.21 -6.05 -4.03
CA TYR F 662 -13.13 -5.19 -4.48
C TYR F 662 -13.47 -4.51 -5.79
N VAL F 663 -13.10 -3.23 -5.90
CA VAL F 663 -13.36 -2.42 -7.09
C VAL F 663 -12.99 -3.14 -8.38
N GLY F 664 -13.99 -3.62 -9.09
CA GLY F 664 -13.78 -4.32 -10.34
C GLY F 664 -13.51 -5.79 -10.13
N TYR F 665 -14.31 -6.62 -10.79
CA TYR F 665 -14.15 -8.06 -10.68
C TYR F 665 -13.41 -8.57 -11.89
N ASP F 666 -13.97 -8.28 -13.06
CA ASP F 666 -13.40 -8.68 -14.34
C ASP F 666 -12.04 -9.29 -14.03
N GLU F 667 -12.06 -10.45 -13.44
CA GLU F 667 -10.83 -11.06 -13.00
C GLU F 667 -10.09 -11.57 -14.16
N GLY F 668 -8.79 -11.84 -13.97
CA GLY F 668 -8.05 -12.62 -14.94
C GLY F 668 -7.29 -11.97 -16.06
N GLY F 669 -7.07 -10.67 -15.99
CA GLY F 669 -6.35 -9.90 -17.01
C GLY F 669 -5.54 -10.74 -17.99
N PHE F 670 -4.48 -11.36 -17.49
CA PHE F 670 -3.62 -12.14 -18.37
C PHE F 670 -3.77 -13.66 -18.32
N LEU F 671 -4.07 -14.27 -17.18
CA LEU F 671 -4.07 -15.73 -17.19
C LEU F 671 -5.43 -16.34 -17.14
N THR F 672 -6.23 -15.98 -16.15
CA THR F 672 -7.50 -16.66 -16.04
C THR F 672 -8.36 -16.45 -17.26
N ASN F 673 -8.37 -15.23 -17.76
CA ASN F 673 -9.25 -14.94 -18.86
C ASN F 673 -8.86 -15.52 -20.16
N GLN F 674 -7.68 -16.09 -20.22
CA GLN F 674 -7.26 -16.63 -21.47
C GLN F 674 -7.27 -18.13 -21.34
N LEU F 675 -6.75 -18.63 -20.24
CA LEU F 675 -6.65 -20.05 -20.06
C LEU F 675 -8.01 -20.72 -20.00
N GLN F 676 -9.04 -20.01 -19.52
CA GLN F 676 -10.39 -20.56 -19.50
C GLN F 676 -10.93 -20.83 -20.89
N TYR F 677 -10.37 -20.20 -21.90
CA TYR F 677 -10.85 -20.33 -23.24
C TYR F 677 -9.84 -20.98 -24.14
N LYS F 678 -8.58 -21.00 -23.72
CA LYS F 678 -7.55 -21.54 -24.59
C LYS F 678 -6.71 -22.63 -23.90
N PRO F 679 -7.23 -23.85 -23.70
CA PRO F 679 -6.63 -24.94 -22.97
C PRO F 679 -5.20 -25.29 -23.36
N TYR F 680 -4.80 -25.05 -24.61
CA TYR F 680 -3.44 -25.42 -24.95
C TYR F 680 -2.73 -24.26 -25.53
N SER F 681 -3.03 -23.09 -25.02
CA SER F 681 -2.33 -21.91 -25.43
C SER F 681 -0.91 -21.93 -24.98
N VAL F 682 -0.15 -21.04 -25.54
CA VAL F 682 1.20 -20.88 -25.13
C VAL F 682 1.33 -19.52 -24.53
N LEU F 683 1.95 -19.50 -23.36
CA LEU F 683 2.15 -18.31 -22.57
C LEU F 683 3.57 -17.85 -22.67
N LEU F 684 3.77 -16.55 -22.64
CA LEU F 684 5.10 -16.00 -22.58
C LEU F 684 5.29 -15.05 -21.44
N PHE F 685 6.27 -15.32 -20.62
CA PHE F 685 6.56 -14.42 -19.53
C PHE F 685 7.83 -13.64 -19.86
N ASP F 686 7.65 -12.41 -20.33
CA ASP F 686 8.81 -11.63 -20.75
C ASP F 686 9.44 -11.07 -19.49
N GLU F 687 10.61 -11.60 -19.12
CA GLU F 687 11.29 -11.32 -17.87
C GLU F 687 10.52 -11.80 -16.67
N VAL F 688 10.32 -13.12 -16.60
CA VAL F 688 9.63 -13.74 -15.47
C VAL F 688 10.45 -13.45 -14.24
N GLU F 689 11.74 -13.25 -14.43
CA GLU F 689 12.64 -12.92 -13.33
C GLU F 689 12.26 -11.66 -12.56
N LYS F 690 11.44 -10.78 -13.15
CA LYS F 690 11.06 -9.57 -12.44
C LYS F 690 9.88 -9.82 -11.52
N ALA F 691 9.38 -11.03 -11.52
CA ALA F 691 8.28 -11.41 -10.69
C ALA F 691 8.64 -11.44 -9.23
N HIS F 692 7.67 -11.11 -8.42
CA HIS F 692 7.79 -11.18 -7.00
C HIS F 692 7.30 -12.55 -6.59
N PRO F 693 7.75 -13.10 -5.47
CA PRO F 693 7.42 -14.43 -4.98
C PRO F 693 5.96 -14.81 -5.12
N ASP F 694 5.04 -13.86 -5.00
CA ASP F 694 3.64 -14.22 -5.10
C ASP F 694 3.31 -14.75 -6.50
N VAL F 695 3.89 -14.15 -7.52
CA VAL F 695 3.69 -14.59 -8.88
C VAL F 695 4.44 -15.83 -9.11
N LEU F 696 5.63 -15.87 -8.56
CA LEU F 696 6.41 -17.05 -8.75
C LEU F 696 5.66 -18.23 -8.13
N THR F 697 4.94 -17.99 -7.05
CA THR F 697 4.13 -19.03 -6.43
C THR F 697 3.05 -19.48 -7.40
N VAL F 698 2.41 -18.52 -8.07
CA VAL F 698 1.41 -18.90 -9.07
C VAL F 698 2.08 -19.79 -10.09
N MET F 699 3.28 -19.39 -10.51
CA MET F 699 3.99 -20.17 -11.48
C MET F 699 4.38 -21.52 -10.91
N LEU F 700 4.63 -21.62 -9.60
CA LEU F 700 4.97 -22.93 -9.07
C LEU F 700 3.81 -23.85 -9.27
N GLN F 701 2.60 -23.32 -9.10
CA GLN F 701 1.45 -24.18 -9.32
C GLN F 701 1.33 -24.44 -10.79
N MET F 702 1.50 -23.41 -11.60
CA MET F 702 1.32 -23.58 -13.04
C MET F 702 2.18 -24.69 -13.56
N LEU F 703 3.43 -24.72 -13.14
CA LEU F 703 4.44 -25.65 -13.60
C LEU F 703 4.33 -27.07 -13.00
N ASP F 704 3.45 -27.27 -12.04
CA ASP F 704 3.31 -28.56 -11.39
C ASP F 704 1.95 -28.61 -10.71
N ASP F 705 0.98 -29.27 -11.35
CA ASP F 705 -0.40 -29.24 -10.92
C ASP F 705 -0.96 -27.87 -11.12
N GLY F 706 -1.03 -27.49 -12.41
CA GLY F 706 -1.46 -26.15 -12.81
C GLY F 706 -2.96 -25.85 -12.67
N ARG F 707 -3.51 -26.23 -11.54
CA ARG F 707 -4.88 -25.94 -11.18
C ARG F 707 -4.84 -24.65 -10.41
N ILE F 708 -4.51 -23.62 -11.17
CA ILE F 708 -4.31 -22.27 -10.67
C ILE F 708 -5.61 -21.72 -10.19
N THR F 709 -5.64 -21.21 -8.98
CA THR F 709 -6.89 -20.68 -8.48
C THR F 709 -7.03 -19.22 -8.83
N SER F 710 -8.12 -18.85 -9.48
CA SER F 710 -8.33 -17.46 -9.83
C SER F 710 -8.77 -16.66 -8.63
N GLY F 711 -8.71 -15.34 -8.71
CA GLY F 711 -9.17 -14.47 -7.62
C GLY F 711 -10.65 -14.72 -7.31
N GLN F 712 -11.39 -15.12 -8.32
CA GLN F 712 -12.80 -15.40 -8.24
C GLN F 712 -13.06 -16.52 -7.26
N GLY F 713 -12.09 -17.44 -7.14
CA GLY F 713 -12.17 -18.62 -6.31
C GLY F 713 -12.27 -19.92 -7.13
N LYS F 714 -12.44 -19.79 -8.43
CA LYS F 714 -12.53 -20.95 -9.32
C LYS F 714 -11.20 -21.28 -9.98
N THR F 715 -10.85 -22.55 -10.06
CA THR F 715 -9.57 -22.90 -10.68
C THR F 715 -9.60 -22.89 -12.19
N ILE F 716 -8.41 -22.87 -12.77
CA ILE F 716 -8.24 -22.91 -14.21
C ILE F 716 -7.94 -24.27 -14.78
N ASP F 717 -6.91 -24.91 -14.26
CA ASP F 717 -6.41 -26.20 -14.75
C ASP F 717 -5.86 -26.04 -16.16
N CYS F 718 -4.63 -25.58 -16.22
CA CYS F 718 -3.99 -25.30 -17.47
C CYS F 718 -2.85 -26.24 -17.76
N SER F 719 -2.93 -27.46 -17.28
CA SER F 719 -1.80 -28.38 -17.50
C SER F 719 -1.50 -28.67 -18.96
N ASN F 720 -2.44 -28.34 -19.84
CA ASN F 720 -2.30 -28.59 -21.25
C ASN F 720 -1.68 -27.42 -22.01
N CYS F 721 -1.34 -26.36 -21.31
CA CYS F 721 -0.74 -25.18 -21.94
C CYS F 721 0.76 -25.35 -22.07
N ILE F 722 1.38 -24.40 -22.73
CA ILE F 722 2.83 -24.33 -22.85
C ILE F 722 3.30 -23.07 -22.14
N VAL F 723 4.28 -23.20 -21.27
CA VAL F 723 4.76 -22.05 -20.54
C VAL F 723 6.19 -21.68 -20.86
N ILE F 724 6.40 -20.56 -21.52
CA ILE F 724 7.74 -20.13 -21.83
C ILE F 724 8.08 -18.90 -21.07
N MET F 725 9.15 -18.96 -20.33
CA MET F 725 9.54 -17.84 -19.52
C MET F 725 10.92 -17.38 -19.89
N THR F 726 11.18 -16.10 -19.71
CA THR F 726 12.48 -15.55 -19.97
C THR F 726 13.13 -14.81 -18.80
N SER F 727 14.46 -14.72 -18.88
CA SER F 727 15.36 -14.03 -17.92
C SER F 727 16.67 -13.55 -18.53
N ASN F 728 17.23 -12.45 -18.01
CA ASN F 728 18.52 -11.92 -18.45
C ASN F 728 19.69 -12.24 -17.52
N LEU F 729 19.49 -13.14 -16.58
CA LEU F 729 20.52 -13.42 -15.57
C LEU F 729 21.87 -13.88 -16.08
N GLY F 730 21.92 -14.55 -17.19
CA GLY F 730 23.19 -15.06 -17.66
C GLY F 730 24.08 -14.04 -18.34
N ALA F 731 23.59 -12.81 -18.49
CA ALA F 731 24.31 -11.77 -19.20
C ALA F 731 25.72 -11.57 -18.66
N GLU F 732 25.88 -11.70 -17.36
CA GLU F 732 27.16 -11.46 -16.72
C GLU F 732 28.23 -12.43 -17.15
N PHE F 733 27.85 -13.57 -17.70
CA PHE F 733 28.85 -14.55 -18.05
C PHE F 733 28.93 -14.73 -19.54
N ILE F 734 27.79 -14.67 -20.19
CA ILE F 734 27.78 -14.91 -21.61
C ILE F 734 28.44 -13.75 -22.34
N ASN F 735 28.44 -12.57 -21.74
CA ASN F 735 29.08 -11.42 -22.35
C ASN F 735 30.60 -11.49 -22.33
N SER F 736 31.18 -12.56 -21.78
CA SER F 736 32.61 -12.72 -21.85
C SER F 736 33.05 -12.95 -23.28
N GLN F 737 32.09 -13.39 -24.13
CA GLN F 737 32.28 -13.71 -25.54
C GLN F 737 33.22 -14.91 -25.73
N GLN F 738 33.49 -15.66 -24.68
CA GLN F 738 34.42 -16.75 -24.85
C GLN F 738 33.77 -18.03 -25.32
N GLY F 739 33.43 -18.06 -26.60
CA GLY F 739 32.76 -19.18 -27.25
C GLY F 739 31.30 -18.85 -27.49
N SER F 740 30.80 -19.06 -28.73
CA SER F 740 29.42 -18.71 -29.02
C SER F 740 28.44 -19.75 -28.50
N LYS F 741 28.88 -20.99 -28.46
CA LYS F 741 28.03 -22.05 -27.93
C LYS F 741 28.31 -21.99 -26.45
N ILE F 742 27.28 -22.01 -25.63
CA ILE F 742 27.56 -21.86 -24.21
C ILE F 742 28.52 -22.93 -23.72
N GLN F 743 29.59 -22.47 -23.09
CA GLN F 743 30.64 -23.33 -22.58
C GLN F 743 30.24 -23.80 -21.22
N GLU F 744 30.86 -24.87 -20.74
CA GLU F 744 30.47 -25.42 -19.44
C GLU F 744 30.69 -24.46 -18.28
N SER F 745 31.77 -23.68 -18.32
CA SER F 745 31.98 -22.76 -17.21
C SER F 745 30.88 -21.72 -17.19
N THR F 746 30.57 -21.22 -18.38
CA THR F 746 29.56 -20.20 -18.51
C THR F 746 28.25 -20.76 -18.07
N LYS F 747 27.93 -21.95 -18.52
CA LYS F 747 26.68 -22.57 -18.17
C LYS F 747 26.49 -22.60 -16.68
N ASN F 748 27.50 -23.07 -15.96
CA ASN F 748 27.35 -23.17 -14.52
C ASN F 748 27.22 -21.82 -13.85
N LEU F 749 27.94 -20.83 -14.34
CA LEU F 749 27.85 -19.51 -13.76
C LEU F 749 26.46 -18.92 -13.97
N VAL F 750 25.90 -19.16 -15.15
CA VAL F 750 24.58 -18.68 -15.45
C VAL F 750 23.58 -19.36 -14.59
N MET F 751 23.69 -20.67 -14.48
CA MET F 751 22.73 -21.37 -13.67
C MET F 751 22.88 -21.00 -12.23
N GLY F 752 24.08 -20.62 -11.83
CA GLY F 752 24.30 -20.14 -10.48
C GLY F 752 23.36 -18.98 -10.26
N ALA F 753 23.44 -17.98 -11.13
CA ALA F 753 22.61 -16.79 -10.99
C ALA F 753 21.13 -17.14 -10.98
N VAL F 754 20.76 -18.10 -11.81
CA VAL F 754 19.37 -18.49 -11.88
C VAL F 754 18.94 -19.07 -10.56
N ARG F 755 19.77 -19.93 -10.01
CA ARG F 755 19.49 -20.57 -8.73
C ARG F 755 19.56 -19.59 -7.56
N GLN F 756 20.33 -18.52 -7.70
CA GLN F 756 20.36 -17.51 -6.66
C GLN F 756 19.08 -16.70 -6.69
N HIS F 757 18.62 -16.40 -7.90
CA HIS F 757 17.47 -15.56 -8.12
C HIS F 757 16.13 -16.23 -7.83
N PHE F 758 15.90 -17.39 -8.41
CA PHE F 758 14.62 -18.06 -8.23
C PHE F 758 14.80 -19.15 -7.21
N ARG F 759 13.80 -19.44 -6.44
CA ARG F 759 14.01 -20.56 -5.56
C ARG F 759 14.10 -21.82 -6.43
N PRO F 760 14.96 -22.79 -6.09
CA PRO F 760 15.08 -24.08 -6.76
C PRO F 760 13.75 -24.76 -6.94
N GLU F 761 12.81 -24.50 -6.04
CA GLU F 761 11.49 -25.11 -6.13
C GLU F 761 10.85 -24.79 -7.49
N PHE F 762 11.11 -23.59 -7.99
CA PHE F 762 10.63 -23.14 -9.28
C PHE F 762 11.40 -23.83 -10.35
N LEU F 763 12.70 -23.80 -10.22
CA LEU F 763 13.57 -24.30 -11.26
C LEU F 763 13.36 -25.79 -11.49
N ASN F 764 13.05 -26.50 -10.43
CA ASN F 764 12.84 -27.93 -10.42
C ASN F 764 11.54 -28.33 -11.10
N ARG F 765 10.72 -27.37 -11.44
CA ARG F 765 9.46 -27.64 -12.08
C ARG F 765 9.50 -27.22 -13.55
N ILE F 766 10.66 -26.79 -14.04
CA ILE F 766 10.75 -26.37 -15.43
C ILE F 766 11.28 -27.52 -16.27
N SER F 767 10.62 -27.82 -17.39
CA SER F 767 10.98 -28.99 -18.19
C SER F 767 12.41 -28.87 -18.61
N SER F 768 12.77 -27.68 -19.05
CA SER F 768 14.15 -27.44 -19.41
C SER F 768 14.53 -25.99 -19.28
N ILE F 769 15.79 -25.78 -18.97
CA ILE F 769 16.33 -24.46 -18.89
C ILE F 769 17.37 -24.40 -19.95
N VAL F 770 17.23 -23.47 -20.85
CA VAL F 770 18.12 -23.39 -21.98
C VAL F 770 18.79 -22.05 -22.04
N ILE F 771 20.09 -22.04 -22.24
CA ILE F 771 20.79 -20.80 -22.37
C ILE F 771 21.07 -20.63 -23.84
N PHE F 772 20.54 -19.59 -24.44
CA PHE F 772 20.67 -19.44 -25.87
C PHE F 772 22.08 -19.16 -26.28
N ASN F 773 22.46 -19.73 -27.39
CA ASN F 773 23.77 -19.54 -27.94
C ASN F 773 23.89 -18.17 -28.53
N LYS F 774 25.09 -17.64 -28.52
CA LYS F 774 25.35 -16.33 -29.07
C LYS F 774 25.44 -16.39 -30.59
N LEU F 775 25.14 -15.29 -31.22
CA LEU F 775 25.07 -15.28 -32.66
C LEU F 775 26.38 -15.20 -33.41
N SER F 776 27.02 -16.33 -33.57
CA SER F 776 28.28 -16.36 -34.31
C SER F 776 28.14 -15.65 -35.63
N ARG F 777 29.23 -15.12 -36.14
CA ARG F 777 29.22 -14.49 -37.44
C ARG F 777 28.57 -15.43 -38.47
N LYS F 778 28.81 -16.73 -38.31
CA LYS F 778 28.20 -17.69 -39.23
C LYS F 778 26.70 -17.48 -39.30
N ALA F 779 26.11 -17.35 -38.10
CA ALA F 779 24.68 -17.20 -37.95
C ALA F 779 24.25 -15.91 -38.55
N ILE F 780 25.07 -14.90 -38.36
CA ILE F 780 24.71 -13.58 -38.83
C ILE F 780 24.53 -13.56 -40.31
N HIS F 781 25.38 -14.24 -41.06
CA HIS F 781 25.15 -14.24 -42.50
C HIS F 781 23.83 -14.88 -42.85
N LYS F 782 23.49 -15.98 -42.19
CA LYS F 782 22.21 -16.59 -42.51
C LYS F 782 21.08 -15.65 -42.09
N ILE F 783 21.21 -15.02 -40.93
CA ILE F 783 20.18 -14.14 -40.42
C ILE F 783 19.95 -12.96 -41.29
N VAL F 784 21.01 -12.36 -41.81
CA VAL F 784 20.81 -11.21 -42.67
C VAL F 784 19.93 -11.57 -43.81
N ASP F 785 20.16 -12.72 -44.45
CA ASP F 785 19.26 -13.08 -45.51
C ASP F 785 17.83 -13.19 -45.01
N ILE F 786 17.66 -13.86 -43.89
CA ILE F 786 16.33 -14.06 -43.38
C ILE F 786 15.66 -12.74 -43.10
N ARG F 787 16.39 -11.82 -42.50
CA ARG F 787 15.83 -10.54 -42.14
C ARG F 787 15.44 -9.80 -43.38
N LEU F 788 16.26 -9.86 -44.40
CA LEU F 788 15.90 -9.13 -45.59
C LEU F 788 14.63 -9.70 -46.19
N LYS F 789 14.49 -11.02 -46.15
CA LYS F 789 13.27 -11.60 -46.67
C LYS F 789 12.11 -11.21 -45.77
N GLU F 790 12.33 -11.20 -44.47
CA GLU F 790 11.27 -10.84 -43.56
C GLU F 790 10.76 -9.46 -43.89
N ILE F 791 11.68 -8.56 -44.21
CA ILE F 791 11.29 -7.22 -44.54
C ILE F 791 10.41 -7.26 -45.76
N GLU F 792 10.79 -8.05 -46.75
CA GLU F 792 9.91 -8.15 -47.90
C GLU F 792 8.53 -8.68 -47.51
N GLU F 793 8.50 -9.72 -46.70
CA GLU F 793 7.25 -10.38 -46.35
C GLU F 793 6.29 -9.45 -45.63
N ARG F 794 6.82 -8.58 -44.80
CA ARG F 794 5.98 -7.67 -44.05
C ARG F 794 5.66 -6.40 -44.82
N PHE F 795 6.16 -6.25 -46.03
CA PHE F 795 5.94 -5.01 -46.74
C PHE F 795 4.61 -4.93 -47.46
N GLU F 796 3.55 -4.97 -46.66
CA GLU F 796 2.16 -4.86 -47.08
C GLU F 796 1.94 -5.27 -48.52
N GLN F 797 1.59 -4.25 -49.33
CA GLN F 797 1.39 -4.35 -50.75
C GLN F 797 2.67 -3.95 -51.45
N ASN F 798 3.49 -4.92 -51.78
CA ASN F 798 4.84 -4.71 -52.24
C ASN F 798 4.99 -4.20 -53.68
N ASP F 799 4.42 -3.03 -53.99
CA ASP F 799 4.63 -2.37 -55.28
C ASP F 799 6.14 -2.16 -55.39
N LYS F 800 6.62 -1.47 -54.38
CA LYS F 800 8.03 -1.33 -54.17
C LYS F 800 8.31 -2.67 -53.53
N HIS F 801 9.35 -3.32 -53.90
CA HIS F 801 9.61 -4.61 -53.31
C HIS F 801 11.05 -4.75 -53.33
N TYR F 802 11.60 -5.59 -52.53
CA TYR F 802 13.02 -5.59 -52.52
C TYR F 802 13.58 -6.47 -53.60
N LYS F 803 14.59 -6.00 -54.34
CA LYS F 803 15.28 -6.88 -55.26
C LYS F 803 16.33 -7.55 -54.43
N LEU F 804 16.72 -6.85 -53.38
CA LEU F 804 17.75 -7.34 -52.51
C LEU F 804 18.99 -7.70 -53.26
N ASN F 805 19.48 -6.82 -54.14
CA ASN F 805 20.73 -7.08 -54.86
C ASN F 805 21.85 -6.84 -53.88
N LEU F 806 21.89 -7.69 -52.90
CA LEU F 806 22.74 -7.59 -51.77
C LEU F 806 24.14 -7.86 -52.27
N THR F 807 24.26 -8.91 -53.06
CA THR F 807 25.51 -9.37 -53.58
C THR F 807 26.28 -9.80 -52.36
N GLN F 808 27.35 -10.54 -52.53
CA GLN F 808 28.05 -10.93 -51.34
C GLN F 808 28.58 -9.71 -50.61
N GLU F 809 28.93 -8.65 -51.35
CA GLU F 809 29.50 -7.51 -50.68
C GLU F 809 28.53 -6.87 -49.69
N ALA F 810 27.26 -6.63 -50.06
CA ALA F 810 26.43 -6.00 -49.06
C ALA F 810 26.01 -7.02 -48.04
N LYS F 811 26.03 -8.29 -48.41
CA LYS F 811 25.66 -9.27 -47.42
C LYS F 811 26.69 -9.19 -46.35
N ASP F 812 27.96 -9.15 -46.74
CA ASP F 812 29.03 -9.02 -45.78
C ASP F 812 28.91 -7.71 -45.05
N PHE F 813 28.55 -6.64 -45.75
CA PHE F 813 28.44 -5.37 -45.07
C PHE F 813 27.45 -5.46 -43.93
N LEU F 814 26.26 -5.94 -44.22
CA LEU F 814 25.32 -5.99 -43.14
C LEU F 814 25.75 -7.00 -42.11
N ALA F 815 26.22 -8.15 -42.56
CA ALA F 815 26.59 -9.19 -41.63
C ALA F 815 27.80 -8.82 -40.82
N LYS F 816 28.74 -8.13 -41.41
CA LYS F 816 29.97 -7.79 -40.72
C LYS F 816 29.79 -6.60 -39.81
N TYR F 817 29.24 -5.54 -40.34
CA TYR F 817 29.19 -4.33 -39.55
C TYR F 817 28.06 -4.37 -38.59
N GLY F 818 27.08 -5.21 -38.84
CA GLY F 818 25.97 -5.33 -37.93
C GLY F 818 26.25 -6.37 -36.85
N TYR F 819 27.42 -7.02 -36.88
CA TYR F 819 27.69 -8.07 -35.91
C TYR F 819 28.20 -7.58 -34.58
N SER F 820 27.37 -6.84 -33.89
CA SER F 820 27.73 -6.35 -32.58
C SER F 820 27.44 -7.48 -31.64
N ASP F 821 28.35 -8.42 -31.64
CA ASP F 821 28.18 -9.69 -30.98
C ASP F 821 27.54 -9.65 -29.61
N ASP F 822 27.92 -8.68 -28.79
CA ASP F 822 27.42 -8.62 -27.42
C ASP F 822 25.98 -8.11 -27.28
N MET F 823 25.30 -7.85 -28.39
CA MET F 823 23.91 -7.45 -28.39
C MET F 823 23.05 -8.38 -29.24
N GLY F 824 23.62 -9.53 -29.61
CA GLY F 824 22.85 -10.49 -30.39
C GLY F 824 22.57 -9.99 -31.80
N ALA F 825 21.49 -10.46 -32.40
CA ALA F 825 21.16 -10.11 -33.77
C ALA F 825 20.40 -8.81 -33.87
N ARG F 826 19.85 -8.34 -32.78
CA ARG F 826 19.02 -7.15 -32.84
C ARG F 826 19.65 -5.95 -33.59
N PRO F 827 20.93 -5.60 -33.40
CA PRO F 827 21.61 -4.54 -34.09
C PRO F 827 21.54 -4.67 -35.60
N LEU F 828 21.29 -5.86 -36.13
CA LEU F 828 21.22 -6.02 -37.57
C LEU F 828 20.05 -5.23 -38.08
N ASN F 829 19.04 -5.15 -37.25
CA ASN F 829 17.84 -4.48 -37.64
C ASN F 829 18.13 -3.03 -37.67
N ARG F 830 18.83 -2.56 -36.65
CA ARG F 830 19.11 -1.14 -36.61
C ARG F 830 19.93 -0.76 -37.82
N LEU F 831 20.88 -1.61 -38.17
CA LEU F 831 21.73 -1.32 -39.29
C LEU F 831 20.89 -1.23 -40.55
N ILE F 832 20.01 -2.19 -40.76
CA ILE F 832 19.19 -2.13 -41.94
C ILE F 832 18.34 -0.89 -41.97
N GLN F 833 17.73 -0.54 -40.85
CA GLN F 833 16.92 0.65 -40.85
C GLN F 833 17.75 1.87 -41.18
N ASN F 834 18.92 1.96 -40.59
CA ASN F 834 19.75 3.11 -40.77
C ASN F 834 20.32 3.24 -42.15
N GLU F 835 20.70 2.13 -42.73
CA GLU F 835 21.39 2.22 -44.00
C GLU F 835 20.52 2.01 -45.21
N ILE F 836 19.51 1.18 -45.12
CA ILE F 836 18.69 0.84 -46.25
C ILE F 836 17.33 1.48 -46.24
N LEU F 837 16.60 1.24 -45.18
CA LEU F 837 15.22 1.66 -45.20
C LEU F 837 15.08 3.17 -45.20
N ASN F 838 15.92 3.88 -44.47
CA ASN F 838 15.78 5.33 -44.46
C ASN F 838 15.94 5.92 -45.85
N LYS F 839 16.88 5.37 -46.61
CA LYS F 839 17.16 5.90 -47.93
C LYS F 839 16.05 5.51 -48.83
N LEU F 840 15.57 4.30 -48.66
CA LEU F 840 14.50 3.81 -49.48
C LEU F 840 13.29 4.70 -49.28
N ALA F 841 12.95 4.97 -48.02
CA ALA F 841 11.79 5.79 -47.72
C ALA F 841 11.94 7.13 -48.36
N LEU F 842 13.13 7.70 -48.31
CA LEU F 842 13.26 9.00 -48.92
C LEU F 842 13.07 8.91 -50.41
N ARG F 843 13.67 7.90 -51.06
CA ARG F 843 13.50 7.82 -52.49
C ARG F 843 12.03 7.60 -52.81
N ILE F 844 11.31 6.89 -51.96
CA ILE F 844 9.90 6.71 -52.18
C ILE F 844 9.18 8.03 -52.09
N LEU F 845 9.48 8.81 -51.08
CA LEU F 845 8.80 10.09 -50.93
C LEU F 845 9.07 11.03 -52.09
N LYS F 846 10.27 10.96 -52.63
CA LYS F 846 10.64 11.78 -53.75
C LYS F 846 10.15 11.20 -55.09
N ASN F 847 9.53 10.02 -55.04
CA ASN F 847 9.06 9.27 -56.20
C ASN F 847 10.19 8.97 -57.16
N GLU F 848 11.37 8.67 -56.63
CA GLU F 848 12.53 8.32 -57.44
C GLU F 848 12.54 6.84 -57.70
N ILE F 849 11.58 6.18 -57.11
CA ILE F 849 11.38 4.77 -57.25
C ILE F 849 9.94 4.54 -57.55
N LYS F 850 9.70 3.73 -58.56
CA LYS F 850 8.34 3.45 -58.92
C LYS F 850 7.97 2.07 -58.43
N ASP F 851 8.90 1.15 -58.50
CA ASP F 851 8.67 -0.22 -58.07
C ASP F 851 10.00 -0.87 -57.81
N LYS F 852 9.99 -2.16 -57.48
CA LYS F 852 11.24 -2.89 -57.25
C LYS F 852 12.08 -2.17 -56.20
N GLU F 853 13.43 -2.16 -56.33
CA GLU F 853 14.37 -1.64 -55.32
C GLU F 853 15.80 -2.03 -55.60
N THR F 854 16.53 -1.12 -56.23
CA THR F 854 17.94 -1.34 -56.55
C THR F 854 18.81 -1.30 -55.31
N VAL F 855 19.82 -2.16 -55.26
CA VAL F 855 20.79 -2.28 -54.16
C VAL F 855 22.21 -2.40 -54.70
N ASN F 856 23.17 -1.77 -54.02
CA ASN F 856 24.57 -1.90 -54.37
C ASN F 856 25.42 -1.40 -53.21
N VAL F 857 26.73 -1.46 -53.35
CA VAL F 857 27.63 -0.94 -52.33
C VAL F 857 28.50 0.16 -52.92
N VAL F 858 28.42 1.34 -52.34
CA VAL F 858 29.15 2.49 -52.84
C VAL F 858 30.40 2.85 -52.06
N LEU F 859 31.54 2.83 -52.72
CA LEU F 859 32.79 3.16 -52.05
C LEU F 859 33.85 3.52 -53.06
N GLU F 874 33.52 0.54 -42.95
CA GLU F 874 32.07 0.59 -42.86
C GLU F 874 31.60 1.85 -43.56
N GLU F 875 32.57 2.67 -43.92
CA GLU F 875 32.34 3.99 -44.51
C GLU F 875 31.58 3.99 -45.83
N CYS F 876 31.46 2.82 -46.46
CA CYS F 876 30.71 2.72 -47.70
C CYS F 876 29.21 2.94 -47.46
N LEU F 877 28.75 2.65 -46.25
CA LEU F 877 27.34 2.78 -45.88
C LEU F 877 26.38 2.07 -46.85
N GLU F 878 26.85 1.04 -47.54
CA GLU F 878 26.11 0.33 -48.56
C GLU F 878 25.56 1.28 -49.65
N VAL F 879 24.49 2.00 -49.31
CA VAL F 879 23.82 3.01 -50.14
C VAL F 879 23.03 2.47 -51.31
N LEU F 880 21.71 2.48 -51.20
CA LEU F 880 20.93 2.02 -52.34
C LEU F 880 20.94 3.05 -53.49
N PRO F 881 21.07 2.60 -54.73
CA PRO F 881 20.98 3.34 -55.98
C PRO F 881 19.62 3.92 -56.25
N ASN F 882 19.59 4.79 -57.23
CA ASN F 882 18.37 5.37 -57.74
C ASN F 882 17.63 4.28 -58.50
N HIS F 883 16.46 4.63 -59.02
CA HIS F 883 15.64 3.71 -59.78
C HIS F 883 15.09 4.35 -61.05
N GLU F 884 14.32 5.42 -60.90
CA GLU F 884 13.69 6.04 -62.05
C GLU F 884 13.45 7.53 -61.85
N UNK G 1 -61.81 -5.17 -10.03
CA UNK G 1 -60.66 -5.89 -10.57
C UNK G 1 -59.59 -6.07 -9.51
N UNK G 2 -58.56 -6.83 -9.84
CA UNK G 2 -57.45 -7.09 -8.93
C UNK G 2 -56.34 -6.06 -9.10
N UNK G 3 -55.15 -6.39 -8.61
CA UNK G 3 -54.00 -5.51 -8.71
C UNK G 3 -52.69 -6.27 -8.58
N UNK G 4 -52.70 -7.30 -7.74
CA UNK G 4 -51.52 -8.14 -7.50
C UNK G 4 -50.28 -7.32 -7.19
N UNK G 5 -49.23 -7.51 -7.99
CA UNK G 5 -48.00 -6.80 -7.81
C UNK G 5 -47.26 -6.64 -9.10
N UNK G 6 -46.48 -5.59 -9.09
CA UNK G 6 -45.59 -5.24 -10.15
C UNK G 6 -44.48 -4.43 -9.52
N UNK G 7 -43.84 -5.06 -8.56
CA UNK G 7 -42.79 -4.46 -7.77
C UNK G 7 -41.52 -4.32 -8.58
N UNK G 8 -40.57 -3.61 -8.01
CA UNK G 8 -39.24 -3.44 -8.59
C UNK G 8 -38.29 -3.20 -7.42
N UNK G 9 -37.03 -3.57 -7.59
CA UNK G 9 -36.07 -3.44 -6.50
C UNK G 9 -34.94 -2.50 -6.83
N UNK G 10 -33.97 -2.45 -5.92
CA UNK G 10 -32.75 -1.66 -6.02
C UNK G 10 -31.77 -2.16 -4.98
N UNK G 11 -30.49 -1.90 -5.14
CA UNK G 11 -29.60 -2.23 -4.03
C UNK G 11 -28.31 -1.46 -4.09
N UNK G 12 -27.92 -0.89 -2.97
CA UNK G 12 -26.66 -0.20 -2.93
C UNK G 12 -25.58 -1.24 -2.90
N UNK G 13 -24.45 -0.92 -3.47
CA UNK G 13 -23.31 -1.79 -3.37
C UNK G 13 -22.08 -0.98 -3.60
N UNK G 14 -20.97 -1.43 -3.06
CA UNK G 14 -19.72 -0.78 -3.32
C UNK G 14 -18.61 -1.70 -2.95
N UNK G 15 -17.50 -1.59 -3.64
CA UNK G 15 -16.34 -2.32 -3.24
C UNK G 15 -15.71 -1.64 -2.07
N UNK G 16 -15.10 -2.41 -1.19
CA UNK G 16 -14.28 -1.87 -0.13
C UNK G 16 -12.97 -1.37 -0.73
N UNK G 17 -12.54 -2.06 -1.77
CA UNK G 17 -11.27 -1.82 -2.45
C UNK G 17 -10.11 -2.13 -1.51
N UNK G 18 -8.89 -2.02 -2.00
CA UNK G 18 -7.73 -2.36 -1.21
C UNK G 18 -6.58 -1.41 -1.48
N UNK G 19 -5.60 -1.37 -0.60
CA UNK G 19 -4.51 -0.51 -0.92
C UNK G 19 -3.20 -1.07 -0.44
N UNK G 20 -2.21 -0.90 -1.27
CA UNK G 20 -0.84 -1.29 -1.08
C UNK G 20 -0.16 -0.27 -0.20
N UNK G 21 0.95 -0.61 0.42
CA UNK G 21 1.57 0.42 1.21
C UNK G 21 3.08 0.55 1.02
N UNK G 22 3.57 0.13 -0.15
CA UNK G 22 4.95 0.33 -0.62
C UNK G 22 6.10 -0.21 0.24
N UNK G 23 6.25 0.34 1.42
CA UNK G 23 7.34 0.05 2.36
C UNK G 23 8.69 0.57 1.86
N UNK G 24 9.24 -0.07 0.86
CA UNK G 24 10.56 0.29 0.35
C UNK G 24 11.62 0.14 1.43
N UNK G 25 12.87 0.39 1.07
CA UNK G 25 13.94 0.26 2.06
C UNK G 25 15.18 1.08 1.70
N UNK G 26 16.02 1.35 2.71
CA UNK G 26 17.27 2.11 2.57
C UNK G 26 18.51 1.23 2.71
N UNK G 27 19.70 1.73 2.34
CA UNK G 27 20.92 0.94 2.60
C UNK G 27 22.15 1.81 2.53
N UNK G 28 23.24 1.38 3.19
CA UNK G 28 24.52 2.11 3.11
C UNK G 28 25.67 1.42 3.85
PG AGS H . -6.21 -21.97 16.07
S1G AGS H . -5.87 -20.55 17.53
O2G AGS H . -5.05 -21.99 14.94
O3G AGS H . -7.55 -21.92 15.44
PB AGS H . -5.33 -22.95 18.31
O1B AGS H . -6.30 -22.39 19.33
O2B AGS H . -4.04 -22.25 17.97
O3B AGS H . -6.19 -23.20 17.03
PA AGS H . -4.99 -24.49 20.30
O1A AGS H . -5.79 -23.25 20.65
O2A AGS H . -3.59 -24.68 20.80
O3A AGS H . -5.03 -24.42 18.75
O5' AGS H . -5.81 -25.82 20.53
C5' AGS H . -6.54 -26.52 19.54
C4' AGS H . -5.61 -27.68 19.30
O4' AGS H . -4.66 -27.78 20.34
C3' AGS H . -6.39 -28.97 19.35
O3' AGS H . -6.89 -29.24 18.02
C2' AGS H . -5.41 -29.99 19.88
O2' AGS H . -4.61 -30.58 18.87
C1' AGS H . -4.48 -29.15 20.72
N9 AGS H . -4.84 -29.28 22.15
C8 AGS H . -3.94 -29.32 23.15
N7 AGS H . -4.54 -29.45 24.35
C5 AGS H . -5.85 -29.49 24.13
C6 AGS H . -7.00 -29.62 25.00
N6 AGS H . -6.82 -29.75 26.32
N1 AGS H . -8.22 -29.61 24.41
C2 AGS H . -8.35 -29.48 23.08
N3 AGS H . -7.33 -29.38 22.22
C4 AGS H . -6.06 -29.37 22.68
PG AGS I . 42.86 -24.72 3.95
S1G AGS I . 44.75 -24.10 4.50
O2G AGS I . 41.95 -23.51 3.40
O3G AGS I . 42.14 -25.47 5.00
PB AGS I . 43.41 -27.27 3.39
O1B AGS I . 42.08 -27.54 4.05
O2B AGS I . 44.69 -27.40 4.13
O3B AGS I . 43.30 -25.78 2.85
PA AGS I . 42.32 -29.13 1.82
O1A AGS I . 41.67 -28.51 0.60
O2A AGS I . 41.57 -29.34 3.12
O3A AGS I . 43.54 -28.16 2.08
O5' AGS I . 43.14 -30.49 1.48
C5' AGS I . 42.53 -31.80 1.63
C4' AGS I . 43.43 -32.89 1.03
O4' AGS I . 44.58 -33.30 1.79
C3' AGS I . 42.57 -34.12 0.97
O3' AGS I . 42.82 -34.74 -0.29
C2' AGS I . 42.94 -34.95 2.20
O2' AGS I . 42.81 -36.35 2.05
C1' AGS I . 44.41 -34.64 2.31
N9 AGS I . 44.88 -34.63 3.71
C8 AGS I . 46.17 -34.83 4.01
N7 AGS I . 46.40 -34.74 5.34
C5 AGS I . 45.22 -34.48 5.91
C6 AGS I . 44.82 -34.27 7.30
N6 AGS I . 45.77 -34.31 8.25
N1 AGS I . 43.50 -34.03 7.52
C2 AGS I . 42.62 -34.01 6.50
N3 AGS I . 42.92 -34.20 5.20
C4 AGS I . 44.21 -34.43 4.84
PG AGS J . -14.52 5.15 24.46
S1G AGS J . -13.29 3.50 24.31
O2G AGS J . -16.05 4.79 24.76
O3G AGS J . -14.43 6.12 23.37
PB AGS J . -14.80 6.32 26.69
O1B AGS J . -15.65 7.27 25.90
O2B AGS J . -14.06 6.70 27.93
O3B AGS J . -13.77 5.76 25.69
PA AGS J . -16.33 5.38 28.43
O1A AGS J . -17.63 4.63 28.39
O2A AGS J . -16.26 6.85 28.77
O3A AGS J . -15.68 5.11 27.04
O5' AGS J . -15.22 4.59 29.22
C5' AGS J . -14.41 5.12 30.26
C4' AGS J . -14.88 4.38 31.50
O4' AGS J . -14.96 5.18 32.64
C3' AGS J . -16.26 3.81 31.28
O3' AGS J . -16.08 2.39 31.21
C2' AGS J . -17.09 4.24 32.44
O2' AGS J . -17.70 3.14 33.07
C1' AGS J . -16.06 4.72 33.40
N9 AGS J . -16.55 5.84 34.16
C8 AGS J . -17.65 5.79 34.91
N7 AGS J . -17.85 6.96 35.53
C5 AGS J . -16.84 7.76 35.21
C6 AGS J . -16.50 9.11 35.56
N6 AGS J . -17.28 9.74 36.42
N1 AGS J . -15.39 9.64 35.02
C2 AGS J . -14.63 8.91 34.17
N3 AGS J . -14.90 7.64 33.82
C4 AGS J . -15.98 7.02 34.30
PG AGS K . 30.54 -13.30 28.35
S1G AGS K . 32.58 -13.15 28.44
O2G AGS K . 29.91 -12.97 26.91
O3G AGS K . 29.85 -12.57 29.42
PB AGS K . 30.93 -14.86 30.23
O1B AGS K . 30.02 -13.86 30.91
O2B AGS K . 32.43 -14.76 30.27
O3B AGS K . 30.49 -14.81 28.74
PA AGS K . 30.45 -16.28 32.26
O1A AGS K . 29.18 -15.51 32.56
O2A AGS K . 31.74 -15.78 32.84
O3A AGS K . 30.54 -16.29 30.70
O5' AGS K . 30.40 -17.83 32.55
C5' AGS K . 29.46 -18.79 32.07
C4' AGS K . 30.08 -20.08 32.61
O4' AGS K . 31.13 -19.87 33.55
C3' AGS K . 29.02 -20.85 33.33
O3' AGS K . 28.88 -22.09 32.66
C2' AGS K . 29.43 -20.96 34.78
O2' AGS K . 29.37 -22.28 35.27
C1' AGS K . 30.87 -20.58 34.77
N9 AGS K . 31.16 -19.71 35.92
C8 AGS K . 31.88 -18.59 35.83
N7 AGS K . 32.01 -17.98 37.02
C5 AGS K . 31.36 -18.69 37.89
C6 AGS K . 31.14 -18.53 39.31
N6 AGS K . 31.67 -17.46 39.94
N1 AGS K . 30.40 -19.48 39.89
C2 AGS K . 29.92 -20.54 39.20
N3 AGS K . 30.08 -20.72 37.88
C4 AGS K . 30.79 -19.84 37.18
PG AGS L . -19.24 24.81 4.15
S1G AGS L . -18.34 23.30 5.18
O2G AGS L . -20.84 24.71 4.23
O3G AGS L . -18.79 24.98 2.77
PB AGS L . -19.71 27.10 4.86
O1B AGS L . -20.99 26.38 5.02
O2B AGS L . -19.47 28.03 3.72
O3B AGS L . -18.63 25.99 4.96
PA AGS L . -20.77 28.83 5.92
O1A AGS L . -21.87 27.81 5.87
O2A AGS L . -20.54 29.70 4.73
O3A AGS L . -19.54 27.94 6.13
O5' AGS L . -20.76 29.69 7.24
C5' AGS L . -19.68 30.46 7.71
C4' AGS L . -20.28 31.09 8.94
O4' AGS L . -19.91 32.43 9.10
C3' AGS L . -21.76 31.09 8.79
O3' AGS L . -22.29 30.92 10.11
C2' AGS L . -22.06 32.41 8.16
O2' AGS L . -23.28 32.97 8.61
C1' AGS L . -20.98 33.28 8.73
N9 AGS L . -20.47 34.19 7.73
C8 AGS L . -19.32 34.01 7.09
N7 AGS L . -19.08 35.02 6.24
C5 AGS L . -20.10 35.86 6.36
C6 AGS L . -20.43 37.12 5.74
N6 AGS L . -19.59 37.61 4.83
N1 AGS L . -21.57 37.70 6.12
C2 AGS L . -22.37 37.12 7.04
N3 AGS L . -22.12 35.96 7.63
C4 AGS L . -21.01 35.30 7.34
PG AGS M . 20.99 13.85 30.53
S1G AGS M . 22.94 13.62 31.12
O2G AGS M . 20.56 12.98 29.26
O3G AGS M . 20.57 15.25 30.39
PB AGS M . 20.72 14.45 32.92
O1B AGS M . 20.22 15.73 32.28
O2B AGS M . 22.15 14.27 33.34
O3B AGS M . 20.38 13.35 31.89
PA AGS M . 19.69 15.43 35.00
O1A AGS M . 18.78 16.33 34.21
O2A AGS M . 21.05 15.93 35.37
O3A AGS M . 19.81 14.12 34.15
O5' AGS M . 19.07 14.82 36.34
C5' AGS M . 17.86 14.09 36.48
C4' AGS M . 17.95 13.70 37.96
O4' AGS M . 18.97 14.39 38.67
C3' AGS M . 16.65 14.07 38.62
O3' AGS M . 16.09 12.87 39.13
C2' AGS M . 16.96 15.11 39.66
O2' AGS M . 16.40 14.80 40.93
C1' AGS M . 18.44 15.04 39.84
N9 AGS M . 18.98 16.40 39.92
C8 AGS M . 20.06 16.80 39.26
N7 AGS M . 20.37 18.08 39.51
C5 AGS M . 19.47 18.53 40.36
C6 AGS M . 19.28 19.82 41.00
N6 AGS M . 20.14 20.82 40.72
N1 AGS M . 18.24 19.92 41.82
C2 AGS M . 17.42 18.86 42.05
N3 AGS M . 17.54 17.65 41.48
C4 AGS M . 18.54 17.42 40.64
PG AGS N . 16.80 31.01 6.93
S1G AGS N . 17.75 32.01 8.42
O2G AGS N . 16.15 29.65 7.50
O3G AGS N . 17.60 30.80 5.73
PB AGS N . 16.69 33.42 6.66
O1B AGS N . 15.96 34.38 5.78
O2B AGS N . 18.10 32.99 6.48
O3B AGS N . 15.80 32.16 6.62
PA AGS N . 15.68 35.22 8.03
O1A AGS N . 14.62 34.86 7.03
O2A AGS N . 16.59 36.39 7.79
O3A AGS N . 16.55 33.93 8.10
O5' AGS N . 15.12 35.29 9.50
C5' AGS N . 13.91 35.94 9.87
C4' AGS N . 14.35 37.17 10.67
O4' AGS N . 15.38 37.93 10.06
C3' AGS N . 13.16 38.09 10.79
O3' AGS N . 12.93 38.34 12.19
C2' AGS N . 13.52 39.33 10.01
O2' AGS N . 13.08 40.53 10.60
C1' AGS N . 15.00 39.32 10.08
N9 AGS N . 15.59 40.00 8.92
C8 AGS N . 16.49 39.43 8.14
N7 AGS N . 16.89 40.25 7.15
C5 AGS N . 16.23 41.37 7.30
C6 AGS N . 16.24 42.59 6.53
N6 AGS N . 17.08 42.65 5.47
N1 AGS N . 15.43 43.56 6.97
C2 AGS N . 14.64 43.39 8.04
N3 AGS N . 14.59 42.28 8.80
C4 AGS N . 15.36 41.23 8.46
PG AGS O . -19.86 17.71 -23.03
S1G AGS O . -19.05 18.23 -21.22
O2G AGS O . -21.39 18.20 -23.21
O3G AGS O . -19.69 16.31 -23.43
PB AGS O . -19.32 18.88 -25.24
O1B AGS O . -20.73 18.38 -25.33
O2B AGS O . -18.25 18.58 -26.23
O3B AGS O . -18.83 18.56 -23.82
PA AGS O . -20.54 20.77 -26.13
O1A AGS O . -21.69 20.20 -25.35
O2A AGS O . -20.27 20.31 -27.52
O3A AGS O . -19.37 20.41 -25.20
O5' AGS O . -20.37 22.34 -25.99
C5' AGS O . -21.44 23.22 -26.21
C4' AGS O . -20.72 24.47 -26.62
O4' AGS O . -19.61 24.27 -27.47
C3' AGS O . -21.72 25.28 -27.40
O3' AGS O . -22.16 26.33 -26.55
C2' AGS O . -21.01 25.72 -28.66
O2' AGS O . -21.10 27.11 -28.84
C1' AGS O . -19.58 25.36 -28.38
N9 AGS O . -18.91 24.97 -29.62
C8 AGS O . -17.86 24.15 -29.69
N7 AGS O . -17.45 23.99 -30.96
C5 AGS O . -18.26 24.73 -31.72
C6 AGS O . -18.33 25.00 -33.14
N6 AGS O . -17.44 24.41 -33.95
N1 AGS O . -19.30 25.83 -33.56
C2 AGS O . -20.15 26.38 -32.67
N3 AGS O . -20.14 26.17 -31.35
C4 AGS O . -19.22 25.37 -30.83
PG AGS P . -21.52 -9.40 -31.06
S1G AGS P . -21.25 -7.36 -31.07
O2G AGS P . -22.96 -9.88 -31.64
O3G AGS P . -21.23 -10.11 -29.81
PB AGS P . -20.77 -10.61 -33.15
O1B AGS P . -22.05 -11.21 -32.65
O2B AGS P . -19.59 -11.46 -33.52
O3B AGS P . -20.31 -9.67 -32.01
PA AGS P . -21.39 -10.43 -35.61
O1A AGS P . -22.77 -9.98 -36.00
O2A AGS P . -21.02 -11.87 -35.37
O3A AGS P . -21.09 -9.63 -34.31
O5' AGS P . -20.28 -9.76 -36.52
C5' AGS P . -19.89 -10.22 -37.80
C4' AGS P . -20.58 -9.29 -38.76
O4' AGS P . -19.81 -9.03 -39.91
C3' AGS P . -21.83 -9.98 -39.22
O3' AGS P . -22.92 -9.17 -38.79
C2' AGS P . -21.69 -10.14 -40.72
O2' AGS P . -22.35 -9.10 -41.40
C1' AGS P . -20.24 -9.91 -40.96
N9 AGS P . -19.45 -11.16 -40.90
C8 AGS P . -18.45 -11.40 -40.05
N7 AGS P . -17.92 -12.63 -40.24
C5 AGS P . -18.58 -13.18 -41.23
C6 AGS P . -18.48 -14.46 -41.93
N6 AGS P . -17.54 -15.35 -41.53
N1 AGS P . -19.36 -14.68 -42.92
C2 AGS P . -20.26 -13.73 -43.26
N3 AGS P . -20.40 -12.55 -42.66
C4 AGS P . -19.59 -12.22 -41.66
PG AGS Q . 16.39 19.33 -20.40
S1G AGS Q . 17.45 21.05 -20.23
O2G AGS Q . 15.37 19.18 -19.17
O3G AGS Q . 17.20 18.12 -20.63
PB AGS Q . 16.92 20.30 -22.56
O1B AGS Q . 16.53 20.09 -23.98
O2B AGS Q . 18.18 19.85 -21.93
O3B AGS Q . 15.75 19.70 -21.76
PA AGS Q . 16.30 22.46 -23.62
O1A AGS Q . 15.26 21.49 -24.10
O2A AGS Q . 17.48 22.78 -24.47
O3A AGS Q . 16.79 21.82 -22.28
O5' AGS Q . 15.66 23.81 -23.08
C5' AGS Q . 14.63 24.53 -23.75
C4' AGS Q . 15.31 25.80 -24.24
O4' AGS Q . 16.55 25.60 -24.92
C3' AGS Q . 14.40 26.45 -25.26
O3' AGS Q . 14.12 27.80 -24.82
C2' AGS Q . 15.11 26.37 -26.59
O2' AGS Q . 14.96 27.52 -27.39
C1' AGS Q . 16.54 26.34 -26.15
N9 AGS Q . 17.36 25.65 -27.14
C8 AGS Q . 18.15 24.62 -26.83
N7 AGS Q . 18.81 24.15 -27.90
C5 AGS Q . 18.45 24.89 -28.92
C6 AGS Q . 18.84 24.84 -30.31
N6 AGS Q . 19.73 23.90 -30.68
N1 AGS Q . 18.27 25.76 -31.10
C2 AGS Q . 17.37 26.66 -30.63
N3 AGS Q . 16.99 26.74 -29.34
C4 AGS Q . 17.49 25.88 -28.45
PG AGS R . -28.62 -28.89 -12.18
S1G AGS R . -28.43 -27.66 -13.80
O2G AGS R . -29.84 -28.54 -11.18
O3G AGS R . -27.38 -29.10 -11.40
PB AGS R . -28.57 -31.38 -12.09
O1B AGS R . -29.94 -31.87 -11.76
O2B AGS R . -27.55 -30.91 -11.12
O3B AGS R . -28.84 -30.18 -13.03
PA AGS R . -28.94 -33.52 -13.35
O1A AGS R . -29.97 -32.80 -14.17
O2A AGS R . -29.30 -34.24 -12.08
O3A AGS R . -27.90 -32.40 -13.04
O5' AGS R . -28.03 -34.48 -14.21
C5' AGS R . -28.22 -35.88 -14.20
C4' AGS R . -28.60 -36.20 -15.64
O4' AGS R . -27.51 -36.75 -16.37
C3' AGS R . -29.70 -37.25 -15.63
O3' AGS R . -30.93 -36.65 -16.11
C2' AGS R . -29.19 -38.39 -16.48
O2' AGS R . -29.62 -38.29 -17.83
C1' AGS R . -27.71 -38.15 -16.49
N9 AGS R . -27.10 -38.86 -15.36
C8 AGS R . -26.33 -38.28 -14.42
N7 AGS R . -25.94 -39.19 -13.50
C5 AGS R . -26.45 -40.36 -13.84
C6 AGS R . -26.39 -41.71 -13.27
N6 AGS R . -25.69 -41.94 -12.15
N1 AGS R . -27.05 -42.67 -13.94
C2 AGS R . -27.74 -42.39 -15.06
N3 AGS R . -27.84 -41.19 -15.62
C4 AGS R . -27.23 -40.15 -15.06
PG AGS S . 14.98 -9.62 -24.76
S1G AGS S . 13.04 -10.25 -24.97
O2G AGS S . 15.90 -10.76 -24.07
O3G AGS S . 15.15 -8.31 -24.11
PB AGS S . 15.29 -10.87 -26.88
O1B AGS S . 13.94 -11.46 -26.63
O2B AGS S . 16.57 -11.45 -26.47
O3B AGS S . 15.22 -9.44 -26.29
PA AGS S . 14.01 -11.09 -28.89
O1A AGS S . 13.07 -10.27 -28.06
O2A AGS S . 13.95 -12.60 -28.82
O3A AGS S . 15.38 -10.59 -28.38
O5' AGS S . 14.17 -10.61 -30.39
C5' AGS S . 15.24 -10.99 -31.23
C4' AGS S . 15.15 -9.95 -32.32
O4' AGS S . 16.23 -10.01 -33.22
C3' AGS S . 13.92 -10.25 -33.12
O3' AGS S . 13.27 -9.00 -33.38
C2' AGS S . 14.42 -10.99 -34.35
O2' AGS S . 14.04 -10.33 -35.55
C1' AGS S . 15.91 -10.87 -34.30
N9 AGS S . 16.55 -12.17 -34.06
C8 AGS S . 17.07 -12.52 -32.88
N7 AGS S . 17.62 -13.74 -32.91
C5 AGS S . 17.46 -14.20 -34.14
C6 AGS S . 17.85 -15.44 -34.78
N6 AGS S . 18.52 -16.37 -34.08
N1 AGS S . 17.52 -15.58 -36.08
C2 AGS S . 16.84 -14.60 -36.73
N3 AGS S . 16.47 -13.42 -36.20
C4 AGS S . 16.74 -13.17 -34.90
#